data_9IMM
#
_entry.id   9IMM
#
_cell.length_a   1.00
_cell.length_b   1.00
_cell.length_c   1.00
_cell.angle_alpha   90.00
_cell.angle_beta   90.00
_cell.angle_gamma   90.00
#
_symmetry.space_group_name_H-M   'P 1'
#
loop_
_entity.id
_entity.type
_entity.pdbx_description
1 polymer 'RNA-directed RNA polymerase nsp12'
2 polymer 'Non-structural protein 8'
3 polymer 'Non-structural protein 7'
4 polymer 'Helicase nsp13'
5 polymer 'Viral protein genome-linked nsp9'
6 polymer "RNA (5'-D(*(ATP))-R(P*UP*UP*AP*AP*AP*GP*GP*UP*U)-3')"
7 polymer 'RNA (40-MER)'
8 polymer "RNA (5'-R(P*AP*AP*CP*CP*UP*UP*CP*CP*C)-3')"
9 polymer 'RNA (59-MER)'
10 non-polymer 'ZINC ION'
11 water water
#
loop_
_entity_poly.entity_id
_entity_poly.type
_entity_poly.pdbx_seq_one_letter_code
_entity_poly.pdbx_strand_id
1 'polypeptide(L)'
;SADAQSFLNRVCGVSAARLTPCGTGTSTDVVYRAFDIYNDKVAGFAKFLKTNCCRFQEKDEDDNLIDSYFVVKRHTFSNY
QHEETIYNLLKDCPAVAKHDFFKFRIDGDMVPHISRQRLTKYTMADLVYALRHFDEGNCDTLKEILVTYNCCDDDYFNKK
DWYDFVENPDILRVYANLGERVRQALLKTVQFCDAMRNAGIVGVLTLDNQDLNGNWYDFGDFIQTTPGSGVPVVDSYYSL
LMPILTLTRALTAESHVDTDLTKPYIKWDLLKYDFTEERLKLFDRYFKYWDQTYHPNCVNCLDDRCILHCANFNVLFSTV
FPPTSFGPLVRKIFVDGVPFVVSTGYHFRELGVVHNQDVNLHSSRLSFKELLVYAADPAMHAASGNLLLDKRTTCFSVAA
LTNNVAFQTVKPGNFNKDFYDFAVSKGFFKEGSSVELKHFFFAQDGNAAISDYDYYRYNLPTMCDIRQLLFVVEVVDKYF
DCYDGGCINANQVIVNNLDKSAGFPFNKWGKARLYYDSMSYEDQDALFAYTKRNVIPTITQMNLKYAISAKNRARTVAGV
SICSTMTNRQFHQKLLKSIAATRGATVVIGTSKFYGGWHNMLKTVYSDVENPHLMGWDYPKCDRAMPNMLRIMASLVLAR
KHTTCCSLSHRFYRLANECAQVLSEMVMCGGSLYVKPGGTSSGDATTAYANSVFNICQAVTANVNALLSTDGNKIADKYV
RNLQHRLYECLYRNRDVDTDFVNEFYAYLRKHFSMMILSDDAVVCFNSTYASQGLVASIKNFKSVLYYQNNVFMSEAKCW
TETDLTKGPHEFCSQHTMLVKQGDDYVYLPYPDPSRILGAGCFVDDIVKTDGTLMIERFVSLAIDAYPLTKHPNQEYADV
FHLYLQYIRKLHDELTGHMLDMYSVMLTNDNTSRYWEPEFYEAMYTPHTVLQ
;
A
2 'polypeptide(L)'
;AIASEFSSLPSYAAFATAQEAYEQAVANGDSEVVLKKLKKSLNVAKSEFDRDAAMQRKLEKMADQAMTQMYKQARSEDKR
AKVTSAMQTMLFTMLRKLDNDALNNIINNARDGCVPLNIIPLTTAAKLMVVIPDYNTYKNTCDGTTFTYASALWEIQQVV
DADSKIVQLSEISMDNSPNLAWPLIVTALRANSAVKLQ
;
B,D
3 'polypeptide(L)'
;SKMSDVKCTSVVLLSVLQQLRVESSSKLWAQCVQLHNDILLAKDTTEAFEKMVSLLSVLLSMQGAVDINKLCEEMLDNRA
TLQ
;
C
4 'polypeptide(L)'
;AVGACVLCNSQTSLRCGACIRRPFLCCKCCYDHVISTSHKLVLSVNPYVCNAPGCDVTDVTQLYLGGMSYYCKSHKPPIS
FPLCANGQVFGLYKNTCVGSDNVTDFNAIATCDWTNAGDYILANTCTERLKLFAAETLKATEETFKLSYGIATVREVLSD
RELHLSWEVGKPRPPLNRNYVFTGYRVTKNSKVQIGEYTFEKGDYGDAVVYRGTTTYKLNVGDYFVLTSHTVMPLSAPTL
VPQEHYVRITGLYPTLNISDEFSSNVANYQKVGMQKYSTLQGPPGTGKSHFAIGLALYYPSARIVYTACSHAAVDALCEK
ALKYLPIDKCSRIIPARARVECFDKFKVNSTLEQYVFCTVNALPETTADIVVFDEISMATNYDLSVVNARLRAKHYVYIG
DPAQLPAPRTLLTKGTLEPEYFNSVCRLMKTIGPDMFLGTCRRCPAEIVDTVSALVYDNKLKAHKDKSAQCFKMFYKGVI
THDVSSAINRPQIGVVREFLTRNPAWRKAVFISPYNSQNAVASKILGLPTQTVDSSQGSEYDYVIFTQTTETAHSCNVNR
FNVAITRAKVGILCIMSDRDLYDKLQFTSLEIPRRNVATLQ
;
E,F
5 'polypeptide(L)'
;NNELSPVALRQMSCAAGTTQTACTDDNALAYYNTTKGGRFVLALLSDLQDLKWARFPKSDGTGTIYTELEPPCRFVTDTP
KGPKVKYLYFIKGLNNLNRGMVLGSLAATVRLQ
;
G
6 'polyribonucleotide' (ATP)UUAAAGGUU O
7 'polyribonucleotide' (ATP)UUAAAGGUUUAUACCUUCCCAGGUAACAAACCAACCAAC P
8 'polyribonucleotide' AACCUUCCC Q
9 'polyribonucleotide' GAUCUACAAGAGAUCAAAAGUUGGUUGGUUUGUUACCUGGGAAGGUAUAAACCUUCCCC R
#
# COMPACT_ATOMS: atom_id res chain seq x y z
N ALA A 4 -87.24 21.61 4.57
CA ALA A 4 -85.99 21.53 3.82
C ALA A 4 -85.37 22.91 3.64
N GLN A 5 -86.21 23.90 3.33
CA GLN A 5 -85.73 25.25 3.12
C GLN A 5 -85.35 25.92 4.44
N SER A 6 -86.18 25.76 5.48
CA SER A 6 -85.88 26.37 6.77
C SER A 6 -84.63 25.77 7.41
N PHE A 7 -84.40 24.46 7.24
CA PHE A 7 -83.16 23.88 7.72
C PHE A 7 -81.95 24.51 7.05
N LEU A 8 -82.03 24.73 5.74
CA LEU A 8 -80.92 25.38 5.04
C LEU A 8 -80.75 26.83 5.47
N ASN A 9 -81.84 27.52 5.79
CA ASN A 9 -81.75 28.91 6.19
C ASN A 9 -81.38 29.06 7.66
N ARG A 10 -81.40 27.96 8.41
CA ARG A 10 -80.98 28.00 9.81
C ARG A 10 -79.54 27.53 9.94
N VAL A 11 -79.13 26.57 9.13
CA VAL A 11 -77.75 26.10 9.15
C VAL A 11 -76.80 27.24 8.77
N CYS A 12 -77.15 27.98 7.71
CA CYS A 12 -76.38 29.15 7.31
C CYS A 12 -76.38 30.19 8.42
N GLY A 13 -77.55 30.48 8.97
CA GLY A 13 -77.65 31.36 10.12
C GLY A 13 -77.24 32.80 9.85
N VAL A 14 -76.56 33.41 10.84
CA VAL A 14 -76.21 34.82 10.75
C VAL A 14 -75.12 35.04 9.71
N SER A 15 -74.23 34.06 9.53
CA SER A 15 -73.02 34.28 8.75
C SER A 15 -73.30 34.56 7.27
N ALA A 16 -74.51 34.31 6.80
CA ALA A 16 -74.92 34.61 5.43
C ALA A 16 -74.02 33.92 4.41
N ALA A 17 -74.06 32.58 4.38
CA ALA A 17 -73.26 31.81 3.45
C ALA A 17 -74.18 31.17 2.42
N ARG A 18 -73.63 30.89 1.24
CA ARG A 18 -74.39 30.33 0.14
C ARG A 18 -74.26 28.81 0.10
N LEU A 19 -74.84 28.13 1.08
CA LEU A 19 -74.65 26.68 1.19
C LEU A 19 -75.44 25.94 0.13
N THR A 20 -74.77 25.02 -0.56
CA THR A 20 -75.42 24.10 -1.49
C THR A 20 -75.35 22.70 -0.92
N PRO A 21 -76.48 22.08 -0.58
CA PRO A 21 -76.44 20.77 0.10
C PRO A 21 -75.75 19.68 -0.68
N CYS A 22 -74.70 19.09 -0.09
CA CYS A 22 -74.09 17.90 -0.69
C CYS A 22 -74.95 16.67 -0.44
N GLY A 23 -75.68 16.62 0.65
CA GLY A 23 -76.65 15.55 0.91
C GLY A 23 -78.06 16.09 0.68
N THR A 24 -78.86 15.29 -0.03
CA THR A 24 -80.17 15.73 -0.48
C THR A 24 -81.19 15.68 0.66
N GLY A 25 -81.99 16.74 0.78
CA GLY A 25 -83.03 16.80 1.78
C GLY A 25 -82.54 17.16 3.16
N THR A 26 -83.33 16.83 4.18
CA THR A 26 -82.93 17.03 5.58
C THR A 26 -82.36 15.76 6.20
N SER A 27 -81.77 14.89 5.39
CA SER A 27 -81.18 13.65 5.84
C SER A 27 -79.67 13.81 5.97
N THR A 28 -79.01 12.75 6.42
CA THR A 28 -77.58 12.79 6.69
C THR A 28 -76.80 12.48 5.41
N ASP A 29 -75.48 12.33 5.55
CA ASP A 29 -74.60 12.01 4.42
C ASP A 29 -73.54 11.04 4.95
N VAL A 30 -73.74 9.75 4.68
CA VAL A 30 -72.77 8.74 5.09
C VAL A 30 -71.51 8.92 4.25
N VAL A 31 -70.35 8.84 4.89
CA VAL A 31 -69.07 8.96 4.20
C VAL A 31 -68.14 7.85 4.68
N TYR A 32 -66.95 7.79 4.08
CA TYR A 32 -65.96 6.78 4.43
C TYR A 32 -64.74 7.51 4.99
N ARG A 33 -64.54 7.43 6.30
CA ARG A 33 -63.51 8.23 6.95
C ARG A 33 -62.67 7.36 7.89
N ALA A 34 -61.42 7.77 8.10
CA ALA A 34 -60.50 7.06 8.97
C ALA A 34 -60.64 7.55 10.40
N PHE A 35 -60.60 6.61 11.34
CA PHE A 35 -60.80 6.90 12.75
C PHE A 35 -59.68 6.28 13.58
N ASP A 36 -59.31 6.97 14.64
CA ASP A 36 -58.45 6.45 15.71
C ASP A 36 -59.40 6.16 16.86
N ILE A 37 -59.68 4.89 17.10
CA ILE A 37 -60.81 4.46 17.93
C ILE A 37 -60.28 3.59 19.06
N TYR A 38 -60.87 3.75 20.26
CA TYR A 38 -60.56 2.92 21.42
C TYR A 38 -61.77 2.92 22.35
N ASN A 39 -62.56 1.86 22.31
CA ASN A 39 -63.67 1.66 23.23
C ASN A 39 -63.24 0.71 24.33
N ASP A 40 -64.21 0.28 25.13
CA ASP A 40 -64.01 -0.87 26.01
C ASP A 40 -64.14 -2.18 25.27
N LYS A 41 -64.52 -2.14 23.99
CA LYS A 41 -64.73 -3.33 23.16
C LYS A 41 -63.72 -3.42 22.03
N VAL A 42 -63.52 -2.33 21.30
CA VAL A 42 -62.73 -2.32 20.06
C VAL A 42 -61.71 -1.20 20.10
N ALA A 43 -60.59 -1.42 19.42
CA ALA A 43 -59.56 -0.40 19.29
C ALA A 43 -58.87 -0.56 17.95
N GLY A 44 -58.21 0.51 17.51
CA GLY A 44 -57.44 0.50 16.29
C GLY A 44 -57.41 1.85 15.61
N PHE A 45 -56.89 1.84 14.38
CA PHE A 45 -56.81 3.02 13.52
C PHE A 45 -57.25 2.57 12.13
N ALA A 46 -58.54 2.69 11.85
CA ALA A 46 -59.11 2.01 10.67
C ALA A 46 -60.18 2.87 10.04
N LYS A 47 -60.58 2.49 8.82
CA LYS A 47 -61.60 3.20 8.06
C LYS A 47 -62.98 2.70 8.43
N PHE A 48 -63.88 3.63 8.76
CA PHE A 48 -65.25 3.31 9.09
C PHE A 48 -66.23 4.14 8.25
N LEU A 49 -67.51 3.85 8.40
CA LEU A 49 -68.58 4.58 7.74
C LEU A 49 -69.14 5.62 8.70
N LYS A 50 -69.23 6.89 8.33
CA LYS A 50 -69.71 7.90 9.30
C LYS A 50 -71.00 8.51 8.97
N THR A 51 -72.06 8.12 9.63
CA THR A 51 -73.33 8.77 9.41
C THR A 51 -73.41 10.04 10.23
N ASN A 52 -74.33 10.24 11.15
CA ASN A 52 -74.33 11.41 12.03
C ASN A 52 -73.95 12.72 11.48
N CYS A 53 -74.42 13.15 10.31
CA CYS A 53 -73.93 14.38 9.71
C CYS A 53 -74.64 14.86 8.49
N CYS A 54 -74.85 16.14 8.34
CA CYS A 54 -75.60 16.76 7.25
C CYS A 54 -74.74 17.87 6.68
N ARG A 55 -73.94 17.55 5.67
CA ARG A 55 -72.93 18.46 5.14
C ARG A 55 -73.55 19.49 4.20
N PHE A 56 -72.85 20.62 4.07
CA PHE A 56 -73.28 21.71 3.20
C PHE A 56 -72.04 22.39 2.66
N GLN A 57 -71.84 22.32 1.34
CA GLN A 57 -70.73 23.05 0.73
C GLN A 57 -71.09 24.51 0.54
N GLU A 58 -70.09 25.37 0.66
CA GLU A 58 -70.29 26.80 0.52
C GLU A 58 -69.85 27.27 -0.86
N LYS A 59 -70.59 28.23 -1.41
CA LYS A 59 -70.32 28.78 -2.74
C LYS A 59 -69.52 30.07 -2.63
N ASP A 60 -68.91 30.45 -3.74
CA ASP A 60 -68.00 31.59 -3.79
C ASP A 60 -68.45 32.54 -4.89
N GLU A 61 -68.82 33.76 -4.49
CA GLU A 61 -69.26 34.85 -5.37
C GLU A 61 -69.90 34.38 -6.67
N ASP A 62 -69.06 34.07 -7.66
CA ASP A 62 -69.57 33.62 -8.95
C ASP A 62 -69.87 32.13 -8.93
N ASP A 63 -70.63 31.69 -7.92
CA ASP A 63 -71.12 30.32 -7.81
C ASP A 63 -70.03 29.26 -7.91
N ASN A 64 -68.79 29.63 -7.60
CA ASN A 64 -67.71 28.67 -7.52
C ASN A 64 -67.76 27.93 -6.19
N LEU A 65 -67.45 26.64 -6.24
CA LEU A 65 -67.52 25.77 -5.07
C LEU A 65 -66.15 25.70 -4.41
N ILE A 66 -66.08 26.02 -3.12
CA ILE A 66 -64.84 25.98 -2.37
C ILE A 66 -64.94 24.87 -1.33
N ASP A 67 -63.84 24.61 -0.62
CA ASP A 67 -63.81 23.61 0.45
C ASP A 67 -64.11 24.31 1.78
N SER A 68 -65.40 24.55 2.02
CA SER A 68 -65.85 25.15 3.28
C SER A 68 -67.18 24.51 3.61
N TYR A 69 -67.19 23.58 4.56
CA TYR A 69 -68.35 22.77 4.84
C TYR A 69 -68.98 23.18 6.17
N PHE A 70 -70.31 23.11 6.21
CA PHE A 70 -71.11 23.39 7.40
C PHE A 70 -71.72 22.06 7.84
N VAL A 71 -70.98 21.30 8.64
CA VAL A 71 -71.38 19.95 9.01
C VAL A 71 -72.26 20.03 10.25
N VAL A 72 -73.50 19.59 10.12
CA VAL A 72 -74.42 19.52 11.25
C VAL A 72 -74.37 18.12 11.85
N LYS A 73 -74.70 18.01 13.15
CA LYS A 73 -74.57 16.73 13.85
C LYS A 73 -75.86 16.49 14.65
N ARG A 74 -76.66 15.54 14.16
CA ARG A 74 -77.80 15.06 14.94
C ARG A 74 -77.30 14.10 16.01
N HIS A 75 -77.75 14.31 17.25
CA HIS A 75 -77.40 13.40 18.33
C HIS A 75 -78.37 13.59 19.49
N THR A 76 -78.06 12.95 20.61
CA THR A 76 -78.94 12.94 21.76
C THR A 76 -78.86 14.26 22.53
N PHE A 77 -79.79 14.43 23.47
CA PHE A 77 -79.85 15.65 24.26
C PHE A 77 -78.69 15.74 25.25
N SER A 78 -78.31 14.61 25.84
CA SER A 78 -77.23 14.61 26.83
C SER A 78 -75.92 15.06 26.21
N ASN A 79 -75.60 14.54 25.02
CA ASN A 79 -74.40 14.97 24.32
C ASN A 79 -74.46 16.44 23.97
N TYR A 80 -75.65 16.91 23.60
CA TYR A 80 -75.84 18.33 23.28
C TYR A 80 -75.51 19.20 24.50
N GLN A 81 -76.04 18.84 25.66
CA GLN A 81 -75.74 19.58 26.89
C GLN A 81 -74.25 19.52 27.20
N HIS A 82 -73.66 18.33 27.10
CA HIS A 82 -72.26 18.15 27.49
C HIS A 82 -71.33 18.96 26.60
N GLU A 83 -71.59 18.98 25.29
CA GLU A 83 -70.78 19.75 24.37
C GLU A 83 -71.08 21.24 24.43
N GLU A 84 -72.28 21.64 24.90
CA GLU A 84 -72.55 23.06 25.09
C GLU A 84 -71.80 23.60 26.30
N THR A 85 -71.76 22.86 27.39
CA THR A 85 -71.16 23.37 28.62
C THR A 85 -69.62 23.37 28.56
N ILE A 86 -69.04 22.78 27.52
CA ILE A 86 -67.60 22.72 27.36
C ILE A 86 -67.10 23.63 26.24
N TYR A 87 -67.92 23.87 25.22
CA TYR A 87 -67.55 24.81 24.17
C TYR A 87 -67.61 26.26 24.63
N ASN A 88 -68.40 26.57 25.65
CA ASN A 88 -68.46 27.90 26.23
C ASN A 88 -67.32 28.10 27.24
N LEU A 89 -66.33 27.22 27.14
CA LEU A 89 -65.15 27.28 27.98
C LEU A 89 -63.90 27.41 27.11
N LEU A 90 -63.91 26.74 25.96
CA LEU A 90 -62.83 26.82 24.98
C LEU A 90 -63.23 27.67 23.79
N LYS A 91 -64.16 28.60 24.01
CA LYS A 91 -64.68 29.44 22.95
C LYS A 91 -63.67 30.45 22.43
N ASP A 92 -62.83 30.99 23.31
CA ASP A 92 -61.89 32.06 22.96
C ASP A 92 -60.56 31.53 22.45
N CYS A 93 -60.50 30.27 22.03
CA CYS A 93 -59.23 29.87 21.47
C CYS A 93 -59.30 29.88 19.95
N PRO A 94 -58.28 30.44 19.29
CA PRO A 94 -58.30 30.49 17.81
C PRO A 94 -58.41 29.12 17.16
N ALA A 95 -57.90 28.07 17.79
CA ALA A 95 -57.87 26.74 17.18
C ALA A 95 -59.17 25.96 17.36
N VAL A 96 -60.28 26.62 17.68
CA VAL A 96 -61.56 25.95 17.88
C VAL A 96 -62.52 26.44 16.80
N ALA A 97 -63.07 25.50 16.03
CA ALA A 97 -64.05 25.85 15.02
C ALA A 97 -65.35 26.31 15.67
N LYS A 98 -66.01 27.28 15.03
CA LYS A 98 -67.20 27.89 15.59
C LYS A 98 -68.37 26.92 15.55
N HIS A 99 -68.99 26.69 16.71
CA HIS A 99 -70.17 25.86 16.82
C HIS A 99 -71.41 26.75 16.88
N ASP A 100 -72.59 26.15 16.67
CA ASP A 100 -73.82 26.91 16.64
C ASP A 100 -74.79 26.49 17.74
N PHE A 101 -74.98 25.18 17.91
CA PHE A 101 -75.84 24.64 18.96
C PHE A 101 -77.27 25.14 18.88
N PHE A 102 -78.01 24.77 17.84
CA PHE A 102 -79.40 25.19 17.73
C PHE A 102 -80.30 23.97 17.87
N LYS A 103 -81.60 24.20 17.84
CA LYS A 103 -82.59 23.13 17.86
C LYS A 103 -83.60 23.38 16.75
N PHE A 104 -83.93 22.33 16.02
CA PHE A 104 -84.82 22.43 14.87
C PHE A 104 -85.87 21.34 14.93
N ARG A 105 -87.07 21.67 14.42
CA ARG A 105 -88.17 20.71 14.41
C ARG A 105 -88.08 19.89 13.12
N ILE A 106 -87.43 18.74 13.25
CA ILE A 106 -87.41 17.77 12.17
C ILE A 106 -88.54 16.78 12.38
N ASP A 107 -89.42 16.68 11.38
CA ASP A 107 -90.66 15.87 11.49
C ASP A 107 -91.47 16.43 12.66
N GLY A 108 -92.13 15.59 13.44
CA GLY A 108 -93.01 16.05 14.50
C GLY A 108 -92.38 16.34 15.84
N ASP A 109 -91.07 16.13 15.99
CA ASP A 109 -90.39 16.34 17.26
C ASP A 109 -89.22 17.29 17.09
N MET A 110 -88.85 17.95 18.17
CA MET A 110 -87.80 18.97 18.16
C MET A 110 -86.47 18.33 18.54
N VAL A 111 -85.51 18.38 17.63
CA VAL A 111 -84.23 17.69 17.81
C VAL A 111 -83.08 18.70 17.86
N PRO A 112 -82.02 18.40 18.62
CA PRO A 112 -80.90 19.34 18.74
C PRO A 112 -79.82 19.10 17.70
N HIS A 113 -79.17 20.17 17.24
CA HIS A 113 -78.09 20.10 16.28
C HIS A 113 -76.92 20.95 16.74
N ILE A 114 -75.71 20.47 16.46
CA ILE A 114 -74.47 21.16 16.78
C ILE A 114 -73.79 21.48 15.46
N SER A 115 -74.04 22.66 14.92
CA SER A 115 -73.53 23.02 13.60
C SER A 115 -72.14 23.60 13.74
N ARG A 116 -71.17 22.98 13.06
CA ARG A 116 -69.80 23.45 13.06
C ARG A 116 -69.48 24.08 11.71
N GLN A 117 -69.01 25.31 11.73
CA GLN A 117 -68.97 26.15 10.54
C GLN A 117 -67.58 26.15 9.91
N ARG A 118 -67.55 26.08 8.58
CA ARG A 118 -66.34 26.27 7.78
C ARG A 118 -65.25 25.27 8.13
N LEU A 119 -65.51 23.99 7.92
CA LEU A 119 -64.47 22.97 8.01
C LEU A 119 -64.00 22.58 6.61
N THR A 120 -63.14 21.57 6.52
CA THR A 120 -62.65 21.05 5.26
C THR A 120 -63.23 19.65 5.04
N LYS A 121 -63.12 19.18 3.79
CA LYS A 121 -63.70 17.88 3.45
C LYS A 121 -63.00 16.74 4.19
N TYR A 122 -61.68 16.80 4.30
CA TYR A 122 -60.90 15.74 4.92
C TYR A 122 -60.23 16.24 6.18
N THR A 123 -60.12 15.36 7.16
CA THR A 123 -59.39 15.63 8.40
C THR A 123 -57.94 15.19 8.20
N MET A 124 -57.15 15.17 9.27
CA MET A 124 -55.78 14.70 9.17
C MET A 124 -55.63 13.22 9.45
N ALA A 125 -56.62 12.59 10.06
CA ALA A 125 -56.65 11.13 10.07
C ALA A 125 -56.72 10.59 8.65
N ASP A 126 -57.51 11.24 7.78
CA ASP A 126 -57.58 10.82 6.39
C ASP A 126 -56.24 10.94 5.70
N LEU A 127 -55.54 12.06 5.90
CA LEU A 127 -54.24 12.25 5.27
C LEU A 127 -53.23 11.23 5.77
N VAL A 128 -53.20 10.99 7.08
CA VAL A 128 -52.25 10.04 7.65
C VAL A 128 -52.55 8.63 7.14
N TYR A 129 -53.83 8.26 7.08
CA TYR A 129 -54.21 6.96 6.57
C TYR A 129 -53.83 6.80 5.11
N ALA A 130 -54.07 7.84 4.30
CA ALA A 130 -53.77 7.76 2.88
C ALA A 130 -52.27 7.68 2.62
N LEU A 131 -51.46 8.36 3.43
CA LEU A 131 -50.01 8.32 3.26
C LEU A 131 -49.35 7.15 3.96
N ARG A 132 -50.08 6.43 4.82
CA ARG A 132 -49.53 5.26 5.52
C ARG A 132 -49.94 3.98 4.81
N HIS A 133 -51.25 3.77 4.65
CA HIS A 133 -51.77 2.59 3.97
C HIS A 133 -51.97 2.93 2.49
N PHE A 134 -50.88 2.79 1.74
CA PHE A 134 -50.84 3.20 0.34
C PHE A 134 -51.04 2.01 -0.58
N ASP A 135 -51.87 2.20 -1.61
CA ASP A 135 -52.05 1.21 -2.66
C ASP A 135 -52.20 1.98 -3.98
N GLU A 136 -51.60 1.45 -5.05
CA GLU A 136 -51.46 2.18 -6.30
C GLU A 136 -52.78 2.62 -6.91
N GLY A 137 -53.71 1.68 -7.09
CA GLY A 137 -54.91 1.95 -7.86
C GLY A 137 -56.18 2.12 -7.04
N ASN A 138 -56.03 2.52 -5.79
CA ASN A 138 -57.16 2.76 -4.91
C ASN A 138 -56.98 4.07 -4.16
N CYS A 139 -56.15 4.97 -4.70
CA CYS A 139 -55.79 6.17 -3.98
C CYS A 139 -56.98 7.08 -3.73
N ASP A 140 -57.43 7.79 -4.77
CA ASP A 140 -58.73 8.44 -4.85
C ASP A 140 -58.98 9.46 -3.74
N THR A 141 -58.08 9.55 -2.77
CA THR A 141 -58.20 10.56 -1.72
C THR A 141 -56.90 11.31 -1.50
N LEU A 142 -55.76 10.63 -1.60
CA LEU A 142 -54.47 11.32 -1.64
C LEU A 142 -54.39 12.21 -2.87
N LYS A 143 -54.88 11.73 -4.01
CA LYS A 143 -54.94 12.56 -5.20
C LYS A 143 -55.77 13.82 -4.97
N GLU A 144 -56.94 13.67 -4.34
CA GLU A 144 -57.81 14.81 -4.10
C GLU A 144 -57.19 15.78 -3.09
N ILE A 145 -56.52 15.26 -2.07
CA ILE A 145 -55.87 16.13 -1.09
C ILE A 145 -54.75 16.92 -1.75
N LEU A 146 -53.94 16.26 -2.57
CA LEU A 146 -52.84 16.96 -3.24
C LEU A 146 -53.37 17.99 -4.23
N VAL A 147 -54.40 17.64 -4.99
CA VAL A 147 -54.91 18.56 -6.01
C VAL A 147 -55.61 19.75 -5.37
N THR A 148 -56.35 19.52 -4.28
CA THR A 148 -57.14 20.59 -3.68
C THR A 148 -56.26 21.71 -3.15
N TYR A 149 -55.12 21.36 -2.53
CA TYR A 149 -54.25 22.34 -1.91
C TYR A 149 -53.06 22.71 -2.79
N ASN A 150 -53.19 22.54 -4.10
CA ASN A 150 -52.25 23.07 -5.09
C ASN A 150 -50.83 22.57 -4.85
N CYS A 151 -50.72 21.30 -4.45
CA CYS A 151 -49.42 20.64 -4.41
C CYS A 151 -48.98 20.17 -5.80
N CYS A 152 -49.93 19.81 -6.64
CA CYS A 152 -49.68 19.44 -8.03
C CYS A 152 -50.95 19.68 -8.82
N ASP A 153 -50.99 19.19 -10.06
CA ASP A 153 -52.15 19.32 -10.90
C ASP A 153 -52.80 17.95 -11.13
N ASP A 154 -53.86 17.92 -11.92
CA ASP A 154 -54.58 16.70 -12.22
C ASP A 154 -53.87 15.89 -13.31
N ASP A 155 -53.14 16.56 -14.20
CA ASP A 155 -52.43 15.88 -15.29
C ASP A 155 -51.06 15.39 -14.84
N TYR A 156 -50.70 15.59 -13.58
CA TYR A 156 -49.48 15.02 -13.03
C TYR A 156 -49.63 13.53 -12.75
N PHE A 157 -50.85 13.06 -12.53
CA PHE A 157 -51.12 11.67 -12.21
C PHE A 157 -51.20 10.78 -13.45
N ASN A 158 -51.12 11.37 -14.64
CA ASN A 158 -51.11 10.62 -15.89
C ASN A 158 -49.69 10.24 -16.32
N LYS A 159 -48.70 10.55 -15.49
CA LYS A 159 -47.31 10.20 -15.78
C LYS A 159 -47.11 8.70 -15.57
N LYS A 160 -45.87 8.24 -15.73
CA LYS A 160 -45.52 6.85 -15.49
C LYS A 160 -44.81 6.74 -14.15
N ASP A 161 -45.35 5.92 -13.26
CA ASP A 161 -44.79 5.68 -11.93
C ASP A 161 -44.65 6.98 -11.15
N TRP A 162 -45.76 7.71 -11.08
CA TRP A 162 -45.75 8.99 -10.36
C TRP A 162 -45.63 8.79 -8.85
N TYR A 163 -45.90 7.59 -8.36
CA TYR A 163 -45.79 7.32 -6.94
C TYR A 163 -44.41 6.79 -6.53
N ASP A 164 -43.57 6.44 -7.49
CA ASP A 164 -42.29 5.82 -7.19
C ASP A 164 -41.31 6.83 -6.63
N PHE A 165 -40.62 6.44 -5.55
CA PHE A 165 -39.59 7.27 -4.96
C PHE A 165 -38.25 7.15 -5.66
N VAL A 166 -38.07 6.14 -6.51
CA VAL A 166 -36.78 5.87 -7.13
C VAL A 166 -36.75 6.33 -8.58
N GLU A 167 -37.77 5.99 -9.36
CA GLU A 167 -37.79 6.34 -10.77
C GLU A 167 -38.45 7.68 -11.03
N ASN A 168 -39.15 8.25 -10.04
CA ASN A 168 -39.75 9.57 -10.13
C ASN A 168 -39.36 10.35 -8.88
N PRO A 169 -38.15 10.92 -8.83
CA PRO A 169 -37.72 11.60 -7.61
C PRO A 169 -38.28 12.99 -7.48
N ASP A 170 -39.24 13.34 -8.34
CA ASP A 170 -39.96 14.60 -8.24
C ASP A 170 -41.15 14.53 -7.30
N ILE A 171 -41.58 13.33 -6.92
CA ILE A 171 -42.68 13.20 -5.97
C ILE A 171 -42.25 13.72 -4.60
N LEU A 172 -40.94 13.73 -4.32
CA LEU A 172 -40.45 14.36 -3.10
C LEU A 172 -40.76 15.85 -3.07
N ARG A 173 -40.86 16.47 -4.24
CA ARG A 173 -41.21 17.89 -4.30
C ARG A 173 -42.71 18.11 -4.21
N VAL A 174 -43.51 17.18 -4.72
CA VAL A 174 -44.97 17.32 -4.66
C VAL A 174 -45.46 17.23 -3.22
N TYR A 175 -44.94 16.25 -2.48
CA TYR A 175 -45.32 16.11 -1.08
C TYR A 175 -44.88 17.32 -0.26
N ALA A 176 -43.70 17.85 -0.52
CA ALA A 176 -43.11 18.93 0.26
C ALA A 176 -43.86 20.24 0.12
N ASN A 177 -44.77 20.36 -0.85
CA ASN A 177 -45.62 21.54 -0.96
C ASN A 177 -46.85 21.43 -0.07
N LEU A 178 -46.99 20.33 0.67
CA LEU A 178 -48.07 20.10 1.60
C LEU A 178 -47.52 20.08 3.03
N GLY A 179 -46.36 20.71 3.22
CA GLY A 179 -45.64 20.61 4.47
C GLY A 179 -45.75 21.81 5.39
N GLU A 180 -46.49 22.84 4.98
CA GLU A 180 -46.70 23.97 5.87
C GLU A 180 -48.04 23.89 6.58
N ARG A 181 -49.04 23.27 5.94
CA ARG A 181 -50.31 22.99 6.60
C ARG A 181 -50.14 22.05 7.78
N VAL A 182 -49.02 21.32 7.84
CA VAL A 182 -48.75 20.45 8.98
C VAL A 182 -48.06 21.23 10.10
N ARG A 183 -47.10 22.09 9.75
CA ARG A 183 -46.46 22.93 10.74
C ARG A 183 -47.47 23.86 11.42
N GLN A 184 -48.36 24.47 10.65
CA GLN A 184 -49.39 25.31 11.22
C GLN A 184 -50.39 24.52 12.06
N ALA A 185 -50.66 23.26 11.69
CA ALA A 185 -51.48 22.41 12.54
C ALA A 185 -50.84 22.10 13.88
N LEU A 186 -49.54 21.82 13.90
CA LEU A 186 -48.85 21.65 15.18
C LEU A 186 -48.88 22.94 15.99
N LEU A 187 -48.66 24.07 15.34
CA LEU A 187 -48.70 25.36 16.02
C LEU A 187 -50.09 25.61 16.62
N LYS A 188 -51.14 25.21 15.91
CA LYS A 188 -52.51 25.41 16.37
C LYS A 188 -52.93 24.41 17.45
N THR A 189 -52.41 23.19 17.44
CA THR A 189 -52.71 22.23 18.48
C THR A 189 -51.98 22.54 19.79
N VAL A 190 -50.83 23.20 19.71
CA VAL A 190 -50.20 23.67 20.95
C VAL A 190 -51.09 24.67 21.69
N GLN A 191 -51.70 25.61 20.97
CA GLN A 191 -52.64 26.54 21.60
C GLN A 191 -53.86 25.84 22.17
N PHE A 192 -54.38 24.82 21.48
CA PHE A 192 -55.51 24.06 22.00
C PHE A 192 -55.13 23.37 23.31
N CYS A 193 -53.93 22.78 23.35
CA CYS A 193 -53.49 22.13 24.59
C CYS A 193 -53.37 23.14 25.72
N ASP A 194 -52.81 24.32 25.44
CA ASP A 194 -52.70 25.34 26.47
C ASP A 194 -54.06 25.82 26.96
N ALA A 195 -55.01 26.00 26.04
CA ALA A 195 -56.36 26.41 26.43
C ALA A 195 -57.05 25.36 27.27
N MET A 196 -56.93 24.08 26.90
CA MET A 196 -57.52 23.01 27.69
C MET A 196 -56.88 22.95 29.07
N ARG A 197 -55.58 23.21 29.16
CA ARG A 197 -54.92 23.28 30.46
C ARG A 197 -55.51 24.40 31.31
N ASN A 198 -55.50 25.62 30.80
CA ASN A 198 -55.91 26.78 31.58
C ASN A 198 -57.40 26.78 31.89
N ALA A 199 -58.18 26.02 31.13
CA ALA A 199 -59.62 25.96 31.34
C ALA A 199 -60.08 24.77 32.15
N GLY A 200 -59.16 23.90 32.58
CA GLY A 200 -59.53 22.74 33.37
C GLY A 200 -60.36 21.72 32.63
N ILE A 201 -59.79 21.13 31.58
CA ILE A 201 -60.47 20.12 30.78
C ILE A 201 -59.51 18.96 30.56
N VAL A 202 -60.02 17.74 30.68
CA VAL A 202 -59.24 16.54 30.41
C VAL A 202 -59.91 15.77 29.28
N GLY A 203 -59.09 15.20 28.40
CA GLY A 203 -59.60 14.46 27.26
C GLY A 203 -58.46 14.03 26.38
N VAL A 204 -58.80 13.19 25.40
CA VAL A 204 -57.80 12.63 24.49
C VAL A 204 -57.87 13.37 23.17
N LEU A 205 -56.72 13.89 22.72
CA LEU A 205 -56.62 14.54 21.42
C LEU A 205 -56.35 13.49 20.36
N THR A 206 -57.33 13.25 19.50
CA THR A 206 -57.18 12.37 18.35
C THR A 206 -57.21 13.19 17.07
N LEU A 207 -56.44 12.75 16.08
CA LEU A 207 -56.33 13.49 14.83
C LEU A 207 -57.52 13.24 13.90
N ASP A 208 -58.62 12.70 14.42
CA ASP A 208 -59.89 12.71 13.71
C ASP A 208 -60.60 14.05 13.82
N ASN A 209 -60.28 14.84 14.85
CA ASN A 209 -61.01 16.06 15.17
C ASN A 209 -60.23 17.31 14.81
N GLN A 210 -59.28 17.19 13.90
CA GLN A 210 -58.49 18.33 13.42
C GLN A 210 -58.54 18.36 11.91
N ASP A 211 -59.34 19.27 11.36
CA ASP A 211 -59.44 19.40 9.91
C ASP A 211 -58.11 19.90 9.36
N LEU A 212 -58.00 19.94 8.03
CA LEU A 212 -56.72 20.21 7.38
C LEU A 212 -56.31 21.68 7.45
N ASN A 213 -57.04 22.50 8.20
CA ASN A 213 -56.62 23.85 8.53
C ASN A 213 -55.90 23.88 9.88
N GLY A 214 -56.46 23.20 10.88
CA GLY A 214 -55.85 23.12 12.20
C GLY A 214 -56.85 23.21 13.33
N ASN A 215 -58.09 23.58 13.00
CA ASN A 215 -59.11 23.78 14.02
C ASN A 215 -59.53 22.45 14.65
N TRP A 216 -59.95 22.51 15.90
CA TRP A 216 -60.46 21.36 16.63
C TRP A 216 -61.96 21.51 16.86
N TYR A 217 -62.70 20.42 16.61
CA TYR A 217 -64.15 20.57 16.58
C TYR A 217 -64.95 19.46 17.26
N ASP A 218 -64.36 18.65 18.14
CA ASP A 218 -65.14 17.69 18.91
C ASP A 218 -64.74 17.73 20.38
N PHE A 219 -65.74 17.74 21.26
CA PHE A 219 -65.56 17.74 22.70
C PHE A 219 -66.50 16.72 23.35
N GLY A 220 -66.79 15.63 22.65
CA GLY A 220 -67.77 14.66 23.11
C GLY A 220 -67.32 13.77 24.24
N ASP A 221 -66.02 13.43 24.28
CA ASP A 221 -65.46 12.55 25.30
C ASP A 221 -64.54 13.30 26.25
N PHE A 222 -64.90 14.52 26.61
CA PHE A 222 -64.10 15.36 27.49
C PHE A 222 -64.75 15.44 28.87
N ILE A 223 -63.93 15.74 29.87
CA ILE A 223 -64.40 15.89 31.24
C ILE A 223 -63.78 17.18 31.78
N GLN A 224 -64.41 17.78 32.78
CA GLN A 224 -63.93 19.06 33.28
C GLN A 224 -63.57 18.99 34.76
N THR A 225 -62.46 19.61 35.13
CA THR A 225 -61.96 19.65 36.49
C THR A 225 -61.70 21.11 36.87
N THR A 226 -61.02 21.30 38.01
CA THR A 226 -60.74 22.63 38.49
C THR A 226 -59.80 23.36 37.53
N PRO A 227 -59.97 24.66 37.36
CA PRO A 227 -59.11 25.40 36.41
C PRO A 227 -57.65 25.37 36.84
N GLY A 228 -56.77 25.45 35.85
CA GLY A 228 -55.35 25.41 36.08
C GLY A 228 -54.72 24.03 36.01
N SER A 229 -55.53 22.97 35.96
CA SER A 229 -55.03 21.60 35.87
C SER A 229 -55.87 20.86 34.83
N GLY A 230 -55.43 20.91 33.58
CA GLY A 230 -56.06 20.16 32.52
C GLY A 230 -55.03 19.28 31.83
N VAL A 231 -55.44 18.09 31.40
CA VAL A 231 -54.48 17.12 30.89
C VAL A 231 -54.77 16.76 29.44
N PRO A 232 -54.14 17.40 28.48
CA PRO A 232 -54.22 16.93 27.09
C PRO A 232 -53.44 15.65 26.90
N VAL A 233 -54.13 14.54 26.66
CA VAL A 233 -53.49 13.24 26.49
C VAL A 233 -53.11 13.10 25.02
N VAL A 234 -51.88 13.51 24.69
CA VAL A 234 -51.39 13.40 23.33
C VAL A 234 -50.29 12.34 23.23
N ASP A 235 -50.70 11.09 22.99
CA ASP A 235 -49.75 10.00 22.78
C ASP A 235 -49.96 9.30 21.45
N SER A 236 -51.23 9.05 21.07
CA SER A 236 -51.49 8.45 19.77
C SER A 236 -51.40 9.49 18.65
N TYR A 237 -51.79 10.73 18.95
CA TYR A 237 -51.77 11.81 17.96
C TYR A 237 -50.38 11.99 17.37
N TYR A 238 -49.42 12.39 18.21
CA TYR A 238 -48.06 12.65 17.73
C TYR A 238 -47.44 11.38 17.15
N SER A 239 -47.63 10.24 17.82
CA SER A 239 -46.99 9.01 17.37
C SER A 239 -47.47 8.60 15.98
N LEU A 240 -48.76 8.73 15.72
CA LEU A 240 -49.26 8.41 14.38
C LEU A 240 -48.85 9.47 13.37
N LEU A 241 -48.67 10.72 13.82
CA LEU A 241 -48.33 11.78 12.89
C LEU A 241 -46.83 11.80 12.52
N MET A 242 -45.99 11.12 13.30
CA MET A 242 -44.54 11.28 13.14
C MET A 242 -44.03 11.07 11.73
N PRO A 243 -44.36 9.99 11.00
CA PRO A 243 -43.72 9.80 9.68
C PRO A 243 -44.04 10.91 8.69
N ILE A 244 -45.24 11.49 8.76
CA ILE A 244 -45.62 12.53 7.83
C ILE A 244 -44.77 13.78 8.00
N LEU A 245 -44.24 13.99 9.21
CA LEU A 245 -43.45 15.19 9.48
C LEU A 245 -42.19 15.23 8.61
N THR A 246 -41.52 14.09 8.45
CA THR A 246 -40.33 14.06 7.61
C THR A 246 -40.63 13.66 6.18
N LEU A 247 -41.69 12.90 5.93
CA LEU A 247 -42.04 12.56 4.56
C LEU A 247 -42.44 13.80 3.78
N THR A 248 -43.17 14.72 4.40
CA THR A 248 -43.56 15.97 3.78
C THR A 248 -42.59 17.11 4.06
N ARG A 249 -41.51 16.85 4.81
CA ARG A 249 -40.52 17.86 5.15
C ARG A 249 -41.17 19.09 5.74
N ALA A 250 -41.82 18.94 6.89
CA ALA A 250 -42.68 19.97 7.43
C ALA A 250 -41.92 21.12 8.09
N LEU A 251 -40.69 20.89 8.54
CA LEU A 251 -39.95 21.89 9.29
C LEU A 251 -38.91 22.61 8.45
N THR A 252 -39.08 22.65 7.12
CA THR A 252 -38.15 23.40 6.29
C THR A 252 -38.25 24.89 6.54
N ALA A 253 -39.39 25.39 6.99
CA ALA A 253 -39.56 26.81 7.29
C ALA A 253 -38.69 27.26 8.46
N GLU A 254 -38.14 26.34 9.24
CA GLU A 254 -37.19 26.69 10.28
C GLU A 254 -35.81 27.01 9.73
N SER A 255 -35.55 26.73 8.46
CA SER A 255 -34.28 27.07 7.84
C SER A 255 -34.19 28.53 7.45
N HIS A 256 -35.31 29.25 7.44
CA HIS A 256 -35.36 30.65 7.04
C HIS A 256 -35.42 31.55 8.26
N VAL A 257 -34.95 32.79 8.09
CA VAL A 257 -34.96 33.75 9.18
C VAL A 257 -36.40 34.18 9.47
N ASP A 258 -36.74 34.22 10.76
CA ASP A 258 -38.07 34.55 11.27
C ASP A 258 -39.12 33.51 10.91
N THR A 259 -38.70 32.34 10.42
CA THR A 259 -39.59 31.21 10.14
C THR A 259 -40.71 31.59 9.16
N ASP A 260 -40.33 32.16 8.02
CA ASP A 260 -41.24 32.35 6.90
C ASP A 260 -40.48 32.05 5.61
N LEU A 261 -41.16 31.34 4.70
CA LEU A 261 -40.48 30.78 3.54
C LEU A 261 -40.04 31.82 2.51
N THR A 262 -40.48 33.07 2.64
CA THR A 262 -40.11 34.09 1.66
C THR A 262 -38.76 34.72 1.95
N LYS A 263 -38.29 34.68 3.20
CA LYS A 263 -37.03 35.30 3.57
C LYS A 263 -35.86 34.36 3.32
N PRO A 264 -34.66 34.89 3.14
CA PRO A 264 -33.51 34.03 2.84
C PRO A 264 -33.12 33.15 4.03
N TYR A 265 -32.30 32.15 3.74
CA TYR A 265 -31.87 31.20 4.75
C TYR A 265 -31.01 31.88 5.80
N ILE A 266 -31.01 31.29 7.00
CA ILE A 266 -30.19 31.78 8.11
C ILE A 266 -28.74 31.41 7.84
N LYS A 267 -27.85 32.39 7.97
CA LYS A 267 -26.41 32.17 7.75
C LYS A 267 -25.79 31.85 9.10
N TRP A 268 -25.66 30.55 9.39
CA TRP A 268 -25.07 30.12 10.64
C TRP A 268 -23.56 30.35 10.65
N ASP A 269 -23.00 30.43 11.84
CA ASP A 269 -21.55 30.48 11.98
C ASP A 269 -20.95 29.16 11.53
N LEU A 270 -19.82 29.24 10.83
CA LEU A 270 -19.19 28.03 10.31
C LEU A 270 -18.58 27.19 11.41
N LEU A 271 -18.11 27.83 12.49
CA LEU A 271 -17.40 27.12 13.55
C LEU A 271 -18.34 26.60 14.64
N LYS A 272 -19.65 26.76 14.49
CA LYS A 272 -20.60 26.33 15.51
C LYS A 272 -20.98 24.88 15.29
N TYR A 273 -20.78 24.06 16.32
CA TYR A 273 -21.09 22.63 16.23
C TYR A 273 -22.06 22.14 17.29
N ASP A 274 -22.37 22.93 18.31
CA ASP A 274 -23.24 22.51 19.41
C ASP A 274 -24.56 23.26 19.29
N PHE A 275 -25.59 22.58 18.77
CA PHE A 275 -26.91 23.15 18.58
C PHE A 275 -27.92 22.67 19.62
N THR A 276 -27.48 22.44 20.86
CA THR A 276 -28.36 21.89 21.88
C THR A 276 -29.52 22.85 22.19
N GLU A 277 -29.21 24.14 22.34
CA GLU A 277 -30.24 25.10 22.70
C GLU A 277 -31.31 25.19 21.61
N GLU A 278 -30.90 25.14 20.35
CA GLU A 278 -31.88 25.15 19.26
C GLU A 278 -32.75 23.90 19.28
N ARG A 279 -32.16 22.74 19.60
CA ARG A 279 -32.94 21.52 19.69
C ARG A 279 -33.99 21.62 20.79
N LEU A 280 -33.60 22.11 21.96
CA LEU A 280 -34.57 22.28 23.04
C LEU A 280 -35.63 23.32 22.68
N LYS A 281 -35.23 24.38 21.97
CA LYS A 281 -36.18 25.38 21.54
C LYS A 281 -37.23 24.79 20.61
N LEU A 282 -36.78 23.97 19.65
CA LEU A 282 -37.73 23.33 18.72
C LEU A 282 -38.65 22.36 19.46
N PHE A 283 -38.09 21.57 20.38
CA PHE A 283 -38.92 20.62 21.13
C PHE A 283 -39.99 21.34 21.93
N ASP A 284 -39.61 22.46 22.58
CA ASP A 284 -40.60 23.24 23.31
C ASP A 284 -41.61 23.88 22.35
N ARG A 285 -41.16 24.25 21.15
CA ARG A 285 -42.05 24.90 20.20
C ARG A 285 -43.16 23.96 19.72
N TYR A 286 -42.80 22.74 19.31
CA TYR A 286 -43.76 21.89 18.60
C TYR A 286 -44.27 20.70 19.40
N PHE A 287 -43.51 20.19 20.36
CA PHE A 287 -43.87 19.00 21.12
C PHE A 287 -43.94 19.32 22.61
N LYS A 288 -44.64 20.40 22.94
CA LYS A 288 -44.64 20.91 24.31
C LYS A 288 -45.21 19.89 25.30
N TYR A 289 -46.34 19.26 24.96
CA TYR A 289 -47.04 18.39 25.90
C TYR A 289 -46.70 16.92 25.70
N TRP A 290 -45.55 16.62 25.12
CA TRP A 290 -45.04 15.26 25.05
C TRP A 290 -44.40 14.95 26.39
N ASP A 291 -45.03 14.05 27.16
CA ASP A 291 -44.71 13.92 28.58
C ASP A 291 -43.28 13.45 28.82
N GLN A 292 -42.84 12.46 28.03
CA GLN A 292 -41.54 11.86 28.28
C GLN A 292 -40.42 12.87 28.06
N THR A 293 -39.37 12.77 28.88
CA THR A 293 -38.27 13.71 28.81
C THR A 293 -37.43 13.48 27.56
N TYR A 294 -36.70 14.52 27.16
CA TYR A 294 -35.93 14.53 25.93
C TYR A 294 -34.49 14.94 26.23
N HIS A 295 -33.55 14.10 25.80
CA HIS A 295 -32.13 14.38 25.97
C HIS A 295 -31.52 14.77 24.63
N PRO A 296 -31.14 16.03 24.41
CA PRO A 296 -30.55 16.40 23.12
C PRO A 296 -29.30 15.62 22.77
N ASN A 297 -28.46 15.33 23.76
CA ASN A 297 -27.25 14.55 23.56
C ASN A 297 -27.48 13.17 24.17
N CYS A 298 -27.43 12.14 23.32
CA CYS A 298 -27.76 10.79 23.75
C CYS A 298 -26.71 10.17 24.65
N VAL A 299 -25.66 10.90 25.04
CA VAL A 299 -24.70 10.38 25.99
C VAL A 299 -25.30 10.34 27.39
N ASN A 300 -26.39 11.07 27.61
CA ASN A 300 -27.03 11.13 28.92
C ASN A 300 -28.26 10.23 29.02
N CYS A 301 -28.53 9.41 28.01
CA CYS A 301 -29.73 8.58 28.03
C CYS A 301 -29.60 7.45 29.04
N LEU A 302 -30.74 6.86 29.38
CA LEU A 302 -30.83 5.89 30.47
C LEU A 302 -30.61 4.45 30.01
N ASP A 303 -31.12 4.07 28.84
CA ASP A 303 -30.96 2.72 28.33
C ASP A 303 -31.20 2.74 26.83
N ASP A 304 -31.35 1.56 26.23
CA ASP A 304 -31.52 1.46 24.78
C ASP A 304 -32.82 2.14 24.33
N ARG A 305 -33.90 1.92 25.07
CA ARG A 305 -35.19 2.47 24.68
C ARG A 305 -35.18 4.00 24.69
N CYS A 306 -34.59 4.61 25.71
CA CYS A 306 -34.44 6.05 25.74
C CYS A 306 -33.50 6.55 24.64
N ILE A 307 -32.47 5.78 24.31
CA ILE A 307 -31.60 6.16 23.21
C ILE A 307 -32.39 6.24 21.90
N LEU A 308 -33.21 5.23 21.63
CA LEU A 308 -34.05 5.26 20.43
C LEU A 308 -35.02 6.43 20.48
N HIS A 309 -35.65 6.65 21.64
CA HIS A 309 -36.66 7.70 21.76
C HIS A 309 -36.06 9.08 21.48
N CYS A 310 -34.89 9.36 22.03
CA CYS A 310 -34.26 10.66 21.80
C CYS A 310 -33.63 10.76 20.41
N ALA A 311 -33.12 9.64 19.87
CA ALA A 311 -32.54 9.66 18.54
C ALA A 311 -33.59 9.94 17.48
N ASN A 312 -34.83 9.54 17.71
CA ASN A 312 -35.90 9.88 16.76
C ASN A 312 -36.07 11.40 16.67
N PHE A 313 -36.16 12.07 17.81
CA PHE A 313 -36.32 13.51 17.81
C PHE A 313 -35.09 14.21 17.24
N ASN A 314 -33.90 13.67 17.51
CA ASN A 314 -32.70 14.24 16.91
C ASN A 314 -32.70 14.07 15.40
N VAL A 315 -33.21 12.93 14.91
CA VAL A 315 -33.37 12.72 13.47
C VAL A 315 -34.25 13.81 12.88
N LEU A 316 -35.37 14.10 13.55
CA LEU A 316 -36.24 15.15 13.05
C LEU A 316 -35.56 16.52 13.08
N PHE A 317 -34.87 16.84 14.18
CA PHE A 317 -34.36 18.19 14.40
C PHE A 317 -33.05 18.47 13.68
N SER A 318 -32.34 17.45 13.19
CA SER A 318 -31.05 17.69 12.55
C SER A 318 -31.16 18.08 11.09
N THR A 319 -32.38 18.15 10.53
CA THR A 319 -32.56 18.59 9.16
C THR A 319 -32.67 20.10 9.03
N VAL A 320 -32.50 20.84 10.13
CA VAL A 320 -32.57 22.29 10.10
C VAL A 320 -31.18 22.93 10.10
N PHE A 321 -30.16 22.22 10.56
CA PHE A 321 -28.82 22.74 10.79
C PHE A 321 -27.92 22.49 9.58
N PRO A 322 -26.89 23.32 9.37
CA PRO A 322 -26.06 23.19 8.16
C PRO A 322 -25.35 21.86 8.11
N PRO A 323 -25.20 21.28 6.91
CA PRO A 323 -24.52 19.98 6.80
C PRO A 323 -23.05 20.00 7.13
N THR A 324 -22.42 21.17 7.15
CA THR A 324 -20.98 21.24 7.40
C THR A 324 -20.62 21.10 8.87
N SER A 325 -21.59 21.17 9.77
CA SER A 325 -21.32 21.07 11.20
C SER A 325 -21.33 19.64 11.71
N PHE A 326 -21.74 18.67 10.89
CA PHE A 326 -21.77 17.26 11.28
C PHE A 326 -20.49 16.58 10.80
N GLY A 327 -19.87 15.81 11.69
CA GLY A 327 -18.63 15.16 11.39
C GLY A 327 -17.70 15.18 12.59
N PRO A 328 -16.49 14.66 12.43
CA PRO A 328 -15.53 14.65 13.54
C PRO A 328 -15.22 16.07 14.01
N LEU A 329 -15.10 16.23 15.32
CA LEU A 329 -14.68 17.49 15.93
C LEU A 329 -13.17 17.41 16.14
N VAL A 330 -12.42 18.13 15.30
CA VAL A 330 -10.97 18.03 15.32
C VAL A 330 -10.39 19.12 16.23
N ARG A 331 -9.20 18.85 16.74
CA ARG A 331 -8.57 19.70 17.73
C ARG A 331 -7.05 19.53 17.63
N LYS A 332 -6.34 20.65 17.80
CA LYS A 332 -4.89 20.66 17.70
C LYS A 332 -4.27 20.18 19.01
N ILE A 333 -3.31 19.27 18.91
CA ILE A 333 -2.57 18.78 20.08
C ILE A 333 -1.08 18.89 19.78
N PHE A 334 -0.28 18.98 20.85
CA PHE A 334 1.16 19.15 20.74
C PHE A 334 1.85 17.88 21.24
N VAL A 335 2.84 17.40 20.49
CA VAL A 335 3.68 16.30 20.91
C VAL A 335 5.10 16.63 20.50
N ASP A 336 6.04 16.51 21.46
CA ASP A 336 7.46 16.70 21.18
C ASP A 336 7.72 18.06 20.52
N GLY A 337 6.82 19.01 20.74
CA GLY A 337 6.91 20.31 20.13
C GLY A 337 6.27 20.43 18.76
N VAL A 338 5.76 19.34 18.20
CA VAL A 338 5.17 19.34 16.86
C VAL A 338 3.65 19.28 17.01
N PRO A 339 2.90 20.18 16.36
CA PRO A 339 1.44 20.19 16.51
C PRO A 339 0.78 19.29 15.48
N PHE A 340 -0.10 18.38 15.93
CA PHE A 340 -0.98 17.72 14.97
C PHE A 340 -2.33 18.41 14.93
N VAL A 341 -3.21 17.86 14.09
CA VAL A 341 -4.63 18.19 14.06
C VAL A 341 -5.39 16.85 14.07
N VAL A 342 -5.94 16.51 15.23
CA VAL A 342 -6.47 15.16 15.45
C VAL A 342 -7.92 15.25 15.92
N SER A 343 -8.66 14.19 15.64
CA SER A 343 -10.07 14.14 16.00
C SER A 343 -10.24 13.79 17.47
N THR A 344 -11.04 14.60 18.17
CA THR A 344 -11.31 14.40 19.59
C THR A 344 -12.81 14.50 19.88
N GLY A 345 -13.62 13.83 19.07
CA GLY A 345 -15.05 13.82 19.29
C GLY A 345 -15.80 13.57 18.00
N TYR A 346 -17.11 13.74 18.09
CA TYR A 346 -17.98 13.54 16.93
C TYR A 346 -19.30 14.28 17.16
N HIS A 347 -19.98 14.60 16.07
CA HIS A 347 -21.28 15.26 16.08
C HIS A 347 -22.21 14.49 15.17
N PHE A 348 -22.85 13.46 15.72
CA PHE A 348 -23.79 12.65 14.95
C PHE A 348 -25.11 13.38 14.77
N ARG A 349 -25.69 13.24 13.57
CA ARG A 349 -27.03 13.77 13.32
C ARG A 349 -28.05 13.14 14.26
N GLU A 350 -27.86 11.88 14.61
CA GLU A 350 -28.79 11.14 15.46
C GLU A 350 -28.41 11.16 16.93
N LEU A 351 -27.13 11.07 17.26
CA LEU A 351 -26.67 10.93 18.63
C LEU A 351 -26.13 12.22 19.23
N GLY A 352 -26.15 13.32 18.50
CA GLY A 352 -25.70 14.56 19.10
C GLY A 352 -24.19 14.62 19.24
N VAL A 353 -23.73 15.35 20.25
CA VAL A 353 -22.31 15.62 20.44
C VAL A 353 -21.73 14.61 21.40
N VAL A 354 -20.62 13.99 21.00
CA VAL A 354 -19.88 13.04 21.84
C VAL A 354 -18.43 13.50 21.92
N HIS A 355 -17.91 13.54 23.14
CA HIS A 355 -16.54 13.99 23.41
C HIS A 355 -15.71 12.82 23.90
N ASN A 356 -14.47 12.72 23.40
CA ASN A 356 -13.56 11.68 23.85
C ASN A 356 -13.12 11.96 25.28
N GLN A 357 -13.01 10.89 26.07
CA GLN A 357 -12.62 11.01 27.47
C GLN A 357 -11.11 10.94 27.69
N ASP A 358 -10.38 10.28 26.80
CA ASP A 358 -8.94 10.05 26.96
C ASP A 358 -8.12 10.86 25.98
N VAL A 359 -8.53 12.11 25.73
CA VAL A 359 -7.74 12.99 24.86
C VAL A 359 -6.44 13.32 25.58
N ASN A 360 -5.32 13.14 24.88
CA ASN A 360 -3.99 13.33 25.44
C ASN A 360 -3.36 14.57 24.81
N LEU A 361 -3.28 15.64 25.59
CA LEU A 361 -2.69 16.89 25.15
C LEU A 361 -1.31 17.04 25.76
N HIS A 362 -0.36 17.53 24.95
CA HIS A 362 1.04 17.66 25.34
C HIS A 362 1.63 16.29 25.71
N SER A 363 1.60 15.39 24.74
CA SER A 363 2.15 14.05 24.92
C SER A 363 3.64 14.07 24.60
N SER A 364 4.29 12.92 24.71
CA SER A 364 5.73 12.85 24.47
C SER A 364 6.12 11.87 23.38
N ARG A 365 5.51 10.69 23.36
CA ARG A 365 5.78 9.70 22.32
C ARG A 365 4.49 9.01 21.94
N LEU A 366 4.47 8.49 20.71
CA LEU A 366 3.35 7.74 20.17
C LEU A 366 3.78 6.28 20.04
N SER A 367 3.16 5.42 20.84
CA SER A 367 3.42 3.99 20.74
C SER A 367 2.79 3.43 19.46
N PHE A 368 2.91 2.12 19.27
CA PHE A 368 2.32 1.51 18.09
C PHE A 368 0.81 1.65 18.10
N LYS A 369 0.19 1.58 19.28
CA LYS A 369 -1.25 1.79 19.38
C LYS A 369 -1.63 3.22 18.98
N GLU A 370 -0.88 4.22 19.48
CA GLU A 370 -1.21 5.60 19.15
C GLU A 370 -0.92 5.90 17.69
N LEU A 371 0.16 5.34 17.15
CA LEU A 371 0.44 5.51 15.72
C LEU A 371 -0.64 4.86 14.87
N LEU A 372 -1.14 3.70 15.31
CA LEU A 372 -2.24 3.07 14.60
C LEU A 372 -3.51 3.92 14.65
N VAL A 373 -3.78 4.54 15.80
CA VAL A 373 -4.99 5.35 15.95
C VAL A 373 -4.90 6.61 15.10
N TYR A 374 -3.76 7.31 15.15
CA TYR A 374 -3.67 8.60 14.47
C TYR A 374 -3.56 8.44 12.96
N ALA A 375 -3.10 7.29 12.48
CA ALA A 375 -3.00 7.06 11.04
C ALA A 375 -4.32 6.65 10.42
N ALA A 376 -5.34 6.36 11.22
CA ALA A 376 -6.61 5.86 10.71
C ALA A 376 -7.68 6.93 10.58
N ASP A 377 -7.70 7.92 11.48
CA ASP A 377 -8.75 8.92 11.43
C ASP A 377 -8.57 9.84 10.22
N PRO A 378 -9.66 10.40 9.69
CA PRO A 378 -9.55 11.26 8.50
C PRO A 378 -9.05 12.67 8.78
N ALA A 379 -8.68 12.98 10.03
CA ALA A 379 -8.33 14.35 10.39
C ALA A 379 -7.17 14.87 9.54
N MET A 380 -6.00 14.26 9.67
CA MET A 380 -4.83 14.73 8.93
C MET A 380 -5.00 14.55 7.43
N HIS A 381 -5.59 13.44 7.00
CA HIS A 381 -5.73 13.19 5.56
C HIS A 381 -6.58 14.26 4.91
N ALA A 382 -7.67 14.68 5.57
CA ALA A 382 -8.52 15.72 5.02
C ALA A 382 -7.89 17.10 5.17
N ALA A 383 -7.24 17.37 6.31
CA ALA A 383 -6.69 18.69 6.55
C ALA A 383 -5.47 19.00 5.70
N SER A 384 -4.72 17.99 5.27
CA SER A 384 -3.56 18.20 4.41
C SER A 384 -3.89 18.20 2.92
N GLY A 385 -5.02 17.63 2.53
CA GLY A 385 -5.42 17.64 1.13
C GLY A 385 -6.03 18.97 0.72
N ASN A 386 -6.28 19.08 -0.58
CA ASN A 386 -6.84 20.30 -1.15
C ASN A 386 -8.35 20.19 -1.28
N LEU A 387 -8.99 21.35 -1.47
CA LEU A 387 -10.44 21.40 -1.56
C LEU A 387 -10.94 20.71 -2.82
N LEU A 388 -12.12 20.12 -2.73
CA LEU A 388 -12.76 19.44 -3.85
C LEU A 388 -14.19 19.93 -4.00
N LEU A 389 -14.60 20.14 -5.25
CA LEU A 389 -15.98 20.46 -5.60
C LEU A 389 -16.33 19.58 -6.80
N ASP A 390 -17.05 18.50 -6.55
CA ASP A 390 -17.37 17.52 -7.59
C ASP A 390 -18.81 17.74 -8.05
N LYS A 391 -18.97 18.10 -9.31
CA LYS A 391 -20.29 18.37 -9.87
C LYS A 391 -20.98 17.11 -10.39
N ARG A 392 -20.32 15.96 -10.33
CA ARG A 392 -20.91 14.72 -10.81
C ARG A 392 -21.89 14.10 -9.82
N THR A 393 -21.80 14.44 -8.53
CA THR A 393 -22.65 13.85 -7.51
C THR A 393 -23.23 14.94 -6.64
N THR A 394 -24.38 14.64 -6.03
CA THR A 394 -24.98 15.52 -5.04
C THR A 394 -24.46 15.26 -3.63
N CYS A 395 -23.73 14.17 -3.42
CA CYS A 395 -23.21 13.86 -2.10
C CYS A 395 -22.14 14.86 -1.68
N PHE A 396 -22.03 15.10 -0.38
CA PHE A 396 -21.06 16.06 0.13
C PHE A 396 -19.63 15.56 -0.11
N SER A 397 -18.81 16.44 -0.68
CA SER A 397 -17.40 16.13 -0.95
C SER A 397 -16.54 17.04 -0.09
N VAL A 398 -15.55 16.45 0.58
CA VAL A 398 -14.78 17.17 1.59
C VAL A 398 -13.41 17.58 1.05
N ALA A 399 -12.69 16.63 0.45
CA ALA A 399 -11.31 16.88 0.06
C ALA A 399 -10.89 15.87 -1.01
N ALA A 400 -9.82 16.21 -1.71
CA ALA A 400 -9.18 15.33 -2.68
C ALA A 400 -7.74 15.13 -2.23
N LEU A 401 -7.36 13.89 -1.98
CA LEU A 401 -6.05 13.60 -1.41
C LEU A 401 -4.94 13.82 -2.43
N THR A 402 -5.18 13.48 -3.69
CA THR A 402 -4.17 13.57 -4.74
C THR A 402 -4.44 14.78 -5.62
N ASN A 403 -3.52 15.04 -6.55
CA ASN A 403 -3.67 16.13 -7.50
C ASN A 403 -4.45 15.73 -8.75
N ASN A 404 -4.74 14.45 -8.93
CA ASN A 404 -5.50 13.97 -10.08
C ASN A 404 -6.52 12.94 -9.63
N VAL A 405 -7.69 12.98 -10.25
CA VAL A 405 -8.71 11.97 -9.99
C VAL A 405 -8.43 10.75 -10.86
N ALA A 406 -8.89 9.59 -10.40
CA ALA A 406 -8.62 8.32 -11.07
C ALA A 406 -9.91 7.72 -11.58
N PHE A 407 -9.89 7.26 -12.84
CA PHE A 407 -11.01 6.58 -13.46
C PHE A 407 -10.69 5.10 -13.57
N GLN A 408 -11.59 4.26 -13.09
CA GLN A 408 -11.36 2.83 -12.97
C GLN A 408 -12.29 2.09 -13.95
N THR A 409 -11.71 1.20 -14.75
CA THR A 409 -12.44 0.45 -15.75
C THR A 409 -12.56 -1.03 -15.33
N VAL A 410 -13.42 -1.76 -16.04
CA VAL A 410 -13.67 -3.17 -15.78
C VAL A 410 -13.47 -3.95 -17.06
N LYS A 411 -12.76 -5.07 -16.96
CA LYS A 411 -12.32 -5.83 -18.12
C LYS A 411 -13.46 -6.69 -18.68
N PRO A 412 -13.42 -6.99 -19.99
CA PRO A 412 -14.54 -7.72 -20.61
C PRO A 412 -14.69 -9.16 -20.16
N GLY A 413 -13.61 -9.83 -19.80
CA GLY A 413 -13.68 -11.23 -19.42
C GLY A 413 -13.32 -12.16 -20.56
N ASN A 414 -12.69 -13.27 -20.19
CA ASN A 414 -12.14 -14.23 -21.14
C ASN A 414 -13.19 -15.21 -21.62
N PHE A 415 -12.89 -15.89 -22.72
CA PHE A 415 -13.80 -16.84 -23.35
C PHE A 415 -13.13 -18.20 -23.42
N ASN A 416 -13.83 -19.23 -22.93
CA ASN A 416 -13.35 -20.61 -22.98
C ASN A 416 -13.98 -21.27 -24.19
N LYS A 417 -13.27 -21.25 -25.32
CA LYS A 417 -13.86 -21.67 -26.59
C LYS A 417 -14.06 -23.17 -26.66
N ASP A 418 -13.15 -23.95 -26.06
CA ASP A 418 -13.21 -25.40 -26.21
C ASP A 418 -14.49 -25.97 -25.59
N PHE A 419 -14.86 -25.48 -24.40
CA PHE A 419 -16.09 -25.93 -23.77
C PHE A 419 -17.31 -25.58 -24.60
N TYR A 420 -17.33 -24.37 -25.15
CA TYR A 420 -18.47 -23.96 -25.98
C TYR A 420 -18.58 -24.83 -27.23
N ASP A 421 -17.45 -25.14 -27.85
CA ASP A 421 -17.46 -26.00 -29.03
C ASP A 421 -17.94 -27.41 -28.69
N PHE A 422 -17.49 -27.93 -27.55
CA PHE A 422 -17.97 -29.24 -27.09
C PHE A 422 -19.48 -29.23 -26.86
N ALA A 423 -19.97 -28.18 -26.20
CA ALA A 423 -21.40 -28.09 -25.92
C ALA A 423 -22.20 -27.99 -27.21
N VAL A 424 -21.72 -27.19 -28.16
CA VAL A 424 -22.42 -27.05 -29.44
C VAL A 424 -22.42 -28.37 -30.20
N SER A 425 -21.33 -29.12 -30.13
CA SER A 425 -21.30 -30.45 -30.75
C SER A 425 -22.29 -31.41 -30.12
N LYS A 426 -22.74 -31.15 -28.89
CA LYS A 426 -23.69 -32.00 -28.20
C LYS A 426 -25.13 -31.53 -28.36
N GLY A 427 -25.41 -30.71 -29.37
CA GLY A 427 -26.75 -30.21 -29.59
C GLY A 427 -27.26 -29.26 -28.53
N PHE A 428 -26.41 -28.34 -28.10
CA PHE A 428 -26.80 -27.28 -27.18
C PHE A 428 -26.86 -25.95 -27.92
N PHE A 429 -27.49 -24.97 -27.27
CA PHE A 429 -27.55 -23.59 -27.73
C PHE A 429 -28.17 -23.46 -29.13
N LYS A 430 -29.17 -24.27 -29.44
CA LYS A 430 -29.89 -24.11 -30.69
C LYS A 430 -30.96 -23.03 -30.56
N GLU A 431 -31.61 -22.72 -31.67
CA GLU A 431 -32.75 -21.81 -31.65
C GLU A 431 -33.96 -22.52 -31.06
N GLY A 432 -34.76 -21.77 -30.30
CA GLY A 432 -35.91 -22.35 -29.64
C GLY A 432 -35.56 -23.35 -28.56
N SER A 433 -34.56 -23.05 -27.75
CA SER A 433 -34.13 -23.91 -26.65
C SER A 433 -34.53 -23.29 -25.33
N SER A 434 -34.94 -24.14 -24.38
CA SER A 434 -35.34 -23.64 -23.08
C SER A 434 -34.14 -23.15 -22.27
N VAL A 435 -32.93 -23.51 -22.68
CA VAL A 435 -31.71 -23.06 -22.03
C VAL A 435 -30.95 -22.17 -23.01
N GLU A 436 -30.40 -21.07 -22.51
CA GLU A 436 -29.64 -20.14 -23.33
C GLU A 436 -28.75 -19.31 -22.42
N LEU A 437 -27.74 -18.69 -23.02
CA LEU A 437 -26.78 -17.89 -22.24
C LEU A 437 -27.41 -16.56 -21.84
N LYS A 438 -27.48 -16.32 -20.53
CA LYS A 438 -27.96 -15.06 -19.99
C LYS A 438 -26.99 -14.40 -19.03
N HIS A 439 -25.94 -15.08 -18.61
CA HIS A 439 -24.98 -14.56 -17.63
C HIS A 439 -23.65 -14.35 -18.33
N PHE A 440 -23.12 -13.13 -18.23
CA PHE A 440 -21.88 -12.77 -18.90
C PHE A 440 -21.03 -11.91 -17.98
N PHE A 441 -19.85 -11.54 -18.47
CA PHE A 441 -19.00 -10.54 -17.81
C PHE A 441 -19.22 -9.22 -18.53
N PHE A 442 -19.79 -8.25 -17.82
CA PHE A 442 -20.08 -6.95 -18.41
C PHE A 442 -18.97 -5.96 -18.11
N ALA A 443 -18.57 -5.20 -19.13
CA ALA A 443 -17.50 -4.23 -19.01
C ALA A 443 -18.08 -2.86 -18.64
N GLN A 444 -17.21 -2.00 -18.09
CA GLN A 444 -17.61 -0.67 -17.66
C GLN A 444 -16.61 0.36 -18.16
N ASP A 445 -17.08 1.58 -18.32
CA ASP A 445 -16.24 2.69 -18.76
C ASP A 445 -15.58 3.34 -17.54
N GLY A 446 -15.00 4.52 -17.74
CA GLY A 446 -14.25 5.16 -16.67
C GLY A 446 -15.07 5.54 -15.45
N ASN A 447 -16.26 6.11 -15.67
CA ASN A 447 -17.09 6.59 -14.56
C ASN A 447 -18.06 5.48 -14.16
N ALA A 448 -17.62 4.66 -13.21
CA ALA A 448 -18.42 3.54 -12.72
C ALA A 448 -18.74 3.68 -11.23
N ALA A 449 -17.73 3.87 -10.38
CA ALA A 449 -17.97 3.98 -8.95
C ALA A 449 -18.66 5.29 -8.58
N ILE A 450 -18.21 6.39 -9.20
CA ILE A 450 -18.85 7.68 -8.97
C ILE A 450 -20.27 7.69 -9.50
N SER A 451 -20.63 6.72 -10.35
CA SER A 451 -22.02 6.52 -10.74
C SER A 451 -22.76 5.68 -9.72
N ASP A 452 -22.05 4.85 -8.95
CA ASP A 452 -22.68 4.10 -7.88
C ASP A 452 -22.91 4.95 -6.63
N TYR A 453 -22.16 6.03 -6.45
CA TYR A 453 -22.42 6.90 -5.30
C TYR A 453 -23.75 7.64 -5.46
N ASP A 454 -24.14 7.93 -6.70
CA ASP A 454 -25.43 8.54 -6.94
C ASP A 454 -26.56 7.55 -6.70
N TYR A 455 -26.23 6.36 -6.20
CA TYR A 455 -27.23 5.43 -5.69
C TYR A 455 -27.31 5.46 -4.17
N TYR A 456 -26.19 5.73 -3.49
CA TYR A 456 -26.26 6.16 -2.09
C TYR A 456 -27.00 7.48 -1.95
N ARG A 457 -27.11 8.22 -3.05
CA ARG A 457 -27.96 9.41 -3.05
C ARG A 457 -29.40 9.11 -2.62
N TYR A 458 -29.84 7.85 -2.73
CA TYR A 458 -31.23 7.47 -2.47
C TYR A 458 -31.62 7.51 -1.00
N ASN A 459 -30.68 7.64 -0.08
CA ASN A 459 -30.99 7.57 1.34
C ASN A 459 -31.56 8.91 1.81
N LEU A 460 -32.63 8.85 2.59
CA LEU A 460 -33.33 10.03 3.06
C LEU A 460 -33.50 9.99 4.57
N PRO A 461 -33.56 11.15 5.23
CA PRO A 461 -33.84 11.17 6.68
C PRO A 461 -35.30 10.79 6.93
N THR A 462 -35.49 9.79 7.79
CA THR A 462 -36.82 9.26 8.07
C THR A 462 -37.06 9.26 9.58
N MET A 463 -38.21 9.78 9.99
CA MET A 463 -38.67 9.70 11.36
C MET A 463 -39.62 8.53 11.50
N CYS A 464 -39.37 7.68 12.49
CA CYS A 464 -40.15 6.48 12.72
C CYS A 464 -41.18 6.71 13.83
N ASP A 465 -42.29 5.99 13.72
CA ASP A 465 -43.31 5.98 14.76
C ASP A 465 -42.70 5.33 15.99
N ILE A 466 -42.45 6.13 17.04
CA ILE A 466 -41.58 5.68 18.12
C ILE A 466 -42.23 4.61 18.97
N ARG A 467 -43.52 4.74 19.26
CA ARG A 467 -44.19 3.77 20.14
C ARG A 467 -44.28 2.41 19.47
N GLN A 468 -44.75 2.39 18.22
CA GLN A 468 -44.80 1.14 17.47
C GLN A 468 -43.40 0.55 17.30
N LEU A 469 -42.40 1.41 17.07
CA LEU A 469 -41.03 0.93 16.92
C LEU A 469 -40.53 0.28 18.19
N LEU A 470 -40.86 0.85 19.35
CA LEU A 470 -40.44 0.25 20.62
C LEU A 470 -41.11 -1.10 20.85
N PHE A 471 -42.41 -1.19 20.58
CA PHE A 471 -43.07 -2.48 20.72
C PHE A 471 -42.49 -3.51 19.75
N VAL A 472 -42.22 -3.08 18.52
CA VAL A 472 -41.67 -3.98 17.51
C VAL A 472 -40.28 -4.45 17.92
N VAL A 473 -39.46 -3.57 18.49
CA VAL A 473 -38.12 -3.98 18.91
C VAL A 473 -38.21 -4.97 20.07
N GLU A 474 -39.17 -4.77 20.98
CA GLU A 474 -39.33 -5.71 22.07
C GLU A 474 -39.77 -7.08 21.55
N VAL A 475 -40.63 -7.11 20.53
CA VAL A 475 -41.05 -8.38 19.95
C VAL A 475 -39.89 -9.03 19.19
N VAL A 476 -39.14 -8.24 18.42
CA VAL A 476 -38.06 -8.76 17.60
C VAL A 476 -36.93 -9.33 18.46
N ASP A 477 -36.72 -8.75 19.65
CA ASP A 477 -35.66 -9.26 20.51
C ASP A 477 -35.88 -10.72 20.91
N LYS A 478 -37.10 -11.23 20.80
CA LYS A 478 -37.38 -12.60 21.22
C LYS A 478 -36.97 -13.63 20.20
N TYR A 479 -36.66 -13.23 18.97
CA TYR A 479 -36.12 -14.16 17.99
C TYR A 479 -34.63 -14.44 18.19
N PHE A 480 -33.99 -13.73 19.11
CA PHE A 480 -32.57 -13.89 19.39
C PHE A 480 -32.34 -14.22 20.85
N ASP A 481 -33.19 -15.09 21.41
CA ASP A 481 -33.07 -15.48 22.80
C ASP A 481 -32.31 -16.79 23.00
N CYS A 482 -32.36 -17.69 22.03
CA CYS A 482 -31.67 -18.97 22.15
C CYS A 482 -30.15 -18.84 22.00
N TYR A 483 -29.66 -17.67 21.60
CA TYR A 483 -28.23 -17.47 21.37
C TYR A 483 -27.57 -16.92 22.62
N ASP A 484 -26.25 -16.87 22.60
CA ASP A 484 -25.44 -16.30 23.66
C ASP A 484 -24.34 -15.44 23.06
N GLY A 485 -23.85 -14.47 23.82
CA GLY A 485 -22.85 -13.55 23.32
C GLY A 485 -22.17 -12.81 24.45
N GLY A 486 -21.18 -12.02 24.07
CA GLY A 486 -20.40 -11.26 25.03
C GLY A 486 -19.04 -10.95 24.45
N CYS A 487 -18.21 -10.31 25.29
CA CYS A 487 -16.85 -9.96 24.89
C CYS A 487 -15.90 -11.12 25.14
N ILE A 488 -14.85 -11.18 24.33
CA ILE A 488 -13.81 -12.19 24.45
C ILE A 488 -12.46 -11.50 24.44
N ASN A 489 -11.46 -12.22 24.93
CA ASN A 489 -10.10 -11.70 24.93
C ASN A 489 -9.46 -11.91 23.57
N ALA A 490 -8.27 -11.34 23.40
CA ALA A 490 -7.58 -11.42 22.12
C ALA A 490 -7.13 -12.83 21.78
N ASN A 491 -7.12 -13.73 22.78
CA ASN A 491 -6.72 -15.10 22.53
C ASN A 491 -7.76 -15.87 21.73
N GLN A 492 -9.05 -15.58 21.95
CA GLN A 492 -10.14 -16.38 21.43
C GLN A 492 -10.58 -15.98 20.03
N VAL A 493 -10.03 -14.90 19.47
CA VAL A 493 -10.46 -14.43 18.16
C VAL A 493 -10.00 -15.41 17.09
N ILE A 494 -10.89 -15.69 16.13
CA ILE A 494 -10.60 -16.60 15.03
C ILE A 494 -10.79 -15.82 13.74
N VAL A 495 -9.73 -15.71 12.95
CA VAL A 495 -9.74 -14.98 11.69
C VAL A 495 -9.70 -15.97 10.54
N ASN A 496 -10.63 -15.79 9.59
CA ASN A 496 -10.73 -16.75 8.48
C ASN A 496 -9.57 -16.62 7.52
N ASN A 497 -9.39 -15.43 6.94
CA ASN A 497 -8.37 -15.20 5.93
C ASN A 497 -7.50 -14.03 6.36
N LEU A 498 -6.18 -14.26 6.41
CA LEU A 498 -5.22 -13.24 6.80
C LEU A 498 -4.50 -12.61 5.62
N ASP A 499 -4.91 -12.89 4.39
CA ASP A 499 -4.30 -12.31 3.20
C ASP A 499 -5.23 -11.28 2.52
N LYS A 500 -6.06 -10.61 3.30
CA LYS A 500 -6.97 -9.59 2.78
C LYS A 500 -6.49 -8.20 3.19
N SER A 501 -6.97 -7.21 2.45
CA SER A 501 -6.52 -5.84 2.64
C SER A 501 -6.96 -5.30 4.00
N ALA A 502 -6.14 -4.43 4.55
CA ALA A 502 -6.42 -3.77 5.82
C ALA A 502 -7.06 -2.39 5.63
N GLY A 503 -7.35 -1.88 4.46
CA GLY A 503 -8.03 -0.57 4.40
C GLY A 503 -7.38 0.64 3.76
N PHE A 504 -7.80 1.87 4.06
CA PHE A 504 -7.19 2.99 3.33
C PHE A 504 -5.78 3.23 3.69
N PRO A 505 -5.54 3.73 4.89
CA PRO A 505 -4.11 3.80 5.08
C PRO A 505 -3.88 2.37 5.44
N PHE A 506 -2.69 1.83 5.37
CA PHE A 506 -2.38 0.45 5.79
C PHE A 506 -2.37 -0.51 4.65
N ASN A 507 -2.87 -0.13 3.50
CA ASN A 507 -2.78 -1.02 2.39
C ASN A 507 -1.54 -0.68 1.64
N LYS A 508 -0.93 0.42 2.02
CA LYS A 508 0.29 0.81 1.40
C LYS A 508 1.43 0.09 2.05
N TRP A 509 1.18 -0.79 3.02
CA TRP A 509 2.31 -1.42 3.68
C TRP A 509 2.21 -2.92 3.84
N GLY A 510 1.02 -3.51 3.71
CA GLY A 510 0.90 -4.94 3.83
C GLY A 510 -0.55 -5.35 3.92
N LYS A 511 -0.75 -6.63 4.18
CA LYS A 511 -2.08 -7.20 4.35
C LYS A 511 -2.44 -7.23 5.83
N ALA A 512 -3.59 -7.82 6.16
CA ALA A 512 -4.03 -7.87 7.54
C ALA A 512 -3.13 -8.74 8.41
N ARG A 513 -2.36 -9.63 7.79
CA ARG A 513 -1.45 -10.49 8.54
C ARG A 513 -0.41 -9.67 9.28
N LEU A 514 0.15 -8.66 8.61
CA LEU A 514 1.22 -7.87 9.21
C LEU A 514 0.75 -7.17 10.48
N TYR A 515 -0.48 -6.71 10.51
CA TYR A 515 -0.92 -5.92 11.67
C TYR A 515 -1.46 -6.77 12.76
N TYR A 516 -1.40 -8.08 12.60
CA TYR A 516 -1.99 -8.95 13.59
C TYR A 516 -0.85 -9.67 14.21
N ASP A 517 0.31 -9.61 13.60
CA ASP A 517 1.48 -10.21 14.17
C ASP A 517 2.16 -9.15 14.96
N SER A 518 2.44 -8.03 14.33
CA SER A 518 3.07 -6.91 14.97
C SER A 518 2.55 -6.62 16.34
N MET A 519 1.26 -6.48 16.48
CA MET A 519 0.70 -6.13 17.76
C MET A 519 0.54 -7.37 18.55
N SER A 520 0.97 -7.37 19.80
CA SER A 520 0.70 -8.56 20.58
C SER A 520 -0.73 -8.53 21.12
N TYR A 521 -1.06 -9.55 21.92
CA TYR A 521 -2.38 -9.63 22.53
C TYR A 521 -2.65 -8.46 23.46
N GLU A 522 -1.63 -8.01 24.19
CA GLU A 522 -1.80 -6.89 25.11
C GLU A 522 -2.13 -5.61 24.37
N ASP A 523 -1.48 -5.37 23.23
CA ASP A 523 -1.79 -4.18 22.44
C ASP A 523 -3.22 -4.22 21.90
N GLN A 524 -3.65 -5.39 21.43
CA GLN A 524 -5.02 -5.52 20.93
C GLN A 524 -6.03 -5.29 22.04
N ASP A 525 -5.78 -5.84 23.23
CA ASP A 525 -6.67 -5.61 24.37
C ASP A 525 -6.69 -4.14 24.76
N ALA A 526 -5.53 -3.47 24.72
CA ALA A 526 -5.49 -2.06 25.03
C ALA A 526 -6.29 -1.24 24.02
N LEU A 527 -6.18 -1.56 22.74
CA LEU A 527 -6.96 -0.87 21.73
C LEU A 527 -8.46 -1.09 21.94
N PHE A 528 -8.84 -2.32 22.23
CA PHE A 528 -10.25 -2.62 22.47
C PHE A 528 -10.79 -1.87 23.69
N ALA A 529 -10.00 -1.82 24.76
CA ALA A 529 -10.43 -1.08 25.95
C ALA A 529 -10.47 0.41 25.69
N TYR A 530 -9.59 0.92 24.83
CA TYR A 530 -9.65 2.32 24.43
C TYR A 530 -10.93 2.62 23.69
N THR A 531 -11.36 1.71 22.81
CA THR A 531 -12.57 1.94 22.03
C THR A 531 -13.83 1.99 22.87
N LYS A 532 -13.79 1.54 24.12
CA LYS A 532 -14.96 1.58 24.99
C LYS A 532 -15.20 2.93 25.63
N ARG A 533 -14.26 3.88 25.50
CA ARG A 533 -14.49 5.22 26.03
C ARG A 533 -13.98 6.31 25.10
N ASN A 534 -13.85 6.04 23.80
CA ASN A 534 -13.44 7.02 22.82
C ASN A 534 -14.05 6.68 21.47
N VAL A 535 -14.02 7.65 20.57
CA VAL A 535 -14.57 7.50 19.23
C VAL A 535 -13.41 7.54 18.23
N ILE A 536 -13.39 6.57 17.32
CA ILE A 536 -12.33 6.44 16.33
C ILE A 536 -12.97 6.44 14.94
N PRO A 537 -13.12 7.60 14.32
CA PRO A 537 -13.55 7.64 12.92
C PRO A 537 -12.51 6.99 12.02
N THR A 538 -12.98 6.31 10.98
CA THR A 538 -12.09 5.63 10.05
C THR A 538 -12.54 5.89 8.62
N ILE A 539 -11.76 5.39 7.68
CA ILE A 539 -12.01 5.52 6.25
C ILE A 539 -12.16 4.13 5.65
N THR A 540 -13.23 3.92 4.88
CA THR A 540 -13.47 2.66 4.20
C THR A 540 -13.34 2.88 2.70
N GLN A 541 -12.43 2.13 2.07
CA GLN A 541 -12.23 2.28 0.63
C GLN A 541 -13.39 1.68 -0.14
N MET A 542 -13.53 2.11 -1.40
CA MET A 542 -14.64 1.69 -2.26
C MET A 542 -14.07 0.93 -3.45
N ASN A 543 -14.01 -0.39 -3.33
CA ASN A 543 -13.49 -1.23 -4.41
C ASN A 543 -14.62 -1.59 -5.38
N LEU A 544 -14.25 -1.97 -6.59
CA LEU A 544 -15.21 -2.30 -7.64
C LEU A 544 -15.05 -3.76 -8.00
N LYS A 545 -16.16 -4.51 -7.97
CA LYS A 545 -16.12 -5.95 -8.14
C LYS A 545 -16.03 -6.33 -9.63
N TYR A 546 -15.64 -7.57 -9.88
CA TYR A 546 -15.43 -8.11 -11.22
C TYR A 546 -15.90 -9.57 -11.20
N ALA A 547 -17.15 -9.79 -11.60
CA ALA A 547 -17.75 -11.11 -11.49
C ALA A 547 -18.83 -11.26 -12.56
N ILE A 548 -19.42 -12.45 -12.61
CA ILE A 548 -20.43 -12.79 -13.60
C ILE A 548 -21.81 -12.42 -13.05
N SER A 549 -22.68 -11.91 -13.93
CA SER A 549 -24.00 -11.47 -13.54
C SER A 549 -24.91 -11.44 -14.76
N ALA A 550 -26.20 -11.24 -14.52
CA ALA A 550 -27.20 -11.21 -15.58
C ALA A 550 -27.68 -9.80 -15.90
N LYS A 551 -27.26 -8.79 -15.15
CA LYS A 551 -27.67 -7.41 -15.40
C LYS A 551 -26.44 -6.52 -15.32
N ASN A 552 -26.41 -5.51 -16.18
CA ASN A 552 -25.22 -4.66 -16.35
C ASN A 552 -25.26 -3.52 -15.33
N ARG A 553 -24.97 -3.86 -14.08
CA ARG A 553 -24.70 -2.87 -13.05
C ARG A 553 -23.32 -3.14 -12.47
N ALA A 554 -22.55 -2.08 -12.26
CA ALA A 554 -21.17 -2.19 -11.79
C ALA A 554 -21.18 -2.25 -10.27
N ARG A 555 -21.37 -3.44 -9.74
CA ARG A 555 -21.47 -3.62 -8.30
C ARG A 555 -20.15 -3.31 -7.61
N THR A 556 -20.23 -2.65 -6.46
CA THR A 556 -19.05 -2.22 -5.71
C THR A 556 -19.14 -2.71 -4.26
N VAL A 557 -17.98 -2.82 -3.62
CA VAL A 557 -17.85 -3.34 -2.28
C VAL A 557 -16.99 -2.39 -1.45
N ALA A 558 -16.98 -2.61 -0.13
CA ALA A 558 -16.35 -1.69 0.82
C ALA A 558 -15.18 -2.38 1.51
N GLY A 559 -13.99 -1.85 1.32
CA GLY A 559 -12.78 -2.22 2.03
C GLY A 559 -12.61 -1.48 3.35
N VAL A 560 -13.29 -1.95 4.40
CA VAL A 560 -13.21 -1.29 5.69
C VAL A 560 -11.82 -1.48 6.31
N SER A 561 -11.43 -0.55 7.18
CA SER A 561 -10.10 -0.51 7.75
C SER A 561 -9.90 -1.65 8.75
N ILE A 562 -8.72 -1.66 9.39
CA ILE A 562 -8.34 -2.79 10.24
C ILE A 562 -8.70 -2.58 11.70
N CYS A 563 -8.59 -1.36 12.23
CA CYS A 563 -8.90 -1.13 13.63
C CYS A 563 -10.36 -1.48 13.94
N SER A 564 -11.27 -1.00 13.09
CA SER A 564 -12.67 -1.34 13.25
C SER A 564 -12.88 -2.84 13.14
N THR A 565 -12.14 -3.50 12.26
CA THR A 565 -12.26 -4.95 12.12
C THR A 565 -11.91 -5.65 13.42
N MET A 566 -10.77 -5.29 14.04
CA MET A 566 -10.36 -5.91 15.29
C MET A 566 -11.38 -5.66 16.40
N THR A 567 -11.75 -4.39 16.61
CA THR A 567 -12.63 -4.08 17.73
C THR A 567 -14.05 -4.62 17.53
N ASN A 568 -14.53 -4.72 16.28
CA ASN A 568 -15.83 -5.32 16.03
C ASN A 568 -15.78 -6.83 16.14
N ARG A 569 -14.64 -7.45 15.80
CA ARG A 569 -14.50 -8.88 16.02
C ARG A 569 -14.58 -9.21 17.50
N GLN A 570 -13.90 -8.44 18.35
CA GLN A 570 -13.86 -8.79 19.77
C GLN A 570 -15.22 -8.66 20.46
N PHE A 571 -16.25 -8.31 19.70
CA PHE A 571 -17.65 -8.33 20.14
C PHE A 571 -18.43 -9.42 19.41
N HIS A 572 -18.47 -9.29 18.09
CA HIS A 572 -19.41 -10.07 17.33
C HIS A 572 -18.86 -11.42 16.90
N GLN A 573 -17.57 -11.69 17.11
CA GLN A 573 -17.11 -13.06 16.94
C GLN A 573 -17.89 -14.00 17.85
N LYS A 574 -17.91 -13.70 19.14
CA LYS A 574 -18.69 -14.52 20.06
C LYS A 574 -20.17 -14.29 19.89
N LEU A 575 -20.61 -13.07 19.52
CA LEU A 575 -22.05 -12.91 19.30
C LEU A 575 -22.57 -13.80 18.18
N LEU A 576 -21.84 -13.88 17.05
CA LEU A 576 -22.37 -14.47 15.83
C LEU A 576 -21.94 -15.92 15.59
N LYS A 577 -20.84 -16.40 16.20
CA LYS A 577 -20.52 -17.81 16.03
C LYS A 577 -21.62 -18.70 16.59
N SER A 578 -22.37 -18.21 17.58
CA SER A 578 -23.51 -18.96 18.09
C SER A 578 -24.67 -18.94 17.09
N ILE A 579 -24.86 -17.81 16.41
CA ILE A 579 -25.92 -17.74 15.39
C ILE A 579 -25.61 -18.68 14.24
N ALA A 580 -24.35 -18.74 13.83
CA ALA A 580 -23.99 -19.57 12.68
C ALA A 580 -23.94 -21.06 13.01
N ALA A 581 -24.05 -21.43 14.29
CA ALA A 581 -23.92 -22.82 14.70
C ALA A 581 -25.21 -23.39 15.29
N THR A 582 -26.34 -22.72 15.10
CA THR A 582 -27.62 -23.17 15.64
C THR A 582 -28.50 -23.69 14.51
N ARG A 583 -29.14 -24.83 14.73
CA ARG A 583 -30.02 -25.45 13.75
C ARG A 583 -31.47 -25.40 14.23
N GLY A 584 -32.37 -25.12 13.31
CA GLY A 584 -33.79 -25.10 13.62
C GLY A 584 -34.36 -23.75 14.01
N ALA A 585 -33.55 -22.70 14.02
CA ALA A 585 -34.01 -21.37 14.38
C ALA A 585 -34.63 -20.67 13.17
N THR A 586 -35.15 -19.46 13.41
CA THR A 586 -35.73 -18.68 12.32
C THR A 586 -34.65 -18.22 11.34
N VAL A 587 -33.54 -17.72 11.85
CA VAL A 587 -32.43 -17.30 11.01
C VAL A 587 -31.61 -18.53 10.63
N VAL A 588 -31.45 -18.76 9.34
CA VAL A 588 -30.83 -20.00 8.86
C VAL A 588 -29.44 -19.73 8.32
N ILE A 589 -28.78 -18.70 8.83
CA ILE A 589 -27.40 -18.43 8.45
C ILE A 589 -26.50 -19.54 9.00
N GLY A 590 -25.63 -20.07 8.15
CA GLY A 590 -24.71 -21.09 8.54
C GLY A 590 -25.18 -22.52 8.35
N THR A 591 -26.38 -22.71 7.82
CA THR A 591 -26.92 -24.04 7.58
C THR A 591 -26.72 -24.42 6.12
N SER A 592 -26.02 -25.52 5.89
CA SER A 592 -25.73 -25.98 4.54
C SER A 592 -26.97 -26.60 3.90
N LYS A 593 -26.97 -26.64 2.57
CA LYS A 593 -28.04 -27.27 1.81
C LYS A 593 -27.72 -28.71 1.42
N PHE A 594 -26.50 -29.17 1.67
CA PHE A 594 -26.10 -30.53 1.34
C PHE A 594 -26.44 -31.46 2.51
N TYR A 595 -26.46 -32.77 2.20
CA TYR A 595 -26.75 -33.81 3.18
C TYR A 595 -28.10 -33.57 3.86
N GLY A 596 -29.09 -33.15 3.08
CA GLY A 596 -30.44 -32.99 3.58
C GLY A 596 -30.71 -31.72 4.36
N GLY A 597 -29.84 -30.72 4.26
CA GLY A 597 -30.10 -29.46 4.94
C GLY A 597 -31.30 -28.72 4.37
N TRP A 598 -31.43 -28.72 3.05
CA TRP A 598 -32.55 -28.03 2.40
C TRP A 598 -33.89 -28.62 2.84
N HIS A 599 -33.98 -29.96 2.85
CA HIS A 599 -35.21 -30.61 3.28
C HIS A 599 -35.55 -30.29 4.72
N ASN A 600 -34.54 -30.31 5.60
CA ASN A 600 -34.79 -29.99 7.00
C ASN A 600 -35.26 -28.56 7.17
N MET A 601 -34.64 -27.62 6.46
CA MET A 601 -35.06 -26.22 6.56
C MET A 601 -36.50 -26.04 6.07
N LEU A 602 -36.83 -26.65 4.93
CA LEU A 602 -38.17 -26.49 4.39
C LEU A 602 -39.22 -27.14 5.30
N LYS A 603 -38.90 -28.31 5.87
CA LYS A 603 -39.85 -28.94 6.78
C LYS A 603 -39.99 -28.15 8.08
N THR A 604 -38.91 -27.51 8.53
CA THR A 604 -39.00 -26.66 9.72
C THR A 604 -39.86 -25.44 9.47
N VAL A 605 -39.77 -24.83 8.28
CA VAL A 605 -40.56 -23.63 8.04
C VAL A 605 -42.04 -23.97 7.83
N TYR A 606 -42.36 -25.25 7.62
CA TYR A 606 -43.75 -25.68 7.49
C TYR A 606 -44.33 -26.10 8.85
N SER A 607 -43.76 -25.61 9.94
CA SER A 607 -44.03 -26.18 11.25
C SER A 607 -45.43 -25.84 11.74
N ASP A 608 -46.39 -26.72 11.43
CA ASP A 608 -47.75 -26.65 11.97
C ASP A 608 -48.39 -25.30 11.65
N VAL A 609 -48.70 -25.08 10.37
CA VAL A 609 -49.56 -23.97 9.98
C VAL A 609 -50.89 -24.55 9.50
N GLU A 610 -51.98 -23.82 9.75
CA GLU A 610 -53.30 -24.40 9.58
C GLU A 610 -53.69 -24.51 8.11
N ASN A 611 -53.78 -23.38 7.41
CA ASN A 611 -54.06 -23.38 5.98
C ASN A 611 -52.88 -22.75 5.26
N PRO A 612 -51.84 -23.53 4.99
CA PRO A 612 -50.55 -22.96 4.61
C PRO A 612 -50.52 -22.42 3.18
N HIS A 613 -50.02 -21.20 3.03
CA HIS A 613 -49.58 -20.66 1.75
C HIS A 613 -48.17 -20.14 1.91
N LEU A 614 -47.41 -20.11 0.82
CA LEU A 614 -46.04 -19.64 0.84
C LEU A 614 -45.96 -18.27 0.18
N MET A 615 -45.12 -17.39 0.72
CA MET A 615 -44.94 -16.08 0.13
C MET A 615 -43.50 -15.61 0.32
N GLY A 616 -43.04 -14.83 -0.67
CA GLY A 616 -41.68 -14.31 -0.66
C GLY A 616 -41.65 -12.93 -1.28
N TRP A 617 -40.63 -12.18 -0.88
CA TRP A 617 -40.47 -10.79 -1.30
C TRP A 617 -39.00 -10.45 -1.25
N ASP A 618 -38.64 -9.33 -1.88
CA ASP A 618 -37.26 -8.85 -1.80
C ASP A 618 -37.26 -7.33 -1.81
N TYR A 619 -36.42 -6.74 -0.98
CA TYR A 619 -36.32 -5.29 -0.92
C TYR A 619 -35.56 -4.78 -2.14
N PRO A 620 -36.06 -3.72 -2.79
CA PRO A 620 -35.40 -3.23 -4.01
C PRO A 620 -33.97 -2.77 -3.79
N LYS A 621 -33.75 -1.85 -2.85
CA LYS A 621 -32.42 -1.35 -2.51
C LYS A 621 -32.28 -1.41 -0.99
N CYS A 622 -31.86 -2.56 -0.48
CA CYS A 622 -31.76 -2.73 0.96
C CYS A 622 -30.59 -1.95 1.54
N ASP A 623 -29.42 -2.04 0.90
CA ASP A 623 -28.22 -1.44 1.46
C ASP A 623 -28.18 0.07 1.31
N ARG A 624 -28.67 0.61 0.20
CA ARG A 624 -28.50 2.02 -0.11
C ARG A 624 -29.71 2.87 0.26
N ALA A 625 -30.77 2.28 0.82
CA ALA A 625 -31.96 3.02 1.17
C ALA A 625 -32.46 2.72 2.58
N MET A 626 -31.75 1.93 3.35
CA MET A 626 -32.19 1.59 4.70
C MET A 626 -31.99 2.77 5.63
N PRO A 627 -33.02 3.21 6.35
CA PRO A 627 -32.87 4.38 7.22
C PRO A 627 -31.95 4.11 8.39
N ASN A 628 -31.38 5.20 8.93
CA ASN A 628 -30.41 5.08 10.02
C ASN A 628 -31.06 4.55 11.29
N MET A 629 -32.34 4.85 11.51
CA MET A 629 -33.00 4.43 12.74
C MET A 629 -33.04 2.91 12.85
N LEU A 630 -33.35 2.22 11.76
CA LEU A 630 -33.41 0.77 11.79
C LEU A 630 -32.04 0.13 11.94
N ARG A 631 -31.00 0.73 11.35
CA ARG A 631 -29.64 0.23 11.58
C ARG A 631 -29.23 0.39 13.04
N ILE A 632 -29.57 1.53 13.65
CA ILE A 632 -29.29 1.73 15.07
C ILE A 632 -30.05 0.70 15.90
N MET A 633 -31.30 0.43 15.52
CA MET A 633 -32.10 -0.57 16.21
C MET A 633 -31.46 -1.95 16.13
N ALA A 634 -30.98 -2.33 14.94
CA ALA A 634 -30.32 -3.62 14.78
C ALA A 634 -29.05 -3.70 15.62
N SER A 635 -28.26 -2.63 15.63
CA SER A 635 -27.06 -2.63 16.46
C SER A 635 -27.40 -2.75 17.94
N LEU A 636 -28.48 -2.09 18.38
CA LEU A 636 -28.88 -2.18 19.78
C LEU A 636 -29.32 -3.60 20.14
N VAL A 637 -30.11 -4.24 19.28
CA VAL A 637 -30.56 -5.58 19.62
C VAL A 637 -29.40 -6.58 19.52
N LEU A 638 -28.37 -6.26 18.73
CA LEU A 638 -27.18 -7.10 18.74
C LEU A 638 -26.37 -6.91 20.01
N ALA A 639 -26.25 -5.68 20.49
CA ALA A 639 -25.52 -5.38 21.72
C ALA A 639 -26.28 -5.75 22.97
N ARG A 640 -27.57 -6.10 22.85
CA ARG A 640 -28.36 -6.54 24.00
C ARG A 640 -27.72 -7.69 24.78
N LYS A 641 -26.74 -8.39 24.21
CA LYS A 641 -26.13 -9.54 24.86
C LYS A 641 -25.02 -9.18 25.83
N HIS A 642 -24.71 -7.89 26.00
CA HIS A 642 -23.63 -7.46 26.88
C HIS A 642 -24.15 -6.90 28.20
N THR A 643 -25.20 -7.51 28.76
CA THR A 643 -25.77 -7.03 30.01
C THR A 643 -24.83 -7.21 31.20
N THR A 644 -23.83 -8.08 31.09
CA THR A 644 -22.96 -8.40 32.21
C THR A 644 -21.55 -7.83 32.07
N CYS A 645 -20.95 -7.95 30.89
CA CYS A 645 -19.55 -7.61 30.70
C CYS A 645 -19.31 -6.11 30.45
N CYS A 646 -20.34 -5.35 30.11
CA CYS A 646 -20.18 -3.93 29.81
C CYS A 646 -21.20 -3.10 30.57
N SER A 647 -20.74 -1.98 31.14
CA SER A 647 -21.64 -1.02 31.76
C SER A 647 -22.32 -0.18 30.68
N LEU A 648 -23.17 0.76 31.10
CA LEU A 648 -23.94 1.55 30.15
C LEU A 648 -23.03 2.40 29.28
N SER A 649 -22.01 3.03 29.89
CA SER A 649 -21.11 3.89 29.12
C SER A 649 -20.36 3.11 28.05
N HIS A 650 -19.91 1.90 28.39
CA HIS A 650 -19.20 1.07 27.42
C HIS A 650 -20.10 0.73 26.23
N ARG A 651 -21.35 0.36 26.50
CA ARG A 651 -22.28 0.06 25.42
C ARG A 651 -22.53 1.29 24.55
N PHE A 652 -22.72 2.45 25.18
CA PHE A 652 -22.97 3.66 24.38
C PHE A 652 -21.77 4.00 23.51
N TYR A 653 -20.55 3.89 24.05
CA TYR A 653 -19.39 4.26 23.25
C TYR A 653 -19.11 3.24 22.16
N ARG A 654 -19.41 1.96 22.39
CA ARG A 654 -19.32 0.98 21.31
C ARG A 654 -20.32 1.29 20.21
N LEU A 655 -21.55 1.66 20.59
CA LEU A 655 -22.54 2.06 19.60
C LEU A 655 -22.10 3.29 18.84
N ALA A 656 -21.49 4.25 19.52
CA ALA A 656 -20.98 5.44 18.86
C ALA A 656 -19.88 5.10 17.87
N ASN A 657 -18.98 4.19 18.25
CA ASN A 657 -17.93 3.76 17.32
C ASN A 657 -18.54 3.11 16.08
N GLU A 658 -19.54 2.25 16.28
CA GLU A 658 -20.20 1.61 15.14
C GLU A 658 -20.84 2.67 14.24
N CYS A 659 -21.58 3.60 14.82
CA CYS A 659 -22.24 4.63 14.02
C CYS A 659 -21.22 5.52 13.32
N ALA A 660 -20.03 5.67 13.91
CA ALA A 660 -19.00 6.49 13.32
C ALA A 660 -18.26 5.82 12.18
N GLN A 661 -18.12 4.49 12.18
CA GLN A 661 -17.31 3.86 11.16
C GLN A 661 -18.03 2.87 10.24
N VAL A 662 -19.32 2.59 10.43
CA VAL A 662 -19.99 1.71 9.47
C VAL A 662 -21.33 2.28 9.02
N LEU A 663 -21.68 3.48 9.50
CA LEU A 663 -22.97 4.08 9.14
C LEU A 663 -22.83 5.39 8.40
N SER A 664 -22.03 6.32 8.91
CA SER A 664 -21.86 7.63 8.27
C SER A 664 -20.37 7.96 8.19
N GLU A 665 -19.58 6.98 7.75
CA GLU A 665 -18.15 7.14 7.67
C GLU A 665 -17.75 7.99 6.48
N MET A 666 -16.46 8.11 6.24
CA MET A 666 -15.90 8.90 5.15
C MET A 666 -15.27 7.92 4.16
N VAL A 667 -15.80 7.86 2.95
CA VAL A 667 -15.40 6.84 1.98
C VAL A 667 -14.46 7.48 0.96
N MET A 668 -13.45 6.71 0.55
CA MET A 668 -12.46 7.17 -0.42
C MET A 668 -12.76 6.50 -1.75
N CYS A 669 -13.44 7.22 -2.63
CA CYS A 669 -13.86 6.71 -3.93
C CYS A 669 -13.03 7.38 -5.02
N GLY A 670 -12.05 6.65 -5.55
CA GLY A 670 -11.22 7.16 -6.62
C GLY A 670 -10.33 8.32 -6.23
N GLY A 671 -9.69 8.22 -5.07
CA GLY A 671 -8.72 9.23 -4.66
C GLY A 671 -9.31 10.51 -4.13
N SER A 672 -10.53 10.48 -3.62
CA SER A 672 -11.17 11.65 -3.04
C SER A 672 -12.15 11.20 -1.97
N LEU A 673 -12.26 12.00 -0.91
CA LEU A 673 -13.06 11.61 0.25
C LEU A 673 -14.46 12.21 0.14
N TYR A 674 -15.46 11.38 0.37
CA TYR A 674 -16.86 11.78 0.34
C TYR A 674 -17.53 11.34 1.64
N VAL A 675 -18.63 12.02 1.97
CA VAL A 675 -19.40 11.73 3.18
C VAL A 675 -20.52 10.77 2.82
N LYS A 676 -20.65 9.69 3.60
CA LYS A 676 -21.68 8.70 3.33
C LYS A 676 -23.00 9.13 3.96
N PRO A 677 -24.07 9.29 3.18
CA PRO A 677 -25.35 9.72 3.79
C PRO A 677 -25.89 8.75 4.83
N GLY A 678 -25.70 7.45 4.63
CA GLY A 678 -26.24 6.47 5.55
C GLY A 678 -26.27 5.07 4.97
N GLY A 679 -27.40 4.39 5.11
CA GLY A 679 -27.51 3.03 4.62
C GLY A 679 -26.65 2.08 5.43
N THR A 680 -26.08 1.08 4.75
CA THR A 680 -25.19 0.13 5.38
C THR A 680 -24.01 -0.13 4.46
N SER A 681 -22.87 -0.47 5.07
CA SER A 681 -21.63 -0.73 4.33
C SER A 681 -21.46 -2.24 4.20
N SER A 682 -21.68 -2.76 3.00
CA SER A 682 -21.49 -4.18 2.74
C SER A 682 -20.00 -4.49 2.70
N GLY A 683 -19.51 -5.21 3.70
CA GLY A 683 -18.10 -5.48 3.82
C GLY A 683 -17.59 -5.39 5.25
N ASP A 684 -18.50 -5.08 6.18
CA ASP A 684 -18.18 -5.07 7.59
C ASP A 684 -18.47 -6.43 8.21
N ALA A 685 -18.31 -6.53 9.53
CA ALA A 685 -18.42 -7.81 10.21
C ALA A 685 -19.85 -8.34 10.30
N THR A 686 -20.84 -7.46 10.49
CA THR A 686 -22.19 -7.88 10.86
C THR A 686 -23.23 -7.42 9.85
N THR A 687 -22.89 -7.45 8.57
CA THR A 687 -23.84 -7.01 7.55
C THR A 687 -25.04 -7.94 7.46
N ALA A 688 -24.78 -9.25 7.32
CA ALA A 688 -25.87 -10.21 7.11
C ALA A 688 -26.79 -10.30 8.33
N TYR A 689 -26.22 -10.29 9.53
CA TYR A 689 -27.03 -10.42 10.73
C TYR A 689 -27.87 -9.18 10.97
N ALA A 690 -27.31 -8.00 10.72
CA ALA A 690 -28.09 -6.77 10.81
C ALA A 690 -29.20 -6.76 9.77
N ASN A 691 -28.92 -7.25 8.56
CA ASN A 691 -29.95 -7.35 7.55
C ASN A 691 -31.07 -8.28 7.99
N SER A 692 -30.72 -9.41 8.62
CA SER A 692 -31.74 -10.32 9.12
C SER A 692 -32.59 -9.66 10.20
N VAL A 693 -31.97 -8.91 11.10
CA VAL A 693 -32.72 -8.20 12.14
C VAL A 693 -33.68 -7.21 11.51
N PHE A 694 -33.20 -6.45 10.52
CA PHE A 694 -34.05 -5.47 9.84
C PHE A 694 -35.21 -6.16 9.13
N ASN A 695 -34.96 -7.31 8.51
CA ASN A 695 -36.01 -8.06 7.83
C ASN A 695 -37.09 -8.50 8.83
N ILE A 696 -36.68 -9.03 9.97
CA ILE A 696 -37.63 -9.47 10.98
C ILE A 696 -38.44 -8.28 11.50
N CYS A 697 -37.77 -7.14 11.69
CA CYS A 697 -38.47 -5.95 12.15
C CYS A 697 -39.53 -5.50 11.16
N GLN A 698 -39.19 -5.52 9.85
CA GLN A 698 -40.17 -5.14 8.84
C GLN A 698 -41.36 -6.11 8.83
N ALA A 699 -41.09 -7.40 8.96
CA ALA A 699 -42.18 -8.38 8.96
C ALA A 699 -43.11 -8.17 10.15
N VAL A 700 -42.54 -7.94 11.33
CA VAL A 700 -43.37 -7.73 12.52
C VAL A 700 -44.16 -6.44 12.41
N THR A 701 -43.55 -5.39 11.85
CA THR A 701 -44.27 -4.14 11.64
C THR A 701 -45.44 -4.34 10.68
N ALA A 702 -45.23 -5.11 9.61
CA ALA A 702 -46.31 -5.40 8.67
C ALA A 702 -47.44 -6.13 9.36
N ASN A 703 -47.12 -7.11 10.20
CA ASN A 703 -48.16 -7.83 10.93
C ASN A 703 -48.94 -6.90 11.86
N VAL A 704 -48.23 -6.03 12.57
CA VAL A 704 -48.90 -5.11 13.50
C VAL A 704 -49.84 -4.18 12.74
N ASN A 705 -49.36 -3.62 11.63
CA ASN A 705 -50.21 -2.73 10.83
C ASN A 705 -51.42 -3.46 10.27
N ALA A 706 -51.23 -4.71 9.83
CA ALA A 706 -52.36 -5.48 9.31
C ALA A 706 -53.39 -5.74 10.39
N LEU A 707 -52.95 -6.05 11.62
CA LEU A 707 -53.89 -6.34 12.69
C LEU A 707 -54.63 -5.10 13.19
N LEU A 708 -53.92 -3.98 13.35
CA LEU A 708 -54.55 -2.80 13.92
C LEU A 708 -55.48 -2.08 12.95
N SER A 709 -55.34 -2.30 11.65
CA SER A 709 -56.16 -1.62 10.66
C SER A 709 -57.44 -2.37 10.31
N THR A 710 -57.64 -3.55 10.88
CA THR A 710 -58.85 -4.32 10.63
C THR A 710 -60.02 -3.72 11.41
N ASP A 711 -61.22 -3.82 10.84
CA ASP A 711 -62.41 -3.17 11.38
C ASP A 711 -62.54 -3.41 12.89
N GLY A 712 -62.60 -4.67 13.30
CA GLY A 712 -62.66 -4.99 14.71
C GLY A 712 -64.04 -5.39 15.18
N ASN A 713 -65.07 -4.69 14.70
CA ASN A 713 -66.44 -5.10 15.01
C ASN A 713 -66.82 -6.37 14.26
N LYS A 714 -66.13 -6.67 13.17
CA LYS A 714 -66.45 -7.82 12.34
C LYS A 714 -65.66 -9.06 12.72
N ILE A 715 -64.54 -8.91 13.44
CA ILE A 715 -63.75 -10.05 13.88
C ILE A 715 -64.63 -10.94 14.75
N ALA A 716 -64.86 -12.17 14.29
CA ALA A 716 -65.80 -13.08 14.94
C ALA A 716 -65.16 -13.92 16.03
N ASP A 717 -63.84 -13.86 16.20
CA ASP A 717 -63.15 -14.64 17.22
C ASP A 717 -62.81 -13.75 18.39
N LYS A 718 -63.27 -14.13 19.58
CA LYS A 718 -63.07 -13.30 20.77
C LYS A 718 -61.58 -13.14 21.09
N TYR A 719 -60.80 -14.22 20.95
CA TYR A 719 -59.39 -14.15 21.31
C TYR A 719 -58.65 -13.15 20.43
N VAL A 720 -58.93 -13.13 19.13
CA VAL A 720 -58.27 -12.19 18.24
C VAL A 720 -58.71 -10.76 18.52
N ARG A 721 -59.98 -10.54 18.85
CA ARG A 721 -60.44 -9.20 19.18
C ARG A 721 -59.77 -8.68 20.45
N ASN A 722 -59.67 -9.53 21.47
CA ASN A 722 -58.97 -9.12 22.68
C ASN A 722 -57.48 -8.89 22.41
N LEU A 723 -56.90 -9.70 21.52
CA LEU A 723 -55.52 -9.48 21.13
C LEU A 723 -55.34 -8.11 20.49
N GLN A 724 -56.26 -7.72 19.60
CA GLN A 724 -56.20 -6.40 18.98
C GLN A 724 -56.34 -5.30 20.02
N HIS A 725 -57.29 -5.44 20.94
CA HIS A 725 -57.50 -4.44 21.98
C HIS A 725 -56.24 -4.26 22.82
N ARG A 726 -55.67 -5.36 23.30
N ARG A 726 -55.66 -5.37 23.29
CA ARG A 726 -54.47 -5.28 24.12
CA ARG A 726 -54.47 -5.29 24.12
C ARG A 726 -53.25 -4.84 23.33
C ARG A 726 -53.26 -4.84 23.32
N LEU A 727 -53.20 -5.14 22.02
CA LEU A 727 -52.11 -4.63 21.20
C LEU A 727 -52.16 -3.12 21.10
N TYR A 728 -53.35 -2.55 20.92
CA TYR A 728 -53.47 -1.10 20.92
C TYR A 728 -53.08 -0.53 22.28
N GLU A 729 -53.51 -1.17 23.36
CA GLU A 729 -53.15 -0.67 24.70
C GLU A 729 -51.64 -0.68 24.90
N CYS A 730 -50.97 -1.77 24.52
CA CYS A 730 -49.53 -1.89 24.69
C CYS A 730 -48.75 -0.99 23.74
N LEU A 731 -49.34 -0.58 22.62
CA LEU A 731 -48.68 0.37 21.72
C LEU A 731 -48.81 1.80 22.20
N TYR A 732 -50.04 2.31 22.34
CA TYR A 732 -50.25 3.73 22.55
C TYR A 732 -50.82 4.08 23.93
N ARG A 733 -50.73 3.18 24.91
CA ARG A 733 -51.21 3.50 26.25
C ARG A 733 -50.29 3.02 27.36
N ASN A 734 -49.14 2.45 27.03
CA ASN A 734 -48.19 1.96 28.04
C ASN A 734 -46.80 2.47 27.72
N ARG A 735 -46.09 2.94 28.75
CA ARG A 735 -44.73 3.41 28.59
C ARG A 735 -43.68 2.35 28.90
N ASP A 736 -44.08 1.24 29.53
CA ASP A 736 -43.16 0.21 29.96
C ASP A 736 -43.49 -1.12 29.28
N VAL A 737 -42.48 -1.98 29.19
CA VAL A 737 -42.65 -3.24 28.48
C VAL A 737 -43.50 -4.21 29.30
N ASP A 738 -44.44 -4.87 28.64
CA ASP A 738 -45.26 -5.90 29.25
C ASP A 738 -44.82 -7.25 28.68
N THR A 739 -44.03 -7.99 29.45
CA THR A 739 -43.43 -9.22 28.94
C THR A 739 -44.49 -10.27 28.63
N ASP A 740 -45.58 -10.28 29.39
CA ASP A 740 -46.61 -11.30 29.19
C ASP A 740 -47.24 -11.17 27.80
N PHE A 741 -47.67 -9.97 27.44
CA PHE A 741 -48.28 -9.80 26.12
C PHE A 741 -47.25 -9.91 25.00
N VAL A 742 -45.99 -9.55 25.27
CA VAL A 742 -44.94 -9.77 24.28
C VAL A 742 -44.81 -11.26 23.98
N ASN A 743 -44.79 -12.08 25.03
CA ASN A 743 -44.72 -13.53 24.84
C ASN A 743 -45.95 -14.03 24.10
N GLU A 744 -47.13 -13.53 24.46
CA GLU A 744 -48.35 -13.99 23.81
C GLU A 744 -48.36 -13.65 22.32
N PHE A 745 -47.97 -12.43 21.98
CA PHE A 745 -47.96 -12.02 20.58
C PHE A 745 -46.88 -12.75 19.79
N TYR A 746 -45.73 -13.00 20.42
CA TYR A 746 -44.70 -13.79 19.75
C TYR A 746 -45.19 -15.20 19.47
N ALA A 747 -45.89 -15.81 20.42
CA ALA A 747 -46.46 -17.13 20.19
C ALA A 747 -47.49 -17.10 19.07
N TYR A 748 -48.33 -16.06 19.03
CA TYR A 748 -49.32 -15.91 17.98
C TYR A 748 -48.65 -15.82 16.60
N LEU A 749 -47.61 -14.99 16.49
CA LEU A 749 -46.90 -14.85 15.23
C LEU A 749 -46.23 -16.15 14.82
N ARG A 750 -45.62 -16.85 15.78
CA ARG A 750 -44.96 -18.11 15.45
C ARG A 750 -45.98 -19.16 15.02
N LYS A 751 -47.19 -19.12 15.57
CA LYS A 751 -48.21 -20.08 15.21
C LYS A 751 -48.77 -19.81 13.81
N HIS A 752 -49.07 -18.55 13.50
CA HIS A 752 -49.79 -18.23 12.28
C HIS A 752 -48.94 -17.63 11.18
N PHE A 753 -47.67 -17.32 11.44
CA PHE A 753 -46.84 -16.64 10.44
C PHE A 753 -45.39 -17.10 10.66
N SER A 754 -45.00 -18.17 9.98
CA SER A 754 -43.70 -18.80 10.19
C SER A 754 -42.72 -18.30 9.15
N MET A 755 -41.57 -17.80 9.61
CA MET A 755 -40.60 -17.18 8.73
C MET A 755 -39.34 -18.03 8.60
N MET A 756 -38.60 -17.78 7.52
CA MET A 756 -37.25 -18.31 7.34
C MET A 756 -36.45 -17.19 6.70
N ILE A 757 -35.46 -16.67 7.45
CA ILE A 757 -34.75 -15.45 7.11
C ILE A 757 -33.29 -15.76 6.86
N LEU A 758 -32.71 -15.15 5.83
CA LEU A 758 -31.27 -15.21 5.58
C LEU A 758 -30.90 -13.90 4.91
N SER A 759 -30.25 -13.01 5.67
CA SER A 759 -29.85 -11.68 5.21
C SER A 759 -31.11 -10.96 4.75
N ASP A 760 -31.20 -10.49 3.50
CA ASP A 760 -32.39 -9.80 3.03
C ASP A 760 -33.35 -10.72 2.29
N ASP A 761 -33.13 -12.03 2.32
CA ASP A 761 -34.05 -12.99 1.71
C ASP A 761 -34.92 -13.63 2.78
N ALA A 762 -36.18 -13.87 2.43
CA ALA A 762 -37.13 -14.44 3.39
C ALA A 762 -38.14 -15.31 2.65
N VAL A 763 -38.54 -16.40 3.29
CA VAL A 763 -39.65 -17.23 2.83
C VAL A 763 -40.59 -17.47 4.01
N VAL A 764 -41.88 -17.23 3.80
CA VAL A 764 -42.84 -17.28 4.90
C VAL A 764 -44.01 -18.19 4.56
N CYS A 765 -44.37 -19.05 5.51
CA CYS A 765 -45.57 -19.87 5.42
C CYS A 765 -46.62 -19.29 6.36
N PHE A 766 -47.79 -18.97 5.81
CA PHE A 766 -48.80 -18.26 6.58
C PHE A 766 -50.17 -18.91 6.41
N ASN A 767 -51.00 -18.72 7.43
CA ASN A 767 -52.39 -19.16 7.40
C ASN A 767 -53.16 -18.34 6.37
N SER A 768 -53.67 -19.00 5.33
CA SER A 768 -54.32 -18.26 4.25
C SER A 768 -55.63 -17.64 4.69
N THR A 769 -56.38 -18.32 5.55
CA THR A 769 -57.68 -17.80 5.98
C THR A 769 -57.53 -16.52 6.78
N TYR A 770 -56.61 -16.51 7.75
CA TYR A 770 -56.37 -15.30 8.53
C TYR A 770 -55.88 -14.16 7.66
N ALA A 771 -54.99 -14.46 6.71
CA ALA A 771 -54.50 -13.43 5.81
C ALA A 771 -55.63 -12.85 4.96
N SER A 772 -56.53 -13.70 4.48
CA SER A 772 -57.67 -13.21 3.72
C SER A 772 -58.59 -12.36 4.58
N GLN A 773 -58.76 -12.74 5.85
CA GLN A 773 -59.60 -11.97 6.77
C GLN A 773 -58.91 -10.72 7.30
N GLY A 774 -57.61 -10.54 7.03
CA GLY A 774 -56.89 -9.38 7.50
C GLY A 774 -56.37 -9.48 8.91
N LEU A 775 -56.15 -10.68 9.44
CA LEU A 775 -55.64 -10.87 10.78
C LEU A 775 -54.13 -11.07 10.83
N VAL A 776 -53.50 -11.41 9.70
CA VAL A 776 -52.05 -11.48 9.59
C VAL A 776 -51.63 -10.75 8.33
N ALA A 777 -50.33 -10.45 8.24
CA ALA A 777 -49.83 -9.58 7.19
C ALA A 777 -49.92 -10.24 5.82
N SER A 778 -50.51 -9.53 4.87
CA SER A 778 -50.50 -9.91 3.46
C SER A 778 -49.34 -9.22 2.76
N ILE A 779 -49.34 -9.26 1.43
CA ILE A 779 -48.28 -8.63 0.65
C ILE A 779 -48.46 -7.13 0.49
N LYS A 780 -49.69 -6.65 0.37
CA LYS A 780 -49.96 -5.22 0.33
C LYS A 780 -49.62 -4.55 1.64
N ASN A 781 -49.77 -5.26 2.76
CA ASN A 781 -49.31 -4.74 4.04
C ASN A 781 -47.80 -4.56 4.06
N PHE A 782 -47.06 -5.47 3.43
CA PHE A 782 -45.63 -5.27 3.25
C PHE A 782 -45.31 -4.08 2.37
N LYS A 783 -46.06 -3.91 1.27
CA LYS A 783 -45.80 -2.82 0.36
C LYS A 783 -46.03 -1.47 1.03
N SER A 784 -47.12 -1.33 1.78
CA SER A 784 -47.40 -0.06 2.45
C SER A 784 -46.33 0.26 3.50
N VAL A 785 -45.92 -0.75 4.27
CA VAL A 785 -44.88 -0.56 5.28
C VAL A 785 -43.58 -0.13 4.63
N LEU A 786 -43.20 -0.79 3.52
CA LEU A 786 -41.99 -0.39 2.80
C LEU A 786 -42.12 1.05 2.30
N TYR A 787 -43.28 1.41 1.77
CA TYR A 787 -43.47 2.76 1.23
C TYR A 787 -43.28 3.82 2.31
N TYR A 788 -43.89 3.62 3.47
CA TYR A 788 -43.89 4.70 4.46
C TYR A 788 -42.74 4.60 5.47
N GLN A 789 -41.98 3.51 5.48
CA GLN A 789 -40.89 3.36 6.43
C GLN A 789 -39.54 3.07 5.76
N ASN A 790 -39.49 3.03 4.43
CA ASN A 790 -38.25 2.78 3.73
C ASN A 790 -38.01 3.73 2.57
N ASN A 791 -38.96 4.62 2.27
CA ASN A 791 -38.85 5.55 1.14
C ASN A 791 -38.63 4.81 -0.16
N VAL A 792 -39.29 3.66 -0.30
CA VAL A 792 -39.09 2.76 -1.44
C VAL A 792 -40.43 2.14 -1.80
N PHE A 793 -40.75 2.13 -3.10
CA PHE A 793 -41.95 1.50 -3.62
C PHE A 793 -41.57 0.17 -4.25
N MET A 794 -42.16 -0.91 -3.75
CA MET A 794 -41.83 -2.27 -4.20
C MET A 794 -42.92 -2.76 -5.15
N SER A 795 -42.50 -3.48 -6.19
CA SER A 795 -43.42 -3.98 -7.21
C SER A 795 -43.45 -5.50 -7.19
N GLU A 796 -44.23 -6.06 -8.12
CA GLU A 796 -44.42 -7.51 -8.18
C GLU A 796 -43.23 -8.22 -8.83
N ALA A 797 -42.23 -7.48 -9.31
CA ALA A 797 -41.03 -8.10 -9.84
C ALA A 797 -40.15 -8.72 -8.75
N LYS A 798 -40.45 -8.46 -7.48
CA LYS A 798 -39.64 -8.97 -6.37
C LYS A 798 -40.38 -9.94 -5.47
N CYS A 799 -41.68 -10.11 -5.63
CA CYS A 799 -42.48 -10.88 -4.70
C CYS A 799 -43.30 -11.93 -5.43
N TRP A 800 -43.59 -13.03 -4.73
CA TRP A 800 -44.30 -14.16 -5.31
C TRP A 800 -45.10 -14.87 -4.22
N THR A 801 -46.10 -15.63 -4.66
CA THR A 801 -46.94 -16.43 -3.77
C THR A 801 -47.11 -17.82 -4.36
N GLU A 802 -47.35 -18.78 -3.47
CA GLU A 802 -47.48 -20.19 -3.85
C GLU A 802 -48.60 -20.80 -3.05
N THR A 803 -49.61 -21.34 -3.75
CA THR A 803 -50.77 -21.93 -3.10
C THR A 803 -50.64 -23.42 -2.86
N ASP A 804 -49.66 -24.07 -3.49
CA ASP A 804 -49.43 -25.50 -3.34
C ASP A 804 -48.03 -25.70 -2.78
N LEU A 805 -47.94 -26.18 -1.54
CA LEU A 805 -46.68 -26.28 -0.83
C LEU A 805 -45.99 -27.62 -1.02
N THR A 806 -46.48 -28.46 -1.93
CA THR A 806 -45.74 -29.64 -2.35
C THR A 806 -44.71 -29.32 -3.42
N LYS A 807 -44.63 -28.07 -3.86
CA LYS A 807 -43.62 -27.62 -4.80
C LYS A 807 -42.49 -26.85 -4.13
N GLY A 808 -42.66 -26.45 -2.88
CA GLY A 808 -41.65 -25.68 -2.18
C GLY A 808 -41.65 -24.22 -2.59
N PRO A 809 -40.72 -23.45 -2.06
CA PRO A 809 -40.63 -22.04 -2.45
C PRO A 809 -40.32 -21.88 -3.92
N HIS A 810 -40.85 -20.81 -4.52
CA HIS A 810 -40.53 -20.52 -5.91
C HIS A 810 -39.07 -20.13 -6.08
N GLU A 811 -38.49 -19.47 -5.07
CA GLU A 811 -37.11 -19.05 -5.14
C GLU A 811 -36.64 -18.66 -3.74
N PHE A 812 -35.45 -19.13 -3.37
CA PHE A 812 -34.82 -18.73 -2.12
C PHE A 812 -33.32 -18.93 -2.28
N CYS A 813 -32.56 -17.84 -2.15
CA CYS A 813 -31.12 -17.84 -2.40
C CYS A 813 -30.81 -18.33 -3.82
N SER A 814 -31.66 -17.93 -4.77
CA SER A 814 -31.47 -18.21 -6.20
C SER A 814 -31.47 -19.72 -6.51
N GLN A 815 -32.10 -20.53 -5.67
CA GLN A 815 -32.22 -21.96 -5.89
C GLN A 815 -33.69 -22.34 -5.95
N HIS A 816 -34.07 -23.06 -7.01
CA HIS A 816 -35.43 -23.56 -7.11
C HIS A 816 -35.54 -24.90 -6.37
N THR A 817 -36.70 -25.14 -5.78
CA THR A 817 -36.93 -26.35 -5.00
C THR A 817 -37.84 -27.31 -5.76
N MET A 818 -37.42 -28.58 -5.81
CA MET A 818 -38.19 -29.60 -6.52
C MET A 818 -38.31 -30.83 -5.64
N LEU A 819 -39.52 -31.41 -5.59
CA LEU A 819 -39.79 -32.59 -4.77
C LEU A 819 -39.47 -33.83 -5.57
N VAL A 820 -38.38 -34.50 -5.21
CA VAL A 820 -37.94 -35.71 -5.90
C VAL A 820 -38.10 -36.90 -4.98
N LYS A 821 -37.89 -38.11 -5.50
CA LYS A 821 -37.91 -39.34 -4.72
C LYS A 821 -36.51 -39.93 -4.70
N GLN A 822 -36.04 -40.29 -3.52
CA GLN A 822 -34.73 -40.95 -3.38
C GLN A 822 -34.81 -41.88 -2.16
N GLY A 823 -34.56 -43.16 -2.40
CA GLY A 823 -34.52 -44.13 -1.33
C GLY A 823 -35.82 -44.30 -0.56
N ASP A 824 -36.93 -44.48 -1.27
CA ASP A 824 -38.24 -44.70 -0.66
C ASP A 824 -38.66 -43.52 0.21
N ASP A 825 -38.33 -42.31 -0.22
CA ASP A 825 -38.71 -41.10 0.50
C ASP A 825 -38.78 -39.94 -0.48
N TYR A 826 -39.72 -39.03 -0.23
CA TYR A 826 -39.87 -37.83 -1.04
C TYR A 826 -39.18 -36.67 -0.32
N VAL A 827 -38.17 -36.10 -0.98
CA VAL A 827 -37.36 -35.05 -0.39
C VAL A 827 -37.37 -33.83 -1.29
N TYR A 828 -36.87 -32.73 -0.77
CA TYR A 828 -36.75 -31.49 -1.53
C TYR A 828 -35.31 -31.26 -1.94
N LEU A 829 -35.07 -31.06 -3.23
CA LEU A 829 -33.74 -30.78 -3.72
C LEU A 829 -33.68 -29.42 -4.40
N PRO A 830 -32.64 -28.64 -4.13
CA PRO A 830 -32.48 -27.35 -4.82
C PRO A 830 -31.66 -27.47 -6.09
N TYR A 831 -32.17 -26.92 -7.19
CA TYR A 831 -31.43 -26.86 -8.43
C TYR A 831 -31.29 -25.41 -8.88
N PRO A 832 -30.17 -25.06 -9.52
CA PRO A 832 -29.97 -23.68 -9.96
C PRO A 832 -30.47 -23.44 -11.37
N ASP A 833 -30.35 -22.20 -11.84
CA ASP A 833 -30.70 -21.87 -13.21
C ASP A 833 -29.61 -22.42 -14.14
N PRO A 834 -29.95 -23.28 -15.09
CA PRO A 834 -28.89 -23.89 -15.92
C PRO A 834 -28.05 -22.88 -16.68
N SER A 835 -28.62 -21.72 -17.02
CA SER A 835 -27.86 -20.68 -17.71
C SER A 835 -26.68 -20.24 -16.84
N ARG A 836 -26.87 -20.17 -15.53
CA ARG A 836 -25.78 -19.78 -14.64
C ARG A 836 -24.63 -20.78 -14.70
N ILE A 837 -24.95 -22.07 -14.67
CA ILE A 837 -23.91 -23.09 -14.69
C ILE A 837 -23.18 -23.08 -16.02
N LEU A 838 -23.92 -23.00 -17.13
CA LEU A 838 -23.27 -22.99 -18.44
C LEU A 838 -22.42 -21.75 -18.63
N GLY A 839 -22.89 -20.59 -18.17
CA GLY A 839 -22.11 -19.38 -18.27
C GLY A 839 -20.85 -19.42 -17.42
N ALA A 840 -20.94 -20.01 -16.22
CA ALA A 840 -19.75 -20.19 -15.40
C ALA A 840 -18.76 -21.13 -16.09
N GLY A 841 -19.27 -22.13 -16.81
CA GLY A 841 -18.39 -23.01 -17.55
C GLY A 841 -17.71 -22.32 -18.73
N CYS A 842 -18.44 -21.45 -19.42
CA CYS A 842 -17.95 -20.88 -20.67
C CYS A 842 -17.08 -19.64 -20.49
N PHE A 843 -17.38 -18.79 -19.49
CA PHE A 843 -16.66 -17.54 -19.29
C PHE A 843 -15.90 -17.59 -17.97
N VAL A 844 -14.63 -17.18 -18.00
CA VAL A 844 -13.72 -17.35 -16.89
C VAL A 844 -13.06 -16.03 -16.55
N ASP A 845 -12.52 -15.96 -15.32
CA ASP A 845 -11.96 -14.71 -14.83
C ASP A 845 -10.56 -14.52 -15.38
N ASP A 846 -9.66 -15.47 -15.09
CA ASP A 846 -8.30 -15.46 -15.62
C ASP A 846 -8.18 -16.33 -16.87
N ILE A 847 -7.17 -16.03 -17.68
CA ILE A 847 -6.96 -16.79 -18.92
C ILE A 847 -6.45 -18.20 -18.65
N VAL A 848 -5.75 -18.43 -17.54
CA VAL A 848 -5.34 -19.79 -17.20
C VAL A 848 -6.54 -20.70 -17.05
N LYS A 849 -7.66 -20.19 -16.51
CA LYS A 849 -8.86 -20.99 -16.37
C LYS A 849 -9.46 -21.39 -17.71
N THR A 850 -9.03 -20.76 -18.81
CA THR A 850 -9.49 -21.14 -20.14
C THR A 850 -9.01 -22.52 -20.57
N ASP A 851 -7.88 -22.99 -20.04
CA ASP A 851 -7.36 -24.31 -20.37
C ASP A 851 -7.92 -25.31 -19.36
N GLY A 852 -8.59 -26.35 -19.88
CA GLY A 852 -9.32 -27.26 -19.01
C GLY A 852 -8.42 -28.10 -18.11
N THR A 853 -7.31 -28.59 -18.65
CA THR A 853 -6.51 -29.58 -17.92
C THR A 853 -5.92 -29.01 -16.63
N LEU A 854 -5.64 -27.70 -16.59
CA LEU A 854 -5.09 -27.11 -15.38
C LEU A 854 -6.13 -26.95 -14.28
N MET A 855 -7.42 -26.87 -14.62
CA MET A 855 -8.50 -26.69 -13.64
C MET A 855 -9.58 -27.73 -13.92
N ILE A 856 -9.49 -28.88 -13.26
CA ILE A 856 -10.48 -29.93 -13.37
C ILE A 856 -11.43 -29.93 -12.18
N GLU A 857 -10.92 -29.63 -10.98
CA GLU A 857 -11.80 -29.47 -9.82
C GLU A 857 -12.78 -28.34 -10.03
N ARG A 858 -12.42 -27.36 -10.87
CA ARG A 858 -13.36 -26.32 -11.27
C ARG A 858 -14.62 -26.92 -11.88
N PHE A 859 -14.46 -28.00 -12.65
CA PHE A 859 -15.61 -28.66 -13.26
C PHE A 859 -16.27 -29.65 -12.32
N VAL A 860 -15.51 -30.24 -11.39
CA VAL A 860 -16.11 -31.14 -10.41
C VAL A 860 -17.06 -30.39 -9.50
N SER A 861 -16.67 -29.19 -9.05
CA SER A 861 -17.57 -28.38 -8.23
C SER A 861 -18.83 -27.98 -8.98
N LEU A 862 -18.67 -27.62 -10.27
CA LEU A 862 -19.84 -27.24 -11.06
C LEU A 862 -20.76 -28.43 -11.26
N ALA A 863 -20.21 -29.62 -11.47
CA ALA A 863 -21.05 -30.82 -11.58
C ALA A 863 -21.76 -31.12 -10.27
N ILE A 864 -21.09 -30.90 -9.15
CA ILE A 864 -21.73 -31.07 -7.85
C ILE A 864 -22.92 -30.12 -7.72
N ASP A 865 -22.72 -28.87 -8.14
CA ASP A 865 -23.80 -27.89 -8.05
C ASP A 865 -24.93 -28.20 -9.03
N ALA A 866 -24.63 -28.82 -10.17
CA ALA A 866 -25.62 -29.03 -11.22
C ALA A 866 -26.23 -30.42 -11.21
N TYR A 867 -25.84 -31.30 -10.29
CA TYR A 867 -26.42 -32.63 -10.24
C TYR A 867 -27.95 -32.64 -10.10
N PRO A 868 -28.58 -31.87 -9.20
CA PRO A 868 -30.04 -31.98 -9.02
C PRO A 868 -30.85 -31.78 -10.30
N LEU A 869 -30.25 -31.25 -11.37
CA LEU A 869 -30.97 -31.05 -12.62
C LEU A 869 -31.32 -32.35 -13.31
N THR A 870 -30.78 -33.49 -12.86
CA THR A 870 -31.08 -34.77 -13.49
C THR A 870 -32.55 -35.14 -13.32
N LYS A 871 -33.17 -34.74 -12.22
CA LYS A 871 -34.54 -35.14 -11.90
C LYS A 871 -35.59 -34.24 -12.54
N HIS A 872 -35.20 -33.14 -13.17
CA HIS A 872 -36.16 -32.21 -13.72
C HIS A 872 -36.91 -32.85 -14.88
N PRO A 873 -38.23 -32.64 -14.99
CA PRO A 873 -38.97 -33.13 -16.16
C PRO A 873 -38.39 -32.67 -17.49
N ASN A 874 -37.88 -31.44 -17.56
CA ASN A 874 -37.30 -30.94 -18.80
C ASN A 874 -35.98 -31.67 -19.08
N GLN A 875 -35.81 -32.12 -20.31
CA GLN A 875 -34.68 -33.02 -20.63
C GLN A 875 -33.36 -32.27 -20.70
N GLU A 876 -33.38 -31.05 -21.25
CA GLU A 876 -32.13 -30.30 -21.43
C GLU A 876 -31.46 -30.01 -20.10
N TYR A 877 -32.25 -29.85 -19.04
CA TYR A 877 -31.66 -29.58 -17.73
C TYR A 877 -30.78 -30.73 -17.27
N ALA A 878 -31.22 -31.97 -17.49
CA ALA A 878 -30.37 -33.13 -17.17
C ALA A 878 -29.24 -33.27 -18.17
N ASP A 879 -29.49 -32.89 -19.42
CA ASP A 879 -28.41 -32.91 -20.42
C ASP A 879 -27.24 -32.03 -19.99
N VAL A 880 -27.51 -30.95 -19.26
CA VAL A 880 -26.43 -30.10 -18.75
C VAL A 880 -25.47 -30.93 -17.88
N PHE A 881 -26.02 -31.66 -16.91
CA PHE A 881 -25.19 -32.43 -16.00
C PHE A 881 -24.46 -33.54 -16.72
N HIS A 882 -25.14 -34.21 -17.65
CA HIS A 882 -24.48 -35.29 -18.40
C HIS A 882 -23.34 -34.73 -19.26
N LEU A 883 -23.54 -33.57 -19.87
CA LEU A 883 -22.49 -32.92 -20.63
C LEU A 883 -21.29 -32.59 -19.74
N TYR A 884 -21.56 -32.09 -18.53
CA TYR A 884 -20.46 -31.78 -17.63
C TYR A 884 -19.66 -33.03 -17.29
N LEU A 885 -20.34 -34.14 -17.03
CA LEU A 885 -19.62 -35.39 -16.72
C LEU A 885 -18.76 -35.83 -17.90
N GLN A 886 -19.32 -35.81 -19.11
CA GLN A 886 -18.55 -36.22 -20.28
C GLN A 886 -17.36 -35.31 -20.52
N TYR A 887 -17.52 -34.00 -20.29
CA TYR A 887 -16.39 -33.09 -20.45
C TYR A 887 -15.31 -33.35 -19.41
N ILE A 888 -15.70 -33.70 -18.18
CA ILE A 888 -14.70 -34.04 -17.17
C ILE A 888 -13.90 -35.27 -17.62
N ARG A 889 -14.60 -36.28 -18.16
CA ARG A 889 -13.90 -37.46 -18.67
C ARG A 889 -12.92 -37.09 -19.79
N LYS A 890 -13.36 -36.25 -20.73
CA LYS A 890 -12.48 -35.83 -21.82
C LYS A 890 -11.28 -35.07 -21.31
N LEU A 891 -11.48 -34.19 -20.31
CA LEU A 891 -10.37 -33.44 -19.73
C LEU A 891 -9.36 -34.38 -19.09
N HIS A 892 -9.83 -35.40 -18.37
CA HIS A 892 -8.91 -36.35 -17.76
C HIS A 892 -8.10 -37.09 -18.82
N ASP A 893 -8.75 -37.52 -19.90
CA ASP A 893 -8.02 -38.21 -20.96
C ASP A 893 -6.98 -37.29 -21.62
N GLU A 894 -7.34 -36.03 -21.85
CA GLU A 894 -6.40 -35.08 -22.42
C GLU A 894 -5.20 -34.87 -21.51
N LEU A 895 -5.44 -34.74 -20.21
CA LEU A 895 -4.33 -34.57 -19.27
C LEU A 895 -3.41 -35.78 -19.29
N THR A 896 -3.99 -36.98 -19.31
CA THR A 896 -3.16 -38.18 -19.39
C THR A 896 -2.32 -38.20 -20.66
N GLY A 897 -2.93 -37.85 -21.79
CA GLY A 897 -2.19 -37.85 -23.05
C GLY A 897 -1.04 -36.87 -23.06
N HIS A 898 -1.14 -35.60 -22.71
CA HIS A 898 0.06 -34.78 -22.81
C HIS A 898 1.22 -35.45 -22.08
N MET A 899 0.95 -36.14 -20.99
CA MET A 899 1.99 -36.79 -20.22
C MET A 899 2.61 -38.04 -20.83
N LEU A 900 1.85 -39.12 -20.98
CA LEU A 900 2.37 -40.37 -21.54
C LEU A 900 3.10 -40.24 -22.84
N ASP A 901 2.51 -39.56 -23.78
CA ASP A 901 3.13 -39.36 -25.07
C ASP A 901 4.43 -38.65 -24.91
N MET A 902 4.40 -37.41 -24.47
CA MET A 902 5.63 -36.67 -24.44
C MET A 902 6.63 -37.10 -23.36
N TYR A 903 6.45 -36.69 -22.12
CA TYR A 903 7.41 -36.98 -21.07
C TYR A 903 7.14 -38.31 -20.40
N SER A 904 6.82 -39.34 -21.16
CA SER A 904 6.51 -40.68 -20.65
C SER A 904 6.23 -40.95 -19.18
N VAL A 905 5.04 -40.65 -18.71
CA VAL A 905 4.66 -40.93 -17.34
C VAL A 905 3.16 -41.20 -17.34
N MET A 906 2.63 -42.09 -16.50
CA MET A 906 1.15 -42.30 -16.39
C MET A 906 0.52 -42.01 -15.00
N LEU A 907 -0.41 -41.06 -14.85
CA LEU A 907 -0.96 -40.66 -13.56
C LEU A 907 -2.48 -40.81 -13.50
N THR A 908 -3.03 -41.80 -14.22
CA THR A 908 -4.48 -41.95 -14.28
C THR A 908 -5.08 -42.27 -12.91
N ASN A 909 -4.43 -43.15 -12.14
CA ASN A 909 -4.93 -43.58 -10.83
C ASN A 909 -6.34 -44.15 -10.93
N ASP A 910 -6.98 -44.37 -9.78
CA ASP A 910 -8.34 -44.87 -9.75
C ASP A 910 -9.30 -43.99 -8.97
N ASN A 911 -8.80 -43.10 -8.11
CA ASN A 911 -9.69 -42.15 -7.45
C ASN A 911 -10.30 -41.15 -8.42
N THR A 912 -9.69 -40.98 -9.60
CA THR A 912 -10.25 -40.10 -10.62
C THR A 912 -11.46 -40.70 -11.31
N SER A 913 -11.53 -42.03 -11.39
CA SER A 913 -12.61 -42.67 -12.13
C SER A 913 -13.98 -42.37 -11.53
N ARG A 914 -14.03 -42.06 -10.23
CA ARG A 914 -15.31 -41.73 -9.62
C ARG A 914 -15.78 -40.33 -9.95
N TYR A 915 -14.92 -39.48 -10.51
CA TYR A 915 -15.32 -38.11 -10.81
C TYR A 915 -16.25 -38.03 -12.01
N TRP A 916 -16.30 -39.05 -12.86
CA TRP A 916 -17.25 -39.11 -13.96
C TRP A 916 -18.27 -40.22 -13.79
N GLU A 917 -18.62 -40.54 -12.55
CA GLU A 917 -19.72 -41.42 -12.20
C GLU A 917 -20.67 -40.70 -11.27
N PRO A 918 -21.98 -40.95 -11.38
CA PRO A 918 -22.95 -40.17 -10.62
C PRO A 918 -23.01 -40.47 -9.13
N GLU A 919 -22.39 -41.54 -8.66
CA GLU A 919 -22.47 -41.87 -7.24
C GLU A 919 -21.81 -40.81 -6.38
N PHE A 920 -20.64 -40.31 -6.81
CA PHE A 920 -19.93 -39.29 -6.04
C PHE A 920 -20.77 -38.04 -5.84
N TYR A 921 -21.62 -37.71 -6.81
CA TYR A 921 -22.49 -36.54 -6.70
C TYR A 921 -23.82 -36.87 -6.04
N GLU A 922 -24.32 -38.10 -6.24
CA GLU A 922 -25.55 -38.50 -5.57
C GLU A 922 -25.37 -38.54 -4.06
N ALA A 923 -24.16 -38.89 -3.60
CA ALA A 923 -23.88 -38.94 -2.17
C ALA A 923 -23.95 -37.56 -1.51
N MET A 924 -23.88 -36.48 -2.28
CA MET A 924 -23.91 -35.14 -1.71
C MET A 924 -25.29 -34.70 -1.25
N TYR A 925 -26.35 -35.35 -1.75
CA TYR A 925 -27.71 -34.96 -1.43
C TYR A 925 -28.45 -36.05 -0.66
N THR A 926 -27.71 -36.92 0.03
CA THR A 926 -28.26 -38.01 0.82
C THR A 926 -28.01 -37.75 2.30
N PRO A 927 -29.03 -37.81 3.15
CA PRO A 927 -28.84 -37.43 4.55
C PRO A 927 -28.08 -38.46 5.38
N HIS A 928 -26.74 -38.43 5.30
CA HIS A 928 -25.94 -39.30 6.15
C HIS A 928 -24.72 -38.59 6.74
N THR A 929 -24.71 -37.26 6.75
CA THR A 929 -23.59 -36.50 7.32
C THR A 929 -24.03 -35.09 7.70
N PHE B 6 22.76 -41.78 13.42
CA PHE B 6 22.94 -42.20 14.81
C PHE B 6 24.07 -43.22 14.93
N SER B 7 25.30 -42.72 14.97
CA SER B 7 26.46 -43.59 15.02
C SER B 7 27.40 -43.24 16.17
N SER B 8 27.40 -41.98 16.58
CA SER B 8 28.32 -41.52 17.61
C SER B 8 27.72 -41.68 19.01
N LEU B 9 26.64 -42.44 19.11
CA LEU B 9 25.99 -42.73 20.37
C LEU B 9 26.74 -43.81 21.13
N PRO B 10 26.80 -43.72 22.46
CA PRO B 10 27.53 -44.75 23.24
C PRO B 10 27.00 -46.16 23.07
N SER B 11 25.69 -46.34 22.89
CA SER B 11 25.13 -47.68 22.79
C SER B 11 25.56 -48.41 21.52
N TYR B 12 26.04 -47.69 20.52
CA TYR B 12 26.56 -48.35 19.33
C TYR B 12 27.77 -49.21 19.69
N ALA B 13 28.62 -48.73 20.60
CA ALA B 13 29.76 -49.53 21.01
C ALA B 13 29.34 -50.82 21.70
N ALA B 14 28.35 -50.74 22.59
CA ALA B 14 27.87 -51.94 23.28
C ALA B 14 27.24 -52.92 22.30
N PHE B 15 26.43 -52.41 21.37
CA PHE B 15 25.84 -53.28 20.35
C PHE B 15 26.92 -53.94 19.51
N ALA B 16 27.94 -53.16 19.11
CA ALA B 16 29.01 -53.69 18.27
C ALA B 16 29.82 -54.76 19.00
N THR B 17 30.14 -54.53 20.27
CA THR B 17 30.95 -55.51 20.99
C THR B 17 30.13 -56.78 21.29
N ALA B 18 28.85 -56.63 21.60
CA ALA B 18 28.00 -57.80 21.79
C ALA B 18 27.89 -58.60 20.50
N GLN B 19 27.71 -57.92 19.38
CA GLN B 19 27.63 -58.61 18.09
C GLN B 19 28.95 -59.26 17.70
N GLU B 20 30.08 -58.61 18.02
CA GLU B 20 31.39 -59.20 17.72
C GLU B 20 31.60 -60.48 18.52
N ALA B 21 31.27 -60.45 19.81
CA ALA B 21 31.34 -61.67 20.61
C ALA B 21 30.37 -62.71 20.07
N TYR B 22 29.20 -62.28 19.63
CA TYR B 22 28.20 -63.20 19.08
C TYR B 22 28.73 -63.92 17.86
N GLU B 23 29.26 -63.18 16.88
CA GLU B 23 29.77 -63.82 15.68
C GLU B 23 31.00 -64.66 15.97
N GLN B 24 31.87 -64.21 16.88
CA GLN B 24 33.06 -65.00 17.21
C GLN B 24 32.66 -66.35 17.81
N ALA B 25 31.77 -66.35 18.79
CA ALA B 25 31.37 -67.61 19.41
C ALA B 25 30.41 -68.42 18.54
N VAL B 26 29.72 -67.77 17.60
CA VAL B 26 28.89 -68.51 16.64
C VAL B 26 29.75 -69.27 15.65
N ALA B 27 30.80 -68.62 15.14
CA ALA B 27 31.78 -69.34 14.33
C ALA B 27 32.47 -70.43 15.15
N ASN B 28 32.80 -70.14 16.41
CA ASN B 28 33.28 -71.18 17.30
C ASN B 28 32.20 -72.22 17.56
N GLY B 29 30.97 -71.77 17.80
CA GLY B 29 29.85 -72.68 18.02
C GLY B 29 30.04 -73.57 19.25
N ASP B 30 30.00 -72.97 20.43
CA ASP B 30 30.29 -73.71 21.65
C ASP B 30 29.15 -74.68 22.00
N SER B 31 28.00 -74.12 22.36
CA SER B 31 26.82 -74.91 22.70
C SER B 31 25.68 -73.94 22.99
N GLU B 32 24.46 -74.50 23.11
CA GLU B 32 23.32 -73.69 23.52
C GLU B 32 23.46 -73.24 24.97
N VAL B 33 23.99 -74.10 25.83
CA VAL B 33 24.14 -73.76 27.25
C VAL B 33 25.10 -72.60 27.43
N VAL B 34 26.00 -72.41 26.46
CA VAL B 34 26.92 -71.28 26.49
C VAL B 34 26.40 -70.10 25.67
N LEU B 35 25.77 -70.34 24.53
CA LEU B 35 25.28 -69.28 23.66
C LEU B 35 23.98 -68.65 24.17
N LYS B 36 23.38 -69.20 25.23
CA LYS B 36 22.17 -68.58 25.78
C LYS B 36 22.46 -67.17 26.30
N LYS B 37 23.49 -67.03 27.13
CA LYS B 37 23.88 -65.71 27.60
C LYS B 37 24.34 -64.83 26.45
N LEU B 38 25.03 -65.44 25.47
CA LEU B 38 25.52 -64.69 24.32
C LEU B 38 24.38 -64.08 23.52
N LYS B 39 23.30 -64.82 23.31
CA LYS B 39 22.17 -64.35 22.53
C LYS B 39 21.10 -63.67 23.38
N LYS B 40 21.30 -63.61 24.69
CA LYS B 40 20.49 -62.74 25.53
C LYS B 40 21.12 -61.37 25.76
N SER B 41 22.45 -61.31 25.86
CA SER B 41 23.12 -60.03 26.02
C SER B 41 22.90 -59.13 24.81
N LEU B 42 23.00 -59.69 23.59
CA LEU B 42 22.73 -58.88 22.42
C LEU B 42 21.24 -58.53 22.32
N ASN B 43 20.36 -59.39 22.83
CA ASN B 43 18.93 -59.13 22.81
C ASN B 43 18.54 -58.00 23.76
N VAL B 44 19.31 -57.79 24.83
CA VAL B 44 19.10 -56.61 25.67
C VAL B 44 19.91 -55.40 25.21
N ALA B 45 21.00 -55.61 24.48
CA ALA B 45 21.73 -54.50 23.86
C ALA B 45 20.98 -53.91 22.67
N LYS B 46 20.13 -54.71 22.04
CA LYS B 46 19.32 -54.22 20.95
C LYS B 46 18.20 -53.47 21.58
N SER B 47 18.05 -53.59 22.89
CA SER B 47 16.94 -52.94 23.53
C SER B 47 17.39 -51.66 24.16
N GLU B 48 18.69 -51.56 24.38
CA GLU B 48 19.20 -50.37 24.97
C GLU B 48 19.34 -49.35 23.91
N PHE B 49 20.09 -49.68 22.87
CA PHE B 49 20.25 -48.80 21.74
C PHE B 49 18.85 -48.39 21.30
N ASP B 50 17.84 -49.23 21.46
CA ASP B 50 16.49 -48.81 21.15
C ASP B 50 16.15 -47.61 21.95
N ARG B 51 16.16 -47.76 23.25
CA ARG B 51 15.70 -46.67 24.07
C ARG B 51 16.34 -45.39 23.74
N ASP B 52 17.65 -45.31 23.92
CA ASP B 52 18.36 -44.06 23.68
C ASP B 52 18.32 -43.58 22.24
N ALA B 53 18.15 -44.47 21.28
CA ALA B 53 18.07 -43.96 19.92
C ALA B 53 16.65 -43.46 19.63
N ALA B 54 15.67 -43.97 20.37
CA ALA B 54 14.32 -43.41 20.30
C ALA B 54 14.12 -42.27 21.28
N MET B 55 15.08 -42.03 22.17
CA MET B 55 15.08 -40.83 22.98
C MET B 55 15.79 -39.66 22.31
N GLN B 56 16.39 -39.88 21.15
CA GLN B 56 17.17 -38.83 20.48
C GLN B 56 16.51 -38.35 19.19
N ARG B 57 16.19 -39.24 18.26
CA ARG B 57 15.74 -38.78 16.95
C ARG B 57 14.38 -38.09 17.00
N LYS B 58 13.70 -38.15 18.14
CA LYS B 58 12.47 -37.40 18.32
C LYS B 58 12.69 -36.05 18.99
N LEU B 59 13.93 -35.71 19.36
CA LEU B 59 14.22 -34.36 19.83
C LEU B 59 14.76 -33.47 18.72
N GLU B 60 15.35 -34.05 17.69
CA GLU B 60 15.78 -33.28 16.53
C GLU B 60 14.61 -32.62 15.81
N LYS B 61 13.42 -33.21 15.87
CA LYS B 61 12.24 -32.58 15.30
C LYS B 61 11.82 -31.35 16.10
N MET B 62 11.80 -31.46 17.44
CA MET B 62 11.36 -30.33 18.25
C MET B 62 12.38 -29.20 18.23
N ALA B 63 13.67 -29.53 18.17
CA ALA B 63 14.70 -28.49 18.05
C ALA B 63 14.56 -27.74 16.72
N ASP B 64 14.35 -28.48 15.63
CA ASP B 64 14.14 -27.85 14.33
C ASP B 64 12.90 -26.97 14.36
N GLN B 65 11.82 -27.45 14.97
CA GLN B 65 10.59 -26.68 15.07
C GLN B 65 10.82 -25.40 15.88
N ALA B 66 11.60 -25.49 16.96
CA ALA B 66 11.91 -24.30 17.75
C ALA B 66 12.70 -23.29 16.94
N MET B 67 13.70 -23.76 16.19
CA MET B 67 14.49 -22.85 15.36
C MET B 67 13.61 -22.15 14.33
N THR B 68 12.73 -22.89 13.67
CA THR B 68 11.84 -22.28 12.69
C THR B 68 10.89 -21.28 13.35
N GLN B 69 10.33 -21.63 14.51
CA GLN B 69 9.38 -20.75 15.18
C GLN B 69 10.03 -19.43 15.57
N MET B 70 11.24 -19.48 16.12
CA MET B 70 11.87 -18.24 16.53
C MET B 70 12.48 -17.48 15.35
N TYR B 71 12.83 -18.17 14.26
CA TYR B 71 13.05 -17.49 12.98
C TYR B 71 11.84 -16.66 12.59
N LYS B 72 10.65 -17.28 12.61
CA LYS B 72 9.42 -16.60 12.22
C LYS B 72 9.13 -15.41 13.12
N GLN B 73 9.32 -15.59 14.43
CA GLN B 73 9.04 -14.50 15.35
C GLN B 73 10.00 -13.33 15.14
N ALA B 74 11.29 -13.62 14.87
CA ALA B 74 12.22 -12.54 14.54
C ALA B 74 11.80 -11.80 13.28
N ARG B 75 11.40 -12.55 12.24
CA ARG B 75 10.95 -11.90 11.01
C ARG B 75 9.77 -10.98 11.28
N SER B 76 8.82 -11.44 12.09
CA SER B 76 7.67 -10.60 12.44
C SER B 76 8.11 -9.35 13.18
N GLU B 77 9.04 -9.48 14.12
CA GLU B 77 9.51 -8.33 14.88
C GLU B 77 10.27 -7.33 14.04
N ASP B 78 10.95 -7.77 12.97
CA ASP B 78 11.56 -6.80 12.05
C ASP B 78 10.50 -6.10 11.20
N LYS B 79 9.51 -6.85 10.70
CA LYS B 79 8.46 -6.23 9.92
C LYS B 79 7.69 -5.18 10.73
N ARG B 80 7.52 -5.44 12.02
CA ARG B 80 6.84 -4.46 12.87
C ARG B 80 7.59 -3.14 12.93
N ALA B 81 8.92 -3.20 13.07
CA ALA B 81 9.71 -1.97 13.09
C ALA B 81 9.63 -1.25 11.75
N LYS B 82 9.67 -2.00 10.65
CA LYS B 82 9.55 -1.37 9.33
C LYS B 82 8.23 -0.60 9.21
N VAL B 83 7.12 -1.25 9.59
CA VAL B 83 5.82 -0.60 9.43
C VAL B 83 5.69 0.58 10.39
N THR B 84 6.27 0.48 11.59
CA THR B 84 6.25 1.61 12.52
C THR B 84 6.95 2.82 11.93
N SER B 85 8.14 2.62 11.37
CA SER B 85 8.87 3.72 10.76
C SER B 85 8.08 4.30 9.58
N ALA B 86 7.47 3.43 8.77
CA ALA B 86 6.70 3.92 7.63
C ALA B 86 5.53 4.80 8.08
N MET B 87 4.78 4.34 9.07
CA MET B 87 3.63 5.11 9.54
C MET B 87 4.07 6.45 10.12
N GLN B 88 5.11 6.44 10.95
CA GLN B 88 5.56 7.68 11.56
C GLN B 88 6.05 8.68 10.52
N THR B 89 6.84 8.21 9.54
CA THR B 89 7.33 9.13 8.53
C THR B 89 6.19 9.64 7.63
N MET B 90 5.16 8.81 7.39
CA MET B 90 4.03 9.29 6.60
C MET B 90 3.31 10.42 7.33
N LEU B 91 3.08 10.23 8.63
CA LEU B 91 2.48 11.30 9.43
C LEU B 91 3.31 12.58 9.35
N PHE B 92 4.62 12.43 9.54
CA PHE B 92 5.48 13.62 9.58
C PHE B 92 5.60 14.31 8.23
N THR B 93 5.51 13.58 7.11
CA THR B 93 5.59 14.26 5.82
C THR B 93 4.26 14.86 5.40
N MET B 94 3.12 14.27 5.82
CA MET B 94 1.85 14.90 5.52
C MET B 94 1.53 16.06 6.45
N LEU B 95 2.23 16.15 7.59
CA LEU B 95 2.02 17.32 8.46
C LEU B 95 2.62 18.58 7.86
N ARG B 96 3.61 18.46 6.99
CA ARG B 96 4.39 19.62 6.53
C ARG B 96 3.66 20.41 5.46
N LYS B 97 2.52 19.92 4.99
CA LYS B 97 1.70 20.64 4.03
C LYS B 97 0.58 21.44 4.69
N LEU B 98 0.57 21.51 6.02
CA LEU B 98 -0.60 21.92 6.79
C LEU B 98 -1.00 23.38 6.61
N ASP B 99 -0.08 24.22 6.11
CA ASP B 99 -0.35 25.64 5.97
C ASP B 99 -0.69 26.14 7.37
N ASN B 100 0.31 26.20 8.24
CA ASN B 100 0.13 26.34 9.68
C ASN B 100 -0.13 27.77 10.13
N ASP B 101 -0.51 28.65 9.19
CA ASP B 101 -0.87 30.02 9.54
C ASP B 101 -2.32 30.36 9.25
N ALA B 102 -2.91 29.84 8.17
CA ALA B 102 -4.32 30.06 7.92
C ALA B 102 -5.20 29.11 8.71
N LEU B 103 -4.62 28.08 9.33
CA LEU B 103 -5.35 27.14 10.16
C LEU B 103 -5.32 27.51 11.64
N ASN B 104 -4.21 28.09 12.12
CA ASN B 104 -4.11 28.55 13.49
C ASN B 104 -5.10 29.66 13.81
N ASN B 105 -5.29 30.61 12.88
CA ASN B 105 -6.19 31.72 13.11
C ASN B 105 -7.62 31.22 13.32
N ILE B 106 -8.12 30.36 12.44
CA ILE B 106 -9.50 29.91 12.55
C ILE B 106 -9.67 28.99 13.77
N ILE B 107 -8.61 28.28 14.18
CA ILE B 107 -8.71 27.45 15.37
C ILE B 107 -8.78 28.30 16.63
N ASN B 108 -8.00 29.39 16.68
CA ASN B 108 -7.98 30.22 17.87
C ASN B 108 -9.31 30.93 18.13
N ASN B 109 -10.15 31.08 17.11
CA ASN B 109 -11.44 31.74 17.27
C ASN B 109 -12.51 30.83 17.87
N ALA B 110 -12.26 29.53 17.94
CA ALA B 110 -13.24 28.61 18.51
C ALA B 110 -13.37 28.84 20.02
N ARG B 111 -14.59 28.67 20.52
CA ARG B 111 -14.82 28.86 21.95
C ARG B 111 -14.06 27.82 22.78
N ASP B 112 -14.07 26.57 22.33
CA ASP B 112 -13.40 25.49 23.05
C ASP B 112 -12.14 25.00 22.35
N GLY B 113 -11.90 25.41 21.10
CA GLY B 113 -10.81 24.88 20.31
C GLY B 113 -11.24 23.79 19.34
N CYS B 114 -12.43 23.23 19.52
CA CYS B 114 -12.96 22.22 18.61
C CYS B 114 -13.65 22.88 17.44
N VAL B 115 -13.29 22.45 16.23
CA VAL B 115 -13.94 22.93 15.01
C VAL B 115 -14.29 21.71 14.17
N PRO B 116 -15.41 21.72 13.45
CA PRO B 116 -15.75 20.57 12.59
C PRO B 116 -14.70 20.36 11.52
N LEU B 117 -14.47 19.09 11.19
CA LEU B 117 -13.43 18.76 10.21
C LEU B 117 -13.77 19.30 8.83
N ASN B 118 -15.04 19.22 8.44
CA ASN B 118 -15.44 19.58 7.08
C ASN B 118 -15.25 21.05 6.75
N ILE B 119 -15.02 21.90 7.76
CA ILE B 119 -14.75 23.31 7.51
C ILE B 119 -13.26 23.63 7.50
N ILE B 120 -12.40 22.65 7.75
CA ILE B 120 -10.95 22.88 7.75
C ILE B 120 -10.47 23.08 6.31
N PRO B 121 -10.75 22.18 5.36
CA PRO B 121 -10.34 22.46 3.97
C PRO B 121 -11.13 23.57 3.32
N LEU B 122 -12.32 23.88 3.81
CA LEU B 122 -13.15 24.90 3.19
C LEU B 122 -12.54 26.28 3.34
N THR B 123 -11.95 26.56 4.51
CA THR B 123 -11.48 27.90 4.82
C THR B 123 -9.97 28.01 4.93
N THR B 124 -9.23 26.92 4.68
CA THR B 124 -7.78 26.93 4.84
C THR B 124 -7.04 26.45 3.60
N ALA B 125 -7.58 25.48 2.87
CA ALA B 125 -6.88 24.89 1.73
C ALA B 125 -6.62 25.92 0.66
N ALA B 126 -5.50 25.77 -0.05
CA ALA B 126 -5.05 26.73 -1.04
C ALA B 126 -5.13 26.22 -2.47
N LYS B 127 -5.87 25.14 -2.72
CA LYS B 127 -6.05 24.64 -4.08
C LYS B 127 -7.44 24.03 -4.20
N LEU B 128 -8.11 24.32 -5.30
CA LEU B 128 -9.44 23.80 -5.58
C LEU B 128 -9.45 23.05 -6.90
N MET B 129 -10.05 21.87 -6.90
CA MET B 129 -10.14 21.04 -8.09
C MET B 129 -11.61 20.72 -8.35
N VAL B 130 -12.18 21.32 -9.39
CA VAL B 130 -13.57 21.09 -9.75
C VAL B 130 -13.62 20.05 -10.86
N VAL B 131 -14.63 19.19 -10.79
CA VAL B 131 -14.85 18.15 -11.79
C VAL B 131 -16.16 18.46 -12.50
N ILE B 132 -16.12 18.53 -13.82
CA ILE B 132 -17.21 19.05 -14.63
C ILE B 132 -17.68 17.97 -15.59
N PRO B 133 -18.96 17.56 -15.55
CA PRO B 133 -19.45 16.49 -16.42
C PRO B 133 -19.80 16.94 -17.83
N ASP B 134 -20.28 18.17 -17.99
CA ASP B 134 -20.70 18.65 -19.30
C ASP B 134 -20.49 20.15 -19.40
N TYR B 135 -20.64 20.67 -20.62
CA TYR B 135 -20.37 22.07 -20.88
C TYR B 135 -21.38 22.98 -20.18
N ASN B 136 -22.65 22.55 -20.12
CA ASN B 136 -23.67 23.38 -19.48
C ASN B 136 -23.38 23.57 -18.00
N THR B 137 -22.94 22.51 -17.32
CA THR B 137 -22.53 22.65 -15.93
C THR B 137 -21.25 23.49 -15.82
N TYR B 138 -20.40 23.43 -16.84
CA TYR B 138 -19.21 24.27 -16.86
C TYR B 138 -19.58 25.75 -16.95
N LYS B 139 -20.68 26.07 -17.63
CA LYS B 139 -21.04 27.47 -17.82
C LYS B 139 -21.47 28.12 -16.51
N ASN B 140 -22.23 27.41 -15.67
CA ASN B 140 -22.79 28.00 -14.47
C ASN B 140 -21.81 28.00 -13.29
N THR B 141 -20.72 27.25 -13.35
CA THR B 141 -19.88 27.08 -12.18
C THR B 141 -18.48 27.66 -12.38
N CYS B 142 -17.79 27.25 -13.44
CA CYS B 142 -16.38 27.53 -13.63
C CYS B 142 -16.13 28.47 -14.80
N ASP B 143 -17.11 29.31 -15.15
CA ASP B 143 -17.00 30.16 -16.32
C ASP B 143 -15.88 31.20 -16.15
N GLY B 144 -15.17 31.46 -17.23
CA GLY B 144 -14.13 32.48 -17.23
C GLY B 144 -12.83 31.99 -16.62
N THR B 145 -11.87 32.90 -16.56
CA THR B 145 -10.58 32.63 -15.96
C THR B 145 -10.59 32.77 -14.44
N THR B 146 -11.54 33.51 -13.88
CA THR B 146 -11.69 33.63 -12.43
C THR B 146 -13.15 33.41 -12.07
N PHE B 147 -13.37 32.71 -10.96
CA PHE B 147 -14.72 32.45 -10.48
C PHE B 147 -14.73 32.60 -8.97
N THR B 148 -15.89 32.33 -8.37
CA THR B 148 -16.07 32.45 -6.93
C THR B 148 -16.74 31.20 -6.39
N TYR B 149 -16.28 30.75 -5.23
CA TYR B 149 -16.86 29.61 -4.54
C TYR B 149 -16.43 29.65 -3.09
N ALA B 150 -17.27 29.09 -2.22
CA ALA B 150 -17.00 29.03 -0.78
C ALA B 150 -16.73 30.42 -0.20
N SER B 151 -17.46 31.41 -0.72
CA SER B 151 -17.31 32.81 -0.30
C SER B 151 -15.88 33.30 -0.47
N ALA B 152 -15.22 32.82 -1.53
CA ALA B 152 -13.87 33.24 -1.86
C ALA B 152 -13.73 33.31 -3.38
N LEU B 153 -12.67 33.95 -3.83
CA LEU B 153 -12.42 34.16 -5.26
C LEU B 153 -11.22 33.32 -5.67
N TRP B 154 -11.41 32.48 -6.69
CA TRP B 154 -10.38 31.58 -7.18
C TRP B 154 -10.07 31.90 -8.63
N GLU B 155 -8.82 31.67 -9.03
CA GLU B 155 -8.35 31.99 -10.38
C GLU B 155 -7.78 30.74 -11.04
N ILE B 156 -8.24 30.47 -12.26
CA ILE B 156 -7.89 29.24 -12.96
C ILE B 156 -6.43 29.25 -13.38
N GLN B 157 -5.77 28.10 -13.26
CA GLN B 157 -4.41 27.96 -13.74
C GLN B 157 -4.24 26.80 -14.72
N GLN B 158 -4.93 25.69 -14.48
CA GLN B 158 -4.75 24.48 -15.27
C GLN B 158 -6.08 23.75 -15.45
N VAL B 159 -6.26 23.18 -16.64
CA VAL B 159 -7.45 22.39 -16.98
C VAL B 159 -6.97 21.13 -17.70
N VAL B 160 -7.49 19.97 -17.30
CA VAL B 160 -7.17 18.70 -17.97
C VAL B 160 -8.46 17.94 -18.23
N ASP B 161 -8.38 17.00 -19.17
CA ASP B 161 -9.50 16.13 -19.49
C ASP B 161 -9.35 14.79 -18.79
N ALA B 162 -10.18 13.81 -19.17
CA ALA B 162 -10.11 12.49 -18.56
C ALA B 162 -8.78 11.80 -18.83
N ASP B 163 -8.16 12.07 -19.98
CA ASP B 163 -6.89 11.47 -20.35
C ASP B 163 -5.71 12.19 -19.72
N SER B 164 -5.96 13.16 -18.85
CA SER B 164 -4.92 13.94 -18.17
C SER B 164 -4.04 14.69 -19.17
N LYS B 165 -4.62 15.18 -20.25
CA LYS B 165 -3.92 16.01 -21.22
C LYS B 165 -4.43 17.44 -21.13
N ILE B 166 -3.55 18.39 -21.43
CA ILE B 166 -3.82 19.79 -21.18
C ILE B 166 -4.83 20.32 -22.20
N VAL B 167 -5.78 21.12 -21.72
CA VAL B 167 -6.78 21.78 -22.56
C VAL B 167 -6.70 23.28 -22.30
N GLN B 168 -6.59 24.06 -23.38
CA GLN B 168 -6.61 25.50 -23.26
C GLN B 168 -8.04 25.99 -23.04
N LEU B 169 -8.16 27.12 -22.35
CA LEU B 169 -9.47 27.66 -22.02
C LEU B 169 -10.25 28.10 -23.25
N SER B 170 -9.61 28.26 -24.40
CA SER B 170 -10.30 28.67 -25.61
C SER B 170 -11.05 27.52 -26.29
N GLU B 171 -10.70 26.27 -25.98
CA GLU B 171 -11.32 25.13 -26.66
C GLU B 171 -12.67 24.75 -26.10
N ILE B 172 -13.04 25.26 -24.91
CA ILE B 172 -14.29 24.86 -24.29
C ILE B 172 -15.40 25.75 -24.81
N SER B 173 -15.98 25.36 -25.94
CA SER B 173 -17.10 26.08 -26.54
C SER B 173 -18.35 25.18 -26.50
N MET B 174 -19.45 25.65 -27.08
CA MET B 174 -20.66 24.84 -27.17
C MET B 174 -20.56 23.83 -28.33
N ASP B 175 -20.17 24.31 -29.51
CA ASP B 175 -20.08 23.45 -30.68
C ASP B 175 -18.87 22.52 -30.65
N ASN B 176 -17.78 22.93 -30.00
CA ASN B 176 -16.60 22.08 -29.91
C ASN B 176 -16.63 21.14 -28.71
N SER B 177 -17.67 21.22 -27.88
CA SER B 177 -17.76 20.33 -26.72
C SER B 177 -17.77 18.85 -27.07
N PRO B 178 -18.47 18.37 -28.13
CA PRO B 178 -18.51 16.92 -28.37
C PRO B 178 -17.16 16.29 -28.68
N ASN B 179 -16.11 17.10 -28.86
CA ASN B 179 -14.78 16.60 -29.15
C ASN B 179 -13.85 16.63 -27.94
N LEU B 180 -14.40 16.50 -26.74
CA LEU B 180 -13.62 16.54 -25.51
C LEU B 180 -14.03 15.37 -24.61
N ALA B 181 -13.05 14.74 -23.98
CA ALA B 181 -13.36 13.84 -22.87
C ALA B 181 -13.92 14.68 -21.74
N TRP B 182 -15.06 14.30 -21.17
CA TRP B 182 -15.76 15.34 -20.42
C TRP B 182 -16.02 15.03 -18.94
N PRO B 183 -15.09 14.43 -18.20
CA PRO B 183 -14.96 14.80 -16.79
C PRO B 183 -13.86 15.83 -16.59
N LEU B 184 -14.05 17.06 -17.08
CA LEU B 184 -12.94 18.02 -17.05
C LEU B 184 -12.56 18.37 -15.62
N ILE B 185 -11.27 18.30 -15.33
CA ILE B 185 -10.74 18.62 -14.01
C ILE B 185 -10.05 19.97 -14.14
N VAL B 186 -10.59 20.97 -13.44
CA VAL B 186 -10.04 22.32 -13.47
C VAL B 186 -9.46 22.61 -12.09
N THR B 187 -8.17 22.91 -12.03
CA THR B 187 -7.51 23.21 -10.77
C THR B 187 -7.14 24.68 -10.71
N ALA B 188 -7.32 25.28 -9.53
CA ALA B 188 -7.17 26.71 -9.37
C ALA B 188 -6.61 27.00 -7.97
N LEU B 189 -6.06 28.20 -7.82
CA LEU B 189 -5.47 28.63 -6.57
C LEU B 189 -6.32 29.75 -5.95
N ARG B 190 -6.43 29.73 -4.63
CA ARG B 190 -7.14 30.79 -3.93
C ARG B 190 -6.39 32.10 -4.06
N ALA B 191 -7.01 33.08 -4.71
CA ALA B 191 -6.39 34.37 -4.94
C ALA B 191 -6.72 35.34 -3.81
N ASN B 192 -5.89 36.36 -3.67
CA ASN B 192 -6.05 37.32 -2.59
C ASN B 192 -5.94 38.75 -3.12
N LYS C 2 -27.82 -19.18 -33.02
CA LYS C 2 -26.76 -18.50 -33.75
C LYS C 2 -26.36 -17.21 -33.04
N MET C 3 -27.31 -16.63 -32.30
CA MET C 3 -27.01 -15.41 -31.54
C MET C 3 -25.91 -15.64 -30.53
N SER C 4 -25.77 -16.88 -30.02
CA SER C 4 -24.68 -17.20 -29.11
C SER C 4 -23.33 -16.98 -29.77
N ASP C 5 -23.21 -17.31 -31.06
CA ASP C 5 -21.98 -17.07 -31.78
C ASP C 5 -21.64 -15.57 -31.78
N VAL C 6 -22.64 -14.73 -32.04
CA VAL C 6 -22.42 -13.29 -32.08
C VAL C 6 -22.00 -12.79 -30.70
N LYS C 7 -22.66 -13.25 -29.65
CA LYS C 7 -22.29 -12.79 -28.31
C LYS C 7 -20.87 -13.21 -27.93
N CYS C 8 -20.50 -14.46 -28.23
CA CYS C 8 -19.16 -14.93 -27.90
C CYS C 8 -18.09 -14.17 -28.70
N THR C 9 -18.32 -13.96 -29.99
CA THR C 9 -17.33 -13.21 -30.76
C THR C 9 -17.27 -11.75 -30.35
N SER C 10 -18.38 -11.18 -29.86
CA SER C 10 -18.32 -9.83 -29.29
C SER C 10 -17.46 -9.81 -28.04
N VAL C 11 -17.58 -10.84 -27.19
CA VAL C 11 -16.73 -10.93 -26.01
C VAL C 11 -15.26 -10.97 -26.43
N VAL C 12 -14.95 -11.81 -27.42
CA VAL C 12 -13.55 -11.94 -27.85
C VAL C 12 -13.04 -10.63 -28.44
N LEU C 13 -13.87 -9.96 -29.26
CA LEU C 13 -13.45 -8.71 -29.87
C LEU C 13 -13.19 -7.64 -28.82
N LEU C 14 -14.06 -7.53 -27.82
CA LEU C 14 -13.79 -6.55 -26.77
C LEU C 14 -12.53 -6.91 -25.99
N SER C 15 -12.27 -8.21 -25.79
CA SER C 15 -11.06 -8.60 -25.09
C SER C 15 -9.81 -8.14 -25.84
N VAL C 16 -9.77 -8.40 -27.14
CA VAL C 16 -8.57 -8.01 -27.90
C VAL C 16 -8.48 -6.49 -28.01
N LEU C 17 -9.62 -5.81 -28.14
CA LEU C 17 -9.60 -4.35 -28.16
C LEU C 17 -9.05 -3.77 -26.85
N GLN C 18 -9.48 -4.33 -25.72
CA GLN C 18 -9.00 -3.86 -24.42
C GLN C 18 -7.50 -4.09 -24.29
N GLN C 19 -7.03 -5.26 -24.73
CA GLN C 19 -5.61 -5.58 -24.66
C GLN C 19 -4.77 -4.85 -25.70
N LEU C 20 -5.39 -4.20 -26.68
CA LEU C 20 -4.68 -3.31 -27.59
C LEU C 20 -4.54 -1.90 -27.04
N ARG C 21 -4.72 -1.72 -25.73
CA ARG C 21 -4.64 -0.42 -25.06
C ARG C 21 -5.61 0.60 -25.66
N VAL C 22 -6.82 0.16 -26.00
CA VAL C 22 -7.86 1.08 -26.44
C VAL C 22 -8.36 1.95 -25.29
N GLU C 23 -8.44 1.40 -24.07
CA GLU C 23 -9.00 2.10 -22.93
C GLU C 23 -8.13 3.27 -22.47
N SER C 24 -7.05 3.59 -23.18
CA SER C 24 -6.26 4.77 -22.92
C SER C 24 -6.86 6.02 -23.56
N SER C 25 -7.97 5.86 -24.29
CA SER C 25 -8.75 6.98 -24.83
C SER C 25 -10.16 6.80 -24.30
N SER C 26 -10.61 7.74 -23.48
CA SER C 26 -11.80 7.54 -22.66
C SER C 26 -13.05 7.33 -23.51
N LYS C 27 -13.29 8.22 -24.47
CA LYS C 27 -14.56 8.17 -25.20
C LYS C 27 -14.64 6.96 -26.12
N LEU C 28 -13.53 6.58 -26.77
CA LEU C 28 -13.54 5.40 -27.62
C LEU C 28 -13.85 4.15 -26.81
N TRP C 29 -13.21 4.02 -25.64
CA TRP C 29 -13.49 2.89 -24.76
C TRP C 29 -14.93 2.92 -24.27
N ALA C 30 -15.46 4.10 -23.99
CA ALA C 30 -16.86 4.19 -23.56
C ALA C 30 -17.80 3.69 -24.64
N GLN C 31 -17.58 4.10 -25.89
CA GLN C 31 -18.43 3.64 -26.98
C GLN C 31 -18.30 2.14 -27.20
N CYS C 32 -17.06 1.62 -27.15
CA CYS C 32 -16.86 0.19 -27.33
C CYS C 32 -17.54 -0.61 -26.21
N VAL C 33 -17.43 -0.13 -24.97
CA VAL C 33 -18.07 -0.82 -23.85
C VAL C 33 -19.59 -0.79 -24.00
N GLN C 34 -20.14 0.35 -24.42
CA GLN C 34 -21.58 0.44 -24.63
C GLN C 34 -22.03 -0.57 -25.70
N LEU C 35 -21.31 -0.63 -26.82
CA LEU C 35 -21.69 -1.56 -27.87
C LEU C 35 -21.59 -3.01 -27.40
N HIS C 36 -20.53 -3.36 -26.67
CA HIS C 36 -20.36 -4.73 -26.21
C HIS C 36 -21.43 -5.10 -25.20
N ASN C 37 -21.72 -4.23 -24.23
CA ASN C 37 -22.76 -4.50 -23.25
C ASN C 37 -24.14 -4.60 -23.89
N ASP C 38 -24.39 -3.83 -24.95
CA ASP C 38 -25.71 -3.87 -25.57
C ASP C 38 -25.86 -5.07 -26.49
N ILE C 39 -24.79 -5.54 -27.14
CA ILE C 39 -24.87 -6.75 -27.95
C ILE C 39 -25.22 -7.96 -27.09
N LEU C 40 -24.62 -8.07 -25.90
CA LEU C 40 -24.92 -9.18 -25.01
C LEU C 40 -26.37 -9.21 -24.54
N LEU C 41 -27.06 -8.07 -24.56
CA LEU C 41 -28.45 -7.99 -24.11
C LEU C 41 -29.46 -8.05 -25.25
N ALA C 42 -29.02 -8.14 -26.50
CA ALA C 42 -29.95 -8.16 -27.62
C ALA C 42 -30.76 -9.46 -27.61
N LYS C 43 -31.95 -9.38 -28.21
CA LYS C 43 -32.84 -10.53 -28.29
C LYS C 43 -33.19 -10.93 -29.71
N ASP C 44 -32.75 -10.19 -30.72
CA ASP C 44 -32.88 -10.62 -32.10
C ASP C 44 -31.54 -10.51 -32.79
N THR C 45 -31.30 -11.40 -33.76
CA THR C 45 -30.03 -11.41 -34.48
C THR C 45 -29.93 -10.29 -35.49
N THR C 46 -31.03 -9.57 -35.74
CA THR C 46 -31.06 -8.53 -36.75
C THR C 46 -30.66 -7.15 -36.21
N GLU C 47 -30.34 -7.03 -34.92
CA GLU C 47 -29.70 -5.82 -34.42
C GLU C 47 -28.28 -6.06 -33.90
N ALA C 48 -28.04 -7.26 -33.38
CA ALA C 48 -26.72 -7.62 -32.90
C ALA C 48 -25.69 -7.58 -34.01
N PHE C 49 -26.07 -7.93 -35.23
CA PHE C 49 -25.10 -8.00 -36.33
C PHE C 49 -24.59 -6.61 -36.71
N GLU C 50 -25.46 -5.62 -36.81
CA GLU C 50 -24.99 -4.29 -37.18
C GLU C 50 -24.29 -3.62 -36.01
N LYS C 51 -24.71 -3.88 -34.77
CA LYS C 51 -23.87 -3.38 -33.68
C LYS C 51 -22.50 -4.07 -33.67
N MET C 52 -22.45 -5.34 -34.05
CA MET C 52 -21.20 -6.07 -34.17
C MET C 52 -20.31 -5.49 -35.26
N VAL C 53 -20.89 -5.11 -36.39
CA VAL C 53 -20.10 -4.53 -37.47
C VAL C 53 -19.62 -3.14 -37.08
N SER C 54 -20.45 -2.38 -36.36
CA SER C 54 -20.00 -1.09 -35.84
C SER C 54 -18.83 -1.26 -34.87
N LEU C 55 -18.87 -2.30 -34.03
CA LEU C 55 -17.78 -2.53 -33.09
C LEU C 55 -16.53 -3.04 -33.78
N LEU C 56 -16.68 -3.77 -34.90
CA LEU C 56 -15.50 -4.23 -35.63
C LEU C 56 -14.84 -3.09 -36.41
N SER C 57 -15.64 -2.11 -36.86
CA SER C 57 -15.06 -0.96 -37.52
C SER C 57 -14.09 -0.21 -36.62
N VAL C 58 -14.23 -0.38 -35.30
CA VAL C 58 -13.27 0.23 -34.39
C VAL C 58 -11.90 -0.41 -34.54
N LEU C 59 -11.83 -1.74 -34.56
CA LEU C 59 -10.54 -2.41 -34.65
C LEU C 59 -9.95 -2.30 -36.06
N LEU C 60 -10.80 -2.20 -37.07
CA LEU C 60 -10.28 -2.08 -38.43
C LEU C 60 -9.72 -0.70 -38.74
N SER C 61 -9.74 0.22 -37.77
CA SER C 61 -9.24 1.57 -37.98
C SER C 61 -7.82 1.78 -37.48
N MET C 62 -7.35 0.96 -36.52
CA MET C 62 -6.02 1.12 -35.96
C MET C 62 -4.98 0.50 -36.88
N GLN C 63 -3.73 0.46 -36.43
CA GLN C 63 -2.63 -0.12 -37.20
C GLN C 63 -1.78 -1.00 -36.30
N GLY C 64 -2.38 -1.60 -35.28
CA GLY C 64 -1.67 -2.49 -34.39
C GLY C 64 -1.91 -3.95 -34.71
N ALA C 65 -3.03 -4.23 -35.36
CA ALA C 65 -3.41 -5.58 -35.75
C ALA C 65 -3.07 -5.79 -37.22
N VAL C 66 -2.07 -6.62 -37.49
CA VAL C 66 -1.72 -6.95 -38.87
C VAL C 66 -2.78 -7.88 -39.43
N ASP C 67 -3.48 -7.44 -40.47
CA ASP C 67 -4.70 -8.10 -40.92
C ASP C 67 -4.44 -9.14 -41.99
N ILE C 68 -3.64 -8.79 -43.01
CA ILE C 68 -3.36 -9.71 -44.10
C ILE C 68 -2.66 -10.97 -43.59
N ASN C 69 -1.69 -10.81 -42.69
CA ASN C 69 -1.03 -11.96 -42.10
C ASN C 69 -2.00 -12.79 -41.27
N LYS C 70 -2.82 -12.15 -40.44
CA LYS C 70 -3.65 -12.86 -39.49
C LYS C 70 -4.93 -13.42 -40.10
N LEU C 71 -5.22 -13.14 -41.37
CA LEU C 71 -6.27 -13.87 -42.07
C LEU C 71 -5.65 -14.87 -43.03
N CYS C 72 -4.62 -15.59 -42.55
CA CYS C 72 -3.89 -16.56 -43.35
C CYS C 72 -4.76 -17.70 -43.87
N GLU C 73 -6.02 -17.79 -43.43
CA GLU C 73 -6.96 -18.81 -43.89
C GLU C 73 -6.45 -20.21 -43.57
N PHE D 6 7.57 -53.91 -7.22
CA PHE D 6 8.42 -54.19 -6.06
C PHE D 6 9.13 -55.53 -6.22
N SER D 7 9.57 -55.83 -7.45
CA SER D 7 10.20 -57.11 -7.74
C SER D 7 11.71 -57.02 -7.87
N SER D 8 12.23 -55.86 -8.29
CA SER D 8 13.67 -55.71 -8.57
C SER D 8 14.44 -55.20 -7.37
N LEU D 9 14.37 -55.93 -6.25
CA LEU D 9 15.10 -55.60 -5.04
C LEU D 9 15.81 -56.84 -4.51
N PRO D 10 16.92 -56.68 -3.78
CA PRO D 10 17.67 -57.87 -3.35
C PRO D 10 16.97 -58.62 -2.22
N SER D 11 16.42 -57.87 -1.28
CA SER D 11 15.67 -58.50 -0.21
C SER D 11 14.40 -59.16 -0.74
N TYR D 12 14.06 -58.91 -2.01
CA TYR D 12 13.14 -59.79 -2.72
C TYR D 12 13.74 -61.19 -2.90
N ALA D 13 15.01 -61.27 -3.26
CA ALA D 13 15.63 -62.59 -3.38
C ALA D 13 15.69 -63.27 -2.02
N ALA D 14 15.92 -62.48 -0.98
CA ALA D 14 15.88 -63.02 0.38
C ALA D 14 14.49 -63.58 0.72
N PHE D 15 13.44 -62.81 0.41
CA PHE D 15 12.08 -63.31 0.65
C PHE D 15 11.77 -64.54 -0.18
N ALA D 16 12.27 -64.61 -1.42
CA ALA D 16 12.03 -65.78 -2.26
C ALA D 16 12.70 -67.02 -1.68
N THR D 17 13.94 -66.86 -1.19
CA THR D 17 14.62 -67.98 -0.54
C THR D 17 13.85 -68.44 0.69
N ALA D 18 13.37 -67.49 1.49
CA ALA D 18 12.59 -67.85 2.67
C ALA D 18 11.29 -68.57 2.28
N GLN D 19 10.61 -68.10 1.24
CA GLN D 19 9.38 -68.74 0.78
C GLN D 19 9.65 -70.16 0.30
N GLU D 20 10.73 -70.36 -0.44
CA GLU D 20 11.08 -71.70 -0.90
C GLU D 20 11.37 -72.62 0.28
N ALA D 21 12.11 -72.11 1.28
CA ALA D 21 12.44 -72.93 2.45
C ALA D 21 11.19 -73.31 3.23
N TYR D 22 10.27 -72.36 3.41
CA TYR D 22 9.04 -72.66 4.13
C TYR D 22 8.14 -73.60 3.33
N GLU D 23 8.11 -73.46 2.01
CA GLU D 23 7.35 -74.39 1.19
C GLU D 23 7.89 -75.81 1.33
N GLN D 24 9.22 -75.94 1.34
CA GLN D 24 9.83 -77.25 1.57
C GLN D 24 9.47 -77.79 2.95
N ALA D 25 9.51 -76.93 3.98
CA ALA D 25 9.19 -77.36 5.33
C ALA D 25 7.75 -77.84 5.44
N VAL D 26 6.82 -77.09 4.85
CA VAL D 26 5.41 -77.47 4.91
C VAL D 26 5.12 -78.72 4.09
N ALA D 27 5.70 -78.84 2.89
CA ALA D 27 5.49 -80.03 2.08
C ALA D 27 6.16 -81.27 2.66
N ASN D 28 7.19 -81.10 3.49
CA ASN D 28 7.88 -82.23 4.08
C ASN D 28 7.32 -82.62 5.45
N GLY D 29 6.71 -81.69 6.18
CA GLY D 29 6.27 -81.96 7.54
C GLY D 29 7.40 -82.41 8.42
N ASP D 30 8.39 -81.53 8.61
CA ASP D 30 9.65 -81.95 9.22
C ASP D 30 9.57 -82.02 10.75
N SER D 31 9.30 -80.88 11.39
CA SER D 31 9.39 -80.79 12.84
C SER D 31 8.34 -79.79 13.33
N GLU D 32 8.52 -79.32 14.56
CA GLU D 32 7.67 -78.30 15.16
C GLU D 32 8.43 -77.03 15.49
N VAL D 33 9.70 -77.12 15.84
CA VAL D 33 10.51 -75.94 16.17
C VAL D 33 11.38 -75.58 14.98
N VAL D 34 11.77 -76.58 14.18
CA VAL D 34 12.60 -76.33 13.02
C VAL D 34 11.86 -75.50 11.98
N LEU D 35 10.60 -75.83 11.69
CA LEU D 35 9.80 -74.99 10.80
C LEU D 35 9.45 -73.65 11.44
N LYS D 36 9.44 -73.57 12.77
CA LYS D 36 9.35 -72.27 13.43
C LYS D 36 10.58 -71.41 13.17
N LYS D 37 11.75 -72.03 13.00
CA LYS D 37 12.93 -71.31 12.56
C LYS D 37 12.84 -70.88 11.10
N LEU D 38 12.19 -71.69 10.26
CA LEU D 38 11.95 -71.34 8.86
C LEU D 38 10.73 -70.43 8.70
N LYS D 39 10.00 -70.17 9.79
CA LYS D 39 9.05 -69.07 9.82
C LYS D 39 9.50 -67.95 10.75
N LYS D 40 10.55 -68.15 11.54
CA LYS D 40 11.18 -67.07 12.29
C LYS D 40 11.86 -66.10 11.34
N SER D 41 12.72 -66.62 10.48
CA SER D 41 13.46 -65.80 9.53
C SER D 41 12.67 -65.62 8.24
N LEU D 42 11.36 -65.86 8.30
CA LEU D 42 10.49 -65.68 7.15
C LEU D 42 9.50 -64.55 7.35
N ASN D 43 8.73 -64.56 8.44
CA ASN D 43 7.85 -63.43 8.72
C ASN D 43 8.61 -62.15 9.01
N VAL D 44 9.89 -62.25 9.41
CA VAL D 44 10.69 -61.03 9.54
C VAL D 44 11.11 -60.56 8.16
N ALA D 45 11.30 -61.47 7.21
CA ALA D 45 11.67 -61.09 5.86
C ALA D 45 10.64 -60.17 5.21
N LYS D 46 9.40 -60.19 5.70
CA LYS D 46 8.40 -59.20 5.33
C LYS D 46 8.50 -57.94 6.17
N SER D 47 9.30 -57.94 7.25
CA SER D 47 9.45 -56.72 8.05
C SER D 47 10.58 -55.85 7.54
N GLU D 48 11.44 -56.39 6.67
CA GLU D 48 12.36 -55.60 5.87
C GLU D 48 12.02 -55.70 4.39
N PHE D 49 10.86 -56.25 4.07
CA PHE D 49 10.30 -56.11 2.73
C PHE D 49 9.05 -55.26 2.65
N ASP D 50 8.02 -55.57 3.43
CA ASP D 50 6.83 -54.75 3.39
C ASP D 50 7.06 -53.37 4.00
N ARG D 51 8.29 -53.09 4.42
CA ARG D 51 8.70 -51.75 4.82
C ARG D 51 9.50 -51.04 3.75
N ASP D 52 10.61 -51.62 3.28
CA ASP D 52 11.43 -50.91 2.29
C ASP D 52 10.70 -50.78 0.96
N ALA D 53 9.69 -51.63 0.72
CA ALA D 53 8.80 -51.47 -0.42
C ALA D 53 7.58 -50.63 -0.10
N ALA D 54 7.61 -49.87 0.99
CA ALA D 54 6.54 -48.95 1.35
C ALA D 54 6.98 -47.49 1.22
N MET D 55 8.12 -47.13 1.80
CA MET D 55 8.64 -45.78 1.58
C MET D 55 8.88 -45.53 0.10
N GLN D 56 9.46 -46.50 -0.62
CA GLN D 56 9.74 -46.31 -2.03
C GLN D 56 8.46 -46.22 -2.86
N ARG D 57 7.45 -47.02 -2.51
CA ARG D 57 6.17 -46.95 -3.21
C ARG D 57 5.45 -45.63 -2.92
N LYS D 58 5.67 -45.03 -1.76
CA LYS D 58 5.18 -43.68 -1.52
C LYS D 58 6.00 -42.65 -2.31
N LEU D 59 7.31 -42.91 -2.43
CA LEU D 59 8.19 -42.00 -3.18
C LEU D 59 7.77 -41.89 -4.63
N GLU D 60 7.36 -43.00 -5.23
CA GLU D 60 6.98 -42.98 -6.64
C GLU D 60 5.75 -42.09 -6.90
N LYS D 61 4.71 -42.24 -6.09
CA LYS D 61 3.57 -41.31 -6.20
C LYS D 61 3.92 -39.88 -5.82
N MET D 62 4.99 -39.67 -5.08
CA MET D 62 5.42 -38.31 -4.87
C MET D 62 5.89 -37.89 -6.26
N ALA D 63 6.60 -38.74 -6.98
CA ALA D 63 7.16 -38.38 -8.28
C ALA D 63 6.17 -38.08 -9.33
N ASP D 64 5.26 -38.99 -9.59
CA ASP D 64 4.34 -38.78 -10.67
C ASP D 64 3.52 -37.50 -10.46
N GLN D 65 3.21 -37.18 -9.21
CA GLN D 65 2.45 -35.99 -8.95
C GLN D 65 3.33 -34.80 -8.67
N ALA D 66 4.63 -34.94 -8.71
CA ALA D 66 5.45 -33.77 -8.54
C ALA D 66 5.69 -33.37 -9.94
N MET D 67 5.69 -34.35 -10.80
CA MET D 67 5.95 -34.08 -12.17
C MET D 67 4.67 -33.55 -12.63
N THR D 68 3.66 -33.50 -11.77
CA THR D 68 2.44 -32.95 -12.35
C THR D 68 2.20 -31.52 -11.91
N GLN D 69 2.46 -31.19 -10.64
CA GLN D 69 2.24 -29.82 -10.17
C GLN D 69 3.17 -28.86 -10.90
N MET D 70 4.15 -29.49 -11.56
CA MET D 70 5.09 -28.72 -12.41
C MET D 70 4.87 -28.67 -13.91
N TYR D 71 4.19 -29.60 -14.54
CA TYR D 71 3.91 -29.43 -15.98
C TYR D 71 2.86 -28.39 -16.08
N LYS D 72 1.98 -28.31 -15.11
CA LYS D 72 0.89 -27.37 -15.14
C LYS D 72 1.26 -26.03 -14.59
N GLN D 73 2.53 -25.70 -14.56
CA GLN D 73 2.97 -24.41 -14.10
C GLN D 73 3.87 -24.05 -15.22
N ALA D 74 4.39 -25.05 -15.88
CA ALA D 74 5.21 -24.76 -17.01
C ALA D 74 4.17 -24.39 -17.90
N ARG D 75 2.96 -24.88 -17.65
CA ARG D 75 1.91 -24.58 -18.61
C ARG D 75 1.19 -23.28 -18.25
N SER D 76 0.92 -23.07 -16.96
CA SER D 76 0.22 -21.87 -16.52
C SER D 76 1.04 -20.62 -16.79
N GLU D 77 2.34 -20.64 -16.49
CA GLU D 77 3.19 -19.48 -16.70
C GLU D 77 3.57 -19.28 -18.15
N ASP D 78 3.41 -20.30 -19.00
CA ASP D 78 3.57 -20.11 -20.44
C ASP D 78 2.31 -19.60 -21.13
N LYS D 79 1.13 -20.01 -20.66
CA LYS D 79 -0.11 -19.63 -21.33
C LYS D 79 -0.45 -18.15 -21.15
N ARG D 80 -0.16 -17.57 -19.98
CA ARG D 80 -0.40 -16.16 -19.75
C ARG D 80 0.71 -15.28 -20.33
N ALA D 81 1.66 -15.87 -21.06
CA ALA D 81 2.73 -15.11 -21.70
C ALA D 81 2.60 -15.07 -23.22
N LYS D 82 1.50 -15.59 -23.77
CA LYS D 82 1.26 -15.58 -25.20
C LYS D 82 -0.17 -15.16 -25.53
N VAL D 83 -0.76 -14.28 -24.72
CA VAL D 83 -2.18 -13.96 -24.87
C VAL D 83 -2.43 -13.22 -26.18
N THR D 84 -1.49 -12.35 -26.58
CA THR D 84 -1.79 -11.34 -27.58
C THR D 84 -1.95 -11.93 -28.98
N SER D 85 -1.39 -13.11 -29.22
CA SER D 85 -1.54 -13.77 -30.52
C SER D 85 -2.65 -14.81 -30.51
N ALA D 86 -2.77 -15.57 -29.42
CA ALA D 86 -3.83 -16.57 -29.33
C ALA D 86 -5.21 -15.92 -29.37
N MET D 87 -5.39 -14.81 -28.63
CA MET D 87 -6.67 -14.14 -28.64
C MET D 87 -7.03 -13.66 -30.03
N GLN D 88 -6.06 -13.10 -30.75
CA GLN D 88 -6.32 -12.55 -32.08
C GLN D 88 -6.64 -13.64 -33.08
N THR D 89 -5.87 -14.74 -33.07
CA THR D 89 -6.14 -15.85 -33.98
C THR D 89 -7.51 -16.47 -33.69
N MET D 90 -7.85 -16.64 -32.41
CA MET D 90 -9.18 -17.15 -32.08
C MET D 90 -10.26 -16.22 -32.58
N LEU D 91 -10.09 -14.90 -32.37
CA LEU D 91 -11.06 -13.94 -32.87
C LEU D 91 -11.30 -14.11 -34.35
N PHE D 92 -10.24 -14.16 -35.14
CA PHE D 92 -10.45 -14.21 -36.58
C PHE D 92 -10.97 -15.57 -37.03
N THR D 93 -10.64 -16.65 -36.32
CA THR D 93 -11.23 -17.95 -36.64
C THR D 93 -12.73 -17.93 -36.43
N MET D 94 -13.20 -17.41 -35.29
CA MET D 94 -14.64 -17.33 -35.08
C MET D 94 -15.30 -16.36 -36.06
N LEU D 95 -14.64 -15.25 -36.38
CA LEU D 95 -15.21 -14.28 -37.31
C LEU D 95 -15.40 -14.90 -38.69
N ARG D 96 -14.41 -15.67 -39.16
CA ARG D 96 -14.57 -16.39 -40.41
C ARG D 96 -15.65 -17.46 -40.32
N LYS D 97 -15.76 -18.15 -39.19
CA LYS D 97 -16.81 -19.15 -39.02
C LYS D 97 -18.20 -18.53 -39.02
N LEU D 98 -18.31 -17.27 -38.61
CA LEU D 98 -19.63 -16.62 -38.54
C LEU D 98 -20.30 -16.57 -39.91
N ASP D 99 -19.55 -16.21 -40.94
CA ASP D 99 -20.02 -16.17 -42.33
C ASP D 99 -21.20 -15.21 -42.48
N ASN D 100 -20.91 -13.94 -42.23
CA ASN D 100 -21.85 -12.85 -42.46
C ASN D 100 -21.28 -11.94 -43.55
N ASP D 101 -22.16 -11.52 -44.48
CA ASP D 101 -21.69 -10.76 -45.64
C ASP D 101 -21.25 -9.35 -45.23
N ALA D 102 -21.98 -8.71 -44.31
CA ALA D 102 -21.63 -7.36 -43.91
C ALA D 102 -20.27 -7.32 -43.22
N LEU D 103 -19.95 -8.34 -42.43
CA LEU D 103 -18.64 -8.40 -41.80
C LEU D 103 -17.55 -8.77 -42.81
N ASN D 104 -17.84 -9.72 -43.70
CA ASN D 104 -16.85 -10.17 -44.67
C ASN D 104 -16.45 -9.06 -45.64
N ASN D 105 -17.41 -8.23 -46.05
CA ASN D 105 -17.10 -7.15 -46.97
C ASN D 105 -16.03 -6.24 -46.40
N ILE D 106 -16.21 -5.76 -45.17
CA ILE D 106 -15.22 -4.89 -44.56
C ILE D 106 -13.95 -5.64 -44.22
N ILE D 107 -14.06 -6.94 -43.88
CA ILE D 107 -12.85 -7.71 -43.62
C ILE D 107 -11.94 -7.70 -44.85
N ASN D 108 -12.51 -7.95 -46.04
CA ASN D 108 -11.70 -7.98 -47.25
C ASN D 108 -11.25 -6.58 -47.65
N ASN D 109 -12.12 -5.59 -47.50
CA ASN D 109 -11.74 -4.23 -47.83
C ASN D 109 -10.57 -3.76 -46.96
N ALA D 110 -10.60 -4.10 -45.67
CA ALA D 110 -9.52 -3.71 -44.77
C ALA D 110 -8.27 -4.54 -45.00
N ARG D 111 -8.40 -5.80 -45.42
CA ARG D 111 -7.20 -6.56 -45.69
C ARG D 111 -6.47 -6.03 -46.90
N ASP D 112 -7.19 -5.50 -47.90
CA ASP D 112 -6.43 -4.97 -49.03
C ASP D 112 -6.18 -3.47 -48.88
N GLY D 113 -7.22 -2.64 -48.99
CA GLY D 113 -6.99 -1.21 -49.00
C GLY D 113 -7.81 -0.29 -48.12
N CYS D 114 -9.05 -0.67 -47.80
CA CYS D 114 -10.01 0.31 -47.32
C CYS D 114 -10.27 0.20 -45.83
N VAL D 115 -9.71 1.12 -45.05
CA VAL D 115 -9.98 1.21 -43.62
C VAL D 115 -10.74 2.50 -43.36
N PRO D 116 -11.81 2.47 -42.56
CA PRO D 116 -12.49 3.70 -42.18
C PRO D 116 -11.72 4.44 -41.10
N LEU D 117 -12.01 5.73 -40.98
CA LEU D 117 -11.35 6.58 -40.00
C LEU D 117 -12.18 6.80 -38.74
N ASN D 118 -13.37 6.20 -38.65
CA ASN D 118 -14.21 6.33 -37.48
C ASN D 118 -15.20 5.19 -37.46
N ILE D 119 -15.91 5.05 -36.34
CA ILE D 119 -16.91 4.00 -36.17
C ILE D 119 -17.98 4.16 -37.24
N ILE D 120 -18.33 3.06 -37.90
CA ILE D 120 -19.41 3.08 -38.88
C ILE D 120 -20.72 3.38 -38.16
N PRO D 121 -21.42 4.44 -38.51
CA PRO D 121 -22.65 4.79 -37.80
C PRO D 121 -23.83 3.96 -38.25
N LEU D 122 -24.74 3.72 -37.30
CA LEU D 122 -25.93 2.94 -37.56
C LEU D 122 -27.14 3.79 -37.98
N THR D 123 -27.18 5.05 -37.58
CA THR D 123 -28.28 5.92 -37.97
C THR D 123 -28.17 6.27 -39.46
N THR D 124 -29.28 6.75 -40.01
CA THR D 124 -29.37 7.04 -41.44
C THR D 124 -28.89 8.44 -41.76
N ALA D 125 -28.19 9.09 -40.82
CA ALA D 125 -27.81 10.48 -41.00
C ALA D 125 -26.30 10.70 -40.97
N ALA D 126 -25.62 10.07 -40.02
CA ALA D 126 -24.25 10.45 -39.66
C ALA D 126 -23.23 10.28 -40.80
N LYS D 127 -22.05 10.85 -40.61
CA LYS D 127 -21.02 10.90 -41.64
C LYS D 127 -20.07 9.72 -41.52
N LEU D 128 -19.53 9.28 -42.65
CA LEU D 128 -18.53 8.22 -42.69
C LEU D 128 -17.35 8.67 -43.52
N MET D 129 -16.13 8.47 -43.00
CA MET D 129 -14.90 8.84 -43.69
C MET D 129 -14.08 7.57 -43.90
N VAL D 130 -13.76 7.27 -45.16
CA VAL D 130 -13.03 6.06 -45.53
C VAL D 130 -11.75 6.46 -46.24
N VAL D 131 -10.74 5.60 -46.15
CA VAL D 131 -9.46 5.83 -46.80
C VAL D 131 -9.34 4.87 -47.99
N ILE D 132 -9.17 5.43 -49.18
CA ILE D 132 -8.99 4.66 -50.40
C ILE D 132 -7.53 4.81 -50.83
N PRO D 133 -6.77 3.72 -50.95
CA PRO D 133 -5.33 3.85 -51.19
C PRO D 133 -4.95 3.96 -52.65
N ASP D 134 -5.82 3.50 -53.55
CA ASP D 134 -5.49 3.46 -54.97
C ASP D 134 -6.79 3.49 -55.77
N TYR D 135 -6.67 3.40 -57.10
CA TYR D 135 -7.84 3.43 -57.96
C TYR D 135 -8.49 2.06 -58.10
N ASN D 136 -7.71 0.99 -57.92
CA ASN D 136 -8.26 -0.36 -58.05
C ASN D 136 -9.39 -0.61 -57.08
N THR D 137 -9.21 -0.24 -55.82
CA THR D 137 -10.29 -0.34 -54.84
C THR D 137 -11.40 0.65 -55.18
N TYR D 138 -11.04 1.81 -55.72
CA TYR D 138 -12.04 2.80 -56.12
C TYR D 138 -13.00 2.24 -57.15
N LYS D 139 -12.52 1.35 -58.03
CA LYS D 139 -13.42 0.68 -58.97
C LYS D 139 -14.37 -0.24 -58.23
N ASN D 140 -13.85 -1.09 -57.34
CA ASN D 140 -14.67 -2.11 -56.70
C ASN D 140 -15.74 -1.50 -55.81
N THR D 141 -15.40 -0.45 -55.05
CA THR D 141 -16.33 0.09 -54.06
C THR D 141 -17.23 1.18 -54.63
N CYS D 142 -16.65 2.27 -55.11
CA CYS D 142 -17.45 3.43 -55.51
C CYS D 142 -17.76 3.36 -57.00
N ASP D 143 -19.03 3.60 -57.34
CA ASP D 143 -19.48 3.61 -58.74
C ASP D 143 -20.33 4.87 -58.89
N GLY D 144 -19.74 5.93 -59.43
CA GLY D 144 -20.44 7.17 -59.62
C GLY D 144 -20.63 7.94 -58.33
N THR D 145 -21.88 8.30 -58.03
CA THR D 145 -22.19 9.05 -56.81
C THR D 145 -22.65 8.15 -55.66
N THR D 146 -22.51 6.84 -55.79
CA THR D 146 -22.85 5.91 -54.73
C THR D 146 -21.60 5.22 -54.20
N PHE D 147 -21.71 4.67 -52.99
CA PHE D 147 -20.61 4.01 -52.30
C PHE D 147 -21.17 2.81 -51.55
N THR D 148 -20.82 1.60 -51.98
CA THR D 148 -21.29 0.39 -51.32
C THR D 148 -20.20 -0.08 -50.36
N TYR D 149 -20.53 -0.09 -49.07
CA TYR D 149 -19.57 -0.42 -48.03
C TYR D 149 -20.35 -0.83 -46.80
N ALA D 150 -19.87 -1.87 -46.10
CA ALA D 150 -20.58 -2.43 -44.96
C ALA D 150 -21.98 -2.90 -45.34
N SER D 151 -22.12 -3.39 -46.57
CA SER D 151 -23.39 -3.89 -47.09
C SER D 151 -24.49 -2.83 -46.99
N ALA D 152 -24.14 -1.59 -47.32
CA ALA D 152 -25.07 -0.48 -47.28
C ALA D 152 -24.69 0.52 -48.36
N LEU D 153 -25.59 1.46 -48.63
CA LEU D 153 -25.38 2.48 -49.65
C LEU D 153 -25.14 3.83 -48.99
N TRP D 154 -24.08 4.50 -49.42
CA TRP D 154 -23.65 5.77 -48.84
C TRP D 154 -23.36 6.72 -49.99
N GLU D 155 -24.03 7.87 -50.00
CA GLU D 155 -23.81 8.84 -51.06
C GLU D 155 -22.61 9.71 -50.72
N ILE D 156 -21.69 9.88 -51.68
CA ILE D 156 -20.51 10.70 -51.43
C ILE D 156 -20.86 12.17 -51.43
N GLN D 157 -20.35 12.90 -50.44
CA GLN D 157 -20.45 14.35 -50.38
C GLN D 157 -19.11 15.04 -50.57
N GLN D 158 -18.01 14.30 -50.58
CA GLN D 158 -16.67 14.90 -50.57
C GLN D 158 -15.63 13.83 -50.83
N VAL D 159 -14.63 14.14 -51.66
CA VAL D 159 -13.42 13.33 -51.79
C VAL D 159 -12.22 14.28 -51.85
N VAL D 160 -11.26 14.09 -50.94
CA VAL D 160 -10.08 14.95 -50.85
C VAL D 160 -8.84 14.07 -50.77
N ASP D 161 -7.77 14.52 -51.42
CA ASP D 161 -6.54 13.74 -51.49
C ASP D 161 -5.79 13.81 -50.16
N ALA D 162 -4.63 13.16 -50.12
CA ALA D 162 -3.83 13.12 -48.90
C ALA D 162 -3.17 14.45 -48.60
N ASP D 163 -3.00 15.31 -49.61
CA ASP D 163 -2.45 16.66 -49.40
C ASP D 163 -3.52 17.67 -49.01
N SER D 164 -4.68 17.19 -48.53
CA SER D 164 -5.81 18.00 -48.07
C SER D 164 -6.34 18.94 -49.15
N LYS D 165 -6.22 18.59 -50.43
CA LYS D 165 -6.72 19.42 -51.51
C LYS D 165 -8.01 18.79 -52.04
N ILE D 166 -9.06 19.53 -52.39
CA ILE D 166 -10.26 18.86 -52.95
C ILE D 166 -10.10 18.22 -54.33
N VAL D 167 -11.01 17.32 -54.73
CA VAL D 167 -10.97 16.66 -56.03
C VAL D 167 -12.43 16.45 -56.42
N GLN D 168 -12.77 16.40 -57.71
CA GLN D 168 -14.17 16.28 -58.11
C GLN D 168 -14.50 14.87 -58.50
N LEU D 169 -15.79 14.55 -58.65
CA LEU D 169 -16.23 13.15 -58.94
C LEU D 169 -16.34 12.70 -60.42
N SER D 170 -15.66 13.39 -61.32
CA SER D 170 -15.65 12.97 -62.72
C SER D 170 -14.21 13.03 -63.27
N GLU D 171 -13.35 13.86 -62.67
CA GLU D 171 -11.95 13.89 -63.07
C GLU D 171 -11.41 12.55 -62.81
N ILE D 172 -11.69 12.03 -61.61
CA ILE D 172 -11.15 10.74 -61.25
C ILE D 172 -11.36 9.75 -62.37
N SER D 173 -10.24 9.30 -62.96
CA SER D 173 -10.31 8.38 -64.09
C SER D 173 -9.02 7.62 -64.18
N MET D 174 -8.57 7.37 -65.40
CA MET D 174 -7.38 6.55 -65.56
C MET D 174 -6.33 7.25 -66.43
N ASP D 175 -6.62 8.44 -66.90
CA ASP D 175 -5.68 9.20 -67.72
C ASP D 175 -5.01 10.18 -66.82
N ASN D 176 -5.65 10.51 -65.70
CA ASN D 176 -5.03 11.37 -64.71
C ASN D 176 -4.63 10.38 -63.68
N SER D 177 -4.27 9.18 -64.12
CA SER D 177 -3.84 8.16 -63.23
C SER D 177 -2.81 8.65 -62.26
N PRO D 178 -1.71 9.26 -62.77
CA PRO D 178 -0.81 9.70 -61.72
C PRO D 178 -1.08 11.14 -61.36
N ASN D 179 -2.09 11.76 -61.97
CA ASN D 179 -2.35 13.16 -61.72
C ASN D 179 -3.27 13.30 -60.54
N LEU D 180 -3.33 12.26 -59.73
CA LEU D 180 -4.12 12.32 -58.54
C LEU D 180 -3.20 11.79 -57.47
N ALA D 181 -3.29 12.36 -56.27
CA ALA D 181 -2.53 11.81 -55.17
C ALA D 181 -3.35 10.62 -54.81
N TRP D 182 -2.71 9.56 -54.37
CA TRP D 182 -3.51 8.38 -54.18
C TRP D 182 -4.15 7.99 -52.88
N PRO D 183 -3.64 8.45 -51.75
CA PRO D 183 -4.44 8.14 -50.58
C PRO D 183 -5.64 9.06 -50.52
N LEU D 184 -6.65 8.84 -51.36
CA LEU D 184 -7.86 9.63 -51.37
C LEU D 184 -8.65 9.29 -50.12
N ILE D 185 -9.40 10.24 -49.58
CA ILE D 185 -10.21 9.99 -48.43
C ILE D 185 -11.55 10.33 -48.98
N VAL D 186 -12.60 9.68 -48.52
CA VAL D 186 -13.93 9.89 -49.07
C VAL D 186 -14.93 10.00 -47.93
N THR D 187 -15.78 11.02 -47.99
CA THR D 187 -16.84 11.28 -47.02
C THR D 187 -18.18 10.94 -47.63
N ALA D 188 -19.02 10.25 -46.86
CA ALA D 188 -20.30 9.78 -47.37
C ALA D 188 -21.34 9.82 -46.26
N LEU D 189 -22.60 9.72 -46.68
CA LEU D 189 -23.74 9.75 -45.78
C LEU D 189 -24.62 8.54 -46.07
N ARG D 190 -25.11 7.88 -45.01
CA ARG D 190 -25.93 6.69 -45.19
C ARG D 190 -27.24 7.06 -45.87
N ALA D 191 -27.63 6.25 -46.86
CA ALA D 191 -28.87 6.46 -47.59
C ALA D 191 -30.03 5.77 -46.88
N VAL E 2 10.93 -23.81 -19.73
CA VAL E 2 10.89 -24.80 -20.79
C VAL E 2 11.67 -24.32 -22.01
N GLY E 3 12.52 -25.19 -22.55
CA GLY E 3 13.32 -24.85 -23.72
C GLY E 3 13.87 -26.07 -24.42
N ALA E 4 15.09 -25.95 -24.96
CA ALA E 4 15.76 -27.06 -25.63
C ALA E 4 17.19 -27.15 -25.13
N CYS E 5 17.63 -28.37 -24.85
CA CYS E 5 18.99 -28.60 -24.34
C CYS E 5 19.99 -28.14 -25.39
N VAL E 6 20.96 -27.31 -24.97
CA VAL E 6 21.91 -26.73 -25.90
C VAL E 6 22.82 -27.76 -26.55
N LEU E 7 23.03 -28.90 -25.91
CA LEU E 7 23.90 -29.94 -26.44
C LEU E 7 23.15 -31.09 -27.09
N CYS E 8 21.86 -31.24 -26.81
CA CYS E 8 21.09 -32.37 -27.29
C CYS E 8 19.88 -32.00 -28.13
N ASN E 9 19.41 -30.75 -28.02
CA ASN E 9 18.12 -30.28 -28.52
C ASN E 9 16.95 -30.99 -27.84
N SER E 10 17.21 -31.83 -26.84
CA SER E 10 16.15 -32.47 -26.08
C SER E 10 15.39 -31.42 -25.28
N GLN E 11 14.07 -31.56 -25.24
CA GLN E 11 13.26 -30.64 -24.44
C GLN E 11 13.69 -30.73 -22.98
N THR E 12 13.84 -29.57 -22.34
CA THR E 12 14.28 -29.53 -20.95
C THR E 12 13.81 -28.24 -20.30
N SER E 13 13.87 -28.22 -18.97
CA SER E 13 13.55 -27.05 -18.17
C SER E 13 14.64 -26.70 -17.17
N LEU E 14 15.71 -27.50 -17.12
CA LEU E 14 16.79 -27.30 -16.16
C LEU E 14 17.81 -26.35 -16.75
N ARG E 15 17.99 -25.20 -16.11
CA ARG E 15 18.97 -24.21 -16.53
C ARG E 15 20.08 -24.11 -15.50
N CYS E 16 21.32 -24.16 -15.97
CA CYS E 16 22.47 -24.00 -15.10
C CYS E 16 22.43 -22.62 -14.44
N GLY E 17 22.26 -22.60 -13.12
CA GLY E 17 21.99 -21.39 -12.37
C GLY E 17 23.12 -20.39 -12.26
N ALA E 18 24.35 -20.84 -12.07
CA ALA E 18 25.50 -19.93 -12.05
C ALA E 18 25.99 -19.59 -13.44
N CYS E 19 25.52 -20.33 -14.44
CA CYS E 19 25.97 -20.09 -15.81
C CYS E 19 25.22 -18.89 -16.37
N ILE E 20 25.98 -17.91 -16.88
CA ILE E 20 25.45 -16.55 -17.05
C ILE E 20 24.27 -16.49 -18.00
N ARG E 21 24.31 -17.19 -19.14
CA ARG E 21 23.22 -17.14 -20.10
C ARG E 21 22.08 -18.08 -19.75
N ARG E 22 22.18 -18.83 -18.65
CA ARG E 22 21.17 -19.76 -18.17
C ARG E 22 20.71 -20.70 -19.28
N PRO E 23 21.60 -21.52 -19.82
CA PRO E 23 21.21 -22.39 -20.93
C PRO E 23 20.43 -23.61 -20.45
N PHE E 24 19.48 -24.03 -21.27
CA PHE E 24 18.75 -25.25 -20.96
C PHE E 24 19.67 -26.46 -21.10
N LEU E 25 19.72 -27.27 -20.06
CA LEU E 25 20.59 -28.44 -20.02
C LEU E 25 19.77 -29.66 -19.66
N CYS E 26 19.85 -30.70 -20.49
CA CYS E 26 19.14 -31.94 -20.20
C CYS E 26 19.69 -32.56 -18.92
N CYS E 27 18.89 -33.46 -18.34
CA CYS E 27 19.19 -34.00 -17.01
C CYS E 27 20.59 -34.59 -16.96
N LYS E 28 20.96 -35.39 -17.95
CA LYS E 28 22.32 -35.91 -18.02
C LYS E 28 23.32 -34.78 -18.28
N CYS E 29 23.00 -33.90 -19.25
CA CYS E 29 23.88 -32.77 -19.53
C CYS E 29 24.01 -31.86 -18.33
N CYS E 30 22.91 -31.56 -17.64
CA CYS E 30 22.96 -30.70 -16.46
C CYS E 30 23.77 -31.37 -15.35
N TYR E 31 23.59 -32.67 -15.17
CA TYR E 31 24.34 -33.41 -14.17
C TYR E 31 25.83 -33.33 -14.44
N ASP E 32 26.24 -33.53 -15.69
CA ASP E 32 27.66 -33.43 -16.02
C ASP E 32 28.17 -31.99 -15.87
N HIS E 33 27.34 -31.00 -16.22
CA HIS E 33 27.77 -29.61 -16.13
C HIS E 33 27.95 -29.17 -14.68
N VAL E 34 27.13 -29.71 -13.77
CA VAL E 34 27.30 -29.38 -12.36
C VAL E 34 28.45 -30.20 -11.75
N ILE E 35 28.64 -31.44 -12.20
CA ILE E 35 29.67 -32.28 -11.60
C ILE E 35 31.07 -32.01 -12.16
N SER E 36 31.17 -31.33 -13.29
CA SER E 36 32.46 -31.09 -13.92
C SER E 36 32.90 -29.64 -13.89
N THR E 37 32.08 -28.73 -13.35
CA THR E 37 32.43 -27.33 -13.27
C THR E 37 32.06 -26.81 -11.87
N SER E 38 32.19 -25.49 -11.70
CA SER E 38 31.83 -24.84 -10.45
C SER E 38 30.37 -24.42 -10.40
N HIS E 39 29.60 -24.72 -11.44
CA HIS E 39 28.19 -24.34 -11.50
C HIS E 39 27.40 -25.32 -10.63
N LYS E 40 26.81 -24.82 -9.55
CA LYS E 40 26.06 -25.68 -8.64
C LYS E 40 24.62 -25.25 -8.44
N LEU E 41 24.23 -24.08 -8.93
CA LEU E 41 22.84 -23.65 -8.84
C LEU E 41 22.06 -24.32 -9.96
N VAL E 42 20.93 -24.93 -9.63
CA VAL E 42 20.06 -25.51 -10.65
C VAL E 42 18.77 -24.70 -10.65
N LEU E 43 18.44 -24.14 -11.80
CA LEU E 43 17.22 -23.38 -11.99
C LEU E 43 16.24 -24.21 -12.79
N SER E 44 15.04 -24.36 -12.27
CA SER E 44 14.02 -25.06 -13.01
C SER E 44 12.88 -24.12 -13.00
N VAL E 45 11.67 -24.64 -12.93
CA VAL E 45 10.50 -23.79 -12.89
C VAL E 45 10.54 -22.97 -11.62
N ASN E 46 11.05 -23.54 -10.54
CA ASN E 46 11.23 -22.81 -9.29
C ASN E 46 12.65 -23.17 -9.08
N PRO E 47 13.32 -22.50 -8.17
CA PRO E 47 14.70 -22.95 -8.06
C PRO E 47 14.79 -24.20 -7.23
N TYR E 48 15.81 -25.01 -7.43
CA TYR E 48 15.98 -26.20 -6.62
C TYR E 48 16.78 -25.75 -5.44
N VAL E 49 16.28 -24.76 -4.75
CA VAL E 49 16.91 -24.18 -3.57
C VAL E 49 16.08 -24.58 -2.36
N CYS E 50 16.77 -24.88 -1.26
CA CYS E 50 16.09 -25.29 -0.04
C CYS E 50 15.17 -24.17 0.44
N ASN E 51 13.87 -24.46 0.48
CA ASN E 51 12.87 -23.46 0.84
C ASN E 51 12.66 -23.33 2.34
N ALA E 52 13.54 -23.92 3.14
CA ALA E 52 13.49 -23.72 4.57
C ALA E 52 13.93 -22.30 4.92
N PRO E 53 13.35 -21.71 5.96
CA PRO E 53 13.72 -20.34 6.34
C PRO E 53 15.17 -20.23 6.78
N GLY E 54 15.86 -19.18 6.31
CA GLY E 54 17.21 -18.90 6.76
C GLY E 54 18.26 -19.88 6.28
N CYS E 55 18.01 -20.57 5.17
CA CYS E 55 18.96 -21.51 4.62
C CYS E 55 19.60 -20.94 3.35
N ASP E 56 20.86 -21.29 3.13
CA ASP E 56 21.60 -20.85 1.96
C ASP E 56 21.99 -21.98 1.03
N VAL E 57 21.45 -23.19 1.23
CA VAL E 57 21.88 -24.31 0.43
C VAL E 57 21.35 -24.14 -0.99
N THR E 58 22.25 -24.05 -1.95
CA THR E 58 21.93 -23.78 -3.34
C THR E 58 22.52 -24.82 -4.30
N ASP E 59 23.22 -25.83 -3.78
CA ASP E 59 23.80 -26.89 -4.61
C ASP E 59 22.81 -28.04 -4.74
N VAL E 60 22.52 -28.45 -5.98
CA VAL E 60 21.48 -29.45 -6.18
C VAL E 60 21.89 -30.81 -5.64
N THR E 61 23.20 -31.10 -5.58
CA THR E 61 23.63 -32.42 -5.11
C THR E 61 23.44 -32.62 -3.62
N GLN E 62 22.82 -31.65 -2.93
CA GLN E 62 22.55 -31.74 -1.50
C GLN E 62 21.06 -31.60 -1.20
N LEU E 63 20.23 -31.62 -2.24
CA LEU E 63 18.81 -31.28 -2.12
C LEU E 63 17.94 -32.51 -2.30
N TYR E 64 16.83 -32.52 -1.57
CA TYR E 64 15.89 -33.63 -1.55
C TYR E 64 14.48 -33.08 -1.74
N LEU E 65 13.66 -33.80 -2.49
CA LEU E 65 12.32 -33.33 -2.84
C LEU E 65 11.35 -33.93 -1.82
N GLY E 66 10.56 -33.14 -1.13
CA GLY E 66 9.55 -33.73 -0.26
C GLY E 66 8.29 -32.94 -0.11
N GLY E 67 7.18 -33.63 0.06
CA GLY E 67 5.92 -32.95 0.27
C GLY E 67 5.61 -32.31 -1.02
N MET E 68 5.82 -31.00 -1.10
CA MET E 68 5.64 -30.31 -2.35
C MET E 68 6.78 -29.32 -2.54
N SER E 69 7.97 -29.64 -2.06
CA SER E 69 9.06 -28.67 -2.12
C SER E 69 10.47 -29.23 -2.07
N TYR E 70 11.48 -28.38 -2.04
CA TYR E 70 12.87 -28.84 -2.06
C TYR E 70 13.58 -28.38 -0.81
N TYR E 71 14.33 -29.31 -0.19
CA TYR E 71 14.91 -29.07 1.13
C TYR E 71 16.37 -29.50 1.11
N CYS E 72 17.17 -28.91 2.01
CA CYS E 72 18.50 -29.44 2.24
C CYS E 72 18.40 -30.63 3.17
N LYS E 73 19.51 -31.38 3.28
CA LYS E 73 19.50 -32.59 4.10
C LYS E 73 19.17 -32.27 5.55
N SER E 74 19.67 -31.14 6.06
CA SER E 74 19.38 -30.75 7.43
C SER E 74 17.89 -30.46 7.63
N HIS E 75 17.24 -29.83 6.65
CA HIS E 75 15.85 -29.42 6.77
C HIS E 75 14.89 -30.37 6.05
N LYS E 76 15.39 -31.55 5.60
CA LYS E 76 14.45 -32.28 4.77
C LYS E 76 13.47 -33.09 5.61
N PRO E 77 12.29 -33.39 5.05
CA PRO E 77 11.35 -34.28 5.72
C PRO E 77 11.80 -35.72 5.61
N PRO E 78 11.16 -36.65 6.33
CA PRO E 78 11.61 -38.05 6.28
C PRO E 78 11.52 -38.67 4.89
N ILE E 79 10.45 -38.44 4.16
CA ILE E 79 10.19 -39.10 2.89
C ILE E 79 10.62 -38.18 1.75
N SER E 80 11.57 -38.63 0.95
CA SER E 80 12.09 -37.85 -0.17
C SER E 80 13.03 -38.74 -0.97
N PHE E 81 13.37 -38.27 -2.17
CA PHE E 81 14.44 -38.83 -2.97
C PHE E 81 15.30 -37.68 -3.47
N PRO E 82 16.62 -37.81 -3.42
CA PRO E 82 17.49 -36.67 -3.75
C PRO E 82 17.28 -36.18 -5.17
N LEU E 83 17.32 -34.85 -5.32
CA LEU E 83 17.12 -34.26 -6.63
C LEU E 83 18.24 -34.65 -7.60
N CYS E 84 19.41 -35.00 -7.08
CA CYS E 84 20.57 -35.35 -7.90
C CYS E 84 20.95 -36.80 -7.57
N ALA E 85 20.48 -37.72 -8.42
CA ALA E 85 20.78 -39.13 -8.22
C ALA E 85 20.68 -39.86 -9.54
N ASN E 86 21.39 -40.99 -9.63
CA ASN E 86 21.33 -41.89 -10.79
C ASN E 86 21.81 -41.20 -12.07
N GLY E 87 22.83 -40.35 -11.95
CA GLY E 87 23.45 -39.75 -13.11
C GLY E 87 22.60 -38.76 -13.85
N GLN E 88 21.54 -38.27 -13.19
CA GLN E 88 20.67 -37.25 -13.77
C GLN E 88 20.03 -36.44 -12.66
N VAL E 89 19.58 -35.24 -12.99
CA VAL E 89 18.89 -34.37 -12.06
C VAL E 89 17.40 -34.44 -12.33
N PHE E 90 16.61 -34.66 -11.28
CA PHE E 90 15.17 -34.77 -11.43
C PHE E 90 14.59 -33.45 -11.93
N GLY E 91 13.69 -33.54 -12.90
CA GLY E 91 13.11 -32.33 -13.48
C GLY E 91 12.20 -32.69 -14.64
N LEU E 92 11.80 -31.64 -15.36
CA LEU E 92 10.97 -31.82 -16.54
C LEU E 92 11.70 -32.60 -17.62
N TYR E 93 10.92 -33.37 -18.38
CA TYR E 93 11.41 -34.11 -19.54
C TYR E 93 12.57 -35.02 -19.15
N LYS E 94 12.43 -35.72 -18.03
CA LYS E 94 13.50 -36.61 -17.58
C LYS E 94 13.62 -37.85 -18.45
N ASN E 95 12.49 -38.47 -18.82
CA ASN E 95 12.55 -39.67 -19.64
C ASN E 95 13.08 -39.37 -21.03
N THR E 96 12.61 -38.28 -21.65
CA THR E 96 13.07 -37.89 -22.98
C THR E 96 14.41 -37.18 -22.84
N CYS E 97 15.49 -37.95 -22.78
CA CYS E 97 16.83 -37.37 -22.58
C CYS E 97 17.88 -38.26 -23.22
N VAL E 98 18.72 -37.68 -24.08
CA VAL E 98 19.73 -38.41 -24.83
C VAL E 98 21.10 -38.29 -24.18
N GLY E 99 21.49 -37.08 -23.78
CA GLY E 99 22.81 -36.86 -23.24
C GLY E 99 23.85 -36.68 -24.34
N SER E 100 25.06 -36.32 -23.93
CA SER E 100 26.16 -36.07 -24.85
C SER E 100 27.39 -36.84 -24.40
N ASP E 101 28.15 -37.33 -25.38
CA ASP E 101 29.37 -38.07 -25.07
C ASP E 101 30.42 -37.17 -24.44
N ASN E 102 30.57 -35.95 -24.96
CA ASN E 102 31.57 -35.02 -24.46
C ASN E 102 30.93 -33.67 -24.18
N VAL E 103 31.18 -33.15 -22.98
CA VAL E 103 30.67 -31.86 -22.54
C VAL E 103 31.80 -30.84 -22.39
N THR E 104 32.98 -31.15 -22.93
CA THR E 104 34.16 -30.32 -22.69
C THR E 104 34.03 -28.94 -23.32
N ASP E 105 33.56 -28.86 -24.57
CA ASP E 105 33.49 -27.58 -25.26
C ASP E 105 32.51 -26.63 -24.58
N PHE E 106 31.32 -27.13 -24.21
CA PHE E 106 30.34 -26.29 -23.55
C PHE E 106 30.86 -25.80 -22.20
N ASN E 107 31.52 -26.69 -21.44
CA ASN E 107 32.10 -26.29 -20.16
C ASN E 107 33.17 -25.23 -20.35
N ALA E 108 34.03 -25.40 -21.36
CA ALA E 108 35.10 -24.45 -21.61
C ALA E 108 34.53 -23.08 -21.96
N ILE E 109 33.51 -23.05 -22.82
CA ILE E 109 32.92 -21.77 -23.21
C ILE E 109 32.20 -21.12 -22.04
N ALA E 110 31.43 -21.91 -21.28
CA ALA E 110 30.63 -21.33 -20.20
C ALA E 110 31.47 -21.00 -18.97
N THR E 111 32.72 -21.48 -18.92
CA THR E 111 33.61 -21.18 -17.81
C THR E 111 34.71 -20.19 -18.16
N CYS E 112 34.91 -19.88 -19.43
CA CYS E 112 35.99 -18.98 -19.83
C CYS E 112 35.63 -17.54 -19.50
N ASP E 113 36.67 -16.76 -19.21
CA ASP E 113 36.53 -15.32 -18.97
C ASP E 113 36.68 -14.50 -20.24
N TRP E 114 36.79 -15.16 -21.39
CA TRP E 114 36.94 -14.49 -22.69
C TRP E 114 38.20 -13.63 -22.75
N THR E 115 39.29 -14.10 -22.15
CA THR E 115 40.56 -13.39 -22.18
C THR E 115 41.63 -14.10 -23.00
N ASN E 116 41.35 -15.29 -23.53
CA ASN E 116 42.31 -16.07 -24.28
C ASN E 116 41.80 -16.30 -25.70
N ALA E 117 42.74 -16.37 -26.65
CA ALA E 117 42.36 -16.63 -28.04
C ALA E 117 41.76 -18.03 -28.18
N GLY E 118 42.13 -18.95 -27.29
CA GLY E 118 41.52 -20.27 -27.30
C GLY E 118 40.03 -20.26 -27.07
N ASP E 119 39.55 -19.36 -26.21
CA ASP E 119 38.11 -19.24 -26.01
C ASP E 119 37.40 -18.88 -27.31
N TYR E 120 37.95 -17.92 -28.07
CA TYR E 120 37.35 -17.55 -29.33
C TYR E 120 37.49 -18.64 -30.38
N ILE E 121 38.59 -19.40 -30.37
CA ILE E 121 38.75 -20.47 -31.35
C ILE E 121 37.74 -21.57 -31.08
N LEU E 122 37.49 -21.89 -29.81
CA LEU E 122 36.43 -22.84 -29.47
C LEU E 122 35.06 -22.28 -29.85
N ALA E 123 34.85 -20.99 -29.59
CA ALA E 123 33.57 -20.36 -29.92
C ALA E 123 33.27 -20.39 -31.40
N ASN E 124 34.27 -20.17 -32.25
CA ASN E 124 34.07 -20.14 -33.69
C ASN E 124 34.30 -21.49 -34.37
N THR E 125 34.74 -22.51 -33.64
CA THR E 125 34.92 -23.84 -34.21
C THR E 125 34.01 -24.91 -33.62
N CYS E 126 33.14 -24.55 -32.68
CA CYS E 126 32.24 -25.52 -32.07
C CYS E 126 30.99 -25.70 -32.95
N THR E 127 30.01 -26.41 -32.40
CA THR E 127 28.76 -26.62 -33.11
C THR E 127 27.98 -25.31 -33.22
N GLU E 128 27.00 -25.30 -34.13
CA GLU E 128 26.24 -24.08 -34.40
C GLU E 128 25.49 -23.61 -33.15
N ARG E 129 24.86 -24.54 -32.43
CA ARG E 129 24.16 -24.16 -31.20
C ARG E 129 25.14 -23.67 -30.14
N LEU E 130 26.26 -24.37 -29.99
CA LEU E 130 27.29 -23.89 -29.07
C LEU E 130 27.93 -22.60 -29.58
N LYS E 131 28.01 -22.43 -30.90
CA LYS E 131 28.43 -21.14 -31.44
C LYS E 131 27.51 -20.02 -30.97
N LEU E 132 26.20 -20.25 -31.03
CA LEU E 132 25.23 -19.25 -30.61
C LEU E 132 25.36 -18.96 -29.12
N PHE E 133 25.49 -20.01 -28.31
CA PHE E 133 25.64 -19.80 -26.87
C PHE E 133 26.92 -19.04 -26.56
N ALA E 134 28.01 -19.36 -27.28
CA ALA E 134 29.27 -18.65 -27.08
C ALA E 134 29.14 -17.18 -27.44
N ALA E 135 28.46 -16.88 -28.54
CA ALA E 135 28.23 -15.48 -28.90
C ALA E 135 27.42 -14.77 -27.81
N GLU E 136 26.37 -15.42 -27.30
CA GLU E 136 25.55 -14.82 -26.27
C GLU E 136 26.38 -14.52 -25.02
N THR E 137 27.17 -15.50 -24.57
CA THR E 137 27.90 -15.30 -23.31
C THR E 137 29.05 -14.32 -23.50
N LEU E 138 29.66 -14.26 -24.68
CA LEU E 138 30.73 -13.29 -24.90
C LEU E 138 30.18 -11.87 -24.91
N LYS E 139 29.05 -11.66 -25.59
CA LYS E 139 28.45 -10.32 -25.57
C LYS E 139 27.97 -9.95 -24.17
N ALA E 140 27.38 -10.90 -23.44
CA ALA E 140 26.97 -10.61 -22.07
C ALA E 140 28.15 -10.29 -21.18
N THR E 141 29.26 -11.01 -21.33
CA THR E 141 30.45 -10.74 -20.54
C THR E 141 31.01 -9.36 -20.85
N GLU E 142 31.02 -8.98 -22.13
CA GLU E 142 31.45 -7.63 -22.49
C GLU E 142 30.54 -6.58 -21.89
N GLU E 143 29.22 -6.83 -21.91
CA GLU E 143 28.27 -5.86 -21.35
C GLU E 143 28.48 -5.69 -19.85
N THR E 144 28.70 -6.78 -19.12
CA THR E 144 28.95 -6.68 -17.69
C THR E 144 30.31 -6.05 -17.40
N PHE E 145 31.32 -6.34 -18.23
CA PHE E 145 32.62 -5.74 -18.02
C PHE E 145 32.59 -4.23 -18.24
N LYS E 146 31.77 -3.77 -19.19
CA LYS E 146 31.59 -2.33 -19.36
C LYS E 146 31.08 -1.68 -18.09
N LEU E 147 30.27 -2.39 -17.31
CA LEU E 147 29.78 -1.88 -16.04
C LEU E 147 30.85 -1.85 -14.96
N SER E 148 31.96 -2.58 -15.16
CA SER E 148 33.02 -2.61 -14.17
C SER E 148 33.81 -1.31 -14.13
N TYR E 149 33.62 -0.43 -15.11
CA TYR E 149 34.34 0.84 -15.14
C TYR E 149 33.63 1.89 -14.30
N GLY E 150 34.42 2.80 -13.74
CA GLY E 150 33.87 3.76 -12.81
C GLY E 150 33.16 4.90 -13.48
N ILE E 151 32.42 5.67 -12.68
CA ILE E 151 31.71 6.84 -13.19
C ILE E 151 32.65 8.03 -13.26
N ALA E 152 32.64 8.69 -14.42
CA ALA E 152 33.41 9.92 -14.62
C ALA E 152 32.45 11.10 -14.65
N THR E 153 32.64 12.05 -13.74
CA THR E 153 31.74 13.17 -13.56
C THR E 153 32.46 14.47 -13.89
N VAL E 154 31.77 15.37 -14.58
CA VAL E 154 32.35 16.66 -14.96
C VAL E 154 32.51 17.48 -13.69
N ARG E 155 33.75 17.65 -13.22
CA ARG E 155 34.02 18.56 -12.13
C ARG E 155 34.17 19.99 -12.60
N GLU E 156 34.86 20.21 -13.72
CA GLU E 156 35.18 21.57 -14.15
C GLU E 156 35.20 21.60 -15.67
N VAL E 157 34.57 22.63 -16.24
CA VAL E 157 34.57 22.86 -17.67
C VAL E 157 35.63 23.95 -17.93
N LEU E 158 36.86 23.51 -18.21
CA LEU E 158 37.94 24.47 -18.42
C LEU E 158 37.67 25.36 -19.63
N SER E 159 37.21 24.77 -20.72
CA SER E 159 36.89 25.52 -21.93
C SER E 159 35.95 24.66 -22.77
N ASP E 160 35.75 25.04 -24.03
CA ASP E 160 35.03 24.21 -24.97
C ASP E 160 35.98 23.19 -25.58
N ARG E 161 35.48 21.98 -25.79
CA ARG E 161 36.23 20.82 -26.27
C ARG E 161 37.27 20.33 -25.27
N GLU E 162 37.29 20.88 -24.05
CA GLU E 162 38.19 20.44 -23.00
C GLU E 162 37.44 20.45 -21.67
N LEU E 163 37.57 19.37 -20.91
CA LEU E 163 36.83 19.19 -19.67
C LEU E 163 37.78 18.74 -18.56
N HIS E 164 37.26 18.67 -17.34
CA HIS E 164 37.97 18.13 -16.20
C HIS E 164 37.06 17.11 -15.53
N LEU E 165 37.53 15.88 -15.40
CA LEU E 165 36.71 14.77 -14.96
C LEU E 165 37.22 14.19 -13.65
N SER E 166 36.31 13.95 -12.72
CA SER E 166 36.59 13.25 -11.48
C SER E 166 36.01 11.85 -11.56
N TRP E 167 36.82 10.85 -11.23
CA TRP E 167 36.49 9.46 -11.50
C TRP E 167 36.09 8.74 -10.21
N GLU E 168 35.23 7.75 -10.36
CA GLU E 168 34.72 6.99 -9.22
C GLU E 168 35.85 6.24 -8.54
N VAL E 169 35.85 6.26 -7.21
CA VAL E 169 36.87 5.56 -6.43
C VAL E 169 36.52 4.08 -6.34
N GLY E 170 37.55 3.24 -6.33
CA GLY E 170 37.38 1.81 -6.21
C GLY E 170 37.03 1.10 -7.50
N LYS E 171 36.96 1.80 -8.63
CA LYS E 171 36.66 1.15 -9.90
C LYS E 171 37.65 1.60 -10.97
N PRO E 172 37.98 0.72 -11.90
CA PRO E 172 38.92 1.09 -12.96
C PRO E 172 38.34 2.13 -13.91
N ARG E 173 39.25 2.92 -14.48
CA ARG E 173 38.90 3.92 -15.49
C ARG E 173 39.09 3.32 -16.88
N PRO E 174 38.08 3.41 -17.75
CA PRO E 174 38.22 2.81 -19.08
C PRO E 174 39.27 3.53 -19.90
N PRO E 175 39.92 2.83 -20.82
CA PRO E 175 40.87 3.50 -21.73
C PRO E 175 40.18 4.59 -22.53
N LEU E 176 40.89 5.68 -22.75
CA LEU E 176 40.33 6.87 -23.39
C LEU E 176 40.64 6.85 -24.89
N ASN E 177 39.73 6.20 -25.62
CA ASN E 177 39.81 6.13 -27.07
C ASN E 177 38.40 6.05 -27.64
N ARG E 178 38.28 6.18 -28.95
CA ARG E 178 36.98 6.18 -29.61
C ARG E 178 36.27 4.83 -29.49
N ASN E 179 36.99 3.76 -29.18
CA ASN E 179 36.37 2.46 -28.95
C ASN E 179 35.55 2.41 -27.68
N TYR E 180 35.66 3.42 -26.82
CA TYR E 180 34.90 3.51 -25.58
C TYR E 180 33.97 4.72 -25.69
N VAL E 181 32.71 4.47 -26.05
CA VAL E 181 31.73 5.51 -26.28
C VAL E 181 30.92 5.71 -25.01
N PHE E 182 30.99 6.91 -24.44
CA PHE E 182 30.32 7.22 -23.20
C PHE E 182 28.94 7.79 -23.49
N THR E 183 28.26 8.23 -22.42
CA THR E 183 27.00 8.96 -22.53
C THR E 183 26.85 9.86 -21.32
N GLY E 184 26.45 11.10 -21.56
CA GLY E 184 26.27 12.03 -20.46
C GLY E 184 24.93 11.86 -19.78
N TYR E 185 24.85 12.38 -18.56
CA TYR E 185 23.61 12.32 -17.80
C TYR E 185 23.44 13.64 -17.06
N ARG E 186 22.24 14.21 -17.13
CA ARG E 186 21.93 15.49 -16.51
C ARG E 186 21.33 15.24 -15.14
N VAL E 187 21.86 15.92 -14.12
CA VAL E 187 21.37 15.75 -12.76
C VAL E 187 20.00 16.41 -12.63
N THR E 188 19.04 15.66 -12.10
CA THR E 188 17.68 16.17 -11.92
C THR E 188 17.27 16.03 -10.46
N LYS E 189 15.99 16.26 -10.18
CA LYS E 189 15.47 16.21 -8.81
C LYS E 189 15.65 14.83 -8.18
N ASN E 190 15.27 13.77 -8.90
CA ASN E 190 15.35 12.42 -8.36
C ASN E 190 15.80 11.40 -9.39
N SER E 191 16.17 11.83 -10.61
CA SER E 191 16.56 10.88 -11.64
C SER E 191 17.61 11.47 -12.58
N LYS E 192 17.85 10.79 -13.70
CA LYS E 192 18.84 11.23 -14.66
C LYS E 192 18.25 11.13 -16.07
N VAL E 193 18.73 12.00 -16.96
CA VAL E 193 18.27 12.04 -18.33
C VAL E 193 19.47 12.16 -19.26
N GLN E 194 19.39 11.45 -20.39
CA GLN E 194 20.49 11.41 -21.34
C GLN E 194 20.71 12.78 -21.98
N ILE E 195 21.98 13.08 -22.28
CA ILE E 195 22.36 14.34 -22.90
C ILE E 195 23.20 14.05 -24.13
N GLY E 196 23.25 12.79 -24.55
CA GLY E 196 23.92 12.39 -25.77
C GLY E 196 25.07 11.42 -25.53
N GLU E 197 25.68 11.01 -26.63
CA GLU E 197 26.81 10.10 -26.63
C GLU E 197 28.10 10.87 -26.83
N TYR E 198 29.15 10.49 -26.10
CA TYR E 198 30.39 11.24 -26.06
C TYR E 198 31.59 10.31 -26.20
N THR E 199 32.70 10.89 -26.67
CA THR E 199 33.99 10.22 -26.72
C THR E 199 35.03 11.11 -26.04
N PHE E 200 36.09 10.48 -25.53
CA PHE E 200 37.05 11.19 -24.70
C PHE E 200 38.47 10.84 -25.13
N GLU E 201 39.37 11.82 -24.92
CA GLU E 201 40.76 11.67 -25.29
C GLU E 201 41.59 12.60 -24.40
N LYS E 202 42.83 12.21 -24.15
CA LYS E 202 43.68 12.95 -23.24
C LYS E 202 43.96 14.35 -23.75
N GLY E 203 44.12 15.30 -22.83
CA GLY E 203 44.41 16.67 -23.18
C GLY E 203 45.82 17.10 -22.80
N ALA E 208 43.74 17.48 -18.38
CA ALA E 208 42.44 17.72 -18.98
C ALA E 208 42.11 16.61 -19.97
N VAL E 209 40.84 16.56 -20.39
CA VAL E 209 40.36 15.56 -21.34
C VAL E 209 39.61 16.26 -22.45
N VAL E 210 40.00 15.97 -23.70
CA VAL E 210 39.34 16.53 -24.87
C VAL E 210 38.16 15.64 -25.25
N TYR E 211 36.96 16.20 -25.20
CA TYR E 211 35.73 15.45 -25.43
C TYR E 211 35.13 15.83 -26.77
N ARG E 212 34.54 14.84 -27.45
CA ARG E 212 33.89 15.03 -28.75
C ARG E 212 32.53 14.36 -28.68
N GLY E 213 31.49 15.15 -28.38
CA GLY E 213 30.13 14.64 -28.33
C GLY E 213 29.42 14.74 -29.66
N THR E 214 28.46 13.83 -29.86
CA THR E 214 27.68 13.84 -31.08
C THR E 214 26.85 15.12 -31.19
N THR E 215 26.24 15.53 -30.09
CA THR E 215 25.48 16.78 -30.04
C THR E 215 26.14 17.76 -29.09
N THR E 216 26.41 18.96 -29.59
CA THR E 216 27.04 19.98 -28.78
C THR E 216 26.09 20.45 -27.68
N TYR E 217 26.67 20.78 -26.53
CA TYR E 217 25.90 21.19 -25.36
C TYR E 217 26.70 22.21 -24.56
N LYS E 218 26.13 22.63 -23.43
CA LYS E 218 26.80 23.56 -22.53
C LYS E 218 26.93 22.93 -21.15
N LEU E 219 27.41 21.69 -21.10
CA LEU E 219 27.44 20.94 -19.85
C LEU E 219 28.24 21.68 -18.78
N ASN E 220 27.80 21.56 -17.53
CA ASN E 220 28.40 22.22 -16.39
C ASN E 220 28.76 21.18 -15.35
N VAL E 221 29.10 21.64 -14.14
CA VAL E 221 29.44 20.74 -13.06
C VAL E 221 28.23 19.90 -12.68
N GLY E 222 28.42 18.58 -12.64
CA GLY E 222 27.37 17.64 -12.28
C GLY E 222 27.18 16.52 -13.28
N ASP E 223 27.35 16.80 -14.57
CA ASP E 223 27.17 15.79 -15.59
C ASP E 223 28.23 14.69 -15.46
N TYR E 224 27.80 13.45 -15.69
CA TYR E 224 28.67 12.30 -15.56
C TYR E 224 28.51 11.40 -16.78
N PHE E 225 29.54 10.61 -17.05
CA PHE E 225 29.57 9.75 -18.23
C PHE E 225 29.75 8.31 -17.81
N VAL E 226 28.99 7.41 -18.43
CA VAL E 226 29.12 5.97 -18.23
C VAL E 226 28.98 5.30 -19.59
N LEU E 227 29.64 4.15 -19.75
CA LEU E 227 29.52 3.40 -20.99
C LEU E 227 28.17 2.69 -21.04
N THR E 228 27.34 3.08 -22.02
CA THR E 228 25.98 2.56 -22.09
C THR E 228 25.98 1.07 -22.33
N SER E 229 25.17 0.35 -21.57
CA SER E 229 24.96 -1.07 -21.74
C SER E 229 23.52 -1.35 -22.14
N HIS E 230 23.32 -2.45 -22.87
CA HIS E 230 22.01 -2.83 -23.35
C HIS E 230 21.78 -4.31 -23.04
N THR E 231 20.50 -4.68 -22.98
CA THR E 231 20.14 -6.06 -22.69
C THR E 231 20.61 -6.98 -23.79
N VAL E 232 21.14 -8.13 -23.39
CA VAL E 232 21.66 -9.11 -24.34
C VAL E 232 20.56 -10.11 -24.65
N MET E 233 20.10 -10.12 -25.91
CA MET E 233 18.96 -10.92 -26.33
C MET E 233 19.36 -12.37 -26.61
N PRO E 234 18.44 -13.32 -26.42
CA PRO E 234 18.73 -14.71 -26.79
C PRO E 234 18.78 -14.91 -28.30
N LEU E 235 19.48 -15.97 -28.70
CA LEU E 235 19.64 -16.33 -30.10
C LEU E 235 18.89 -17.60 -30.44
N SER E 236 18.32 -17.63 -31.65
CA SER E 236 17.65 -18.82 -32.14
C SER E 236 18.15 -19.23 -33.52
N ALA E 237 18.43 -18.24 -34.38
CA ALA E 237 18.81 -18.54 -35.75
C ALA E 237 20.33 -18.77 -35.85
N PRO E 238 20.76 -19.63 -36.77
CA PRO E 238 22.19 -19.91 -36.91
C PRO E 238 22.94 -18.73 -37.51
N THR E 239 24.27 -18.78 -37.36
CA THR E 239 25.11 -17.75 -37.95
C THR E 239 25.13 -17.83 -39.47
N LEU E 240 24.91 -19.01 -40.03
CA LEU E 240 24.81 -19.20 -41.47
C LEU E 240 23.65 -20.13 -41.79
N VAL E 241 22.84 -19.75 -42.77
CA VAL E 241 21.78 -20.61 -43.28
C VAL E 241 22.44 -21.73 -44.09
N PRO E 242 21.80 -22.89 -44.23
CA PRO E 242 22.42 -23.99 -44.98
C PRO E 242 22.71 -23.60 -46.43
N GLN E 243 23.84 -24.11 -46.93
CA GLN E 243 24.24 -23.81 -48.30
C GLN E 243 23.39 -24.57 -49.30
N GLU E 244 22.95 -23.86 -50.33
CA GLU E 244 22.18 -24.46 -51.42
C GLU E 244 22.79 -24.01 -52.75
N HIS E 245 23.07 -24.95 -53.63
CA HIS E 245 23.57 -24.66 -54.96
C HIS E 245 22.51 -25.01 -56.00
N TYR E 246 22.28 -24.09 -56.92
CA TYR E 246 21.24 -24.22 -57.93
C TYR E 246 21.85 -24.31 -59.32
N VAL E 247 21.06 -24.79 -60.26
CA VAL E 247 21.48 -24.85 -61.66
C VAL E 247 21.09 -23.60 -62.44
N ARG E 248 20.17 -22.79 -61.93
CA ARG E 248 19.76 -21.55 -62.56
C ARG E 248 19.67 -20.46 -61.50
N ILE E 249 19.50 -19.22 -61.95
CA ILE E 249 19.24 -18.13 -61.01
C ILE E 249 17.83 -18.27 -60.47
N THR E 250 17.72 -18.36 -59.15
CA THR E 250 16.48 -18.71 -58.48
C THR E 250 15.90 -17.48 -57.80
N GLY E 251 14.64 -17.18 -58.09
CA GLY E 251 13.95 -16.07 -57.45
C GLY E 251 14.38 -14.70 -57.92
N LEU E 252 15.18 -14.60 -58.97
CA LEU E 252 15.66 -13.32 -59.48
C LEU E 252 15.55 -13.29 -60.99
N TYR E 253 15.46 -12.07 -61.54
CA TYR E 253 15.38 -11.86 -62.98
C TYR E 253 16.42 -10.83 -63.39
N PRO E 254 17.52 -11.25 -64.00
CA PRO E 254 18.52 -10.28 -64.46
C PRO E 254 17.97 -9.37 -65.55
N THR E 255 18.48 -8.14 -65.58
CA THR E 255 18.08 -7.19 -66.61
C THR E 255 18.73 -7.54 -67.95
N LEU E 256 18.04 -7.18 -69.02
CA LEU E 256 18.56 -7.39 -70.37
C LEU E 256 19.46 -6.27 -70.85
N ASN E 257 19.50 -5.15 -70.13
CA ASN E 257 20.31 -3.98 -70.50
C ASN E 257 21.11 -3.54 -69.28
N ILE E 258 22.43 -3.64 -69.38
CA ILE E 258 23.32 -3.23 -68.29
C ILE E 258 24.40 -2.32 -68.88
N SER E 259 24.91 -1.43 -68.04
CA SER E 259 25.92 -0.47 -68.43
C SER E 259 27.32 -1.04 -68.21
N ASP E 260 28.28 -0.49 -68.94
CA ASP E 260 29.67 -0.93 -68.83
C ASP E 260 30.29 -0.61 -67.48
N GLU E 261 29.71 0.30 -66.70
CA GLU E 261 30.14 0.48 -65.31
C GLU E 261 29.91 -0.79 -64.51
N PHE E 262 28.98 -1.62 -64.97
CA PHE E 262 28.42 -2.72 -64.19
C PHE E 262 28.63 -4.06 -64.87
N SER E 263 29.34 -4.08 -66.01
CA SER E 263 29.51 -5.30 -66.78
C SER E 263 30.48 -6.26 -66.13
N SER E 264 31.52 -5.74 -65.47
CA SER E 264 32.53 -6.60 -64.86
C SER E 264 31.96 -7.52 -63.80
N ASN E 265 30.91 -7.10 -63.10
CA ASN E 265 30.31 -7.89 -62.03
C ASN E 265 29.09 -8.68 -62.50
N VAL E 266 28.76 -8.63 -63.79
CA VAL E 266 27.59 -9.35 -64.29
C VAL E 266 27.73 -10.85 -64.04
N ALA E 267 28.92 -11.40 -64.34
CA ALA E 267 29.16 -12.81 -64.05
C ALA E 267 29.04 -13.10 -62.55
N ASN E 268 29.56 -12.20 -61.72
CA ASN E 268 29.41 -12.35 -60.28
C ASN E 268 27.97 -12.15 -59.85
N TYR E 269 27.23 -11.30 -60.58
CA TYR E 269 25.82 -11.10 -60.28
C TYR E 269 25.01 -12.36 -60.58
N GLN E 270 25.44 -13.13 -61.60
CA GLN E 270 24.76 -14.39 -61.90
C GLN E 270 25.08 -15.46 -60.87
N LYS E 271 26.32 -15.50 -60.38
CA LYS E 271 26.69 -16.48 -59.36
C LYS E 271 25.90 -16.24 -58.07
N VAL E 272 25.62 -14.97 -57.77
CA VAL E 272 24.78 -14.66 -56.62
C VAL E 272 23.43 -15.37 -56.73
N GLY E 273 22.93 -15.51 -57.95
CA GLY E 273 21.70 -16.23 -58.17
C GLY E 273 21.81 -17.74 -58.21
N MET E 274 23.03 -18.28 -58.24
CA MET E 274 23.24 -19.71 -58.35
C MET E 274 23.34 -20.40 -56.99
N GLN E 275 23.41 -19.63 -55.90
CA GLN E 275 23.60 -20.22 -54.58
C GLN E 275 22.77 -19.47 -53.56
N LYS E 276 22.47 -20.16 -52.45
CA LYS E 276 21.68 -19.57 -51.39
C LYS E 276 22.38 -18.37 -50.76
N TYR E 277 23.68 -18.51 -50.48
CA TYR E 277 24.46 -17.42 -49.93
C TYR E 277 25.82 -17.36 -50.61
N SER E 278 26.33 -16.15 -50.79
CA SER E 278 27.60 -15.92 -51.45
C SER E 278 28.49 -15.04 -50.57
N THR E 279 29.76 -15.42 -50.48
CA THR E 279 30.76 -14.67 -49.73
C THR E 279 31.60 -13.88 -50.71
N LEU E 280 31.73 -12.58 -50.48
CA LEU E 280 32.44 -11.68 -51.39
C LEU E 280 33.56 -10.97 -50.63
N GLN E 281 34.77 -11.00 -51.21
CA GLN E 281 35.91 -10.29 -50.66
C GLN E 281 36.23 -9.10 -51.55
N GLY E 282 36.34 -7.92 -50.94
CA GLY E 282 36.63 -6.71 -51.68
C GLY E 282 37.83 -5.96 -51.13
N PRO E 283 38.90 -5.90 -51.93
CA PRO E 283 40.11 -5.19 -51.51
C PRO E 283 39.85 -3.70 -51.38
N PRO E 284 40.79 -2.94 -50.83
CA PRO E 284 40.61 -1.47 -50.74
C PRO E 284 40.41 -0.88 -52.12
N GLY E 285 39.43 0.03 -52.23
CA GLY E 285 39.16 0.69 -53.49
C GLY E 285 38.82 -0.22 -54.65
N THR E 286 38.09 -1.31 -54.40
CA THR E 286 37.70 -2.22 -55.46
C THR E 286 36.26 -2.02 -55.92
N GLY E 287 35.46 -1.30 -55.15
CA GLY E 287 34.07 -1.11 -55.50
C GLY E 287 33.12 -2.05 -54.80
N LYS E 288 33.34 -2.27 -53.50
CA LYS E 288 32.40 -3.07 -52.72
C LYS E 288 31.02 -2.41 -52.71
N SER E 289 30.97 -1.09 -52.51
CA SER E 289 29.73 -0.36 -52.68
C SER E 289 29.29 -0.35 -54.15
N HIS E 290 30.26 -0.30 -55.07
CA HIS E 290 29.94 -0.34 -56.50
C HIS E 290 29.27 -1.66 -56.85
N PHE E 291 29.74 -2.76 -56.26
CA PHE E 291 29.16 -4.07 -56.53
C PHE E 291 27.78 -4.20 -55.91
N ALA E 292 27.68 -3.95 -54.60
CA ALA E 292 26.44 -4.24 -53.87
C ALA E 292 25.27 -3.44 -54.41
N ILE E 293 25.49 -2.15 -54.69
CA ILE E 293 24.47 -1.36 -55.36
C ILE E 293 24.28 -1.84 -56.79
N GLY E 294 25.31 -2.47 -57.36
CA GLY E 294 25.18 -3.03 -58.69
C GLY E 294 24.24 -4.22 -58.76
N LEU E 295 24.08 -4.95 -57.67
CA LEU E 295 23.12 -6.05 -57.65
C LEU E 295 21.69 -5.51 -57.73
N ALA E 296 21.50 -4.26 -57.29
CA ALA E 296 20.17 -3.67 -57.29
C ALA E 296 19.68 -3.36 -58.71
N LEU E 297 20.51 -2.73 -59.52
CA LEU E 297 20.11 -2.42 -60.89
C LEU E 297 20.14 -3.66 -61.77
N TYR E 298 21.05 -4.60 -61.49
CA TYR E 298 21.10 -5.85 -62.24
C TYR E 298 19.81 -6.65 -62.05
N TYR E 299 19.25 -6.65 -60.84
CA TYR E 299 17.96 -7.27 -60.55
C TYR E 299 17.00 -6.17 -60.15
N PRO E 300 16.45 -5.44 -61.13
CA PRO E 300 15.60 -4.28 -60.79
C PRO E 300 14.35 -4.64 -59.99
N SER E 301 13.74 -5.79 -60.24
CA SER E 301 12.50 -6.14 -59.56
C SER E 301 12.73 -6.80 -58.20
N ALA E 302 13.97 -7.15 -57.88
CA ALA E 302 14.24 -7.80 -56.60
C ALA E 302 14.20 -6.79 -55.46
N ARG E 303 13.65 -7.23 -54.34
CA ARG E 303 13.63 -6.41 -53.12
C ARG E 303 14.88 -6.73 -52.31
N ILE E 304 15.70 -5.71 -52.07
CA ILE E 304 17.02 -5.88 -51.47
C ILE E 304 17.08 -5.08 -50.19
N VAL E 305 17.56 -5.74 -49.12
CA VAL E 305 17.76 -5.09 -47.83
C VAL E 305 19.25 -4.96 -47.60
N TYR E 306 19.71 -3.72 -47.41
CA TYR E 306 21.13 -3.44 -47.17
C TYR E 306 21.34 -3.29 -45.67
N THR E 307 22.21 -4.12 -45.10
CA THR E 307 22.48 -4.12 -43.67
C THR E 307 23.98 -4.09 -43.41
N ALA E 308 24.34 -3.52 -42.27
CA ALA E 308 25.73 -3.35 -41.87
C ALA E 308 25.77 -3.12 -40.36
N CYS E 309 26.91 -3.43 -39.76
CA CYS E 309 27.03 -3.34 -38.30
C CYS E 309 26.94 -1.90 -37.81
N SER E 310 27.65 -0.99 -38.48
CA SER E 310 27.73 0.39 -38.03
C SER E 310 26.84 1.29 -38.87
N HIS E 311 26.48 2.44 -38.29
CA HIS E 311 25.70 3.43 -39.03
C HIS E 311 26.47 3.98 -40.21
N ALA E 312 27.80 4.05 -40.10
CA ALA E 312 28.61 4.71 -41.12
C ALA E 312 28.55 3.98 -42.45
N ALA E 313 28.71 2.66 -42.43
CA ALA E 313 28.78 1.91 -43.68
C ALA E 313 27.44 1.89 -44.41
N VAL E 314 26.34 1.70 -43.68
CA VAL E 314 25.03 1.66 -44.33
C VAL E 314 24.68 3.02 -44.91
N ASP E 315 25.10 4.11 -44.26
CA ASP E 315 24.93 5.43 -44.83
C ASP E 315 25.76 5.58 -46.10
N ALA E 316 27.01 5.10 -46.09
CA ALA E 316 27.83 5.13 -47.29
C ALA E 316 27.20 4.29 -48.39
N LEU E 317 26.56 3.18 -48.03
CA LEU E 317 25.77 2.43 -49.00
C LEU E 317 24.61 3.28 -49.53
N CYS E 318 23.95 4.03 -48.63
CA CYS E 318 22.88 4.93 -49.05
C CYS E 318 23.43 6.03 -49.96
N GLU E 319 24.62 6.55 -49.63
CA GLU E 319 25.23 7.57 -50.48
C GLU E 319 25.49 7.02 -51.88
N LYS E 320 25.99 5.79 -51.97
CA LYS E 320 26.19 5.18 -53.28
C LYS E 320 24.86 4.72 -53.89
N ALA E 321 23.92 4.33 -53.03
CA ALA E 321 22.58 4.01 -53.53
C ALA E 321 21.88 5.25 -54.07
N LEU E 322 21.99 6.38 -53.38
CA LEU E 322 21.40 7.62 -53.89
C LEU E 322 21.97 7.98 -55.26
N LYS E 323 23.22 7.63 -55.51
CA LYS E 323 23.85 7.93 -56.80
C LYS E 323 23.32 7.04 -57.92
N TYR E 324 22.87 5.82 -57.59
CA TYR E 324 22.45 4.86 -58.61
C TYR E 324 21.02 4.36 -58.47
N LEU E 325 20.34 4.59 -57.35
CA LEU E 325 19.06 3.95 -57.15
C LEU E 325 17.95 4.99 -56.99
N PRO E 326 16.71 4.64 -57.34
CA PRO E 326 15.60 5.60 -57.19
C PRO E 326 15.38 5.97 -55.73
N ILE E 327 15.31 7.28 -55.48
CA ILE E 327 15.16 7.77 -54.11
C ILE E 327 13.80 7.38 -53.53
N ASP E 328 12.79 7.21 -54.39
CA ASP E 328 11.46 6.89 -53.90
C ASP E 328 11.33 5.42 -53.49
N LYS E 329 12.16 4.54 -54.03
CA LYS E 329 12.13 3.12 -53.70
C LYS E 329 13.10 2.73 -52.60
N CYS E 330 13.82 3.69 -52.03
CA CYS E 330 14.78 3.44 -50.97
C CYS E 330 14.28 3.97 -49.64
N SER E 331 14.69 3.31 -48.56
CA SER E 331 14.25 3.68 -47.22
C SER E 331 15.39 3.48 -46.24
N ARG E 332 15.51 4.40 -45.28
CA ARG E 332 16.53 4.33 -44.25
C ARG E 332 15.84 4.13 -42.90
N ILE E 333 16.04 2.96 -42.29
CA ILE E 333 15.43 2.63 -41.01
C ILE E 333 16.33 3.14 -39.89
N ILE E 334 15.76 3.94 -39.00
CA ILE E 334 16.50 4.51 -37.87
C ILE E 334 15.74 4.22 -36.58
N PRO E 335 16.41 3.67 -35.56
CA PRO E 335 15.72 3.44 -34.29
C PRO E 335 15.40 4.74 -33.57
N ALA E 336 14.37 4.68 -32.73
CA ALA E 336 13.92 5.85 -31.98
C ALA E 336 14.97 6.26 -30.94
N VAL E 340 22.31 9.58 -32.79
CA VAL E 340 23.29 9.44 -33.86
C VAL E 340 22.72 9.98 -35.17
N GLU E 341 23.40 10.96 -35.75
CA GLU E 341 22.98 11.56 -37.01
C GLU E 341 23.47 10.70 -38.16
N CYS E 342 22.54 10.23 -38.99
CA CYS E 342 22.83 9.29 -40.07
C CYS E 342 22.22 9.82 -41.37
N PHE E 343 22.20 8.95 -42.38
CA PHE E 343 21.61 9.30 -43.67
C PHE E 343 20.15 9.72 -43.49
N ASP E 344 19.79 10.85 -44.10
CA ASP E 344 18.47 11.44 -43.94
C ASP E 344 17.92 11.93 -45.28
N LYS E 345 18.33 11.29 -46.37
CA LYS E 345 17.84 11.64 -47.69
C LYS E 345 16.85 10.61 -48.23
N PHE E 346 16.67 9.49 -47.55
CA PHE E 346 15.61 8.53 -47.86
C PHE E 346 14.49 8.65 -46.84
N LYS E 347 13.33 8.10 -47.20
CA LYS E 347 12.21 8.06 -46.26
C LYS E 347 12.56 7.18 -45.07
N VAL E 348 12.19 7.65 -43.89
CA VAL E 348 12.64 7.05 -42.63
C VAL E 348 11.60 6.05 -42.16
N ASN E 349 12.07 4.84 -41.79
CA ASN E 349 11.24 3.81 -41.17
C ASN E 349 10.13 3.34 -42.12
N SER E 350 10.51 2.91 -43.32
CA SER E 350 9.61 2.34 -44.31
C SER E 350 10.07 0.91 -44.58
N THR E 351 9.53 -0.03 -43.81
CA THR E 351 9.97 -1.42 -43.93
C THR E 351 9.58 -2.03 -45.27
N LEU E 352 8.37 -1.73 -45.75
CA LEU E 352 7.83 -2.39 -46.93
C LEU E 352 8.34 -1.81 -48.24
N GLU E 353 9.28 -0.87 -48.19
CA GLU E 353 9.86 -0.33 -49.41
C GLU E 353 10.73 -1.38 -50.10
N GLN E 354 10.94 -1.18 -51.40
CA GLN E 354 11.71 -2.15 -52.18
C GLN E 354 13.15 -2.26 -51.68
N TYR E 355 13.79 -1.13 -51.40
CA TYR E 355 15.18 -1.09 -50.96
C TYR E 355 15.23 -0.56 -49.55
N VAL E 356 15.63 -1.40 -48.60
CA VAL E 356 15.60 -1.09 -47.18
C VAL E 356 17.03 -1.05 -46.66
N PHE E 357 17.38 0.04 -45.99
CA PHE E 357 18.71 0.25 -45.43
C PHE E 357 18.60 0.37 -43.92
N CYS E 358 19.32 -0.48 -43.20
CA CYS E 358 19.26 -0.46 -41.74
C CYS E 358 20.45 -1.20 -41.17
N THR E 359 20.69 -1.01 -39.87
CA THR E 359 21.79 -1.69 -39.20
C THR E 359 21.32 -3.00 -38.56
N VAL E 360 22.29 -3.72 -38.00
CA VAL E 360 22.01 -5.05 -37.45
C VAL E 360 21.02 -4.99 -36.29
N ASN E 361 21.28 -4.12 -35.32
CA ASN E 361 20.49 -4.13 -34.09
C ASN E 361 19.15 -3.42 -34.23
N ALA E 362 18.81 -2.93 -35.42
CA ALA E 362 17.55 -2.22 -35.62
C ALA E 362 16.75 -2.75 -36.81
N LEU E 363 17.18 -3.86 -37.42
CA LEU E 363 16.45 -4.40 -38.56
C LEU E 363 15.07 -4.89 -38.15
N PRO E 364 14.04 -4.64 -38.95
CA PRO E 364 12.72 -5.18 -38.66
C PRO E 364 12.56 -6.61 -39.15
N GLU E 365 11.47 -7.24 -38.73
CA GLU E 365 11.15 -8.60 -39.15
C GLU E 365 10.47 -8.53 -40.51
N THR E 366 11.17 -8.97 -41.55
CA THR E 366 10.66 -8.89 -42.91
C THR E 366 11.39 -9.89 -43.78
N THR E 367 10.91 -10.05 -45.01
CA THR E 367 11.52 -10.90 -46.02
C THR E 367 11.94 -10.06 -47.22
N ALA E 368 12.88 -10.60 -47.99
CA ALA E 368 13.40 -9.89 -49.15
C ALA E 368 13.89 -10.89 -50.18
N ASP E 369 14.06 -10.41 -51.41
CA ASP E 369 14.65 -11.25 -52.45
C ASP E 369 16.14 -11.46 -52.21
N ILE E 370 16.85 -10.39 -51.86
CA ILE E 370 18.29 -10.45 -51.57
C ILE E 370 18.56 -9.63 -50.32
N VAL E 371 19.47 -10.10 -49.49
CA VAL E 371 19.95 -9.36 -48.33
C VAL E 371 21.46 -9.19 -48.47
N VAL E 372 21.93 -7.95 -48.34
CA VAL E 372 23.32 -7.58 -48.55
C VAL E 372 23.96 -7.30 -47.20
N PHE E 373 24.96 -8.12 -46.83
CA PHE E 373 25.87 -7.84 -45.73
C PHE E 373 27.13 -7.16 -46.24
N ASP E 374 27.36 -5.95 -45.78
CA ASP E 374 28.61 -5.24 -46.03
C ASP E 374 29.47 -5.28 -44.78
N GLU E 375 30.76 -4.97 -44.96
CA GLU E 375 31.73 -4.81 -43.87
C GLU E 375 31.75 -6.03 -42.94
N ILE E 376 31.71 -7.22 -43.55
CA ILE E 376 31.55 -8.46 -42.79
C ILE E 376 32.73 -8.72 -41.85
N SER E 377 33.88 -8.08 -42.07
CA SER E 377 35.02 -8.32 -41.20
C SER E 377 34.78 -7.78 -39.79
N MET E 378 34.06 -6.68 -39.66
CA MET E 378 33.66 -6.19 -38.34
C MET E 378 32.46 -6.93 -37.78
N ALA E 379 31.86 -7.86 -38.53
CA ALA E 379 30.71 -8.60 -38.04
C ALA E 379 31.15 -9.76 -37.16
N THR E 380 30.32 -10.08 -36.19
CA THR E 380 30.51 -11.22 -35.30
C THR E 380 29.41 -12.23 -35.54
N ASN E 381 29.58 -13.41 -34.91
CA ASN E 381 28.55 -14.45 -35.02
C ASN E 381 27.22 -13.98 -34.45
N TYR E 382 27.24 -13.07 -33.48
CA TYR E 382 26.01 -12.50 -32.95
C TYR E 382 25.26 -11.70 -34.01
N ASP E 383 25.96 -10.80 -34.70
CA ASP E 383 25.31 -10.02 -35.75
C ASP E 383 24.89 -10.91 -36.91
N LEU E 384 25.68 -11.96 -37.19
CA LEU E 384 25.30 -12.91 -38.22
C LEU E 384 24.00 -13.62 -37.87
N SER E 385 23.87 -14.06 -36.62
CA SER E 385 22.69 -14.80 -36.21
C SER E 385 21.46 -13.91 -36.12
N VAL E 386 21.63 -12.67 -35.64
CA VAL E 386 20.48 -11.81 -35.37
C VAL E 386 19.73 -11.50 -36.66
N VAL E 387 20.45 -11.09 -37.71
CA VAL E 387 19.79 -10.66 -38.95
C VAL E 387 19.08 -11.83 -39.61
N ASN E 388 19.74 -13.00 -39.63
CA ASN E 388 19.10 -14.19 -40.19
C ASN E 388 17.82 -14.53 -39.45
N ALA E 389 17.75 -14.23 -38.14
CA ALA E 389 16.50 -14.35 -37.42
C ALA E 389 15.50 -13.27 -37.82
N ARG E 390 15.99 -12.14 -38.33
CA ARG E 390 15.12 -11.04 -38.72
C ARG E 390 14.76 -11.06 -40.20
N LEU E 391 15.69 -11.45 -41.07
CA LEU E 391 15.47 -11.41 -42.51
C LEU E 391 15.55 -12.83 -43.08
N ARG E 392 14.53 -13.21 -43.84
CA ARG E 392 14.52 -14.45 -44.60
C ARG E 392 14.54 -14.08 -46.08
N ALA E 393 15.59 -14.50 -46.79
CA ALA E 393 15.81 -14.06 -48.16
C ALA E 393 16.14 -15.24 -49.06
N LYS E 394 15.86 -15.05 -50.35
CA LYS E 394 16.18 -16.09 -51.34
C LYS E 394 17.69 -16.17 -51.60
N HIS E 395 18.37 -15.03 -51.60
CA HIS E 395 19.81 -15.01 -51.81
C HIS E 395 20.46 -14.12 -50.76
N TYR E 396 21.69 -14.47 -50.41
CA TYR E 396 22.40 -13.84 -49.32
C TYR E 396 23.81 -13.49 -49.79
N VAL E 397 24.19 -12.23 -49.63
CA VAL E 397 25.45 -11.72 -50.17
C VAL E 397 26.25 -11.13 -49.03
N TYR E 398 27.39 -11.75 -48.71
CA TYR E 398 28.30 -11.26 -47.67
C TYR E 398 29.48 -10.57 -48.33
N ILE E 399 29.68 -9.29 -48.02
CA ILE E 399 30.80 -8.52 -48.54
C ILE E 399 31.67 -8.09 -47.36
N GLY E 400 32.97 -8.32 -47.49
CA GLY E 400 33.92 -7.93 -46.45
C GLY E 400 35.33 -8.29 -46.87
N ASP E 401 36.24 -8.26 -45.91
CA ASP E 401 37.63 -8.61 -46.21
C ASP E 401 38.36 -9.15 -44.99
N PRO E 402 38.93 -10.35 -45.07
CA PRO E 402 39.72 -10.89 -43.95
C PRO E 402 40.96 -10.07 -43.64
N ALA E 403 41.57 -9.48 -44.66
CA ALA E 403 42.78 -8.69 -44.52
C ALA E 403 42.51 -7.31 -43.93
N GLN E 404 41.26 -7.02 -43.57
CA GLN E 404 40.88 -5.79 -42.91
C GLN E 404 40.63 -6.08 -41.43
N LEU E 405 40.30 -5.03 -40.68
CA LEU E 405 40.24 -5.13 -39.24
C LEU E 405 38.97 -5.86 -38.79
N PRO E 406 39.01 -6.47 -37.60
CA PRO E 406 37.81 -7.04 -37.01
C PRO E 406 37.14 -6.05 -36.05
N ALA E 407 35.99 -6.46 -35.54
CA ALA E 407 35.41 -5.74 -34.41
C ALA E 407 36.30 -5.93 -33.19
N PRO E 408 36.61 -4.87 -32.46
CA PRO E 408 37.52 -5.00 -31.31
C PRO E 408 36.97 -5.94 -30.25
N ARG E 409 37.86 -6.73 -29.66
CA ARG E 409 37.54 -7.63 -28.55
C ARG E 409 38.26 -7.07 -27.32
N THR E 410 37.52 -6.30 -26.50
CA THR E 410 38.13 -5.65 -25.35
C THR E 410 38.64 -6.65 -24.33
N LEU E 411 37.89 -7.72 -24.09
CA LEU E 411 38.28 -8.71 -23.09
C LEU E 411 39.47 -9.55 -23.50
N LEU E 412 39.76 -9.64 -24.80
CA LEU E 412 40.87 -10.45 -25.27
C LEU E 412 42.20 -9.84 -24.86
N THR E 413 43.05 -10.64 -24.21
CA THR E 413 44.34 -10.17 -23.74
C THR E 413 45.46 -11.08 -24.21
N LYS E 414 45.17 -12.37 -24.34
CA LYS E 414 46.17 -13.38 -24.67
C LYS E 414 45.96 -13.86 -26.10
N GLY E 415 46.99 -13.72 -26.92
CA GLY E 415 46.96 -14.22 -28.29
C GLY E 415 46.34 -13.20 -29.24
N THR E 416 46.39 -13.55 -30.53
CA THR E 416 45.84 -12.73 -31.60
C THR E 416 44.73 -13.50 -32.31
N LEU E 417 43.66 -12.78 -32.63
CA LEU E 417 42.51 -13.37 -33.30
C LEU E 417 42.74 -13.34 -34.82
N GLU E 418 42.97 -14.52 -35.40
CA GLU E 418 43.16 -14.66 -36.83
C GLU E 418 41.85 -14.40 -37.55
N PRO E 419 41.91 -13.92 -38.82
CA PRO E 419 40.67 -13.63 -39.54
C PRO E 419 39.69 -14.80 -39.63
N GLU E 420 40.19 -16.03 -39.72
CA GLU E 420 39.31 -17.18 -39.85
C GLU E 420 38.57 -17.49 -38.55
N TYR E 421 38.69 -16.65 -37.53
CA TYR E 421 37.95 -16.80 -36.29
C TYR E 421 37.11 -15.58 -35.95
N PHE E 422 37.07 -14.58 -36.83
CA PHE E 422 36.24 -13.41 -36.61
C PHE E 422 34.76 -13.79 -36.56
N ASN E 423 34.31 -14.61 -37.50
CA ASN E 423 32.93 -15.04 -37.59
C ASN E 423 32.82 -16.23 -38.55
N SER E 424 31.59 -16.71 -38.77
CA SER E 424 31.40 -17.87 -39.62
C SER E 424 31.73 -17.57 -41.08
N VAL E 425 31.32 -16.42 -41.59
CA VAL E 425 31.60 -16.07 -42.98
C VAL E 425 33.10 -15.90 -43.19
N CYS E 426 33.78 -15.24 -42.25
CA CYS E 426 35.23 -15.09 -42.37
C CYS E 426 35.94 -16.43 -42.27
N ARG E 427 35.35 -17.39 -41.54
CA ARG E 427 35.96 -18.71 -41.41
C ARG E 427 35.91 -19.47 -42.72
N LEU E 428 34.75 -19.45 -43.41
CA LEU E 428 34.62 -20.18 -44.66
C LEU E 428 35.58 -19.64 -45.72
N MET E 429 35.53 -18.34 -45.96
CA MET E 429 36.32 -17.73 -47.04
C MET E 429 37.81 -17.76 -46.74
N LYS E 430 38.20 -17.85 -45.47
CA LYS E 430 39.60 -18.09 -45.13
C LYS E 430 40.01 -19.54 -45.28
N THR E 431 39.05 -20.46 -45.41
CA THR E 431 39.32 -21.88 -45.58
C THR E 431 38.89 -22.40 -46.95
N ILE E 432 37.63 -22.21 -47.32
CA ILE E 432 37.14 -22.67 -48.62
C ILE E 432 37.29 -21.61 -49.71
N GLY E 433 37.75 -20.40 -49.37
CA GLY E 433 37.95 -19.36 -50.34
C GLY E 433 36.68 -18.57 -50.60
N PRO E 434 36.82 -17.32 -50.98
CA PRO E 434 35.65 -16.49 -51.29
C PRO E 434 34.93 -17.01 -52.53
N ASP E 435 33.60 -16.86 -52.50
CA ASP E 435 32.80 -17.33 -53.63
C ASP E 435 33.09 -16.53 -54.88
N MET E 436 33.16 -15.20 -54.76
CA MET E 436 33.65 -14.35 -55.83
C MET E 436 34.84 -13.55 -55.31
N PHE E 437 35.58 -12.92 -56.23
CA PHE E 437 36.65 -12.02 -55.85
C PHE E 437 36.84 -10.98 -56.94
N LEU E 438 36.91 -9.71 -56.53
CA LEU E 438 37.24 -8.61 -57.44
C LEU E 438 38.74 -8.38 -57.37
N GLY E 439 39.43 -8.59 -58.49
CA GLY E 439 40.87 -8.50 -58.50
C GLY E 439 41.46 -7.14 -58.80
N THR E 440 40.65 -6.11 -59.00
CA THR E 440 41.13 -4.80 -59.42
C THR E 440 41.09 -3.84 -58.24
N CYS E 441 42.24 -3.24 -57.94
CA CYS E 441 42.32 -2.18 -56.93
C CYS E 441 42.53 -0.84 -57.64
N ARG E 442 41.61 0.10 -57.39
CA ARG E 442 41.62 1.37 -58.10
C ARG E 442 42.23 2.52 -57.31
N ARG E 443 42.32 2.40 -55.97
CA ARG E 443 42.73 3.56 -55.18
C ARG E 443 44.23 3.71 -55.08
N CYS E 444 44.92 2.72 -54.53
CA CYS E 444 46.33 2.93 -54.27
C CYS E 444 47.16 2.67 -55.53
N PRO E 445 48.33 3.31 -55.62
CA PRO E 445 49.26 2.97 -56.70
C PRO E 445 49.78 1.54 -56.55
N ALA E 446 50.49 1.09 -57.58
CA ALA E 446 50.88 -0.31 -57.66
C ALA E 446 51.77 -0.73 -56.50
N GLU E 447 52.63 0.16 -56.02
CA GLU E 447 53.60 -0.21 -55.00
C GLU E 447 52.92 -0.61 -53.69
N ILE E 448 51.90 0.13 -53.27
CA ILE E 448 51.12 -0.33 -52.13
C ILE E 448 50.35 -1.60 -52.47
N VAL E 449 49.80 -1.66 -53.69
CA VAL E 449 49.04 -2.84 -54.09
C VAL E 449 49.92 -4.08 -54.12
N ASP E 450 51.12 -3.97 -54.70
CA ASP E 450 52.01 -5.13 -54.76
C ASP E 450 52.47 -5.53 -53.37
N THR E 451 52.69 -4.56 -52.48
CA THR E 451 53.08 -4.87 -51.11
C THR E 451 51.96 -5.58 -50.36
N VAL E 452 50.73 -5.13 -50.56
CA VAL E 452 49.62 -5.70 -49.80
C VAL E 452 49.07 -6.95 -50.49
N SER E 453 49.38 -7.14 -51.78
CA SER E 453 48.96 -8.36 -52.46
C SER E 453 49.76 -9.55 -51.96
N ALA E 454 51.08 -9.40 -51.86
CA ALA E 454 51.91 -10.47 -51.34
C ALA E 454 51.66 -10.73 -49.86
N LEU E 455 51.47 -9.67 -49.08
CA LEU E 455 51.37 -9.81 -47.63
C LEU E 455 50.15 -10.62 -47.21
N VAL E 456 48.97 -10.27 -47.75
CA VAL E 456 47.72 -10.84 -47.23
C VAL E 456 46.81 -11.36 -48.33
N TYR E 457 47.05 -10.96 -49.58
CA TYR E 457 46.13 -11.28 -50.67
C TYR E 457 46.65 -12.37 -51.59
N ASP E 458 47.58 -13.22 -51.13
CA ASP E 458 48.06 -14.37 -51.90
C ASP E 458 48.61 -13.93 -53.25
N ASN E 459 49.05 -12.67 -53.33
CA ASN E 459 49.44 -12.04 -54.60
C ASN E 459 48.31 -12.04 -55.62
N LYS E 460 47.06 -12.04 -55.15
CA LYS E 460 45.90 -12.00 -56.03
C LYS E 460 45.39 -10.60 -56.29
N LEU E 461 45.88 -9.60 -55.55
CA LEU E 461 45.38 -8.24 -55.72
C LEU E 461 46.15 -7.54 -56.82
N LYS E 462 45.43 -7.10 -57.86
CA LYS E 462 46.00 -6.37 -58.97
C LYS E 462 45.73 -4.89 -58.82
N ALA E 463 46.65 -4.07 -59.33
CA ALA E 463 46.51 -2.62 -59.28
C ALA E 463 45.93 -2.10 -60.58
N HIS E 464 45.19 -1.00 -60.49
CA HIS E 464 44.74 -0.31 -61.68
C HIS E 464 45.66 0.85 -62.05
N LYS E 465 46.23 1.53 -61.06
CA LYS E 465 47.17 2.61 -61.33
C LYS E 465 48.57 2.05 -61.52
N ASP E 466 49.45 2.90 -62.04
CA ASP E 466 50.85 2.56 -62.20
C ASP E 466 51.62 2.95 -60.93
N LYS E 467 52.93 2.76 -60.98
CA LYS E 467 53.77 3.19 -59.85
C LYS E 467 53.79 4.70 -59.76
N SER E 468 53.66 5.21 -58.52
CA SER E 468 53.56 6.65 -58.30
C SER E 468 54.85 7.28 -57.83
N ALA E 469 55.84 6.49 -57.40
CA ALA E 469 57.15 6.96 -56.96
C ALA E 469 57.06 7.94 -55.79
N GLN E 470 55.96 7.91 -55.04
CA GLN E 470 55.79 8.74 -53.86
C GLN E 470 55.49 7.90 -52.63
N CYS E 471 55.83 6.61 -52.69
CA CYS E 471 55.67 5.69 -51.59
C CYS E 471 57.02 5.50 -50.91
N PHE E 472 57.14 5.98 -49.69
CA PHE E 472 58.45 6.14 -49.08
C PHE E 472 58.44 5.52 -47.68
N LYS E 473 59.51 4.81 -47.35
CA LYS E 473 59.59 4.08 -46.09
C LYS E 473 60.89 4.39 -45.38
N MET E 474 60.85 4.44 -44.05
CA MET E 474 62.03 4.68 -43.25
C MET E 474 62.01 3.80 -42.01
N PHE E 475 63.16 3.23 -41.67
CA PHE E 475 63.34 2.36 -40.51
C PHE E 475 63.90 3.21 -39.38
N TYR E 476 63.09 3.43 -38.34
CA TYR E 476 63.49 4.32 -37.24
C TYR E 476 62.77 3.86 -35.98
N LYS E 477 63.53 3.35 -35.02
CA LYS E 477 62.95 2.90 -33.76
C LYS E 477 62.43 4.07 -32.93
N GLY E 478 63.25 5.12 -32.76
CA GLY E 478 62.86 6.24 -31.93
C GLY E 478 62.80 5.86 -30.46
N VAL E 479 62.01 6.63 -29.72
CA VAL E 479 61.80 6.40 -28.29
C VAL E 479 60.31 6.26 -28.04
N ILE E 480 59.91 5.17 -27.39
CA ILE E 480 58.50 4.85 -27.15
C ILE E 480 58.15 5.19 -25.71
N THR E 481 57.13 6.02 -25.53
CA THR E 481 56.62 6.39 -24.22
C THR E 481 55.18 5.95 -24.09
N HIS E 482 54.78 5.58 -22.88
CA HIS E 482 53.45 5.05 -22.62
C HIS E 482 52.71 5.92 -21.62
N ASP E 483 51.46 6.24 -21.95
CA ASP E 483 50.50 6.84 -21.03
C ASP E 483 49.57 5.73 -20.53
N VAL E 484 48.47 6.13 -19.89
CA VAL E 484 47.61 5.17 -19.19
C VAL E 484 47.15 4.05 -20.11
N SER E 485 46.78 4.39 -21.36
CA SER E 485 46.24 3.35 -22.24
C SER E 485 46.70 3.43 -23.70
N SER E 486 47.86 4.01 -23.99
CA SER E 486 48.32 4.12 -25.36
C SER E 486 49.84 4.29 -25.36
N ALA E 487 50.40 4.58 -26.53
CA ALA E 487 51.84 4.72 -26.69
C ALA E 487 52.14 5.95 -27.53
N ILE E 488 53.32 6.54 -27.30
CA ILE E 488 53.78 7.72 -28.02
C ILE E 488 55.22 7.50 -28.46
N ASN E 489 55.53 7.89 -29.70
CA ASN E 489 56.90 7.88 -30.22
C ASN E 489 57.19 9.28 -30.76
N ARG E 490 57.64 10.16 -29.88
CA ARG E 490 57.97 11.53 -30.30
C ARG E 490 59.08 11.60 -31.33
N PRO E 491 60.21 10.87 -31.20
CA PRO E 491 61.23 10.92 -32.26
C PRO E 491 60.70 10.51 -33.62
N GLN E 492 59.78 9.54 -33.66
CA GLN E 492 59.15 9.18 -34.93
C GLN E 492 58.34 10.35 -35.49
N ILE E 493 57.65 11.08 -34.62
CA ILE E 493 56.96 12.30 -35.05
C ILE E 493 57.98 13.35 -35.48
N GLY E 494 59.08 13.48 -34.74
CA GLY E 494 60.09 14.47 -35.10
C GLY E 494 60.70 14.21 -36.46
N VAL E 495 60.85 12.93 -36.83
CA VAL E 495 61.33 12.60 -38.16
C VAL E 495 60.34 13.08 -39.22
N VAL E 496 59.05 12.90 -38.96
CA VAL E 496 58.02 13.36 -39.89
C VAL E 496 58.07 14.88 -40.01
N ARG E 497 58.30 15.58 -38.90
CA ARG E 497 58.40 17.04 -38.95
C ARG E 497 59.58 17.47 -39.83
N GLU E 498 60.72 16.80 -39.69
CA GLU E 498 61.86 17.10 -40.55
C GLU E 498 61.55 16.77 -42.01
N PHE E 499 60.78 15.69 -42.23
CA PHE E 499 60.38 15.35 -43.58
C PHE E 499 59.49 16.42 -44.20
N LEU E 500 58.59 17.00 -43.39
CA LEU E 500 57.68 18.02 -43.90
C LEU E 500 58.43 19.28 -44.31
N THR E 501 59.47 19.67 -43.56
CA THR E 501 60.23 20.86 -43.91
C THR E 501 60.93 20.69 -45.25
N ARG E 502 61.52 19.52 -45.49
CA ARG E 502 62.18 19.26 -46.77
C ARG E 502 61.19 18.88 -47.87
N ASN E 503 59.96 18.49 -47.53
CA ASN E 503 58.92 18.15 -48.50
C ASN E 503 57.64 18.85 -48.12
N PRO E 504 57.55 20.16 -48.40
CA PRO E 504 56.34 20.91 -48.00
C PRO E 504 55.07 20.43 -48.68
N ALA E 505 55.17 19.76 -49.83
CA ALA E 505 53.97 19.27 -50.50
C ALA E 505 53.26 18.18 -49.71
N TRP E 506 53.97 17.57 -48.76
CA TRP E 506 53.41 16.50 -47.95
C TRP E 506 52.57 17.01 -46.78
N ARG E 507 52.34 18.32 -46.68
CA ARG E 507 51.50 18.86 -45.61
C ARG E 507 50.02 18.76 -45.93
N LYS E 508 49.66 18.28 -47.11
CA LYS E 508 48.28 17.90 -47.40
C LYS E 508 47.96 16.47 -46.99
N ALA E 509 48.94 15.76 -46.43
CA ALA E 509 48.77 14.37 -46.04
C ALA E 509 47.98 14.26 -44.74
N VAL E 510 47.52 13.05 -44.45
CA VAL E 510 46.77 12.75 -43.24
C VAL E 510 47.60 11.81 -42.37
N PHE E 511 47.78 12.17 -41.11
CA PHE E 511 48.59 11.39 -40.19
C PHE E 511 47.77 10.22 -39.66
N ILE E 512 48.33 9.02 -39.77
CA ILE E 512 47.67 7.80 -39.30
C ILE E 512 48.64 7.03 -38.40
N SER E 513 48.10 6.42 -37.36
CA SER E 513 48.90 5.64 -36.41
C SER E 513 47.97 4.71 -35.67
N PRO E 514 48.50 3.58 -35.16
CA PRO E 514 47.67 2.66 -34.40
C PRO E 514 47.34 3.12 -32.98
N TYR E 515 47.78 4.31 -32.58
CA TYR E 515 47.58 4.78 -31.22
C TYR E 515 46.98 6.18 -31.24
N ASN E 516 46.02 6.42 -30.34
CA ASN E 516 45.37 7.73 -30.29
C ASN E 516 46.29 8.77 -29.65
N SER E 517 47.10 8.36 -28.67
CA SER E 517 48.03 9.30 -28.04
C SER E 517 49.07 9.80 -29.03
N GLN E 518 49.54 8.92 -29.91
CA GLN E 518 50.46 9.34 -30.97
C GLN E 518 49.80 10.37 -31.87
N ASN E 519 48.53 10.15 -32.21
CA ASN E 519 47.79 11.11 -33.02
C ASN E 519 47.62 12.44 -32.30
N ALA E 520 47.36 12.40 -31.00
CA ALA E 520 47.18 13.64 -30.24
C ALA E 520 48.45 14.46 -30.21
N VAL E 521 49.60 13.80 -30.01
CA VAL E 521 50.87 14.52 -30.01
C VAL E 521 51.21 15.03 -31.40
N ALA E 522 50.99 14.20 -32.43
CA ALA E 522 51.32 14.60 -33.79
C ALA E 522 50.43 15.73 -34.30
N SER E 523 49.18 15.78 -33.83
CA SER E 523 48.27 16.83 -34.27
C SER E 523 48.78 18.20 -33.86
N LYS E 524 49.26 18.34 -32.63
CA LYS E 524 49.77 19.61 -32.16
C LYS E 524 51.15 19.94 -32.73
N ILE E 525 51.95 18.92 -33.03
CA ILE E 525 53.29 19.15 -33.57
C ILE E 525 53.27 19.36 -35.08
N LEU E 526 52.54 18.52 -35.82
CA LEU E 526 52.55 18.57 -37.28
C LEU E 526 51.41 19.40 -37.87
N GLY E 527 50.24 19.41 -37.22
CA GLY E 527 49.10 20.11 -37.75
C GLY E 527 48.29 19.37 -38.78
N LEU E 528 48.72 18.17 -39.17
CA LEU E 528 47.99 17.36 -40.13
C LEU E 528 46.75 16.76 -39.47
N PRO E 529 45.69 16.51 -40.25
CA PRO E 529 44.56 15.75 -39.69
C PRO E 529 45.00 14.35 -39.27
N THR E 530 44.44 13.90 -38.15
CA THR E 530 44.85 12.64 -37.54
C THR E 530 43.71 11.64 -37.55
N GLN E 531 44.05 10.40 -37.84
CA GLN E 531 43.08 9.30 -37.86
C GLN E 531 43.73 8.05 -37.28
N THR E 532 42.97 7.32 -36.48
CA THR E 532 43.40 5.99 -36.08
C THR E 532 43.12 5.01 -37.21
N VAL E 533 43.91 3.93 -37.26
CA VAL E 533 43.77 2.95 -38.34
C VAL E 533 42.39 2.31 -38.31
N ASP E 534 41.88 2.04 -37.10
CA ASP E 534 40.56 1.44 -36.98
C ASP E 534 39.47 2.35 -37.52
N SER E 535 39.56 3.65 -37.23
CA SER E 535 38.59 4.61 -37.73
C SER E 535 38.83 5.01 -39.17
N SER E 536 40.03 4.76 -39.71
CA SER E 536 40.36 5.16 -41.08
C SER E 536 39.77 4.23 -42.13
N GLN E 537 39.24 3.08 -41.73
CA GLN E 537 38.72 2.12 -42.68
C GLN E 537 37.44 2.67 -43.33
N GLY E 538 37.40 2.64 -44.66
CA GLY E 538 36.30 3.20 -45.42
C GLY E 538 36.53 4.60 -45.92
N SER E 539 37.66 5.22 -45.58
CA SER E 539 38.00 6.55 -46.04
C SER E 539 39.13 6.48 -47.05
N GLU E 540 39.51 7.64 -47.58
CA GLU E 540 40.64 7.74 -48.49
C GLU E 540 41.19 9.15 -48.49
N TYR E 541 42.49 9.27 -48.74
CA TYR E 541 43.16 10.55 -48.84
C TYR E 541 44.24 10.43 -49.93
N ASP E 542 44.68 11.59 -50.42
CA ASP E 542 45.70 11.59 -51.47
C ASP E 542 47.06 11.17 -50.91
N TYR E 543 47.43 11.72 -49.76
CA TYR E 543 48.70 11.41 -49.12
C TYR E 543 48.42 11.10 -47.66
N VAL E 544 49.21 10.20 -47.09
CA VAL E 544 49.11 9.80 -45.68
C VAL E 544 50.51 9.62 -45.14
N ILE E 545 50.71 9.88 -43.85
CA ILE E 545 51.95 9.60 -43.15
C ILE E 545 51.66 8.62 -42.02
N PHE E 546 52.36 7.49 -42.02
CA PHE E 546 52.09 6.40 -41.08
C PHE E 546 53.29 6.22 -40.16
N THR E 547 53.03 6.20 -38.84
CA THR E 547 54.03 5.93 -37.83
C THR E 547 53.58 4.72 -37.01
N GLN E 548 54.38 3.65 -37.06
CA GLN E 548 54.02 2.44 -36.31
C GLN E 548 54.02 2.69 -34.81
N THR E 549 54.99 3.45 -34.32
CA THR E 549 55.07 3.96 -32.94
C THR E 549 55.44 2.87 -31.94
N THR E 550 55.41 1.60 -32.36
CA THR E 550 55.77 0.46 -31.54
C THR E 550 56.16 -0.71 -32.43
N GLU E 551 56.48 -1.83 -31.80
CA GLU E 551 56.61 -3.13 -32.48
C GLU E 551 55.66 -4.16 -31.87
N THR E 552 54.59 -3.71 -31.22
CA THR E 552 53.68 -4.61 -30.53
C THR E 552 52.79 -5.35 -31.54
N ALA E 553 52.10 -6.38 -31.04
CA ALA E 553 51.17 -7.13 -31.87
C ALA E 553 50.03 -6.25 -32.36
N HIS E 554 49.66 -5.24 -31.56
CA HIS E 554 48.65 -4.28 -32.00
C HIS E 554 49.10 -3.55 -33.26
N SER E 555 50.34 -3.05 -33.25
CA SER E 555 50.87 -2.33 -34.39
C SER E 555 51.26 -3.24 -35.55
N CYS E 556 51.73 -4.46 -35.25
CA CYS E 556 52.16 -5.40 -36.27
C CYS E 556 51.03 -6.26 -36.82
N ASN E 557 49.78 -5.87 -36.58
CA ASN E 557 48.64 -6.64 -37.07
C ASN E 557 48.57 -6.57 -38.59
N VAL E 558 48.74 -7.73 -39.23
CA VAL E 558 48.80 -7.78 -40.69
C VAL E 558 47.47 -7.37 -41.32
N ASN E 559 46.36 -7.53 -40.60
CA ASN E 559 45.11 -6.94 -41.06
C ASN E 559 45.13 -5.43 -40.88
N ARG E 560 45.59 -4.95 -39.71
CA ARG E 560 45.64 -3.51 -39.47
C ARG E 560 46.61 -2.81 -40.42
N PHE E 561 47.81 -3.38 -40.59
CA PHE E 561 48.80 -2.74 -41.44
C PHE E 561 48.34 -2.69 -42.90
N ASN E 562 47.58 -3.71 -43.32
CA ASN E 562 46.92 -3.65 -44.62
C ASN E 562 45.97 -2.46 -44.69
N VAL E 563 45.24 -2.21 -43.60
CA VAL E 563 44.31 -1.09 -43.57
C VAL E 563 45.05 0.23 -43.45
N ALA E 564 46.18 0.23 -42.73
CA ALA E 564 46.85 1.48 -42.39
C ALA E 564 47.35 2.22 -43.63
N ILE E 565 48.28 1.59 -44.37
CA ILE E 565 48.99 2.32 -45.43
C ILE E 565 48.21 2.35 -46.74
N THR E 566 47.01 1.82 -46.79
CA THR E 566 46.22 1.77 -48.02
C THR E 566 45.14 2.84 -48.10
N ARG E 567 45.20 3.84 -47.22
CA ARG E 567 44.28 4.97 -47.29
C ARG E 567 44.80 6.10 -48.16
N ALA E 568 45.96 5.93 -48.78
CA ALA E 568 46.55 6.95 -49.63
C ALA E 568 46.23 6.67 -51.09
N LYS E 569 45.92 7.72 -51.85
CA LYS E 569 45.59 7.57 -53.25
C LYS E 569 46.76 7.87 -54.18
N VAL E 570 47.75 8.63 -53.71
CA VAL E 570 48.88 9.01 -54.56
C VAL E 570 50.18 8.55 -53.91
N GLY E 571 50.48 9.05 -52.72
CA GLY E 571 51.75 8.79 -52.09
C GLY E 571 51.60 8.53 -50.61
N ILE E 572 52.68 8.00 -50.03
CA ILE E 572 52.67 7.49 -48.65
C ILE E 572 54.08 7.65 -48.08
N LEU E 573 54.14 7.93 -46.78
CA LEU E 573 55.40 7.87 -46.04
C LEU E 573 55.19 7.01 -44.80
N CYS E 574 56.05 6.02 -44.61
CA CYS E 574 55.91 5.06 -43.53
C CYS E 574 57.18 5.05 -42.69
N ILE E 575 57.08 5.56 -41.47
CA ILE E 575 58.17 5.49 -40.50
C ILE E 575 57.95 4.22 -39.70
N MET E 576 58.86 3.26 -39.85
CA MET E 576 58.63 1.90 -39.37
C MET E 576 59.55 1.55 -38.21
N SER E 577 58.99 0.86 -37.23
CA SER E 577 59.74 0.31 -36.09
C SER E 577 59.93 -1.20 -36.20
N ASP E 578 59.03 -1.90 -36.89
CA ASP E 578 59.14 -3.35 -37.06
C ASP E 578 59.96 -3.64 -38.30
N ARG E 579 61.03 -4.42 -38.14
CA ARG E 579 61.91 -4.74 -39.26
C ARG E 579 61.21 -5.66 -40.26
N ASP E 580 60.41 -6.60 -39.77
CA ASP E 580 59.76 -7.59 -40.62
C ASP E 580 58.85 -6.93 -41.65
N LEU E 581 57.95 -6.07 -41.18
CA LEU E 581 57.03 -5.38 -42.09
C LEU E 581 57.77 -4.36 -42.95
N TYR E 582 58.85 -3.77 -42.42
CA TYR E 582 59.64 -2.81 -43.19
C TYR E 582 60.26 -3.48 -44.41
N ASP E 583 60.80 -4.69 -44.23
CA ASP E 583 61.38 -5.42 -45.36
C ASP E 583 60.30 -5.83 -46.36
N LYS E 584 59.13 -6.24 -45.87
CA LYS E 584 58.01 -6.57 -46.76
C LYS E 584 57.51 -5.35 -47.53
N LEU E 585 57.83 -4.14 -47.07
CA LEU E 585 57.32 -2.93 -47.68
C LEU E 585 58.11 -2.61 -48.95
N GLN E 586 57.46 -2.72 -50.10
CA GLN E 586 58.10 -2.47 -51.39
C GLN E 586 58.10 -0.98 -51.74
N PHE E 587 58.60 -0.15 -50.83
CA PHE E 587 58.70 1.28 -51.05
C PHE E 587 60.17 1.70 -51.13
N THR E 588 60.38 2.95 -51.54
CA THR E 588 61.72 3.50 -51.62
C THR E 588 62.21 3.88 -50.22
N SER E 589 63.35 3.34 -49.82
CA SER E 589 63.86 3.54 -48.47
C SER E 589 64.67 4.82 -48.36
N LEU E 590 64.74 5.36 -47.14
CA LEU E 590 65.55 6.53 -46.83
C LEU E 590 66.56 6.24 -45.74
N GLU E 591 67.50 7.19 -45.62
CA GLU E 591 68.43 7.29 -44.52
C GLU E 591 67.91 8.31 -43.53
N ILE E 592 68.17 8.06 -42.25
CA ILE E 592 67.70 8.95 -41.19
C ILE E 592 68.51 10.24 -41.22
N PRO E 593 67.87 11.42 -41.28
CA PRO E 593 68.56 12.73 -41.32
C PRO E 593 69.34 13.02 -40.05
N VAL F 2 19.03 -9.59 15.90
CA VAL F 2 19.90 -10.25 14.94
C VAL F 2 21.02 -9.31 14.53
N GLY F 3 22.26 -9.75 14.74
CA GLY F 3 23.42 -8.94 14.41
C GLY F 3 24.66 -9.76 14.12
N ALA F 4 25.83 -9.14 14.28
CA ALA F 4 27.11 -9.80 14.02
C ALA F 4 27.88 -9.96 15.32
N CYS F 5 28.50 -11.13 15.50
CA CYS F 5 29.29 -11.40 16.69
C CYS F 5 30.43 -10.38 16.79
N VAL F 6 30.59 -9.78 17.97
CA VAL F 6 31.61 -8.75 18.11
C VAL F 6 33.01 -9.32 17.97
N LEU F 7 33.25 -10.55 18.44
CA LEU F 7 34.53 -11.23 18.31
C LEU F 7 34.74 -11.89 16.96
N CYS F 8 33.68 -12.42 16.37
CA CYS F 8 33.78 -13.33 15.24
C CYS F 8 33.26 -12.75 13.94
N ASN F 9 32.39 -11.75 14.03
CA ASN F 9 31.63 -11.19 12.92
C ASN F 9 30.65 -12.19 12.35
N SER F 10 30.53 -13.37 12.95
CA SER F 10 29.52 -14.34 12.53
C SER F 10 28.14 -13.82 12.87
N GLN F 11 27.19 -14.00 11.97
CA GLN F 11 25.83 -13.56 12.21
C GLN F 11 25.24 -14.30 13.39
N THR F 12 24.66 -13.55 14.33
CA THR F 12 24.12 -14.13 15.54
C THR F 12 23.03 -13.22 16.09
N SER F 13 22.07 -13.85 16.79
CA SER F 13 20.97 -13.14 17.43
C SER F 13 21.03 -13.26 18.94
N LEU F 14 22.21 -13.54 19.50
CA LEU F 14 22.39 -13.71 20.93
C LEU F 14 23.17 -12.54 21.48
N ARG F 15 22.65 -11.92 22.54
CA ARG F 15 23.24 -10.74 23.14
C ARG F 15 23.23 -10.91 24.66
N CYS F 16 24.31 -10.47 25.31
CA CYS F 16 24.46 -10.72 26.74
C CYS F 16 23.58 -9.75 27.53
N GLY F 17 22.53 -10.28 28.14
CA GLY F 17 21.59 -9.46 28.89
C GLY F 17 22.06 -8.98 30.23
N ALA F 18 23.11 -9.58 30.78
CA ALA F 18 23.71 -9.08 32.02
C ALA F 18 24.59 -7.87 31.79
N CYS F 19 25.16 -7.74 30.60
CA CYS F 19 25.95 -6.57 30.28
C CYS F 19 25.04 -5.38 29.96
N ILE F 20 25.50 -4.18 30.31
CA ILE F 20 24.69 -2.99 30.13
C ILE F 20 24.56 -2.59 28.66
N ARG F 21 25.47 -3.04 27.81
CA ARG F 21 25.42 -2.71 26.39
C ARG F 21 24.73 -3.77 25.55
N ARG F 22 24.61 -5.00 26.06
CA ARG F 22 24.02 -6.12 25.35
C ARG F 22 24.61 -6.30 23.95
N PRO F 23 25.93 -6.45 23.82
CA PRO F 23 26.50 -6.65 22.49
C PRO F 23 26.23 -8.05 21.99
N PHE F 24 26.24 -8.20 20.66
CA PHE F 24 26.01 -9.51 20.05
C PHE F 24 27.20 -10.42 20.30
N LEU F 25 26.91 -11.70 20.56
CA LEU F 25 27.93 -12.71 20.78
C LEU F 25 27.52 -14.01 20.12
N CYS F 26 28.43 -14.60 19.36
CA CYS F 26 28.14 -15.88 18.71
C CYS F 26 28.00 -16.98 19.75
N CYS F 27 27.67 -18.18 19.26
CA CYS F 27 27.34 -19.30 20.15
C CYS F 27 28.52 -19.65 21.05
N LYS F 28 29.68 -19.92 20.45
CA LYS F 28 30.86 -20.27 21.24
C LYS F 28 31.30 -19.12 22.12
N CYS F 29 31.30 -17.90 21.55
CA CYS F 29 31.71 -16.73 22.30
C CYS F 29 30.81 -16.49 23.50
N CYS F 30 29.50 -16.56 23.30
CA CYS F 30 28.57 -16.35 24.41
C CYS F 30 28.68 -17.45 25.44
N TYR F 31 28.89 -18.70 24.99
CA TYR F 31 29.08 -19.80 25.92
C TYR F 31 30.28 -19.54 26.82
N ASP F 32 31.42 -19.19 26.23
CA ASP F 32 32.61 -18.92 27.02
C ASP F 32 32.41 -17.72 27.94
N HIS F 33 31.70 -16.69 27.46
CA HIS F 33 31.48 -15.50 28.26
C HIS F 33 30.60 -15.79 29.46
N VAL F 34 29.63 -16.70 29.32
CA VAL F 34 28.74 -16.96 30.45
C VAL F 34 29.37 -17.95 31.42
N ILE F 35 30.09 -18.96 30.92
CA ILE F 35 30.63 -19.97 31.84
C ILE F 35 31.82 -19.45 32.63
N SER F 36 32.41 -18.32 32.23
CA SER F 36 33.63 -17.82 32.86
C SER F 36 33.37 -16.69 33.86
N THR F 37 32.20 -16.06 33.82
CA THR F 37 31.91 -14.94 34.70
C THR F 37 30.53 -15.16 35.33
N SER F 38 30.09 -14.15 36.10
CA SER F 38 28.75 -14.16 36.66
C SER F 38 27.68 -13.74 35.66
N HIS F 39 28.08 -13.32 34.47
CA HIS F 39 27.13 -12.97 33.42
C HIS F 39 26.38 -14.22 33.00
N LYS F 40 25.12 -14.33 33.38
CA LYS F 40 24.30 -15.48 33.04
C LYS F 40 23.04 -15.15 32.27
N LEU F 41 22.59 -13.89 32.28
CA LEU F 41 21.43 -13.51 31.49
C LEU F 41 21.87 -13.28 30.05
N VAL F 42 21.37 -14.12 29.14
CA VAL F 42 21.58 -13.96 27.71
C VAL F 42 20.23 -13.66 27.08
N LEU F 43 20.21 -12.72 26.13
CA LEU F 43 18.98 -12.33 25.45
C LEU F 43 19.02 -12.84 24.03
N SER F 44 17.89 -13.42 23.59
CA SER F 44 17.68 -13.82 22.21
C SER F 44 16.50 -13.01 21.70
N VAL F 45 15.95 -13.41 20.54
CA VAL F 45 14.74 -12.76 20.05
C VAL F 45 13.67 -12.76 21.14
N ASN F 46 13.64 -13.79 21.97
CA ASN F 46 12.96 -13.84 23.25
C ASN F 46 13.97 -14.05 24.36
N PRO F 47 13.66 -13.62 25.58
CA PRO F 47 14.63 -13.75 26.67
C PRO F 47 14.72 -15.16 27.21
N TYR F 48 15.95 -15.57 27.53
CA TYR F 48 16.22 -16.90 28.08
C TYR F 48 15.84 -16.88 29.56
N VAL F 49 14.52 -16.96 29.81
CA VAL F 49 13.97 -16.89 31.15
C VAL F 49 12.84 -17.91 31.25
N CYS F 50 12.76 -18.57 32.41
CA CYS F 50 11.75 -19.59 32.63
C CYS F 50 10.35 -19.02 32.44
N ASN F 51 9.50 -19.73 31.71
CA ASN F 51 8.17 -19.26 31.34
C ASN F 51 7.12 -19.80 32.31
N ALA F 52 7.54 -20.61 33.28
CA ALA F 52 6.61 -21.14 34.26
C ALA F 52 6.01 -20.01 35.08
N PRO F 53 4.74 -20.13 35.47
CA PRO F 53 4.10 -19.05 36.21
C PRO F 53 4.67 -18.88 37.61
N GLY F 54 5.30 -17.74 37.86
CA GLY F 54 5.85 -17.46 39.18
C GLY F 54 7.19 -18.09 39.47
N CYS F 55 8.04 -18.25 38.45
CA CYS F 55 9.38 -18.79 38.64
C CYS F 55 10.42 -17.75 38.25
N ASP F 56 11.57 -17.81 38.91
CA ASP F 56 12.62 -16.79 38.75
C ASP F 56 13.94 -17.33 38.23
N VAL F 57 13.97 -18.56 37.72
CA VAL F 57 15.23 -19.15 37.26
C VAL F 57 15.59 -18.56 35.90
N THR F 58 16.71 -17.84 35.84
CA THR F 58 17.12 -17.12 34.63
C THR F 58 18.51 -17.49 34.13
N ASP F 59 19.32 -18.17 34.94
CA ASP F 59 20.69 -18.51 34.56
C ASP F 59 20.72 -19.38 33.31
N VAL F 60 21.61 -19.06 32.38
CA VAL F 60 21.58 -19.68 31.05
C VAL F 60 21.79 -21.19 31.14
N THR F 61 22.53 -21.67 32.14
CA THR F 61 22.89 -23.08 32.17
C THR F 61 21.81 -23.98 32.77
N GLN F 62 20.77 -23.42 33.40
CA GLN F 62 19.77 -24.21 34.11
C GLN F 62 18.39 -24.21 33.46
N LEU F 63 18.33 -23.90 32.16
CA LEU F 63 17.06 -23.88 31.43
C LEU F 63 17.08 -24.89 30.28
N TYR F 64 15.87 -25.22 29.84
CA TYR F 64 15.63 -26.21 28.80
C TYR F 64 14.52 -25.70 27.90
N LEU F 65 14.57 -26.08 26.62
CA LEU F 65 13.49 -25.75 25.69
C LEU F 65 12.47 -26.88 25.71
N GLY F 66 11.27 -26.58 26.18
CA GLY F 66 10.16 -27.51 26.08
C GLY F 66 9.07 -26.94 25.21
N GLY F 67 8.54 -27.73 24.30
CA GLY F 67 7.48 -27.24 23.43
C GLY F 67 8.00 -26.08 22.61
N MET F 68 7.52 -24.87 22.93
CA MET F 68 7.98 -23.65 22.29
C MET F 68 8.37 -22.61 23.33
N SER F 69 9.06 -23.02 24.40
CA SER F 69 9.32 -22.09 25.48
C SER F 69 10.50 -22.57 26.34
N TYR F 70 10.97 -21.66 27.19
CA TYR F 70 12.07 -21.90 28.10
C TYR F 70 11.52 -22.20 29.49
N TYR F 71 12.01 -23.29 30.09
CA TYR F 71 11.56 -23.71 31.41
C TYR F 71 12.77 -24.08 32.26
N CYS F 72 12.60 -23.96 33.57
CA CYS F 72 13.59 -24.49 34.49
C CYS F 72 13.45 -26.01 34.57
N LYS F 73 14.35 -26.64 35.34
CA LYS F 73 14.33 -28.10 35.44
C LYS F 73 13.09 -28.58 36.17
N SER F 74 12.56 -27.78 37.10
CA SER F 74 11.42 -28.23 37.90
C SER F 74 10.12 -28.21 37.10
N HIS F 75 9.96 -27.24 36.20
CA HIS F 75 8.72 -27.06 35.46
C HIS F 75 8.85 -27.47 33.99
N LYS F 76 9.90 -28.21 33.66
CA LYS F 76 10.04 -28.62 32.27
C LYS F 76 9.13 -29.80 31.97
N PRO F 77 8.65 -29.90 30.73
CA PRO F 77 7.91 -31.10 30.31
C PRO F 77 8.86 -32.28 30.19
N PRO F 78 8.34 -33.50 30.07
CA PRO F 78 9.23 -34.66 29.89
C PRO F 78 10.19 -34.51 28.73
N ILE F 79 9.75 -33.88 27.64
CA ILE F 79 10.58 -33.71 26.46
C ILE F 79 11.18 -32.31 26.50
N SER F 80 12.49 -32.25 26.73
CA SER F 80 13.19 -30.98 26.86
C SER F 80 14.66 -31.20 26.52
N PHE F 81 15.36 -30.12 26.21
CA PHE F 81 16.74 -30.15 25.78
C PHE F 81 17.45 -28.91 26.31
N PRO F 82 18.62 -29.08 26.93
CA PRO F 82 19.34 -27.92 27.46
C PRO F 82 19.87 -27.01 26.36
N LEU F 83 19.53 -25.74 26.45
CA LEU F 83 20.02 -24.76 25.49
C LEU F 83 21.51 -24.48 25.69
N CYS F 84 22.03 -24.79 26.88
CA CYS F 84 23.44 -24.57 27.22
C CYS F 84 24.11 -25.95 27.31
N ALA F 85 24.68 -26.41 26.20
CA ALA F 85 25.36 -27.70 26.17
C ALA F 85 26.25 -27.77 24.93
N ASN F 86 27.15 -28.74 24.94
CA ASN F 86 28.00 -29.05 23.79
C ASN F 86 28.92 -27.89 23.44
N GLY F 87 29.22 -27.04 24.41
CA GLY F 87 30.17 -25.97 24.20
C GLY F 87 29.65 -24.83 23.35
N GLN F 88 28.34 -24.77 23.16
CA GLN F 88 27.68 -23.66 22.49
C GLN F 88 26.34 -23.40 23.17
N VAL F 89 25.85 -22.17 23.02
CA VAL F 89 24.53 -21.79 23.51
C VAL F 89 23.56 -21.85 22.34
N PHE F 90 22.35 -22.32 22.61
CA PHE F 90 21.35 -22.46 21.56
C PHE F 90 20.93 -21.08 21.04
N GLY F 91 20.87 -20.95 19.72
CA GLY F 91 20.50 -19.69 19.12
C GLY F 91 20.43 -19.81 17.61
N LEU F 92 20.15 -18.67 16.97
CA LEU F 92 20.11 -18.62 15.52
C LEU F 92 21.48 -18.93 14.93
N TYR F 93 21.47 -19.48 13.71
CA TYR F 93 22.68 -19.65 12.91
C TYR F 93 23.73 -20.48 13.63
N LYS F 94 23.28 -21.52 14.34
CA LYS F 94 24.19 -22.35 15.10
C LYS F 94 25.20 -23.06 14.22
N ASN F 95 24.82 -23.40 12.99
CA ASN F 95 25.75 -24.04 12.07
C ASN F 95 26.92 -23.13 11.73
N THR F 96 26.64 -21.84 11.51
CA THR F 96 27.69 -20.88 11.19
C THR F 96 28.21 -20.27 12.49
N CYS F 97 29.37 -20.73 12.94
CA CYS F 97 29.97 -20.24 14.17
C CYS F 97 31.47 -20.51 14.16
N VAL F 98 32.27 -19.47 14.37
CA VAL F 98 33.72 -19.58 14.34
C VAL F 98 34.31 -19.74 15.73
N GLY F 99 33.88 -18.92 16.68
CA GLY F 99 34.43 -18.97 18.02
C GLY F 99 35.77 -18.25 18.10
N SER F 100 36.26 -18.13 19.33
CA SER F 100 37.53 -17.48 19.60
C SER F 100 38.32 -18.31 20.61
N ASP F 101 39.65 -18.23 20.50
CA ASP F 101 40.50 -18.95 21.43
C ASP F 101 40.41 -18.38 22.83
N ASN F 102 40.34 -17.05 22.95
CA ASN F 102 40.30 -16.40 24.25
C ASN F 102 39.21 -15.34 24.27
N VAL F 103 38.37 -15.40 25.31
CA VAL F 103 37.40 -14.36 25.61
C VAL F 103 37.80 -13.58 26.87
N THR F 104 39.07 -13.68 27.27
CA THR F 104 39.52 -13.04 28.49
C THR F 104 39.42 -11.52 28.41
N ASP F 105 39.80 -10.94 27.26
CA ASP F 105 39.75 -9.49 27.12
C ASP F 105 38.31 -8.98 27.21
N PHE F 106 37.38 -9.63 26.50
CA PHE F 106 35.96 -9.28 26.60
C PHE F 106 35.41 -9.53 27.99
N ASN F 107 35.79 -10.63 28.63
CA ASN F 107 35.32 -10.88 29.98
C ASN F 107 35.76 -9.75 30.92
N ALA F 108 37.03 -9.34 30.79
CA ALA F 108 37.55 -8.26 31.63
C ALA F 108 36.83 -6.94 31.35
N ILE F 109 36.64 -6.61 30.07
CA ILE F 109 36.04 -5.32 29.74
C ILE F 109 34.57 -5.30 30.15
N ALA F 110 33.87 -6.42 29.98
CA ALA F 110 32.45 -6.47 30.26
C ALA F 110 32.16 -6.51 31.76
N THR F 111 32.91 -7.30 32.52
CA THR F 111 32.62 -7.48 33.94
C THR F 111 33.30 -6.47 34.85
N CYS F 112 34.07 -5.55 34.29
CA CYS F 112 34.78 -4.57 35.12
C CYS F 112 33.85 -3.43 35.53
N ASP F 113 34.37 -2.56 36.40
CA ASP F 113 33.65 -1.39 36.86
C ASP F 113 34.31 -0.08 36.46
N TRP F 114 35.38 -0.13 35.66
CA TRP F 114 36.08 1.05 35.14
C TRP F 114 36.69 1.90 36.24
N THR F 115 37.20 1.25 37.29
CA THR F 115 37.88 1.91 38.39
C THR F 115 39.40 1.75 38.32
N ASN F 116 39.90 0.79 37.54
CA ASN F 116 41.31 0.49 37.45
C ASN F 116 41.88 1.03 36.14
N ALA F 117 43.14 1.48 36.18
CA ALA F 117 43.77 2.01 34.98
C ALA F 117 43.91 0.94 33.90
N GLY F 118 44.12 -0.31 34.30
CA GLY F 118 44.16 -1.40 33.34
C GLY F 118 42.89 -1.53 32.53
N ASP F 119 41.75 -1.11 33.09
CA ASP F 119 40.51 -1.12 32.33
C ASP F 119 40.61 -0.22 31.09
N TYR F 120 41.05 1.03 31.28
CA TYR F 120 41.24 1.91 30.14
C TYR F 120 42.37 1.44 29.24
N ILE F 121 43.43 0.84 29.82
CA ILE F 121 44.52 0.33 29.00
C ILE F 121 44.00 -0.73 28.03
N LEU F 122 43.22 -1.69 28.54
CA LEU F 122 42.66 -2.73 27.68
C LEU F 122 41.61 -2.15 26.74
N ALA F 123 40.89 -1.11 27.18
CA ALA F 123 39.93 -0.44 26.32
C ALA F 123 40.58 0.20 25.11
N ASN F 124 41.79 0.73 25.28
CA ASN F 124 42.51 1.37 24.17
C ASN F 124 43.53 0.46 23.49
N THR F 125 43.70 -0.78 23.97
CA THR F 125 44.69 -1.67 23.38
C THR F 125 44.10 -2.96 22.79
N CYS F 126 42.81 -3.20 22.93
CA CYS F 126 42.20 -4.38 22.32
C CYS F 126 42.01 -4.15 20.82
N THR F 127 41.35 -5.10 20.17
CA THR F 127 41.07 -4.91 18.75
C THR F 127 39.96 -3.87 18.56
N GLU F 128 39.77 -3.46 17.31
CA GLU F 128 38.90 -2.32 17.03
C GLU F 128 37.48 -2.53 17.56
N ARG F 129 36.89 -3.70 17.29
CA ARG F 129 35.51 -3.94 17.70
C ARG F 129 35.39 -3.93 19.23
N LEU F 130 36.36 -4.53 19.92
CA LEU F 130 36.35 -4.47 21.37
C LEU F 130 36.66 -3.07 21.91
N LYS F 131 37.45 -2.28 21.17
CA LYS F 131 37.59 -0.87 21.54
C LYS F 131 36.25 -0.15 21.50
N LEU F 132 35.47 -0.41 20.44
CA LEU F 132 34.15 0.19 20.33
C LEU F 132 33.24 -0.28 21.47
N PHE F 133 33.28 -1.58 21.77
CA PHE F 133 32.48 -2.10 22.86
C PHE F 133 32.84 -1.44 24.17
N ALA F 134 34.15 -1.30 24.43
CA ALA F 134 34.61 -0.69 25.67
C ALA F 134 34.19 0.78 25.75
N ALA F 135 34.26 1.50 24.63
CA ALA F 135 33.81 2.89 24.63
C ALA F 135 32.33 3.00 24.99
N GLU F 136 31.49 2.19 24.33
CA GLU F 136 30.06 2.24 24.63
C GLU F 136 29.78 1.84 26.08
N THR F 137 30.46 0.81 26.56
CA THR F 137 30.24 0.34 27.93
C THR F 137 30.68 1.38 28.95
N LEU F 138 31.82 2.03 28.71
CA LEU F 138 32.28 3.08 29.61
C LEU F 138 31.29 4.24 29.64
N LYS F 139 30.82 4.67 28.47
CA LYS F 139 29.87 5.79 28.46
C LYS F 139 28.57 5.41 29.17
N ALA F 140 28.06 4.20 28.92
CA ALA F 140 26.85 3.77 29.60
C ALA F 140 27.05 3.68 31.10
N THR F 141 28.21 3.18 31.54
CA THR F 141 28.51 3.11 32.96
C THR F 141 28.55 4.50 33.58
N GLU F 142 29.15 5.47 32.87
CA GLU F 142 29.18 6.84 33.37
C GLU F 142 27.79 7.42 33.50
N GLU F 143 26.94 7.22 32.49
CA GLU F 143 25.58 7.76 32.55
C GLU F 143 24.78 7.10 33.67
N THR F 144 24.94 5.80 33.85
CA THR F 144 24.26 5.11 34.96
C THR F 144 24.76 5.60 36.31
N PHE F 145 26.08 5.81 36.43
CA PHE F 145 26.66 6.31 37.67
C PHE F 145 26.18 7.71 37.98
N LYS F 146 25.91 8.52 36.96
CA LYS F 146 25.34 9.84 37.20
C LYS F 146 23.98 9.74 37.87
N LEU F 147 23.16 8.77 37.48
CA LEU F 147 21.83 8.61 38.05
C LEU F 147 21.88 8.20 39.53
N SER F 148 22.99 7.63 39.98
CA SER F 148 23.11 7.24 41.39
C SER F 148 23.22 8.43 42.31
N TYR F 149 23.44 9.63 41.77
CA TYR F 149 23.59 10.82 42.61
C TYR F 149 22.24 11.34 43.06
N GLY F 150 22.22 11.98 44.22
CA GLY F 150 20.97 12.48 44.78
C GLY F 150 20.55 13.80 44.17
N ILE F 151 19.24 14.06 44.22
CA ILE F 151 18.69 15.30 43.70
C ILE F 151 18.84 16.40 44.73
N ALA F 152 19.33 17.56 44.27
CA ALA F 152 19.43 18.75 45.09
C ALA F 152 18.32 19.72 44.71
N THR F 153 17.55 20.16 45.70
CA THR F 153 16.38 21.00 45.48
C THR F 153 16.60 22.35 46.15
N VAL F 154 16.10 23.41 45.52
CA VAL F 154 16.22 24.76 46.08
C VAL F 154 15.33 24.84 47.31
N ARG F 155 15.96 24.88 48.50
CA ARG F 155 15.23 25.05 49.74
C ARG F 155 15.15 26.50 50.19
N GLU F 156 16.05 27.36 49.71
CA GLU F 156 16.04 28.77 50.07
C GLU F 156 16.84 29.56 49.03
N VAL F 157 16.42 30.79 48.77
CA VAL F 157 17.10 31.70 47.85
C VAL F 157 17.50 32.93 48.65
N LEU F 158 18.77 32.98 49.09
CA LEU F 158 19.27 34.13 49.85
C LEU F 158 19.39 35.37 48.97
N SER F 159 19.95 35.19 47.78
CA SER F 159 20.38 36.28 46.93
C SER F 159 20.54 35.73 45.51
N ASP F 160 21.01 36.57 44.61
CA ASP F 160 21.28 36.19 43.24
C ASP F 160 22.69 35.62 43.13
N ARG F 161 22.84 34.61 42.27
CA ARG F 161 24.06 33.85 42.05
C ARG F 161 24.43 32.97 43.25
N GLU F 162 23.59 32.90 44.27
CA GLU F 162 23.80 32.03 45.42
C GLU F 162 22.50 31.33 45.77
N LEU F 163 22.60 30.09 46.24
CA LEU F 163 21.42 29.28 46.50
C LEU F 163 21.64 28.39 47.72
N HIS F 164 20.55 27.72 48.12
CA HIS F 164 20.54 26.72 49.19
C HIS F 164 19.90 25.45 48.66
N LEU F 165 20.61 24.33 48.84
CA LEU F 165 20.25 23.05 48.28
C LEU F 165 20.02 22.03 49.38
N SER F 166 18.84 21.42 49.36
CA SER F 166 18.54 20.26 50.19
C SER F 166 18.67 19.00 49.34
N TRP F 167 19.46 18.05 49.82
CA TRP F 167 19.84 16.90 49.02
C TRP F 167 18.98 15.69 49.37
N GLU F 168 18.81 14.81 48.39
CA GLU F 168 18.00 13.61 48.58
C GLU F 168 18.66 12.67 49.57
N VAL F 169 17.86 12.05 50.42
CA VAL F 169 18.37 11.12 51.44
C VAL F 169 18.62 9.77 50.80
N GLY F 170 19.63 9.06 51.32
CA GLY F 170 19.97 7.74 50.84
C GLY F 170 20.81 7.70 49.59
N LYS F 171 21.21 8.85 49.03
CA LYS F 171 22.00 8.87 47.81
C LYS F 171 23.20 9.79 47.98
N PRO F 172 24.30 9.51 47.29
CA PRO F 172 25.48 10.38 47.40
C PRO F 172 25.27 11.70 46.68
N ARG F 173 26.06 12.69 47.08
CA ARG F 173 26.05 14.00 46.45
C ARG F 173 27.21 14.12 45.48
N PRO F 174 26.96 14.65 44.23
CA PRO F 174 28.13 14.85 43.35
C PRO F 174 29.21 15.80 43.79
N PRO F 175 30.42 15.61 43.26
CA PRO F 175 31.48 16.58 43.56
C PRO F 175 31.14 17.91 42.90
N LEU F 176 31.02 18.98 43.68
CA LEU F 176 30.61 20.25 43.11
C LEU F 176 31.74 20.98 42.39
N ASN F 177 31.75 20.91 41.05
CA ASN F 177 32.77 21.57 40.24
C ASN F 177 32.26 21.78 38.80
N ARG F 178 33.16 22.20 37.91
CA ARG F 178 32.75 22.47 36.52
C ARG F 178 32.47 21.19 35.73
N ASN F 179 32.98 20.05 36.19
CA ASN F 179 32.78 18.80 35.45
C ASN F 179 31.38 18.22 35.63
N TYR F 180 30.61 18.72 36.61
CA TYR F 180 29.26 18.23 36.87
C TYR F 180 28.28 19.36 36.56
N VAL F 181 27.75 19.36 35.34
CA VAL F 181 26.79 20.36 34.90
C VAL F 181 25.40 19.83 35.15
N PHE F 182 24.67 20.48 36.04
CA PHE F 182 23.33 20.07 36.42
C PHE F 182 22.31 20.67 35.46
N THR F 183 21.03 20.49 35.80
CA THR F 183 19.92 21.05 35.02
C THR F 183 18.75 21.26 35.98
N GLY F 184 18.20 22.47 35.99
CA GLY F 184 17.05 22.73 36.82
C GLY F 184 15.76 22.24 36.21
N TYR F 185 14.77 22.01 37.07
CA TYR F 185 13.45 21.61 36.61
C TYR F 185 12.40 22.43 37.35
N ARG F 186 11.33 22.78 36.63
CA ARG F 186 10.25 23.58 37.17
C ARG F 186 9.11 22.68 37.61
N VAL F 187 8.61 22.94 38.83
CA VAL F 187 7.50 22.14 39.35
C VAL F 187 6.20 22.61 38.71
N THR F 188 5.49 21.67 38.08
CA THR F 188 4.22 21.97 37.44
C THR F 188 3.11 21.13 38.05
N LYS F 189 1.92 21.17 37.45
CA LYS F 189 0.76 20.45 37.97
C LYS F 189 1.01 18.95 38.04
N ASN F 190 1.43 18.34 36.93
CA ASN F 190 1.64 16.90 36.88
C ASN F 190 2.89 16.52 36.08
N SER F 191 3.78 17.47 35.80
CA SER F 191 4.96 17.17 35.02
C SER F 191 6.15 18.05 35.40
N LYS F 192 7.20 18.03 34.60
CA LYS F 192 8.39 18.83 34.85
C LYS F 192 8.93 19.34 33.52
N VAL F 193 9.52 20.53 33.58
CA VAL F 193 10.10 21.18 32.40
C VAL F 193 11.51 21.64 32.74
N GLN F 194 12.45 21.39 31.83
CA GLN F 194 13.81 21.84 32.00
C GLN F 194 13.86 23.37 32.01
N ILE F 195 14.80 23.91 32.78
CA ILE F 195 14.93 25.36 32.91
C ILE F 195 16.37 25.76 32.69
N GLY F 196 17.13 24.92 31.99
CA GLY F 196 18.51 25.21 31.64
C GLY F 196 19.50 24.39 32.43
N GLU F 197 20.76 24.48 32.01
CA GLU F 197 21.85 23.71 32.59
C GLU F 197 22.61 24.55 33.60
N TYR F 198 22.91 23.96 34.76
CA TYR F 198 23.49 24.67 35.88
C TYR F 198 24.76 23.98 36.36
N THR F 199 25.58 24.76 37.07
CA THR F 199 26.73 24.25 37.81
C THR F 199 26.74 24.87 39.20
N PHE F 200 27.23 24.11 40.18
CA PHE F 200 27.25 24.56 41.55
C PHE F 200 28.67 24.60 42.09
N GLU F 201 28.87 25.45 43.09
CA GLU F 201 30.15 25.57 43.79
C GLU F 201 29.86 26.00 45.22
N LYS F 202 30.74 25.60 46.13
CA LYS F 202 30.55 25.91 47.54
C LYS F 202 30.60 27.43 47.77
N GLY F 203 29.66 27.92 48.56
CA GLY F 203 29.58 29.34 48.85
C GLY F 203 30.34 29.75 50.09
N ALA F 208 25.23 27.29 51.85
CA ALA F 208 25.12 28.16 50.69
C ALA F 208 25.97 27.66 49.53
N VAL F 209 25.44 27.73 48.32
CA VAL F 209 26.14 27.28 47.12
C VAL F 209 26.08 28.39 46.08
N VAL F 210 27.19 28.57 45.36
CA VAL F 210 27.26 29.54 44.27
C VAL F 210 26.97 28.81 42.96
N TYR F 211 25.90 29.22 42.29
CA TYR F 211 25.46 28.56 41.06
C TYR F 211 25.80 29.43 39.86
N ARG F 212 26.27 28.80 38.79
CA ARG F 212 26.54 29.47 37.53
C ARG F 212 25.76 28.72 36.45
N GLY F 213 24.50 29.08 36.27
CA GLY F 213 23.66 28.49 35.26
C GLY F 213 23.86 29.17 33.91
N THR F 214 23.55 28.42 32.86
CA THR F 214 23.71 28.95 31.50
C THR F 214 22.81 30.15 31.27
N THR F 215 21.56 30.05 31.71
CA THR F 215 20.57 31.10 31.52
C THR F 215 20.04 31.58 32.87
N THR F 216 19.95 32.89 33.04
CA THR F 216 19.55 33.49 34.30
C THR F 216 18.03 33.47 34.46
N TYR F 217 17.58 33.50 35.72
CA TYR F 217 16.17 33.46 36.04
C TYR F 217 15.94 34.08 37.41
N LYS F 218 14.76 33.84 37.95
CA LYS F 218 14.41 34.21 39.33
C LYS F 218 14.03 32.94 40.08
N LEU F 219 14.86 31.90 39.97
CA LEU F 219 14.52 30.59 40.51
C LEU F 219 14.23 30.66 42.00
N ASN F 220 13.20 29.93 42.43
CA ASN F 220 12.70 29.99 43.79
C ASN F 220 12.67 28.59 44.40
N VAL F 221 12.06 28.49 45.58
CA VAL F 221 11.99 27.22 46.29
C VAL F 221 11.11 26.25 45.52
N GLY F 222 11.51 24.97 45.52
CA GLY F 222 10.80 23.91 44.84
C GLY F 222 11.56 23.35 43.65
N ASP F 223 12.25 24.19 42.90
CA ASP F 223 13.03 23.73 41.77
C ASP F 223 14.22 22.90 42.25
N TYR F 224 14.58 21.89 41.46
CA TYR F 224 15.62 20.94 41.83
C TYR F 224 16.57 20.74 40.66
N PHE F 225 17.70 20.10 40.94
CA PHE F 225 18.76 19.91 39.94
C PHE F 225 19.19 18.46 39.92
N VAL F 226 19.45 17.94 38.72
CA VAL F 226 20.04 16.62 38.53
C VAL F 226 21.06 16.71 37.40
N LEU F 227 21.99 15.77 37.38
CA LEU F 227 22.92 15.64 36.26
C LEU F 227 22.23 14.96 35.09
N THR F 228 21.97 15.69 34.02
CA THR F 228 21.23 15.16 32.89
C THR F 228 22.01 14.04 32.21
N SER F 229 21.35 12.90 32.02
CA SER F 229 21.90 11.79 31.27
C SER F 229 21.18 11.65 29.94
N HIS F 230 21.89 11.07 28.97
CA HIS F 230 21.34 10.89 27.63
C HIS F 230 21.59 9.46 27.18
N THR F 231 20.75 9.00 26.26
CA THR F 231 20.87 7.64 25.75
C THR F 231 22.19 7.45 25.00
N VAL F 232 22.83 6.32 25.24
CA VAL F 232 24.09 5.98 24.58
C VAL F 232 23.77 5.08 23.40
N MET F 233 24.11 5.53 22.20
CA MET F 233 23.73 4.85 20.97
C MET F 233 24.84 3.89 20.52
N PRO F 234 24.46 2.72 20.00
CA PRO F 234 25.48 1.70 19.69
C PRO F 234 26.30 2.07 18.46
N LEU F 235 27.60 1.89 18.59
CA LEU F 235 28.56 2.36 17.60
C LEU F 235 28.93 1.24 16.63
N SER F 236 29.14 1.62 15.38
CA SER F 236 29.48 0.65 14.33
C SER F 236 30.80 1.01 13.66
N ALA F 237 31.03 2.30 13.41
CA ALA F 237 32.22 2.72 12.71
C ALA F 237 33.45 2.63 13.62
N PRO F 238 34.63 2.42 13.04
CA PRO F 238 35.83 2.29 13.86
C PRO F 238 36.36 3.64 14.32
N THR F 239 37.16 3.59 15.39
CA THR F 239 37.83 4.79 15.89
C THR F 239 38.76 5.38 14.83
N LEU F 240 39.37 4.54 14.02
CA LEU F 240 40.26 4.98 12.96
C LEU F 240 39.94 4.23 11.68
N VAL F 241 39.87 4.96 10.57
CA VAL F 241 39.67 4.38 9.25
C VAL F 241 40.95 3.64 8.86
N PRO F 242 40.89 2.66 7.95
CA PRO F 242 42.13 2.01 7.50
C PRO F 242 43.05 3.03 6.83
N GLN F 243 44.27 3.13 7.36
CA GLN F 243 45.21 4.11 6.86
C GLN F 243 45.73 3.71 5.48
N GLU F 244 45.68 4.65 4.54
CA GLU F 244 46.24 4.47 3.21
C GLU F 244 47.10 5.67 2.87
N HIS F 245 48.27 5.42 2.29
CA HIS F 245 49.18 6.48 1.87
C HIS F 245 49.18 6.58 0.35
N TYR F 246 49.24 7.81 -0.15
CA TYR F 246 49.16 8.07 -1.58
C TYR F 246 50.48 8.62 -2.10
N VAL F 247 50.74 8.34 -3.38
CA VAL F 247 51.96 8.84 -4.03
C VAL F 247 51.75 10.20 -4.69
N ARG F 248 50.50 10.60 -4.94
CA ARG F 248 50.19 11.91 -5.49
C ARG F 248 49.03 12.51 -4.72
N ILE F 249 48.58 13.67 -5.19
CA ILE F 249 47.41 14.30 -4.59
C ILE F 249 46.15 13.71 -5.19
N THR F 250 45.30 13.14 -4.33
CA THR F 250 44.11 12.42 -4.76
C THR F 250 42.87 13.24 -4.42
N GLY F 251 42.07 13.53 -5.44
CA GLY F 251 40.84 14.25 -5.26
C GLY F 251 40.99 15.69 -4.79
N LEU F 252 42.19 16.23 -4.78
CA LEU F 252 42.39 17.58 -4.28
C LEU F 252 43.24 18.37 -5.26
N TYR F 253 42.97 19.68 -5.32
CA TYR F 253 43.43 20.54 -6.40
C TYR F 253 44.08 21.79 -5.81
N PRO F 254 45.40 21.86 -5.77
CA PRO F 254 46.07 22.91 -5.01
C PRO F 254 45.82 24.30 -5.57
N THR F 255 45.70 25.26 -4.65
CA THR F 255 45.70 26.66 -5.04
C THR F 255 47.13 27.13 -5.28
N LEU F 256 47.30 27.96 -6.31
CA LEU F 256 48.63 28.35 -6.75
C LEU F 256 49.15 29.61 -6.09
N ASN F 257 48.34 30.29 -5.27
CA ASN F 257 48.75 31.51 -4.59
C ASN F 257 48.47 31.37 -3.10
N ILE F 258 49.54 31.35 -2.30
CA ILE F 258 49.42 31.25 -0.85
C ILE F 258 50.19 32.40 -0.21
N SER F 259 49.59 32.97 0.83
CA SER F 259 50.22 34.03 1.60
C SER F 259 51.23 33.45 2.57
N ASP F 260 52.11 34.32 3.08
CA ASP F 260 53.13 33.89 4.03
C ASP F 260 52.57 33.48 5.37
N GLU F 261 51.29 33.75 5.64
CA GLU F 261 50.68 33.30 6.90
C GLU F 261 50.67 31.79 7.01
N PHE F 262 50.38 31.08 5.92
CA PHE F 262 50.39 29.62 5.92
C PHE F 262 51.51 29.04 5.06
N SER F 263 52.47 29.86 4.63
CA SER F 263 53.57 29.33 3.83
C SER F 263 54.42 28.34 4.62
N SER F 264 54.46 28.50 5.94
CA SER F 264 55.14 27.51 6.79
C SER F 264 54.41 26.18 6.83
N ASN F 265 53.12 26.18 6.52
CA ASN F 265 52.30 24.99 6.59
C ASN F 265 52.12 24.30 5.25
N VAL F 266 52.79 24.77 4.20
CA VAL F 266 52.59 24.20 2.86
C VAL F 266 53.03 22.74 2.85
N ALA F 267 54.18 22.45 3.46
CA ALA F 267 54.67 21.07 3.49
C ALA F 267 53.71 20.16 4.23
N ASN F 268 53.16 20.62 5.35
CA ASN F 268 52.20 19.80 6.08
C ASN F 268 50.87 19.70 5.33
N TYR F 269 50.52 20.72 4.55
CA TYR F 269 49.26 20.66 3.80
C TYR F 269 49.31 19.57 2.73
N GLN F 270 50.45 19.46 2.04
CA GLN F 270 50.59 18.43 1.02
C GLN F 270 50.59 17.03 1.62
N LYS F 271 51.10 16.90 2.85
CA LYS F 271 51.07 15.61 3.53
C LYS F 271 49.64 15.16 3.80
N VAL F 272 48.76 16.10 4.15
CA VAL F 272 47.35 15.76 4.40
C VAL F 272 46.71 15.19 3.15
N GLY F 273 47.00 15.78 1.99
CA GLY F 273 46.41 15.32 0.75
C GLY F 273 47.01 14.06 0.16
N MET F 274 48.05 13.52 0.80
CA MET F 274 48.73 12.32 0.31
C MET F 274 48.45 11.09 1.17
N GLN F 275 47.51 11.17 2.11
CA GLN F 275 47.16 10.03 2.93
C GLN F 275 45.77 10.24 3.52
N LYS F 276 45.21 9.15 4.04
CA LYS F 276 43.89 9.20 4.68
C LYS F 276 43.96 9.87 6.04
N SER F 278 45.22 11.67 8.88
CA SER F 278 46.52 12.19 9.31
C SER F 278 46.40 12.86 10.67
N THR F 279 47.49 12.80 11.45
CA THR F 279 47.50 13.26 12.83
C THR F 279 48.44 14.44 12.99
N LEU F 280 48.03 15.42 13.79
CA LEU F 280 48.85 16.57 14.12
C LEU F 280 48.88 16.74 15.64
N GLN F 281 50.07 16.90 16.20
CA GLN F 281 50.24 17.26 17.60
C GLN F 281 50.63 18.73 17.68
N GLY F 282 49.84 19.52 18.39
CA GLY F 282 50.08 20.95 18.48
C GLY F 282 50.27 21.43 19.89
N PRO F 283 51.50 21.83 20.23
CA PRO F 283 51.79 22.38 21.56
C PRO F 283 51.01 23.66 21.80
N PRO F 284 50.89 24.08 23.06
CA PRO F 284 50.09 25.27 23.37
C PRO F 284 50.65 26.52 22.69
N GLY F 285 49.74 27.40 22.27
CA GLY F 285 50.12 28.66 21.68
C GLY F 285 50.96 28.56 20.43
N THR F 286 50.73 27.54 19.62
CA THR F 286 51.50 27.32 18.40
C THR F 286 50.73 27.68 17.13
N GLY F 287 49.43 27.87 17.23
CA GLY F 287 48.63 28.18 16.05
C GLY F 287 47.88 26.98 15.52
N LYS F 288 47.26 26.21 16.42
CA LYS F 288 46.50 25.03 16.00
C LYS F 288 45.37 25.42 15.06
N SER F 289 44.59 26.44 15.44
CA SER F 289 43.60 26.98 14.50
C SER F 289 44.27 27.61 13.30
N HIS F 290 45.41 28.26 13.52
CA HIS F 290 46.17 28.85 12.41
C HIS F 290 46.56 27.78 11.40
N PHE F 291 46.89 26.58 11.89
CA PHE F 291 47.12 25.43 11.02
C PHE F 291 45.87 25.09 10.21
N ALA F 292 44.73 24.97 10.90
CA ALA F 292 43.57 24.33 10.30
C ALA F 292 42.88 25.22 9.28
N ILE F 293 42.77 26.52 9.58
CA ILE F 293 41.99 27.40 8.71
C ILE F 293 42.68 27.59 7.35
N GLY F 294 44.01 27.63 7.34
CA GLY F 294 44.73 27.70 6.07
C GLY F 294 44.57 26.48 5.21
N LEU F 295 44.28 25.32 5.81
CA LEU F 295 43.98 24.13 5.03
C LEU F 295 42.75 24.35 4.16
N ALA F 296 41.76 25.09 4.68
CA ALA F 296 40.64 25.50 3.83
C ALA F 296 41.11 26.43 2.72
N LEU F 297 42.03 27.34 3.02
CA LEU F 297 42.57 28.23 2.00
C LEU F 297 43.46 27.48 1.02
N TYR F 298 44.32 26.58 1.52
CA TYR F 298 45.19 25.82 0.64
C TYR F 298 44.41 24.93 -0.32
N TYR F 299 43.16 24.60 0.01
CA TYR F 299 42.32 23.74 -0.81
C TYR F 299 40.95 24.41 -0.92
N PRO F 300 40.83 25.49 -1.70
CA PRO F 300 39.60 26.29 -1.68
C PRO F 300 38.39 25.59 -2.26
N SER F 301 38.57 24.69 -3.23
CA SER F 301 37.44 23.96 -3.79
C SER F 301 36.99 22.82 -2.90
N ALA F 302 37.72 22.54 -1.81
CA ALA F 302 37.39 21.44 -0.94
C ALA F 302 36.29 21.82 0.05
N ARG F 303 35.42 20.87 0.35
CA ARG F 303 34.43 21.02 1.41
C ARG F 303 34.97 20.37 2.68
N ILE F 304 35.01 21.14 3.77
CA ILE F 304 35.64 20.72 5.01
C ILE F 304 34.61 20.79 6.14
N VAL F 305 34.52 19.73 6.93
CA VAL F 305 33.67 19.69 8.11
C VAL F 305 34.55 19.94 9.33
N TYR F 306 34.09 20.82 10.21
CA TYR F 306 34.83 21.15 11.43
C TYR F 306 34.10 20.53 12.61
N THR F 307 34.78 19.66 13.35
CA THR F 307 34.16 18.92 14.43
C THR F 307 35.03 19.00 15.69
N ALA F 308 34.36 18.99 16.84
CA ALA F 308 35.03 19.02 18.13
C ALA F 308 34.04 18.53 19.19
N CYS F 309 34.57 18.11 20.33
CA CYS F 309 33.74 17.50 21.36
C CYS F 309 32.82 18.52 22.03
N SER F 310 33.37 19.67 22.40
CA SER F 310 32.63 20.67 23.16
C SER F 310 32.25 21.85 22.27
N HIS F 311 31.19 22.54 22.66
CA HIS F 311 30.72 23.70 21.90
C HIS F 311 31.74 24.82 21.91
N ALA F 312 32.45 25.00 23.03
CA ALA F 312 33.41 26.08 23.14
C ALA F 312 34.55 25.92 22.13
N ALA F 313 35.08 24.70 21.99
CA ALA F 313 36.12 24.46 21.00
C ALA F 313 35.60 24.62 19.59
N VAL F 314 34.35 24.22 19.34
CA VAL F 314 33.76 24.39 18.02
C VAL F 314 33.68 25.87 17.66
N ASP F 315 33.29 26.71 18.61
CA ASP F 315 33.20 28.15 18.35
C ASP F 315 34.57 28.75 18.09
N ALA F 316 35.62 28.19 18.69
CA ALA F 316 36.97 28.66 18.44
C ALA F 316 37.36 28.49 16.98
N LEU F 317 36.99 27.35 16.40
CA LEU F 317 37.23 27.14 14.97
C LEU F 317 36.41 28.09 14.12
N CYS F 318 35.23 28.49 14.61
CA CYS F 318 34.40 29.43 13.88
C CYS F 318 35.00 30.83 13.88
N GLU F 319 35.73 31.17 14.95
CA GLU F 319 36.32 32.50 15.05
C GLU F 319 37.35 32.75 13.96
N LYS F 320 38.30 31.82 13.80
CA LYS F 320 39.40 32.08 12.87
C LYS F 320 38.94 32.01 11.42
N ALA F 321 37.90 31.22 11.15
CA ALA F 321 37.34 31.18 9.80
C ALA F 321 36.72 32.52 9.44
N LEU F 322 36.22 33.27 10.43
CA LEU F 322 35.67 34.59 10.17
C LEU F 322 36.72 35.55 9.65
N LYS F 323 37.94 35.49 10.18
CA LYS F 323 38.99 36.40 9.75
C LYS F 323 39.59 36.00 8.40
N TYR F 324 39.38 34.74 7.98
CA TYR F 324 39.92 34.27 6.72
C TYR F 324 38.89 33.90 5.67
N LEU F 325 37.85 33.13 6.01
CA LEU F 325 37.05 32.40 5.03
C LEU F 325 35.78 33.17 4.66
N PRO F 326 35.16 32.82 3.53
CA PRO F 326 33.88 33.44 3.16
C PRO F 326 32.81 33.18 4.20
N ILE F 327 31.94 34.16 4.41
CA ILE F 327 30.88 34.03 5.42
C ILE F 327 29.66 33.34 4.85
N ASP F 328 29.47 33.39 3.53
CA ASP F 328 28.35 32.70 2.91
C ASP F 328 28.63 31.23 2.64
N LYS F 329 29.89 30.81 2.72
CA LYS F 329 30.30 29.44 2.44
C LYS F 329 30.39 28.57 3.69
N CYS F 330 29.99 29.10 4.84
CA CYS F 330 30.12 28.42 6.12
C CYS F 330 28.76 28.28 6.79
N SER F 331 28.69 27.37 7.77
CA SER F 331 27.46 27.14 8.51
C SER F 331 27.78 26.55 9.87
N ARG F 332 26.97 26.91 10.86
CA ARG F 332 27.10 26.39 12.22
C ARG F 332 25.92 25.50 12.54
N ILE F 333 26.17 24.20 12.70
CA ILE F 333 25.13 23.22 12.99
C ILE F 333 24.88 23.22 14.49
N ILE F 334 23.65 23.52 14.88
CA ILE F 334 23.27 23.57 16.29
C ILE F 334 22.06 22.67 16.53
N PRO F 335 22.12 21.74 17.47
CA PRO F 335 20.96 20.90 17.76
C PRO F 335 19.84 21.70 18.43
N ALA F 336 18.63 21.19 18.28
CA ALA F 336 17.45 21.84 18.85
C ALA F 336 17.50 21.85 20.37
N VAL F 340 22.48 25.87 25.01
CA VAL F 340 23.71 26.64 25.17
C VAL F 340 23.79 27.71 24.08
N GLU F 341 24.53 28.77 24.36
CA GLU F 341 24.75 29.84 23.39
C GLU F 341 26.11 29.65 22.74
N CYS F 342 26.12 29.48 21.42
CA CYS F 342 27.32 29.21 20.66
C CYS F 342 27.44 30.22 19.52
N PHE F 343 28.37 29.95 18.59
CA PHE F 343 28.57 30.82 17.45
C PHE F 343 27.27 30.97 16.66
N ASP F 344 26.90 32.22 16.39
CA ASP F 344 25.59 32.53 15.82
C ASP F 344 25.73 33.54 14.68
N LYS F 345 26.85 33.50 13.97
CA LYS F 345 27.09 34.39 12.85
C LYS F 345 27.00 33.68 11.51
N PHE F 346 27.32 32.39 11.47
CA PHE F 346 27.13 31.56 10.29
C PHE F 346 25.67 31.13 10.22
N LYS F 347 25.23 30.76 9.02
CA LYS F 347 23.88 30.25 8.88
C LYS F 347 23.73 28.94 9.63
N VAL F 348 22.58 28.75 10.26
CA VAL F 348 22.36 27.66 11.22
C VAL F 348 21.79 26.45 10.49
N ASN F 349 22.41 25.29 10.70
CA ASN F 349 21.91 24.01 10.21
C ASN F 349 21.85 23.96 8.68
N SER F 350 22.98 24.23 8.04
CA SER F 350 23.14 24.04 6.59
C SER F 350 24.18 22.95 6.38
N THR F 351 23.70 21.72 6.21
CA THR F 351 24.62 20.58 6.08
C THR F 351 25.37 20.62 4.76
N LEU F 352 24.73 21.10 3.70
CA LEU F 352 25.28 21.06 2.36
C LEU F 352 26.24 22.20 2.07
N GLU F 353 26.47 23.10 3.02
CA GLU F 353 27.39 24.20 2.80
C GLU F 353 28.82 23.68 2.68
N GLN F 354 29.68 24.52 2.07
CA GLN F 354 31.05 24.11 1.81
C GLN F 354 31.82 23.87 3.10
N TYR F 355 31.65 24.71 4.10
CA TYR F 355 32.32 24.57 5.38
C TYR F 355 31.29 24.27 6.45
N VAL F 356 31.48 23.17 7.16
CA VAL F 356 30.53 22.69 8.16
C VAL F 356 31.18 22.80 9.53
N PHE F 357 30.51 23.52 10.43
CA PHE F 357 30.97 23.69 11.81
C PHE F 357 29.94 23.06 12.74
N CYS F 358 30.37 22.09 13.53
CA CYS F 358 29.44 21.36 14.38
C CYS F 358 30.20 20.61 15.47
N THR F 359 29.48 20.21 16.51
CA THR F 359 30.03 19.34 17.53
C THR F 359 30.01 17.89 17.06
N VAL F 360 30.80 17.06 17.74
CA VAL F 360 30.87 15.64 17.39
C VAL F 360 29.51 14.97 17.58
N ASN F 361 28.87 15.25 18.72
CA ASN F 361 27.61 14.60 19.08
C ASN F 361 26.43 15.02 18.22
N ALA F 362 26.58 16.07 17.41
CA ALA F 362 25.52 16.54 16.53
C ALA F 362 25.88 16.47 15.06
N LEU F 363 26.89 15.68 14.71
CA LEU F 363 27.32 15.60 13.31
C LEU F 363 26.23 14.94 12.46
N PRO F 364 25.84 15.57 11.36
CA PRO F 364 24.87 14.94 10.46
C PRO F 364 25.55 13.94 9.54
N GLU F 365 24.75 13.00 9.04
CA GLU F 365 25.23 12.00 8.09
C GLU F 365 25.50 12.70 6.75
N THR F 366 26.77 12.95 6.46
CA THR F 366 27.15 13.67 5.25
C THR F 366 28.60 13.34 4.93
N THR F 367 29.00 13.67 3.71
CA THR F 367 30.37 13.44 3.24
C THR F 367 31.06 14.77 2.97
N ALA F 368 32.39 14.74 3.04
CA ALA F 368 33.20 15.92 2.78
C ALA F 368 34.57 15.44 2.31
N ASP F 369 35.34 16.35 1.71
CA ASP F 369 36.66 15.98 1.25
C ASP F 369 37.63 15.82 2.43
N ILE F 370 37.63 16.77 3.36
CA ILE F 370 38.50 16.73 4.52
C ILE F 370 37.65 16.96 5.77
N VAL F 371 37.87 16.14 6.79
CA VAL F 371 37.26 16.31 8.10
C VAL F 371 38.39 16.55 9.10
N VAL F 372 38.34 17.69 9.79
CA VAL F 372 39.37 18.10 10.72
C VAL F 372 38.79 18.05 12.13
N PHE F 373 39.43 17.29 13.00
CA PHE F 373 38.97 17.10 14.37
C PHE F 373 39.95 17.80 15.29
N ASP F 374 39.54 18.94 15.83
CA ASP F 374 40.39 19.84 16.60
C ASP F 374 40.37 19.47 18.08
N GLU F 375 41.50 19.77 18.73
CA GLU F 375 41.72 19.46 20.14
C GLU F 375 41.44 17.98 20.41
N ILE F 376 42.25 17.14 19.75
CA ILE F 376 42.09 15.70 19.84
C ILE F 376 42.31 15.19 21.25
N SER F 377 42.84 16.01 22.14
CA SER F 377 43.17 15.55 23.49
C SER F 377 41.92 15.13 24.25
N MET F 378 40.86 15.95 24.23
CA MET F 378 39.67 15.63 25.02
C MET F 378 38.91 14.45 24.46
N ALA F 379 39.15 14.09 23.21
CA ALA F 379 38.35 13.09 22.51
C ALA F 379 38.52 11.72 23.12
N THR F 380 37.43 10.95 23.13
CA THR F 380 37.44 9.55 23.48
C THR F 380 37.06 8.71 22.25
N ASN F 381 37.27 7.40 22.36
CA ASN F 381 36.99 6.50 21.25
C ASN F 381 35.53 6.59 20.83
N TYR F 382 34.63 6.88 21.77
CA TYR F 382 33.22 7.06 21.43
C TYR F 382 33.04 8.22 20.45
N ASP F 383 33.71 9.34 20.71
CA ASP F 383 33.61 10.50 19.82
C ASP F 383 34.33 10.24 18.51
N LEU F 384 35.41 9.47 18.54
CA LEU F 384 36.13 9.13 17.32
C LEU F 384 35.26 8.32 16.37
N SER F 385 34.52 7.34 16.90
CA SER F 385 33.76 6.43 16.05
C SER F 385 32.60 7.13 15.36
N VAL F 386 31.86 7.96 16.09
CA VAL F 386 30.69 8.61 15.52
C VAL F 386 31.10 9.56 14.40
N VAL F 387 32.29 10.17 14.53
CA VAL F 387 32.82 10.99 13.45
C VAL F 387 32.93 10.17 12.17
N ASN F 388 33.48 8.96 12.27
CA ASN F 388 33.58 8.08 11.11
C ASN F 388 32.21 7.57 10.68
N ALA F 389 31.29 7.38 11.62
CA ALA F 389 29.96 6.89 11.27
C ALA F 389 29.12 7.96 10.60
N ARG F 390 29.24 9.21 11.04
CA ARG F 390 28.47 10.30 10.45
C ARG F 390 29.14 10.88 9.22
N LEU F 391 30.46 10.83 9.13
CA LEU F 391 31.21 11.47 8.06
C LEU F 391 32.03 10.42 7.32
N ARG F 392 31.91 10.41 6.00
CA ARG F 392 32.76 9.61 5.12
C ARG F 392 33.56 10.57 4.26
N ALA F 393 34.87 10.64 4.50
CA ALA F 393 35.71 11.66 3.90
C ALA F 393 36.90 11.03 3.19
N LYS F 394 37.44 11.76 2.22
CA LYS F 394 38.65 11.32 1.55
C LYS F 394 39.86 11.44 2.46
N HIS F 395 39.95 12.51 3.25
CA HIS F 395 41.06 12.73 4.14
C HIS F 395 40.53 13.13 5.51
N TYR F 396 41.14 12.58 6.56
CA TYR F 396 40.79 12.89 7.93
C TYR F 396 42.01 13.45 8.64
N VAL F 397 41.86 14.62 9.26
CA VAL F 397 42.95 15.30 9.95
C VAL F 397 42.62 15.38 11.43
N TYR F 398 43.40 14.69 12.25
CA TYR F 398 43.28 14.76 13.70
C TYR F 398 44.31 15.76 14.23
N ILE F 399 43.81 16.87 14.77
CA ILE F 399 44.65 17.93 15.31
C ILE F 399 44.37 18.08 16.80
N GLY F 400 45.43 18.16 17.60
CA GLY F 400 45.29 18.29 19.03
C GLY F 400 46.65 18.22 19.70
N ASP F 401 46.66 17.79 20.96
CA ASP F 401 47.91 17.61 21.66
C ASP F 401 47.77 16.55 22.74
N PRO F 402 48.41 15.39 22.58
CA PRO F 402 48.32 14.34 23.62
C PRO F 402 48.93 14.75 24.94
N ALA F 403 49.78 15.77 24.97
CA ALA F 403 50.43 16.23 26.20
C ALA F 403 49.54 17.16 27.02
N GLN F 404 48.33 17.46 26.55
CA GLN F 404 47.39 18.29 27.28
C GLN F 404 46.26 17.41 27.84
N LEU F 405 45.33 18.05 28.55
CA LEU F 405 44.30 17.33 29.27
C LEU F 405 43.29 16.66 28.35
N PRO F 406 42.96 15.40 28.61
CA PRO F 406 41.82 14.76 27.95
C PRO F 406 40.54 15.01 28.74
N ALA F 407 39.47 14.37 28.28
CA ALA F 407 38.21 14.44 29.02
C ALA F 407 38.39 13.78 30.39
N PRO F 408 37.77 14.32 31.43
CA PRO F 408 37.90 13.72 32.76
C PRO F 408 37.30 12.32 32.82
N ARG F 409 37.88 11.48 33.66
CA ARG F 409 37.44 10.11 33.85
C ARG F 409 36.99 9.96 35.30
N THR F 410 35.70 10.25 35.55
CA THR F 410 35.18 10.25 36.91
C THR F 410 35.26 8.88 37.56
N LEU F 411 34.90 7.82 36.81
CA LEU F 411 34.90 6.48 37.37
C LEU F 411 36.29 5.98 37.73
N LEU F 412 37.34 6.53 37.11
CA LEU F 412 38.69 6.08 37.38
C LEU F 412 39.17 6.58 38.73
N THR F 413 39.66 5.67 39.56
CA THR F 413 40.22 6.07 40.86
C THR F 413 41.62 5.48 41.05
N LYS F 414 41.86 4.31 40.47
CA LYS F 414 43.09 3.55 40.68
C LYS F 414 43.96 3.70 39.44
N GLY F 415 45.18 4.18 39.64
CA GLY F 415 46.14 4.34 38.55
C GLY F 415 46.01 5.70 37.87
N THR F 416 46.99 6.00 37.03
CA THR F 416 47.03 7.24 36.27
C THR F 416 46.98 6.93 34.78
N LEU F 417 46.26 7.76 34.03
CA LEU F 417 46.05 7.53 32.61
C LEU F 417 47.14 8.25 31.82
N GLU F 418 47.84 7.49 30.98
CA GLU F 418 48.89 8.03 30.13
C GLU F 418 48.30 8.56 28.82
N PRO F 419 49.01 9.47 28.14
CA PRO F 419 48.48 10.01 26.89
C PRO F 419 48.22 8.96 25.82
N GLU F 420 48.93 7.83 25.85
CA GLU F 420 48.70 6.78 24.87
C GLU F 420 47.34 6.12 25.00
N TYR F 421 46.68 6.25 26.15
CA TYR F 421 45.40 5.58 26.38
C TYR F 421 44.22 6.53 26.37
N PHE F 422 44.43 7.81 26.06
CA PHE F 422 43.32 8.76 26.06
C PHE F 422 42.25 8.36 25.04
N ASN F 423 42.68 8.00 23.83
CA ASN F 423 41.81 7.38 22.83
C ASN F 423 42.67 6.75 21.75
N SER F 424 42.05 6.21 20.71
CA SER F 424 42.82 5.51 19.68
C SER F 424 43.74 6.45 18.93
N VAL F 425 43.31 7.70 18.71
CA VAL F 425 44.20 8.65 18.05
C VAL F 425 45.39 8.97 18.94
N CYS F 426 45.13 9.28 20.22
CA CYS F 426 46.23 9.63 21.12
C CYS F 426 47.18 8.46 21.33
N ARG F 427 46.75 7.25 20.94
CA ARG F 427 47.63 6.10 20.98
C ARG F 427 48.75 6.23 19.94
N LEU F 428 48.44 6.86 18.81
CA LEU F 428 49.36 6.80 17.66
C LEU F 428 50.62 7.63 17.88
N MET F 429 50.48 8.93 18.13
CA MET F 429 51.69 9.78 18.14
C MET F 429 52.57 9.48 19.34
N LYS F 430 52.05 8.76 20.34
CA LYS F 430 52.86 8.41 21.50
C LYS F 430 53.71 7.17 21.27
N THR F 431 53.49 6.43 20.18
CA THR F 431 54.29 5.27 19.82
C THR F 431 55.02 5.44 18.50
N ILE F 432 54.29 5.80 17.43
CA ILE F 432 54.89 5.92 16.11
C ILE F 432 55.19 7.35 15.72
N GLY F 433 54.71 8.33 16.48
CA GLY F 433 54.98 9.73 16.19
C GLY F 433 53.86 10.39 15.41
N PRO F 434 53.92 11.71 15.31
CA PRO F 434 52.87 12.44 14.59
C PRO F 434 53.24 12.68 13.14
N ASP F 435 52.21 12.65 12.28
CA ASP F 435 52.41 12.99 10.88
C ASP F 435 52.86 14.44 10.73
N MET F 436 52.23 15.35 11.46
CA MET F 436 52.62 16.75 11.47
C MET F 436 52.78 17.21 12.91
N PHE F 437 53.58 18.26 13.11
CA PHE F 437 53.82 18.81 14.44
C PHE F 437 54.16 20.29 14.31
N LEU F 438 53.68 21.08 15.26
CA LEU F 438 54.00 22.51 15.33
C LEU F 438 55.17 22.69 16.29
N GLY F 439 56.37 22.88 15.74
CA GLY F 439 57.56 23.00 16.54
C GLY F 439 57.90 24.39 17.03
N THR F 440 57.10 25.40 16.66
CA THR F 440 57.35 26.78 17.06
C THR F 440 56.22 27.24 17.98
N CYS F 441 56.57 27.57 19.22
CA CYS F 441 55.60 28.06 20.18
C CYS F 441 55.68 29.58 20.25
N ARG F 442 54.56 30.23 19.93
CA ARG F 442 54.51 31.69 19.89
C ARG F 442 54.07 32.30 21.22
N ARG F 443 53.32 31.56 22.04
CA ARG F 443 52.77 32.11 23.27
C ARG F 443 53.78 32.20 24.39
N CYS F 444 54.41 31.10 24.76
CA CYS F 444 55.15 31.10 26.01
C CYS F 444 56.53 31.71 25.83
N PRO F 445 57.01 32.41 26.86
CA PRO F 445 58.40 32.88 26.83
C PRO F 445 59.38 31.72 26.88
N ALA F 446 60.66 32.04 26.72
CA ALA F 446 61.67 30.99 26.60
C ALA F 446 61.75 30.12 27.85
N GLU F 447 61.51 30.70 29.03
CA GLU F 447 61.59 29.91 30.26
C GLU F 447 60.51 28.83 30.31
N ILE F 448 59.28 29.19 29.93
CA ILE F 448 58.16 28.25 30.04
C ILE F 448 58.28 27.14 29.00
N VAL F 449 58.61 27.49 27.76
CA VAL F 449 58.66 26.50 26.69
C VAL F 449 59.78 25.49 26.94
N ASP F 450 60.94 25.98 27.38
CA ASP F 450 62.06 25.09 27.67
C ASP F 450 61.72 24.14 28.81
N THR F 451 60.86 24.57 29.72
CA THR F 451 60.44 23.70 30.81
C THR F 451 59.54 22.57 30.30
N VAL F 452 58.60 22.90 29.42
CA VAL F 452 57.66 21.90 28.92
C VAL F 452 58.25 21.11 27.76
N SER F 453 59.22 21.68 27.03
CA SER F 453 59.81 20.97 25.91
C SER F 453 60.52 19.70 26.37
N ALA F 454 61.32 19.82 27.44
CA ALA F 454 61.96 18.63 28.00
C ALA F 454 60.97 17.77 28.77
N LEU F 455 59.87 18.37 29.24
CA LEU F 455 58.93 17.63 30.08
C LEU F 455 58.18 16.57 29.28
N VAL F 456 57.52 16.97 28.18
CA VAL F 456 56.62 16.05 27.50
C VAL F 456 56.84 16.02 25.98
N TYR F 457 57.55 17.01 25.42
CA TYR F 457 57.74 17.08 23.98
C TYR F 457 59.13 16.65 23.54
N ASP F 458 59.89 15.98 24.42
CA ASP F 458 61.18 15.37 24.04
C ASP F 458 62.15 16.40 23.47
N ASN F 459 62.13 17.61 24.04
CA ASN F 459 62.99 18.71 23.62
C ASN F 459 62.84 19.04 22.14
N LYS F 460 61.62 18.94 21.62
CA LYS F 460 61.34 19.25 20.22
C LYS F 460 60.62 20.58 20.03
N LEU F 461 60.06 21.15 21.09
CA LEU F 461 59.36 22.42 21.01
C LEU F 461 60.36 23.57 21.12
N LYS F 462 60.28 24.51 20.19
CA LYS F 462 61.23 25.61 20.09
C LYS F 462 60.55 26.93 20.45
N ALA F 463 61.33 27.83 21.03
CA ALA F 463 60.83 29.12 21.50
C ALA F 463 60.84 30.15 20.37
N HIS F 464 59.73 30.90 20.27
CA HIS F 464 59.69 32.07 19.40
C HIS F 464 60.02 33.35 20.16
N LYS F 465 59.55 33.46 21.39
CA LYS F 465 59.89 34.60 22.24
C LYS F 465 61.16 34.31 23.04
N ASP F 466 61.79 35.38 23.51
CA ASP F 466 62.99 35.26 24.32
C ASP F 466 62.63 35.10 25.79
N LYS F 467 63.66 35.02 26.64
CA LYS F 467 63.44 34.96 28.08
C LYS F 467 62.85 36.26 28.58
N SER F 468 61.78 36.18 29.35
CA SER F 468 61.08 37.36 29.84
C SER F 468 61.59 37.84 31.19
N ALA F 469 62.36 37.01 31.91
CA ALA F 469 62.88 37.33 33.23
C ALA F 469 61.77 37.64 34.25
N GLN F 470 60.53 37.28 33.92
CA GLN F 470 59.39 37.49 34.82
C GLN F 470 58.74 36.16 35.18
N CYS F 471 59.48 35.06 35.02
CA CYS F 471 59.00 33.73 35.37
C CYS F 471 59.74 33.27 36.63
N PHE F 472 58.99 33.06 37.71
CA PHE F 472 59.55 32.65 38.98
C PHE F 472 58.86 31.40 39.50
N LYS F 473 59.57 30.70 40.38
CA LYS F 473 59.05 29.51 41.05
C LYS F 473 59.38 29.58 42.53
N MET F 474 58.48 29.06 43.36
CA MET F 474 58.71 29.01 44.80
C MET F 474 58.24 27.67 45.34
N PHE F 475 59.04 27.12 46.26
CA PHE F 475 58.73 25.85 46.91
C PHE F 475 58.15 26.15 48.29
N TYR F 476 56.89 25.78 48.50
CA TYR F 476 56.21 26.05 49.77
C TYR F 476 55.15 24.99 49.98
N LYS F 477 55.33 24.15 50.99
CA LYS F 477 54.33 23.12 51.30
C LYS F 477 53.04 23.76 51.80
N GLY F 478 53.14 24.67 52.76
CA GLY F 478 51.94 25.26 53.32
C GLY F 478 51.16 24.26 54.15
N VAL F 479 49.85 24.52 54.28
CA VAL F 479 48.94 23.64 55.01
C VAL F 479 47.81 23.24 54.06
N ILE F 480 47.51 21.95 53.99
CA ILE F 480 46.51 21.42 53.08
C ILE F 480 45.25 21.12 53.87
N THR F 481 44.13 21.70 53.43
CA THR F 481 42.82 21.46 54.02
C THR F 481 41.86 20.96 52.96
N HIS F 482 40.97 20.06 53.35
CA HIS F 482 40.08 19.38 52.42
C HIS F 482 38.62 19.61 52.79
N ASP F 483 37.81 19.95 51.80
CA ASP F 483 36.37 19.98 51.89
C ASP F 483 35.81 18.70 51.25
N VAL F 484 34.50 18.68 51.01
CA VAL F 484 33.83 17.46 50.58
C VAL F 484 34.45 16.91 49.29
N SER F 485 34.80 17.80 48.35
CA SER F 485 35.28 17.29 47.05
C SER F 485 36.46 18.07 46.47
N SER F 486 37.30 18.70 47.28
CA SER F 486 38.43 19.45 46.77
C SER F 486 39.45 19.63 47.89
N ALA F 487 40.47 20.46 47.64
CA ALA F 487 41.50 20.75 48.61
C ALA F 487 41.81 22.24 48.60
N ILE F 488 42.27 22.74 49.74
CA ILE F 488 42.58 24.16 49.91
C ILE F 488 43.94 24.28 50.58
N ASN F 489 44.78 25.18 50.07
CA ASN F 489 46.08 25.51 50.67
C ASN F 489 46.11 27.02 50.90
N ARG F 490 45.58 27.44 52.05
CA ARG F 490 45.58 28.86 52.39
C ARG F 490 46.98 29.46 52.53
N PRO F 491 47.95 28.82 53.18
CA PRO F 491 49.29 29.44 53.27
C PRO F 491 49.91 29.75 51.91
N GLN F 492 49.67 28.92 50.89
CA GLN F 492 50.13 29.25 49.55
C GLN F 492 49.42 30.50 49.02
N ILE F 493 48.13 30.64 49.32
CA ILE F 493 47.40 31.85 48.95
C ILE F 493 47.97 33.07 49.68
N GLY F 494 48.32 32.89 50.96
CA GLY F 494 48.93 33.98 51.70
C GLY F 494 50.27 34.42 51.11
N VAL F 495 51.04 33.47 50.58
CA VAL F 495 52.27 33.82 49.89
C VAL F 495 51.99 34.68 48.66
N VAL F 496 50.94 34.33 47.91
CA VAL F 496 50.57 35.12 46.74
C VAL F 496 50.20 36.54 47.16
N ARG F 497 49.46 36.67 48.25
CA ARG F 497 49.08 37.99 48.75
C ARG F 497 50.31 38.80 49.13
N GLU F 498 51.27 38.16 49.82
CA GLU F 498 52.52 38.86 50.14
C GLU F 498 53.30 39.21 48.87
N PHE F 499 53.30 38.31 47.89
CA PHE F 499 53.96 38.60 46.62
C PHE F 499 53.26 39.77 45.91
N LEU F 500 51.93 39.82 45.98
CA LEU F 500 51.19 40.87 45.29
C LEU F 500 51.46 42.24 45.90
N THR F 501 51.61 42.31 47.24
CA THR F 501 51.90 43.60 47.87
C THR F 501 53.26 44.13 47.44
N ARG F 502 54.27 43.26 47.38
CA ARG F 502 55.60 43.68 46.93
C ARG F 502 55.70 43.80 45.42
N ASN F 503 54.79 43.19 44.67
CA ASN F 503 54.76 43.29 43.21
C ASN F 503 53.34 43.62 42.77
N PRO F 504 52.92 44.87 42.94
CA PRO F 504 51.54 45.24 42.56
C PRO F 504 51.24 45.09 41.08
N ALA F 505 52.27 45.07 40.22
CA ALA F 505 52.04 44.90 38.79
C ALA F 505 51.45 43.53 38.48
N TRP F 506 51.64 42.56 39.36
CA TRP F 506 51.10 41.21 39.17
C TRP F 506 49.65 41.08 39.56
N ARG F 507 48.93 42.16 39.86
CA ARG F 507 47.51 42.07 40.14
C ARG F 507 46.65 42.01 38.89
N LYS F 508 47.26 42.15 37.71
CA LYS F 508 46.57 41.86 36.45
C LYS F 508 46.62 40.38 36.09
N ALA F 509 47.27 39.56 36.92
CA ALA F 509 47.41 38.14 36.65
C ALA F 509 46.11 37.40 36.91
N VAL F 510 46.03 36.18 36.39
CA VAL F 510 44.90 35.28 36.59
C VAL F 510 45.35 34.13 37.47
N PHE F 511 44.62 33.90 38.56
CA PHE F 511 44.96 32.83 39.50
C PHE F 511 44.51 31.50 38.93
N ILE F 512 45.39 30.50 39.00
CA ILE F 512 45.13 29.17 38.49
C ILE F 512 45.53 28.15 39.54
N SER F 513 44.76 27.07 39.63
CA SER F 513 45.04 26.00 40.59
C SER F 513 44.30 24.75 40.13
N PRO F 514 44.79 23.57 40.52
CA PRO F 514 44.10 22.32 40.16
C PRO F 514 42.86 22.03 40.97
N TYR F 515 42.44 22.93 41.85
CA TYR F 515 41.28 22.71 42.72
C TYR F 515 40.34 23.90 42.64
N ASN F 516 39.04 23.60 42.53
CA ASN F 516 38.04 24.66 42.47
C ASN F 516 37.93 25.39 43.80
N SER F 517 38.02 24.67 44.92
CA SER F 517 37.92 25.30 46.23
C SER F 517 39.08 26.25 46.48
N GLN F 518 40.28 25.89 46.01
CA GLN F 518 41.43 26.78 46.13
C GLN F 518 41.19 28.08 45.38
N ASN F 519 40.59 27.99 44.19
CA ASN F 519 40.25 29.20 43.43
C ASN F 519 39.25 30.06 44.18
N ALA F 520 38.25 29.43 44.81
CA ALA F 520 37.21 30.20 45.51
C ALA F 520 37.81 30.99 46.67
N VAL F 521 38.69 30.36 47.44
CA VAL F 521 39.34 31.06 48.56
C VAL F 521 40.24 32.17 48.03
N ALA F 522 41.00 31.88 46.97
CA ALA F 522 41.89 32.90 46.40
C ALA F 522 41.11 34.04 45.77
N SER F 523 39.95 33.75 45.17
CA SER F 523 39.17 34.81 44.53
C SER F 523 38.75 35.87 45.53
N LYS F 524 38.31 35.45 46.72
CA LYS F 524 37.92 36.41 47.75
C LYS F 524 39.12 37.09 48.39
N ILE F 525 40.19 36.34 48.66
CA ILE F 525 41.36 36.91 49.30
C ILE F 525 42.18 37.78 48.36
N LEU F 526 42.44 37.31 47.14
CA LEU F 526 43.33 38.00 46.22
C LEU F 526 42.61 38.95 45.27
N GLY F 527 41.37 38.63 44.89
CA GLY F 527 40.63 39.45 43.95
C GLY F 527 40.97 39.20 42.49
N LEU F 528 41.89 38.27 42.20
CA LEU F 528 42.26 37.94 40.84
C LEU F 528 41.20 37.05 40.19
N PRO F 529 41.06 37.09 38.87
CA PRO F 529 40.23 36.09 38.19
C PRO F 529 40.80 34.70 38.40
N THR F 530 39.91 33.73 38.55
CA THR F 530 40.30 32.37 38.88
C THR F 530 39.83 31.39 37.82
N GLN F 531 40.72 30.48 37.45
CA GLN F 531 40.42 29.44 36.48
C GLN F 531 41.08 28.15 36.92
N THR F 532 40.37 27.03 36.76
CA THR F 532 40.99 25.74 36.96
C THR F 532 41.83 25.37 35.74
N VAL F 533 42.81 24.48 35.95
CA VAL F 533 43.70 24.08 34.87
C VAL F 533 42.91 23.39 33.76
N ASP F 534 41.93 22.56 34.14
CA ASP F 534 41.12 21.88 33.14
C ASP F 534 40.29 22.85 32.32
N SER F 535 39.79 23.92 32.96
CA SER F 535 38.97 24.90 32.26
C SER F 535 39.81 25.94 31.52
N SER F 536 41.11 26.01 31.77
CA SER F 536 41.95 27.04 31.17
C SER F 536 42.56 26.62 29.85
N GLN F 537 42.35 25.38 29.41
CA GLN F 537 42.91 24.94 28.14
C GLN F 537 42.27 25.71 26.99
N GLY F 538 43.11 26.24 26.10
CA GLY F 538 42.66 27.03 24.97
C GLY F 538 42.69 28.53 25.19
N SER F 539 42.93 28.99 26.42
CA SER F 539 42.98 30.41 26.73
C SER F 539 44.43 30.82 27.03
N GLU F 540 44.70 32.10 26.82
CA GLU F 540 46.04 32.64 27.04
C GLU F 540 45.94 33.95 27.82
N TYR F 541 46.77 34.07 28.85
CA TYR F 541 46.77 35.22 29.74
C TYR F 541 48.16 35.82 29.79
N ASP F 542 48.23 37.12 30.05
CA ASP F 542 49.52 37.80 30.14
C ASP F 542 50.32 37.32 31.35
N TYR F 543 49.69 37.30 32.52
CA TYR F 543 50.33 36.86 33.75
C TYR F 543 49.41 35.88 34.45
N VAL F 544 50.00 34.88 35.10
CA VAL F 544 49.25 33.84 35.80
C VAL F 544 50.01 33.47 37.08
N ILE F 545 49.25 33.21 38.14
CA ILE F 545 49.82 32.76 39.41
C ILE F 545 49.27 31.37 39.69
N PHE F 546 50.17 30.39 39.81
CA PHE F 546 49.80 29.00 39.95
C PHE F 546 50.15 28.48 41.34
N THR F 547 49.17 27.89 42.01
CA THR F 547 49.38 27.19 43.27
C THR F 547 49.03 25.72 43.06
N GLN F 548 50.02 24.85 43.26
CA GLN F 548 49.79 23.42 43.09
C GLN F 548 48.83 22.89 44.14
N THR F 549 48.90 23.42 45.36
CA THR F 549 47.92 23.25 46.43
C THR F 549 47.97 21.86 47.05
N THR F 550 48.69 20.93 46.42
CA THR F 550 48.86 19.55 46.89
C THR F 550 50.09 18.94 46.22
N GLU F 551 50.36 17.68 46.58
CA GLU F 551 51.32 16.86 45.85
C GLU F 551 50.66 15.59 45.31
N THR F 552 49.34 15.60 45.16
CA THR F 552 48.61 14.44 44.67
C THR F 552 48.87 14.24 43.18
N ALA F 553 48.44 13.07 42.68
CA ALA F 553 48.59 12.77 41.26
C ALA F 553 47.80 13.75 40.40
N HIS F 554 46.68 14.26 40.92
CA HIS F 554 45.89 15.22 40.17
C HIS F 554 46.69 16.51 39.93
N SER F 555 47.36 17.00 40.96
CA SER F 555 48.12 18.24 40.83
C SER F 555 49.51 18.01 40.24
N CYS F 556 50.05 16.81 40.33
CA CYS F 556 51.38 16.51 39.80
C CYS F 556 51.34 15.91 38.41
N ASN F 557 50.17 15.83 37.79
CA ASN F 557 50.06 15.26 36.45
C ASN F 557 50.85 16.11 35.45
N VAL F 558 51.68 15.44 34.64
CA VAL F 558 52.55 16.17 33.72
C VAL F 558 51.74 16.87 32.63
N ASN F 559 50.65 16.26 32.17
CA ASN F 559 49.77 16.95 31.22
C ASN F 559 49.11 18.15 31.87
N ARG F 560 48.68 18.02 33.12
CA ARG F 560 48.04 19.14 33.80
C ARG F 560 49.04 20.25 34.11
N PHE F 561 50.24 19.88 34.54
CA PHE F 561 51.25 20.90 34.80
C PHE F 561 51.69 21.57 33.51
N ASN F 562 51.57 20.88 32.39
CA ASN F 562 51.83 21.49 31.09
C ASN F 562 50.83 22.61 30.81
N VAL F 563 49.53 22.30 30.95
CA VAL F 563 48.49 23.27 30.61
C VAL F 563 48.56 24.47 31.53
N ALA F 564 48.77 24.24 32.83
CA ALA F 564 48.70 25.31 33.82
C ALA F 564 49.76 26.38 33.55
N ILE F 565 51.00 25.96 33.27
CA ILE F 565 52.08 26.94 33.14
C ILE F 565 52.21 27.47 31.71
N THR F 566 51.57 26.84 30.73
CA THR F 566 51.62 27.31 29.35
C THR F 566 50.48 28.27 29.00
N ARG F 567 49.83 28.86 30.01
CA ARG F 567 48.80 29.87 29.76
C ARG F 567 49.35 31.29 29.73
N ALA F 568 50.65 31.47 29.93
CA ALA F 568 51.23 32.79 30.16
C ALA F 568 51.76 33.38 28.86
N LYS F 569 51.32 34.61 28.56
CA LYS F 569 51.88 35.40 27.47
C LYS F 569 53.26 35.93 27.80
N VAL F 570 53.46 36.46 29.01
CA VAL F 570 54.69 37.16 29.37
C VAL F 570 55.36 36.50 30.56
N GLY F 571 54.66 36.44 31.69
CA GLY F 571 55.26 35.93 32.91
C GLY F 571 54.29 35.05 33.67
N ILE F 572 54.85 34.31 34.63
CA ILE F 572 54.08 33.41 35.46
C ILE F 572 54.80 33.27 36.81
N LEU F 573 54.02 33.03 37.86
CA LEU F 573 54.56 32.73 39.18
C LEU F 573 54.01 31.38 39.62
N CYS F 574 54.92 30.48 40.01
CA CYS F 574 54.56 29.11 40.35
C CYS F 574 54.97 28.81 41.78
N ILE F 575 53.99 28.56 42.64
CA ILE F 575 54.24 28.15 44.01
C ILE F 575 54.02 26.65 44.10
N MET F 576 55.10 25.90 44.32
CA MET F 576 55.11 24.45 44.21
C MET F 576 55.09 23.77 45.57
N SER F 577 54.31 22.70 45.67
CA SER F 577 54.36 21.77 46.79
C SER F 577 55.15 20.52 46.46
N ASP F 578 55.23 20.16 45.17
CA ASP F 578 55.97 18.99 44.73
C ASP F 578 57.42 19.39 44.41
N ARG F 579 58.37 18.65 44.96
CA ARG F 579 59.78 18.92 44.68
C ARG F 579 60.13 18.57 43.25
N ASP F 580 59.54 17.50 42.71
CA ASP F 580 59.88 17.00 41.38
C ASP F 580 59.59 18.04 40.31
N LEU F 581 58.36 18.58 40.30
CA LEU F 581 58.01 19.57 39.30
C LEU F 581 58.70 20.91 39.54
N TYR F 582 58.96 21.24 40.81
CA TYR F 582 59.68 22.47 41.12
C TYR F 582 61.09 22.45 40.56
N ASP F 583 61.77 21.31 40.67
CA ASP F 583 63.12 21.20 40.12
C ASP F 583 63.08 21.18 38.60
N LYS F 584 62.02 20.65 38.00
CA LYS F 584 61.88 20.65 36.55
C LYS F 584 61.59 22.03 35.98
N LEU F 585 61.14 22.97 36.82
CA LEU F 585 60.87 24.32 36.37
C LEU F 585 62.19 25.07 36.14
N GLN F 586 62.45 25.41 34.89
CA GLN F 586 63.64 26.19 34.53
C GLN F 586 63.43 27.67 34.81
N PHE F 587 63.15 27.99 36.08
CA PHE F 587 62.62 29.29 36.46
C PHE F 587 63.56 29.98 37.44
N THR F 588 63.19 31.22 37.80
CA THR F 588 63.93 31.96 38.82
C THR F 588 63.37 31.65 40.20
N SER F 589 64.16 30.98 41.02
CA SER F 589 63.72 30.57 42.35
C SER F 589 63.64 31.77 43.28
N LEU F 590 62.54 31.84 44.03
CA LEU F 590 62.32 32.90 45.01
C LEU F 590 62.24 32.29 46.40
N GLU F 591 62.60 33.09 47.39
CA GLU F 591 62.62 32.66 48.79
C GLU F 591 61.31 33.03 49.48
N ILE F 592 60.92 32.20 50.43
CA ILE F 592 59.70 32.45 51.20
C ILE F 592 59.94 33.61 52.18
N PRO F 593 59.10 34.66 52.16
CA PRO F 593 59.26 35.82 53.06
C PRO F 593 59.08 35.46 54.54
N ASN G 1 -63.96 7.69 18.18
CA ASN G 1 -64.53 7.46 19.51
C ASN G 1 -63.43 6.93 20.43
N ASN G 2 -62.57 7.84 20.88
CA ASN G 2 -61.51 7.46 21.81
C ASN G 2 -61.93 7.81 23.23
N GLU G 3 -62.01 6.81 24.08
CA GLU G 3 -62.50 6.97 25.44
C GLU G 3 -61.32 7.05 26.41
N LEU G 4 -61.40 7.99 27.35
CA LEU G 4 -60.29 8.27 28.26
C LEU G 4 -59.88 7.04 29.03
N SER G 5 -60.79 6.49 29.84
CA SER G 5 -60.49 5.33 30.67
C SER G 5 -61.76 4.55 30.95
N PRO G 6 -62.08 3.54 30.13
CA PRO G 6 -63.09 2.56 30.54
C PRO G 6 -62.62 1.81 31.78
N VAL G 7 -63.58 1.42 32.62
CA VAL G 7 -63.34 0.81 33.93
C VAL G 7 -62.71 1.84 34.86
N ALA G 8 -63.04 1.77 36.14
CA ALA G 8 -62.56 2.72 37.14
C ALA G 8 -61.49 2.07 38.00
N LEU G 9 -60.53 2.88 38.45
CA LEU G 9 -59.41 2.40 39.26
C LEU G 9 -59.68 2.78 40.72
N ARG G 10 -59.55 1.80 41.61
CA ARG G 10 -59.97 1.94 42.99
C ARG G 10 -58.82 2.52 43.82
N GLN G 11 -58.97 2.55 45.14
CA GLN G 11 -57.98 3.18 46.01
C GLN G 11 -57.95 2.49 47.37
N MET G 12 -56.79 2.59 48.02
CA MET G 12 -56.57 2.10 49.38
C MET G 12 -56.10 3.26 50.25
N SER G 13 -55.79 2.95 51.51
CA SER G 13 -55.23 3.92 52.45
C SER G 13 -53.74 3.69 52.56
N CYS G 14 -52.97 4.79 52.53
CA CYS G 14 -51.51 4.72 52.52
C CYS G 14 -50.96 5.76 53.48
N ALA G 15 -49.63 5.80 53.59
CA ALA G 15 -48.96 6.70 54.51
C ALA G 15 -47.99 7.62 53.78
N ALA G 16 -47.91 8.86 54.25
CA ALA G 16 -47.05 9.87 53.63
C ALA G 16 -46.54 10.80 54.72
N GLY G 17 -45.71 11.76 54.32
CA GLY G 17 -45.11 12.71 55.23
C GLY G 17 -44.28 13.71 54.45
N THR G 18 -43.75 14.70 55.17
CA THR G 18 -43.07 15.81 54.51
C THR G 18 -41.71 15.43 53.93
N THR G 19 -40.83 14.79 54.72
CA THR G 19 -39.54 14.30 54.23
C THR G 19 -39.07 13.09 55.02
N GLN G 20 -38.28 12.22 54.37
CA GLN G 20 -37.57 11.08 54.98
C GLN G 20 -38.56 10.27 55.82
N THR G 21 -38.31 10.08 57.12
CA THR G 21 -39.15 9.25 57.98
C THR G 21 -40.27 10.03 58.66
N ALA G 22 -40.72 11.13 58.06
CA ALA G 22 -41.82 11.90 58.64
C ALA G 22 -43.15 11.19 58.53
N CYS G 23 -43.26 10.19 57.67
CA CYS G 23 -44.45 9.36 57.57
C CYS G 23 -44.80 8.73 58.91
N THR G 24 -46.01 8.98 59.41
CA THR G 24 -46.29 8.53 60.77
C THR G 24 -46.98 7.17 60.82
N ASP G 25 -48.25 7.08 60.43
CA ASP G 25 -48.87 5.77 60.30
C ASP G 25 -49.60 5.58 58.98
N ASP G 26 -50.55 6.48 58.69
CA ASP G 26 -51.47 6.35 57.58
C ASP G 26 -52.20 7.67 57.38
N ASN G 27 -51.94 8.36 56.27
CA ASN G 27 -52.49 9.70 56.11
C ASN G 27 -52.91 10.05 54.69
N ALA G 28 -53.04 9.08 53.80
CA ALA G 28 -53.24 9.37 52.40
C ALA G 28 -54.28 8.43 51.78
N LEU G 29 -54.98 8.95 50.76
CA LEU G 29 -55.88 8.16 49.94
C LEU G 29 -55.16 7.85 48.65
N ALA G 30 -54.63 6.63 48.53
CA ALA G 30 -53.80 6.26 47.38
C ALA G 30 -54.67 5.55 46.35
N TYR G 31 -54.88 6.20 45.22
CA TYR G 31 -55.58 5.60 44.08
C TYR G 31 -54.58 4.76 43.30
N TYR G 32 -54.89 3.47 43.15
CA TYR G 32 -53.93 2.46 42.72
C TYR G 32 -54.24 1.97 41.32
N ASN G 33 -53.23 1.37 40.69
CA ASN G 33 -53.38 0.59 39.46
C ASN G 33 -52.68 -0.74 39.69
N THR G 34 -53.44 -1.74 40.12
CA THR G 34 -52.87 -3.03 40.52
C THR G 34 -52.65 -3.88 39.28
N THR G 35 -51.43 -4.39 39.13
CA THR G 35 -51.07 -5.37 38.12
C THR G 35 -50.43 -6.56 38.82
N LYS G 36 -50.62 -7.75 38.24
CA LYS G 36 -50.14 -8.96 38.89
C LYS G 36 -48.62 -9.07 38.91
N GLY G 37 -47.91 -8.15 38.27
CA GLY G 37 -46.46 -8.10 38.38
C GLY G 37 -45.99 -7.03 39.34
N GLY G 38 -46.77 -6.81 40.40
CA GLY G 38 -46.47 -5.76 41.36
C GLY G 38 -47.48 -4.65 41.35
N ARG G 39 -47.80 -4.11 42.52
CA ARG G 39 -48.83 -3.08 42.64
C ARG G 39 -48.20 -1.70 42.44
N PHE G 40 -48.87 -0.85 41.65
CA PHE G 40 -48.35 0.46 41.30
C PHE G 40 -49.48 1.46 41.50
N VAL G 41 -49.33 2.33 42.51
CA VAL G 41 -50.36 3.31 42.81
C VAL G 41 -50.27 4.48 41.83
N LEU G 42 -51.40 5.14 41.58
CA LEU G 42 -51.48 6.23 40.63
C LEU G 42 -51.43 7.61 41.28
N ALA G 43 -52.28 7.86 42.26
CA ALA G 43 -52.44 9.21 42.81
C ALA G 43 -52.54 9.17 44.33
N LEU G 44 -52.34 10.34 44.95
CA LEU G 44 -52.49 10.50 46.38
C LEU G 44 -53.42 11.67 46.66
N LEU G 45 -54.34 11.49 47.60
CA LEU G 45 -55.23 12.56 48.04
C LEU G 45 -55.03 12.77 49.54
N SER G 46 -55.10 14.03 49.97
CA SER G 46 -54.85 14.29 51.37
C SER G 46 -55.54 15.59 51.78
N ASP G 47 -55.70 15.74 53.09
CA ASP G 47 -56.11 16.99 53.72
C ASP G 47 -54.91 17.72 54.32
N LEU G 48 -53.71 17.19 54.07
CA LEU G 48 -52.46 17.78 54.53
C LEU G 48 -51.89 18.63 53.41
N GLN G 49 -51.46 19.85 53.76
CA GLN G 49 -51.13 20.84 52.75
C GLN G 49 -49.94 20.41 51.89
N ASP G 50 -48.83 20.03 52.54
CA ASP G 50 -47.57 19.79 51.83
C ASP G 50 -46.91 18.49 52.27
N LEU G 51 -47.19 17.41 51.54
CA LEU G 51 -46.51 16.14 51.70
C LEU G 51 -45.73 15.80 50.44
N LYS G 52 -44.42 15.59 50.58
CA LYS G 52 -43.58 15.25 49.44
C LYS G 52 -43.19 13.79 49.39
N TRP G 53 -42.99 13.13 50.53
CA TRP G 53 -42.67 11.72 50.59
C TRP G 53 -43.91 10.90 50.94
N ALA G 54 -43.95 9.67 50.44
CA ALA G 54 -44.91 8.67 50.85
C ALA G 54 -44.19 7.34 50.94
N ARG G 55 -44.81 6.34 51.58
CA ARG G 55 -44.14 5.06 51.72
C ARG G 55 -45.12 3.91 51.65
N PHE G 56 -44.66 2.79 51.10
CA PHE G 56 -45.40 1.55 51.11
C PHE G 56 -44.43 0.40 51.36
N PRO G 57 -44.68 -0.45 52.36
CA PRO G 57 -43.84 -1.64 52.54
C PRO G 57 -43.99 -2.58 51.37
N LYS G 58 -42.89 -3.26 51.03
CA LYS G 58 -42.93 -4.21 49.92
C LYS G 58 -43.75 -5.44 50.31
N SER G 59 -44.10 -6.24 49.30
CA SER G 59 -44.89 -7.43 49.53
C SER G 59 -44.17 -8.45 50.40
N ASP G 60 -42.84 -8.52 50.32
CA ASP G 60 -42.08 -9.41 51.19
C ASP G 60 -42.00 -8.90 52.62
N GLY G 61 -42.30 -7.62 52.86
CA GLY G 61 -42.31 -7.05 54.18
C GLY G 61 -40.98 -6.48 54.63
N THR G 62 -39.86 -7.11 54.24
CA THR G 62 -38.55 -6.64 54.66
C THR G 62 -38.16 -5.31 54.04
N GLY G 63 -38.85 -4.88 52.98
CA GLY G 63 -38.52 -3.63 52.34
C GLY G 63 -39.67 -2.63 52.34
N THR G 64 -39.35 -1.36 52.20
CA THR G 64 -40.36 -0.30 52.15
C THR G 64 -39.88 0.78 51.21
N ILE G 65 -40.67 1.08 50.18
CA ILE G 65 -40.30 2.03 49.14
C ILE G 65 -40.91 3.39 49.46
N TYR G 66 -40.14 4.44 49.17
CA TYR G 66 -40.60 5.82 49.28
C TYR G 66 -40.89 6.37 47.89
N THR G 67 -41.92 7.21 47.83
CA THR G 67 -42.38 7.82 46.58
C THR G 67 -42.39 9.33 46.75
N GLU G 68 -41.76 10.03 45.81
CA GLU G 68 -41.68 11.49 45.82
C GLU G 68 -42.86 12.07 45.05
N LEU G 69 -43.49 13.11 45.61
CA LEU G 69 -44.73 13.64 45.07
C LEU G 69 -44.50 15.03 44.49
N GLU G 70 -45.37 15.39 43.54
CA GLU G 70 -45.38 16.67 42.85
C GLU G 70 -45.87 17.78 43.77
N PRO G 71 -45.87 19.04 43.33
CA PRO G 71 -46.57 20.09 44.09
C PRO G 71 -48.06 19.82 44.15
N PRO G 72 -48.74 20.29 45.18
CA PRO G 72 -50.15 19.96 45.37
C PRO G 72 -51.05 20.57 44.31
N CYS G 73 -52.23 19.95 44.17
CA CYS G 73 -53.33 20.49 43.36
C CYS G 73 -54.52 20.66 44.30
N ARG G 74 -55.06 21.87 44.34
CA ARG G 74 -56.13 22.21 45.27
C ARG G 74 -57.50 22.05 44.61
N PHE G 75 -58.44 21.43 45.33
CA PHE G 75 -59.84 21.47 44.91
C PHE G 75 -60.73 21.33 46.13
N VAL G 76 -62.04 21.35 45.87
CA VAL G 76 -63.06 21.26 46.90
C VAL G 76 -64.03 20.15 46.51
N THR G 77 -64.33 19.27 47.45
CA THR G 77 -65.28 18.19 47.26
C THR G 77 -66.54 18.45 48.06
N ASP G 78 -67.68 18.08 47.49
CA ASP G 78 -68.97 18.19 48.15
C ASP G 78 -69.37 16.85 48.75
N THR G 79 -69.75 16.88 50.02
CA THR G 79 -70.10 15.66 50.74
C THR G 79 -71.16 15.97 51.80
N PRO G 80 -71.65 14.96 52.53
CA PRO G 80 -72.37 15.26 53.78
C PRO G 80 -71.47 16.00 54.76
N LYS G 81 -70.15 15.89 54.56
CA LYS G 81 -69.17 16.67 55.29
C LYS G 81 -69.17 18.14 54.88
N GLY G 82 -70.08 18.55 54.01
CA GLY G 82 -70.08 19.89 53.47
C GLY G 82 -69.01 20.06 52.41
N PRO G 83 -68.31 21.19 52.44
CA PRO G 83 -67.15 21.36 51.57
C PRO G 83 -65.89 20.80 52.21
N LYS G 84 -65.04 20.22 51.37
CA LYS G 84 -63.77 19.65 51.80
C LYS G 84 -62.67 20.18 50.89
N VAL G 85 -61.80 21.03 51.44
CA VAL G 85 -60.65 21.55 50.72
C VAL G 85 -59.55 20.48 50.78
N LYS G 86 -59.27 19.87 49.64
CA LYS G 86 -58.33 18.76 49.58
C LYS G 86 -57.22 19.05 48.57
N TYR G 87 -56.05 18.46 48.86
CA TYR G 87 -54.85 18.63 48.04
C TYR G 87 -54.46 17.27 47.50
N LEU G 88 -54.15 17.24 46.20
CA LEU G 88 -53.84 16.00 45.51
C LEU G 88 -52.41 16.04 44.99
N TYR G 89 -51.76 14.88 45.04
CA TYR G 89 -50.35 14.74 44.72
C TYR G 89 -50.15 13.61 43.73
N PHE G 90 -49.40 13.89 42.67
CA PHE G 90 -48.99 12.90 41.70
C PHE G 90 -47.53 12.56 41.95
N ILE G 91 -47.21 11.27 42.04
CA ILE G 91 -45.82 10.84 42.14
C ILE G 91 -45.07 11.38 40.93
N LYS G 92 -43.98 12.10 41.17
CA LYS G 92 -43.24 12.74 40.09
C LYS G 92 -42.78 11.71 39.07
N GLY G 93 -42.98 12.02 37.80
CA GLY G 93 -42.80 11.07 36.74
C GLY G 93 -44.06 10.39 36.26
N LEU G 94 -45.21 10.75 36.81
CA LEU G 94 -46.48 10.22 36.33
C LEU G 94 -46.78 10.81 34.96
N ASN G 95 -47.14 9.94 34.01
CA ASN G 95 -47.45 10.39 32.67
C ASN G 95 -48.81 11.09 32.64
N ASN G 96 -49.10 11.70 31.49
CA ASN G 96 -50.38 12.40 31.34
C ASN G 96 -51.56 11.45 31.41
N LEU G 97 -51.38 10.20 30.96
CA LEU G 97 -52.51 9.28 30.88
C LEU G 97 -52.99 8.84 32.26
N ASN G 98 -52.07 8.50 33.18
CA ASN G 98 -52.48 8.13 34.53
C ASN G 98 -53.14 9.31 35.24
N ARG G 99 -52.57 10.51 35.07
CA ARG G 99 -53.18 11.71 35.59
C ARG G 99 -54.61 11.86 35.09
N GLY G 100 -54.81 11.67 33.78
CA GLY G 100 -56.13 11.81 33.20
C GLY G 100 -57.10 10.77 33.72
N MET G 101 -56.64 9.51 33.85
CA MET G 101 -57.50 8.46 34.37
C MET G 101 -57.94 8.76 35.79
N VAL G 102 -57.00 9.15 36.66
CA VAL G 102 -57.35 9.44 38.04
C VAL G 102 -58.30 10.63 38.10
N LEU G 103 -58.01 11.69 37.35
CA LEU G 103 -58.85 12.89 37.38
C LEU G 103 -60.23 12.61 36.84
N GLY G 104 -60.35 11.80 35.79
CA GLY G 104 -61.64 11.44 35.25
C GLY G 104 -62.45 10.61 36.22
N SER G 105 -61.82 9.63 36.86
CA SER G 105 -62.54 8.83 37.86
C SER G 105 -63.01 9.71 39.01
N LEU G 106 -62.16 10.62 39.48
CA LEU G 106 -62.51 11.51 40.58
C LEU G 106 -63.66 12.43 40.20
N ALA G 107 -63.56 13.07 39.03
CA ALA G 107 -64.64 13.95 38.58
C ALA G 107 -65.90 13.20 38.23
N ALA G 108 -65.83 11.88 38.02
CA ALA G 108 -67.01 11.11 37.68
C ALA G 108 -67.75 10.62 38.92
N THR G 109 -67.03 10.05 39.90
CA THR G 109 -67.68 9.44 41.05
C THR G 109 -67.40 10.15 42.36
N VAL G 110 -66.70 11.29 42.34
CA VAL G 110 -66.47 12.09 43.53
C VAL G 110 -66.97 13.50 43.23
N ARG G 111 -67.78 14.05 44.14
CA ARG G 111 -68.38 15.36 43.93
C ARG G 111 -67.30 16.44 43.95
N LEU G 112 -67.47 17.45 43.08
CA LEU G 112 -66.61 18.62 43.06
C LEU G 112 -67.46 19.85 42.83
N GLN G 113 -66.96 21.00 43.28
CA GLN G 113 -67.63 22.27 43.06
C GLN G 113 -66.73 23.22 42.28
#